data_4MAF
#
_entry.id   4MAF
#
_cell.length_a   204.268
_cell.length_b   230.751
_cell.length_c   159.197
_cell.angle_alpha   90.00
_cell.angle_beta   90.00
_cell.angle_gamma   90.00
#
_symmetry.space_group_name_H-M   'C 2 2 2'
#
loop_
_entity.id
_entity.type
_entity.pdbx_description
1 polymer 'ATP sulfurylase'
2 non-polymer "ADENOSINE-5'-PHOSPHOSULFATE"
3 water water
#
_entity_poly.entity_id   1
_entity_poly.type   'polypeptide(L)'
_entity_poly.pdbx_seq_one_letter_code
;MLIEPDGGKLVELVVTDFERDLKKGEALSLPRIKLSRIDLEWVHVLSEGWATPLKGFMREAEFLQTLHFNSLRLDDGSVV
NMSVPIVLAIDDAQKHRIGDNKKVALFDSKGDPVAILNNIEIYKHPKEERIARTWGTIAPGLPYVEQTITNAGNWLIGGD
LEVIEPIQYNDGLDHFRLSPTQLRAEFTRRNADAVFAFQLRNPVHNGHALLMTDTRKRLLEMGYKNPVLLLHPLGGYTKA
DDVPLDWRMKQHEKVLEDGVLDPETTVVSIFPSPMHYAGPTEVQWHAKARINAGANFYIVGRDPAGMSHPVEKRDLYDAD
HGKKVLSMAPGLERLNILPFRVAAYDKTQGKMAFFDPSRPQDFLFISGTKMRTLARNKESPPDGFMCPGGWKVLVDYYDS
LVLS
;
_entity_poly.pdbx_strand_id   A,B,C,D,E,F,G,H
#
loop_
_chem_comp.id
_chem_comp.type
_chem_comp.name
_chem_comp.formula
ADX RNA linking ADENOSINE-5'-PHOSPHOSULFATE 'C10 H14 N5 O10 P S'
#
# COMPACT_ATOMS: atom_id res chain seq x y z
N MET A 1 -35.12 -29.60 2.31
CA MET A 1 -34.87 -30.52 3.42
C MET A 1 -34.40 -29.75 4.63
N LEU A 2 -34.47 -30.37 5.80
CA LEU A 2 -33.96 -29.74 7.01
C LEU A 2 -32.49 -30.03 7.18
N ILE A 3 -31.84 -29.19 7.97
CA ILE A 3 -30.44 -29.37 8.35
C ILE A 3 -30.25 -30.74 9.00
N GLU A 4 -29.11 -31.36 8.74
CA GLU A 4 -28.81 -32.67 9.30
C GLU A 4 -28.54 -32.61 10.81
N PRO A 5 -29.04 -33.62 11.55
CA PRO A 5 -28.53 -33.83 12.91
C PRO A 5 -27.05 -34.15 12.74
N ASP A 6 -26.16 -33.60 13.56
CA ASP A 6 -24.74 -33.88 13.30
C ASP A 6 -24.35 -35.34 13.51
N GLY A 7 -23.30 -35.75 12.80
CA GLY A 7 -22.95 -37.15 12.69
C GLY A 7 -23.74 -37.80 11.57
N GLY A 8 -24.85 -37.18 11.20
CA GLY A 8 -25.66 -37.69 10.11
C GLY A 8 -27.09 -37.99 10.49
N LYS A 9 -27.28 -38.88 11.45
CA LYS A 9 -28.62 -39.28 11.88
C LYS A 9 -28.82 -38.98 13.37
N LEU A 10 -30.05 -38.67 13.78
CA LEU A 10 -30.36 -38.51 15.19
C LEU A 10 -30.07 -39.81 15.90
N VAL A 11 -29.54 -39.71 17.11
CA VAL A 11 -29.21 -40.89 17.90
C VAL A 11 -30.12 -40.94 19.12
N GLU A 12 -31.25 -41.61 18.99
CA GLU A 12 -32.15 -41.78 20.11
C GLU A 12 -31.69 -42.96 20.96
N LEU A 13 -31.99 -42.90 22.26
CA LEU A 13 -31.53 -43.93 23.18
C LEU A 13 -32.68 -44.67 23.87
N VAL A 14 -33.89 -44.53 23.34
CA VAL A 14 -35.05 -45.21 23.91
C VAL A 14 -35.19 -46.62 23.32
N VAL A 15 -35.29 -47.63 24.17
CA VAL A 15 -35.49 -49.00 23.72
C VAL A 15 -36.83 -49.14 22.97
N THR A 16 -36.94 -50.17 22.14
CA THR A 16 -38.19 -50.41 21.41
C THR A 16 -39.27 -51.04 22.30
N ASP A 17 -40.52 -50.97 21.86
CA ASP A 17 -41.64 -51.60 22.57
C ASP A 17 -41.34 -53.06 22.88
N PHE A 18 -40.72 -53.73 21.91
CA PHE A 18 -40.45 -55.16 22.00
C PHE A 18 -39.59 -55.49 23.21
N GLU A 19 -38.48 -54.77 23.31
CA GLU A 19 -37.46 -55.02 24.31
C GLU A 19 -37.83 -54.38 25.64
N ARG A 20 -38.90 -53.59 25.64
CA ARG A 20 -39.27 -52.76 26.77
C ARG A 20 -39.49 -53.55 28.05
N ASP A 21 -40.40 -54.51 28.01
CA ASP A 21 -40.67 -55.36 29.16
C ASP A 21 -39.42 -56.12 29.62
N LEU A 22 -38.70 -56.70 28.68
CA LEU A 22 -37.43 -57.35 28.97
C LEU A 22 -36.48 -56.44 29.77
N LYS A 23 -36.30 -55.22 29.29
CA LYS A 23 -35.38 -54.24 29.90
C LYS A 23 -35.69 -53.89 31.37
N LYS A 24 -36.96 -53.70 31.69
CA LYS A 24 -37.35 -53.39 33.06
C LYS A 24 -36.95 -54.51 34.00
N GLY A 25 -37.13 -55.75 33.55
CA GLY A 25 -36.76 -56.91 34.34
C GLY A 25 -35.26 -56.97 34.55
N GLU A 26 -34.53 -56.74 33.48
CA GLU A 26 -33.07 -56.74 33.51
C GLU A 26 -32.58 -55.62 34.44
N ALA A 27 -33.29 -54.50 34.43
CA ALA A 27 -32.96 -53.35 35.27
C ALA A 27 -33.12 -53.62 36.77
N LEU A 28 -34.17 -54.35 37.13
CA LEU A 28 -34.46 -54.63 38.54
C LEU A 28 -33.44 -55.58 39.15
N SER A 29 -32.66 -56.24 38.29
CA SER A 29 -31.61 -57.17 38.72
C SER A 29 -30.29 -56.45 39.03
N LEU A 30 -30.11 -55.30 38.41
CA LEU A 30 -28.82 -54.62 38.45
C LEU A 30 -28.63 -53.74 39.68
N PRO A 31 -27.37 -53.45 40.01
CA PRO A 31 -27.13 -52.46 41.07
C PRO A 31 -27.74 -51.13 40.61
N ARG A 32 -28.38 -50.41 41.52
CA ARG A 32 -29.12 -49.22 41.08
C ARG A 32 -28.69 -47.87 41.69
N ILE A 33 -28.83 -46.84 40.87
CA ILE A 33 -28.52 -45.48 41.26
C ILE A 33 -29.82 -44.70 41.23
N LYS A 34 -30.09 -43.94 42.29
CA LYS A 34 -31.26 -43.08 42.28
C LYS A 34 -30.92 -41.72 41.63
N LEU A 35 -31.72 -41.34 40.64
CA LEU A 35 -31.47 -40.12 39.90
C LEU A 35 -32.06 -38.91 40.59
N SER A 36 -31.24 -37.86 40.70
CA SER A 36 -31.72 -36.56 41.11
C SER A 36 -32.65 -36.04 40.02
N ARG A 37 -33.32 -34.94 40.32
CA ARG A 37 -34.20 -34.30 39.38
C ARG A 37 -33.42 -33.89 38.13
N ILE A 38 -32.24 -33.29 38.32
CA ILE A 38 -31.39 -32.88 37.21
C ILE A 38 -30.78 -34.07 36.45
N ASP A 39 -30.42 -35.14 37.14
CA ASP A 39 -29.91 -36.34 36.47
C ASP A 39 -30.95 -36.82 35.47
N LEU A 40 -32.21 -36.77 35.88
CA LEU A 40 -33.31 -37.30 35.10
C LEU A 40 -33.55 -36.39 33.91
N GLU A 41 -33.33 -35.10 34.11
CA GLU A 41 -33.42 -34.17 32.99
C GLU A 41 -32.36 -34.49 31.94
N TRP A 42 -31.13 -34.80 32.36
CA TRP A 42 -30.10 -35.19 31.40
C TRP A 42 -30.42 -36.51 30.69
N VAL A 43 -31.04 -37.43 31.42
CA VAL A 43 -31.49 -38.66 30.81
C VAL A 43 -32.49 -38.35 29.70
N HIS A 44 -33.41 -37.43 29.98
CA HIS A 44 -34.39 -36.97 29.00
C HIS A 44 -33.67 -36.39 27.77
N VAL A 45 -32.74 -35.48 28.02
CA VAL A 45 -31.92 -34.88 26.99
C VAL A 45 -31.20 -35.93 26.15
N LEU A 46 -30.55 -36.87 26.81
CA LEU A 46 -29.85 -37.95 26.11
C LEU A 46 -30.81 -38.83 25.28
N SER A 47 -31.92 -39.22 25.88
CA SER A 47 -32.88 -40.15 25.26
C SER A 47 -33.38 -39.72 23.87
N GLU A 48 -33.69 -38.43 23.74
CA GLU A 48 -34.40 -37.91 22.57
C GLU A 48 -33.44 -37.50 21.45
N GLY A 49 -32.14 -37.59 21.71
CA GLY A 49 -31.13 -37.25 20.73
C GLY A 49 -30.72 -35.78 20.68
N TRP A 50 -30.99 -35.04 21.77
CA TRP A 50 -30.62 -33.63 21.82
C TRP A 50 -29.09 -33.47 21.75
N ALA A 51 -28.37 -34.41 22.34
CA ALA A 51 -26.90 -34.41 22.30
C ALA A 51 -26.32 -35.42 21.31
N THR A 52 -27.06 -35.72 20.25
CA THR A 52 -26.56 -36.56 19.16
C THR A 52 -25.14 -36.12 18.77
N PRO A 53 -24.20 -37.06 18.57
CA PRO A 53 -24.25 -38.52 18.57
C PRO A 53 -23.76 -39.17 19.86
N LEU A 54 -23.75 -38.42 20.97
CA LEU A 54 -23.37 -38.94 22.28
C LEU A 54 -24.20 -40.17 22.69
N LYS A 55 -23.52 -41.27 23.05
CA LYS A 55 -24.19 -42.55 23.30
C LYS A 55 -24.63 -42.79 24.75
N GLY A 56 -24.33 -41.84 25.63
CA GLY A 56 -24.80 -41.90 26.99
C GLY A 56 -24.12 -40.86 27.85
N PHE A 57 -24.05 -41.13 29.15
CA PHE A 57 -23.25 -40.29 30.04
C PHE A 57 -21.77 -40.39 29.68
N MET A 58 -21.10 -39.25 29.71
CA MET A 58 -19.74 -39.15 29.17
C MET A 58 -18.70 -40.02 29.89
N ARG A 59 -17.89 -40.68 29.08
CA ARG A 59 -16.72 -41.38 29.56
C ARG A 59 -15.67 -40.32 29.82
N GLU A 60 -14.61 -40.69 30.53
CA GLU A 60 -13.57 -39.75 30.88
C GLU A 60 -13.02 -39.06 29.64
N ALA A 61 -12.85 -39.82 28.57
CA ALA A 61 -12.31 -39.28 27.32
C ALA A 61 -13.21 -38.17 26.80
N GLU A 62 -14.51 -38.44 26.79
CA GLU A 62 -15.51 -37.48 26.30
C GLU A 62 -15.61 -36.23 27.20
N PHE A 63 -15.43 -36.44 28.49
CA PHE A 63 -15.43 -35.39 29.52
C PHE A 63 -14.29 -34.37 29.29
N LEU A 64 -13.07 -34.89 29.07
CA LEU A 64 -11.90 -34.05 28.82
C LEU A 64 -12.02 -33.24 27.52
N GLN A 65 -12.41 -33.91 26.44
CA GLN A 65 -12.66 -33.25 25.15
C GLN A 65 -13.64 -32.09 25.32
N THR A 66 -14.68 -32.31 26.12
CA THR A 66 -15.71 -31.31 26.36
C THR A 66 -15.12 -30.08 27.07
N LEU A 67 -14.46 -30.32 28.20
CA LEU A 67 -13.88 -29.22 28.97
C LEU A 67 -12.83 -28.39 28.20
N HIS A 68 -11.90 -29.09 27.54
CA HIS A 68 -10.73 -28.46 26.92
C HIS A 68 -10.99 -27.93 25.51
N PHE A 69 -11.73 -28.71 24.71
CA PHE A 69 -11.88 -28.41 23.30
C PHE A 69 -13.30 -27.99 22.94
N ASN A 70 -14.24 -28.18 23.87
CA ASN A 70 -15.67 -27.99 23.60
C ASN A 70 -16.14 -28.74 22.36
N SER A 71 -15.55 -29.91 22.11
CA SER A 71 -15.94 -30.70 20.96
C SER A 71 -15.74 -32.19 21.21
N LEU A 72 -16.45 -33.00 20.45
CA LEU A 72 -16.24 -34.45 20.45
C LEU A 72 -15.68 -34.89 19.11
N ARG A 73 -14.70 -35.79 19.12
CA ARG A 73 -14.20 -36.36 17.88
C ARG A 73 -15.03 -37.61 17.53
N LEU A 74 -15.44 -37.71 16.26
CA LEU A 74 -16.16 -38.89 15.78
C LEU A 74 -15.20 -39.92 15.20
N ASP A 75 -15.71 -41.14 14.98
CA ASP A 75 -14.86 -42.25 14.54
C ASP A 75 -14.38 -42.10 13.10
N ASP A 76 -14.90 -41.13 12.37
CA ASP A 76 -14.38 -40.84 11.05
C ASP A 76 -13.38 -39.69 11.11
N GLY A 77 -13.19 -39.13 12.30
CA GLY A 77 -12.21 -38.08 12.49
C GLY A 77 -12.78 -36.67 12.37
N SER A 78 -14.07 -36.56 12.10
CA SER A 78 -14.74 -35.26 12.12
C SER A 78 -15.06 -34.87 13.56
N VAL A 79 -15.32 -33.59 13.81
CA VAL A 79 -15.78 -33.21 15.15
C VAL A 79 -17.16 -32.58 15.12
N VAL A 80 -17.81 -32.63 16.28
CA VAL A 80 -19.08 -31.96 16.50
C VAL A 80 -18.95 -31.14 17.77
N ASN A 81 -19.81 -30.15 17.92
CA ASN A 81 -19.78 -29.34 19.13
C ASN A 81 -20.19 -30.15 20.37
N MET A 82 -19.51 -29.91 21.48
CA MET A 82 -19.90 -30.50 22.74
C MET A 82 -19.25 -29.72 23.87
N SER A 83 -19.92 -28.66 24.31
CA SER A 83 -19.32 -27.68 25.22
C SER A 83 -19.64 -27.84 26.73
N VAL A 84 -20.73 -28.54 27.06
CA VAL A 84 -21.06 -28.81 28.46
C VAL A 84 -21.02 -30.31 28.81
N PRO A 85 -20.34 -30.65 29.92
CA PRO A 85 -20.30 -32.05 30.36
C PRO A 85 -21.68 -32.59 30.67
N ILE A 86 -21.99 -33.75 30.12
CA ILE A 86 -23.22 -34.43 30.46
C ILE A 86 -22.82 -35.69 31.20
N VAL A 87 -22.81 -35.58 32.52
CA VAL A 87 -22.21 -36.59 33.37
C VAL A 87 -23.15 -37.04 34.48
N LEU A 88 -22.74 -38.09 35.18
CA LEU A 88 -23.49 -38.64 36.29
C LEU A 88 -22.54 -38.91 37.44
N ALA A 89 -22.73 -38.16 38.53
CA ALA A 89 -21.88 -38.26 39.71
C ALA A 89 -22.45 -39.23 40.75
N ILE A 90 -21.55 -39.96 41.41
CA ILE A 90 -21.88 -40.91 42.48
C ILE A 90 -20.85 -40.83 43.62
N ASP A 91 -21.27 -41.21 44.83
CA ASP A 91 -20.37 -41.17 45.99
C ASP A 91 -19.60 -42.48 46.22
N ASP A 92 -18.67 -42.47 47.17
CA ASP A 92 -17.83 -43.63 47.48
C ASP A 92 -18.65 -44.89 47.73
N ALA A 93 -19.74 -44.72 48.47
CA ALA A 93 -20.67 -45.82 48.75
C ALA A 93 -21.25 -46.44 47.48
N GLN A 94 -21.87 -45.61 46.64
CA GLN A 94 -22.50 -46.08 45.40
C GLN A 94 -21.48 -46.81 44.52
N LYS A 95 -20.32 -46.20 44.37
CA LYS A 95 -19.20 -46.82 43.66
C LYS A 95 -18.93 -48.23 44.19
N HIS A 96 -18.79 -48.30 45.52
CA HIS A 96 -18.47 -49.54 46.22
C HIS A 96 -19.56 -50.58 46.01
N ARG A 97 -20.81 -50.15 46.07
CA ARG A 97 -21.97 -51.01 45.85
C ARG A 97 -22.04 -51.54 44.41
N ILE A 98 -21.71 -50.68 43.44
CA ILE A 98 -21.62 -51.11 42.04
C ILE A 98 -20.55 -52.19 41.88
N GLY A 99 -19.42 -51.99 42.56
CA GLY A 99 -18.35 -52.97 42.54
C GLY A 99 -17.81 -53.15 41.15
N ASP A 100 -17.83 -54.39 40.66
CA ASP A 100 -17.27 -54.69 39.36
C ASP A 100 -18.33 -54.97 38.28
N ASN A 101 -19.58 -54.64 38.58
CA ASN A 101 -20.63 -54.72 37.58
C ASN A 101 -20.33 -53.78 36.41
N LYS A 102 -20.58 -54.23 35.19
CA LYS A 102 -20.41 -53.39 34.03
C LYS A 102 -21.73 -52.76 33.59
N LYS A 103 -22.83 -53.21 34.19
CA LYS A 103 -24.16 -52.67 33.90
C LYS A 103 -24.74 -52.10 35.16
N VAL A 104 -25.33 -50.90 35.08
CA VAL A 104 -26.07 -50.35 36.21
C VAL A 104 -27.41 -49.76 35.79
N ALA A 105 -28.39 -49.86 36.68
CA ALA A 105 -29.71 -49.35 36.39
C ALA A 105 -29.94 -47.99 37.03
N LEU A 106 -30.58 -47.10 36.29
CA LEU A 106 -30.91 -45.79 36.81
C LEU A 106 -32.39 -45.75 37.17
N PHE A 107 -32.66 -45.43 38.43
CA PHE A 107 -34.02 -45.35 38.96
C PHE A 107 -34.44 -43.90 39.19
N ASP A 108 -35.71 -43.59 38.93
CA ASP A 108 -36.23 -42.27 39.26
C ASP A 108 -36.59 -42.17 40.74
N SER A 109 -37.02 -40.99 41.14
CA SER A 109 -37.60 -40.81 42.46
C SER A 109 -39.10 -40.77 42.24
N LYS A 110 -39.81 -41.82 42.65
CA LYS A 110 -39.22 -42.91 43.41
C LYS A 110 -39.61 -44.29 42.90
N GLY A 111 -38.62 -45.19 42.88
CA GLY A 111 -38.84 -46.62 42.75
C GLY A 111 -38.90 -47.21 41.35
N ASP A 112 -39.05 -46.34 40.35
CA ASP A 112 -39.23 -46.79 38.98
C ASP A 112 -37.91 -46.85 38.23
N PRO A 113 -37.70 -47.93 37.48
CA PRO A 113 -36.51 -48.07 36.61
C PRO A 113 -36.67 -47.22 35.34
N VAL A 114 -35.73 -46.31 35.11
CA VAL A 114 -35.83 -45.47 33.92
C VAL A 114 -34.80 -45.78 32.82
N ALA A 115 -33.63 -46.27 33.21
CA ALA A 115 -32.57 -46.55 32.23
C ALA A 115 -31.57 -47.62 32.66
N ILE A 116 -30.87 -48.19 31.71
CA ILE A 116 -29.70 -49.01 32.01
C ILE A 116 -28.47 -48.32 31.41
N LEU A 117 -27.42 -48.19 32.21
CA LEU A 117 -26.15 -47.72 31.71
C LEU A 117 -25.21 -48.92 31.48
N ASN A 118 -24.77 -49.10 30.24
CA ASN A 118 -23.98 -50.26 29.85
C ASN A 118 -22.50 -49.95 29.65
N ASN A 119 -21.67 -50.99 29.81
CA ASN A 119 -20.21 -50.91 29.68
C ASN A 119 -19.64 -49.72 30.43
N ILE A 120 -19.96 -49.64 31.71
CA ILE A 120 -19.68 -48.46 32.49
C ILE A 120 -18.19 -48.28 32.80
N GLU A 121 -17.77 -47.03 32.95
CA GLU A 121 -16.47 -46.74 33.51
C GLU A 121 -16.64 -45.66 34.56
N ILE A 122 -15.98 -45.87 35.70
CA ILE A 122 -15.99 -44.90 36.78
C ILE A 122 -14.65 -44.19 36.87
N TYR A 123 -14.68 -42.86 36.94
CA TYR A 123 -13.44 -42.09 36.98
C TYR A 123 -13.55 -40.91 37.94
N LYS A 124 -12.42 -40.30 38.23
CA LYS A 124 -12.37 -39.20 39.19
C LYS A 124 -13.16 -37.99 38.69
N HIS A 125 -13.72 -37.25 39.65
CA HIS A 125 -14.55 -36.11 39.36
C HIS A 125 -13.84 -34.89 39.95
N PRO A 126 -13.02 -34.21 39.12
CA PRO A 126 -12.27 -33.03 39.56
C PRO A 126 -13.16 -31.79 39.51
N LYS A 127 -13.88 -31.56 40.59
CA LYS A 127 -14.92 -30.53 40.63
C LYS A 127 -14.43 -29.09 40.32
N GLU A 128 -13.39 -28.66 41.01
CA GLU A 128 -12.88 -27.31 40.83
C GLU A 128 -12.44 -27.05 39.38
N GLU A 129 -11.62 -27.95 38.85
CA GLU A 129 -11.18 -27.84 37.47
C GLU A 129 -12.37 -27.88 36.51
N ARG A 130 -13.36 -28.69 36.86
CA ARG A 130 -14.56 -28.80 36.05
C ARG A 130 -15.33 -27.48 36.04
N ILE A 131 -15.43 -26.84 37.20
CA ILE A 131 -16.17 -25.60 37.35
C ILE A 131 -15.46 -24.44 36.66
N ALA A 132 -14.14 -24.45 36.71
CA ALA A 132 -13.35 -23.37 36.11
C ALA A 132 -13.43 -23.38 34.59
N ARG A 133 -13.32 -24.57 34.01
CA ARG A 133 -13.21 -24.69 32.56
C ARG A 133 -14.57 -24.52 31.91
N THR A 134 -15.63 -24.79 32.65
CA THR A 134 -16.97 -24.63 32.12
C THR A 134 -17.53 -23.23 32.35
N TRP A 135 -17.32 -22.69 33.55
CA TRP A 135 -17.97 -21.43 33.92
C TRP A 135 -17.10 -20.18 33.78
N GLY A 136 -15.80 -20.37 33.59
CA GLY A 136 -14.90 -19.24 33.44
C GLY A 136 -14.56 -18.62 34.79
N THR A 137 -15.01 -19.27 35.86
CA THR A 137 -14.80 -18.77 37.21
C THR A 137 -14.95 -19.87 38.26
N ILE A 138 -14.57 -19.52 39.48
CA ILE A 138 -14.86 -20.30 40.67
C ILE A 138 -15.42 -19.28 41.61
N ALA A 139 -16.62 -19.54 42.11
CA ALA A 139 -17.25 -18.59 43.02
C ALA A 139 -18.45 -19.25 43.64
N PRO A 140 -18.62 -19.07 44.95
CA PRO A 140 -19.79 -19.60 45.64
C PRO A 140 -20.99 -18.93 45.05
N GLY A 141 -22.09 -19.64 44.90
CA GLY A 141 -23.31 -19.00 44.47
C GLY A 141 -23.67 -19.15 43.00
N LEU A 142 -22.81 -19.83 42.24
CA LEU A 142 -23.20 -20.23 40.89
C LEU A 142 -24.26 -21.33 41.04
N PRO A 143 -25.52 -21.03 40.68
CA PRO A 143 -26.70 -21.86 40.99
C PRO A 143 -26.65 -23.33 40.50
N TYR A 144 -26.45 -23.58 39.20
CA TYR A 144 -26.28 -24.95 38.71
C TYR A 144 -25.17 -25.69 39.44
N VAL A 145 -24.05 -25.01 39.65
CA VAL A 145 -22.91 -25.58 40.35
C VAL A 145 -23.30 -26.03 41.75
N GLU A 146 -23.96 -25.14 42.48
CA GLU A 146 -24.39 -25.43 43.85
C GLU A 146 -25.40 -26.57 43.87
N GLN A 147 -26.21 -26.64 42.82
CA GLN A 147 -27.29 -27.62 42.74
C GLN A 147 -26.84 -29.07 42.48
N THR A 148 -25.85 -29.28 41.61
CA THR A 148 -25.42 -30.64 41.26
C THR A 148 -23.93 -30.93 41.36
N ILE A 149 -23.09 -29.95 41.62
CA ILE A 149 -21.66 -30.23 41.63
C ILE A 149 -21.04 -30.16 43.02
N THR A 150 -21.14 -29.00 43.68
CA THR A 150 -20.41 -28.81 44.93
C THR A 150 -20.75 -29.80 46.03
N ASN A 151 -21.99 -30.31 46.05
CA ASN A 151 -22.34 -31.37 46.99
C ASN A 151 -22.36 -32.79 46.40
N ALA A 152 -21.92 -32.93 45.15
CA ALA A 152 -22.02 -34.22 44.47
C ALA A 152 -20.88 -35.15 44.83
N GLY A 153 -20.96 -36.39 44.35
CA GLY A 153 -19.93 -37.38 44.60
C GLY A 153 -18.62 -37.07 43.90
N ASN A 154 -17.55 -37.70 44.39
CA ASN A 154 -16.23 -37.52 43.82
C ASN A 154 -15.94 -38.42 42.62
N TRP A 155 -16.98 -39.05 42.08
CA TRP A 155 -16.80 -39.93 40.92
C TRP A 155 -17.84 -39.67 39.85
N LEU A 156 -17.51 -40.05 38.63
CA LEU A 156 -18.44 -39.94 37.51
C LEU A 156 -18.54 -41.30 36.83
N ILE A 157 -19.72 -41.67 36.35
CA ILE A 157 -19.91 -42.90 35.60
C ILE A 157 -20.39 -42.55 34.22
N GLY A 158 -19.76 -43.15 33.22
CA GLY A 158 -20.23 -43.00 31.85
C GLY A 158 -20.51 -44.37 31.26
N GLY A 159 -21.25 -44.37 30.16
CA GLY A 159 -21.54 -45.58 29.43
C GLY A 159 -22.58 -45.38 28.35
N ASP A 160 -23.05 -46.50 27.80
CA ASP A 160 -24.06 -46.46 26.78
C ASP A 160 -25.41 -46.55 27.47
N LEU A 161 -26.23 -45.53 27.24
CA LEU A 161 -27.48 -45.40 27.92
C LEU A 161 -28.61 -46.04 27.11
N GLU A 162 -29.41 -46.86 27.78
CA GLU A 162 -30.63 -47.41 27.22
C GLU A 162 -31.78 -46.90 28.08
N VAL A 163 -32.65 -46.10 27.48
CA VAL A 163 -33.73 -45.52 28.26
C VAL A 163 -35.01 -46.31 28.04
N ILE A 164 -35.52 -46.89 29.12
CA ILE A 164 -36.62 -47.85 29.04
C ILE A 164 -37.93 -47.23 28.53
N GLU A 165 -38.30 -46.08 29.06
CA GLU A 165 -39.53 -45.42 28.67
C GLU A 165 -39.24 -43.97 28.34
N PRO A 166 -39.98 -43.40 27.37
CA PRO A 166 -39.92 -41.96 27.13
C PRO A 166 -40.34 -41.18 28.39
N ILE A 167 -39.54 -40.21 28.78
CA ILE A 167 -39.78 -39.44 30.00
C ILE A 167 -40.96 -38.48 29.86
N GLN A 168 -41.92 -38.60 30.78
CA GLN A 168 -43.04 -37.67 30.87
C GLN A 168 -43.18 -37.22 32.31
N TYR A 169 -43.63 -35.99 32.51
CA TYR A 169 -43.83 -35.45 33.85
C TYR A 169 -45.31 -35.35 34.25
N ASN A 170 -46.20 -35.41 33.25
CA ASN A 170 -47.65 -35.40 33.47
C ASN A 170 -48.15 -34.19 34.26
N ASP A 171 -47.50 -33.06 34.01
CA ASP A 171 -47.69 -31.89 34.83
C ASP A 171 -48.60 -30.89 34.13
N GLY A 172 -49.15 -31.31 32.99
CA GLY A 172 -49.95 -30.43 32.16
C GLY A 172 -49.15 -29.68 31.09
N LEU A 173 -47.87 -30.01 30.98
CA LEU A 173 -47.03 -29.40 29.95
C LEU A 173 -46.35 -30.42 29.02
N ASP A 174 -46.67 -31.70 29.15
CA ASP A 174 -46.06 -32.73 28.32
C ASP A 174 -46.35 -32.55 26.82
N HIS A 175 -47.46 -31.90 26.51
CA HIS A 175 -47.88 -31.68 25.12
C HIS A 175 -47.00 -30.64 24.43
N PHE A 176 -46.26 -29.87 25.23
CA PHE A 176 -45.28 -28.93 24.67
C PHE A 176 -43.87 -29.51 24.60
N ARG A 177 -43.65 -30.68 25.18
CA ARG A 177 -42.30 -31.27 25.23
C ARG A 177 -42.02 -32.10 24.01
N LEU A 178 -41.93 -31.42 22.87
CA LEU A 178 -41.65 -32.06 21.60
C LEU A 178 -40.20 -32.56 21.51
N SER A 179 -40.03 -33.81 21.10
CA SER A 179 -38.70 -34.37 20.84
C SER A 179 -38.10 -33.74 19.58
N PRO A 180 -36.81 -33.99 19.31
CA PRO A 180 -36.31 -33.48 18.03
C PRO A 180 -36.98 -34.14 16.81
N THR A 181 -37.28 -35.43 16.90
CA THR A 181 -37.96 -36.08 15.79
C THR A 181 -39.34 -35.45 15.52
N GLN A 182 -40.10 -35.23 16.59
CA GLN A 182 -41.42 -34.61 16.49
C GLN A 182 -41.31 -33.19 15.94
N LEU A 183 -40.29 -32.44 16.37
CA LEU A 183 -40.08 -31.09 15.84
C LEU A 183 -39.80 -31.12 14.35
N ARG A 184 -38.94 -32.03 13.93
CA ARG A 184 -38.60 -32.17 12.51
C ARG A 184 -39.84 -32.51 11.68
N ALA A 185 -40.68 -33.39 12.20
CA ALA A 185 -41.90 -33.76 11.51
C ALA A 185 -42.89 -32.60 11.39
N GLU A 186 -42.87 -31.66 12.34
CA GLU A 186 -43.76 -30.51 12.28
C GLU A 186 -43.27 -29.46 11.28
N PHE A 187 -41.96 -29.22 11.27
CA PHE A 187 -41.37 -28.31 10.31
C PHE A 187 -41.65 -28.78 8.88
N THR A 188 -41.52 -30.08 8.67
CA THR A 188 -41.71 -30.66 7.35
C THR A 188 -43.18 -30.57 6.92
N ARG A 189 -44.10 -30.71 7.88
CA ARG A 189 -45.54 -30.56 7.60
C ARG A 189 -45.87 -29.14 7.17
N ARG A 190 -45.19 -28.16 7.75
CA ARG A 190 -45.42 -26.75 7.42
C ARG A 190 -44.74 -26.36 6.11
N ASN A 191 -43.98 -27.29 5.54
CA ASN A 191 -43.13 -27.03 4.36
C ASN A 191 -42.20 -25.85 4.60
N ALA A 192 -41.63 -25.78 5.79
CA ALA A 192 -40.68 -24.72 6.12
C ALA A 192 -39.44 -24.86 5.25
N ASP A 193 -38.87 -23.73 4.84
CA ASP A 193 -37.65 -23.72 4.05
C ASP A 193 -36.54 -23.16 4.92
N ALA A 194 -36.96 -22.48 5.98
CA ALA A 194 -36.06 -21.93 6.98
C ALA A 194 -36.69 -22.10 8.37
N VAL A 195 -35.93 -22.68 9.27
CA VAL A 195 -36.35 -22.81 10.66
C VAL A 195 -35.41 -21.97 11.53
N PHE A 196 -35.92 -20.85 12.04
CA PHE A 196 -35.11 -20.03 12.96
C PHE A 196 -35.53 -20.21 14.43
N ALA A 197 -34.55 -20.61 15.24
CA ALA A 197 -34.77 -20.92 16.64
C ALA A 197 -34.49 -19.72 17.56
N PHE A 198 -35.31 -19.59 18.60
CA PHE A 198 -35.05 -18.61 19.64
C PHE A 198 -34.99 -19.30 21.00
N GLN A 199 -33.77 -19.55 21.49
CA GLN A 199 -33.58 -20.05 22.85
C GLN A 199 -33.90 -18.91 23.84
N LEU A 200 -34.58 -19.23 24.92
CA LEU A 200 -34.85 -18.26 25.98
C LEU A 200 -35.12 -18.97 27.29
N ARG A 201 -34.85 -18.27 28.40
CA ARG A 201 -35.13 -18.78 29.72
C ARG A 201 -36.04 -17.83 30.48
N ASN A 202 -36.33 -16.69 29.84
CA ASN A 202 -37.04 -15.59 30.49
C ASN A 202 -38.41 -15.33 29.86
N PRO A 203 -39.23 -14.52 30.55
CA PRO A 203 -40.48 -14.05 29.93
C PRO A 203 -40.17 -13.23 28.69
N VAL A 204 -41.03 -13.31 27.67
CA VAL A 204 -40.81 -12.62 26.41
C VAL A 204 -41.25 -11.16 26.53
N HIS A 205 -40.29 -10.24 26.45
CA HIS A 205 -40.64 -8.83 26.26
C HIS A 205 -40.50 -8.43 24.77
N ASN A 206 -40.73 -7.16 24.47
CA ASN A 206 -40.77 -6.73 23.08
C ASN A 206 -39.38 -6.51 22.46
N GLY A 207 -38.36 -6.52 23.31
CA GLY A 207 -37.00 -6.61 22.82
C GLY A 207 -36.74 -7.97 22.19
N HIS A 208 -37.14 -9.05 22.88
CA HIS A 208 -36.96 -10.39 22.32
C HIS A 208 -37.80 -10.49 21.05
N ALA A 209 -38.97 -9.88 21.06
CA ALA A 209 -39.86 -9.95 19.92
C ALA A 209 -39.26 -9.26 18.69
N LEU A 210 -38.56 -8.16 18.93
CA LEU A 210 -37.90 -7.41 17.85
C LEU A 210 -36.88 -8.30 17.11
N LEU A 211 -36.07 -9.03 17.88
CA LEU A 211 -35.12 -10.01 17.39
C LEU A 211 -35.80 -11.03 16.51
N MET A 212 -36.95 -11.51 16.96
CA MET A 212 -37.66 -12.55 16.24
C MET A 212 -38.37 -12.06 14.98
N THR A 213 -38.91 -10.83 15.01
CA THR A 213 -39.62 -10.28 13.86
C THR A 213 -38.67 -9.67 12.81
N ASP A 214 -37.50 -9.21 13.25
CA ASP A 214 -36.47 -8.75 12.33
C ASP A 214 -35.93 -9.92 11.55
N THR A 215 -35.74 -11.03 12.25
CA THR A 215 -35.26 -12.26 11.65
C THR A 215 -36.19 -12.72 10.54
N ARG A 216 -37.48 -12.81 10.84
CA ARG A 216 -38.46 -13.20 9.82
C ARG A 216 -38.38 -12.29 8.59
N LYS A 217 -38.12 -11.01 8.83
CA LYS A 217 -37.95 -10.04 7.75
C LYS A 217 -36.71 -10.30 6.92
N ARG A 218 -35.58 -10.54 7.59
CA ARG A 218 -34.34 -10.83 6.86
C ARG A 218 -34.50 -12.09 6.01
N LEU A 219 -35.11 -13.12 6.60
CA LEU A 219 -35.31 -14.39 5.91
C LEU A 219 -36.23 -14.26 4.70
N LEU A 220 -37.30 -13.48 4.84
CA LEU A 220 -38.18 -13.20 3.71
C LEU A 220 -37.41 -12.49 2.60
N GLU A 221 -36.55 -11.55 2.98
CA GLU A 221 -35.77 -10.77 2.01
C GLU A 221 -34.70 -11.62 1.33
N MET A 222 -34.22 -12.64 2.04
CA MET A 222 -33.24 -13.55 1.47
C MET A 222 -33.86 -14.47 0.43
N GLY A 223 -35.18 -14.61 0.45
CA GLY A 223 -35.87 -15.39 -0.56
C GLY A 223 -36.71 -16.52 -0.04
N TYR A 224 -36.67 -16.76 1.27
CA TYR A 224 -37.44 -17.82 1.90
C TYR A 224 -38.94 -17.53 1.90
N LYS A 225 -39.74 -18.52 1.52
CA LYS A 225 -41.18 -18.31 1.37
C LYS A 225 -42.00 -18.74 2.58
N ASN A 226 -41.46 -19.66 3.39
CA ASN A 226 -42.16 -20.14 4.58
C ASN A 226 -41.25 -20.31 5.81
N PRO A 227 -40.72 -19.18 6.32
CA PRO A 227 -39.85 -19.24 7.50
C PRO A 227 -40.64 -19.55 8.77
N VAL A 228 -40.13 -20.47 9.58
CA VAL A 228 -40.84 -20.90 10.78
C VAL A 228 -40.03 -20.66 12.05
N LEU A 229 -40.64 -19.93 12.98
CA LEU A 229 -40.02 -19.63 14.26
C LEU A 229 -40.17 -20.80 15.24
N LEU A 230 -39.03 -21.25 15.78
CA LEU A 230 -39.05 -22.18 16.89
C LEU A 230 -38.82 -21.42 18.19
N LEU A 231 -39.92 -21.01 18.82
CA LEU A 231 -39.88 -20.41 20.16
C LEU A 231 -39.68 -21.52 21.18
N HIS A 232 -38.49 -21.55 21.79
CA HIS A 232 -38.03 -22.76 22.47
C HIS A 232 -37.56 -22.49 23.90
N PRO A 233 -38.49 -22.22 24.82
CA PRO A 233 -38.07 -21.99 26.21
C PRO A 233 -37.45 -23.23 26.84
N LEU A 234 -36.34 -22.99 27.54
CA LEU A 234 -35.70 -24.03 28.33
C LEU A 234 -36.60 -24.40 29.53
N GLY A 235 -36.74 -25.71 29.79
CA GLY A 235 -37.64 -26.20 30.82
C GLY A 235 -37.07 -27.14 31.88
N GLY A 236 -35.77 -27.41 31.82
CA GLY A 236 -35.13 -28.14 32.90
C GLY A 236 -34.80 -27.18 34.02
N TYR A 237 -33.89 -27.60 34.91
CA TYR A 237 -33.51 -26.78 36.06
C TYR A 237 -33.18 -25.31 35.74
N THR A 238 -33.77 -24.42 36.53
CA THR A 238 -33.39 -23.02 36.54
C THR A 238 -33.34 -22.58 38.00
N LYS A 239 -32.64 -21.47 38.25
CA LYS A 239 -32.56 -20.94 39.61
C LYS A 239 -33.94 -20.47 40.07
N ALA A 240 -34.19 -20.64 41.38
CA ALA A 240 -35.53 -20.55 41.95
C ALA A 240 -36.11 -19.14 42.00
N ASP A 241 -35.25 -18.13 41.94
CA ASP A 241 -35.71 -16.75 41.92
C ASP A 241 -36.20 -16.33 40.53
N ASP A 242 -35.89 -17.15 39.51
CA ASP A 242 -36.38 -16.90 38.15
C ASP A 242 -37.87 -17.20 38.09
N VAL A 243 -38.53 -16.75 37.04
CA VAL A 243 -39.93 -17.06 36.83
C VAL A 243 -40.03 -18.49 36.34
N PRO A 244 -40.78 -19.34 37.07
CA PRO A 244 -40.83 -20.78 36.74
C PRO A 244 -41.45 -21.08 35.39
N LEU A 245 -41.17 -22.27 34.88
CA LEU A 245 -41.56 -22.64 33.52
C LEU A 245 -43.05 -22.48 33.25
N ASP A 246 -43.88 -22.96 34.17
CA ASP A 246 -45.33 -22.93 33.96
C ASP A 246 -45.88 -21.50 33.85
N TRP A 247 -45.32 -20.57 34.60
CA TRP A 247 -45.70 -19.17 34.45
C TRP A 247 -45.17 -18.58 33.16
N ARG A 248 -43.97 -18.99 32.78
CA ARG A 248 -43.38 -18.51 31.54
C ARG A 248 -44.20 -18.97 30.33
N MET A 249 -44.68 -20.21 30.37
CA MET A 249 -45.54 -20.72 29.31
C MET A 249 -46.86 -19.93 29.22
N LYS A 250 -47.50 -19.65 30.37
CA LYS A 250 -48.71 -18.84 30.36
C LYS A 250 -48.37 -17.44 29.78
N GLN A 251 -47.19 -16.92 30.10
CA GLN A 251 -46.79 -15.62 29.59
C GLN A 251 -46.58 -15.64 28.07
N HIS A 252 -45.90 -16.68 27.59
CA HIS A 252 -45.61 -16.85 26.17
C HIS A 252 -46.89 -16.99 25.36
N GLU A 253 -47.85 -17.73 25.91
CA GLU A 253 -49.14 -17.94 25.27
C GLU A 253 -49.92 -16.62 25.13
N LYS A 254 -49.72 -15.71 26.09
CA LYS A 254 -50.34 -14.39 26.03
C LYS A 254 -49.69 -13.48 24.97
N VAL A 255 -48.38 -13.64 24.79
CA VAL A 255 -47.64 -12.87 23.79
C VAL A 255 -48.07 -13.22 22.36
N LEU A 256 -48.26 -14.51 22.12
CA LEU A 256 -48.78 -15.00 20.84
C LEU A 256 -50.24 -14.62 20.63
N GLU A 257 -50.96 -14.49 21.74
CA GLU A 257 -52.38 -14.18 21.70
C GLU A 257 -52.59 -12.72 21.36
N ASP A 258 -51.66 -11.87 21.78
CA ASP A 258 -51.71 -10.43 21.48
C ASP A 258 -51.15 -10.09 20.09
N GLY A 259 -50.56 -11.07 19.42
CA GLY A 259 -50.04 -10.86 18.08
C GLY A 259 -48.65 -10.25 18.02
N VAL A 260 -47.99 -10.11 19.18
CA VAL A 260 -46.59 -9.67 19.22
C VAL A 260 -45.68 -10.60 18.40
N LEU A 261 -45.94 -11.90 18.50
CA LEU A 261 -45.36 -12.92 17.63
C LEU A 261 -46.51 -13.61 16.90
N ASP A 262 -46.26 -14.20 15.74
CA ASP A 262 -47.34 -14.80 14.94
C ASP A 262 -47.56 -16.30 15.23
N PRO A 263 -48.69 -16.64 15.87
CA PRO A 263 -49.03 -18.03 16.19
C PRO A 263 -49.10 -18.96 14.98
N GLU A 264 -49.39 -18.40 13.81
CA GLU A 264 -49.51 -19.24 12.60
C GLU A 264 -48.17 -19.70 12.04
N THR A 265 -47.13 -18.87 12.15
CA THR A 265 -45.81 -19.23 11.66
C THR A 265 -44.80 -19.44 12.80
N THR A 266 -45.30 -19.92 13.93
CA THR A 266 -44.46 -20.18 15.08
C THR A 266 -44.76 -21.57 15.64
N VAL A 267 -43.71 -22.33 15.95
CA VAL A 267 -43.86 -23.54 16.75
C VAL A 267 -43.36 -23.23 18.15
N VAL A 268 -44.15 -23.58 19.16
CA VAL A 268 -43.76 -23.40 20.56
C VAL A 268 -43.44 -24.77 21.17
N SER A 269 -42.23 -24.93 21.71
CA SER A 269 -41.85 -26.22 22.29
C SER A 269 -40.91 -25.99 23.47
N ILE A 270 -40.87 -26.93 24.39
CA ILE A 270 -40.03 -26.80 25.57
C ILE A 270 -38.73 -27.58 25.43
N PHE A 271 -37.60 -26.89 25.66
CA PHE A 271 -36.27 -27.51 25.63
C PHE A 271 -35.94 -28.06 27.01
N PRO A 272 -35.73 -29.39 27.10
CA PRO A 272 -35.73 -30.06 28.40
C PRO A 272 -34.42 -30.00 29.17
N SER A 273 -33.41 -29.34 28.61
CA SER A 273 -32.11 -29.19 29.27
C SER A 273 -32.15 -28.41 30.59
N PRO A 274 -31.31 -28.83 31.53
CA PRO A 274 -31.01 -27.97 32.67
C PRO A 274 -30.30 -26.69 32.20
N MET A 275 -30.47 -25.61 32.94
CA MET A 275 -29.74 -24.38 32.63
C MET A 275 -28.41 -24.31 33.41
N HIS A 276 -27.30 -24.13 32.69
CA HIS A 276 -25.99 -23.97 33.33
C HIS A 276 -25.67 -22.55 33.85
N TYR A 277 -26.23 -21.51 33.22
CA TYR A 277 -25.78 -20.12 33.39
C TYR A 277 -24.26 -20.01 33.18
N ALA A 278 -23.80 -20.41 31.99
CA ALA A 278 -22.37 -20.46 31.70
C ALA A 278 -21.99 -19.74 30.41
N GLY A 279 -22.84 -18.79 30.02
CA GLY A 279 -22.59 -17.90 28.90
C GLY A 279 -22.04 -18.52 27.63
N PRO A 280 -20.86 -18.06 27.20
CA PRO A 280 -20.25 -18.41 25.92
C PRO A 280 -20.01 -19.90 25.83
N THR A 281 -19.76 -20.56 26.95
CA THR A 281 -19.62 -22.00 26.95
C THR A 281 -20.97 -22.66 26.77
N GLU A 282 -21.92 -22.32 27.62
CA GLU A 282 -23.25 -22.89 27.54
C GLU A 282 -23.97 -22.61 26.21
N VAL A 283 -23.74 -21.42 25.65
CA VAL A 283 -24.51 -21.00 24.48
C VAL A 283 -24.27 -21.92 23.29
N GLN A 284 -23.06 -22.47 23.23
CA GLN A 284 -22.73 -23.45 22.19
C GLN A 284 -23.68 -24.63 22.22
N TRP A 285 -23.91 -25.13 23.44
CA TRP A 285 -24.83 -26.24 23.70
C TRP A 285 -26.26 -25.90 23.34
N HIS A 286 -26.68 -24.68 23.66
CA HIS A 286 -28.00 -24.23 23.25
C HIS A 286 -28.15 -24.27 21.74
N ALA A 287 -27.07 -23.98 21.02
CA ALA A 287 -27.08 -24.00 19.57
C ALA A 287 -27.03 -25.42 19.02
N LYS A 288 -26.15 -26.24 19.60
CA LYS A 288 -25.93 -27.58 19.08
C LYS A 288 -27.20 -28.43 19.18
N ALA A 289 -27.91 -28.31 20.30
CA ALA A 289 -29.16 -29.04 20.48
C ALA A 289 -30.19 -28.58 19.45
N ARG A 290 -30.16 -27.29 19.12
CA ARG A 290 -31.10 -26.75 18.14
C ARG A 290 -30.87 -27.23 16.70
N ILE A 291 -29.60 -27.42 16.30
CA ILE A 291 -29.27 -28.07 15.05
C ILE A 291 -29.89 -29.46 15.01
N ASN A 292 -29.73 -30.20 16.10
CA ASN A 292 -30.31 -31.53 16.19
C ASN A 292 -31.86 -31.53 16.09
N ALA A 293 -32.49 -30.41 16.44
CA ALA A 293 -33.93 -30.27 16.32
C ALA A 293 -34.37 -29.79 14.93
N GLY A 294 -33.39 -29.53 14.07
CA GLY A 294 -33.69 -29.18 12.69
C GLY A 294 -33.76 -27.67 12.41
N ALA A 295 -33.30 -26.86 13.37
CA ALA A 295 -33.21 -25.42 13.16
C ALA A 295 -31.93 -25.06 12.41
N ASN A 296 -32.06 -24.40 11.26
CA ASN A 296 -30.87 -24.06 10.48
C ASN A 296 -30.46 -22.58 10.65
N PHE A 297 -31.30 -21.85 11.37
CA PHE A 297 -30.95 -20.52 11.83
C PHE A 297 -31.06 -20.47 13.36
N TYR A 298 -30.14 -19.75 13.99
CA TYR A 298 -30.10 -19.62 15.43
C TYR A 298 -29.92 -18.14 15.78
N ILE A 299 -30.89 -17.58 16.48
CA ILE A 299 -30.82 -16.18 16.88
C ILE A 299 -30.06 -16.08 18.19
N VAL A 300 -29.13 -15.13 18.26
CA VAL A 300 -28.42 -14.89 19.51
C VAL A 300 -28.24 -13.39 19.75
N GLY A 301 -28.44 -12.95 20.99
CA GLY A 301 -28.34 -11.54 21.34
C GLY A 301 -27.15 -11.28 22.24
N ARG A 302 -27.31 -10.29 23.12
CA ARG A 302 -26.27 -9.95 24.07
C ARG A 302 -26.32 -10.84 25.31
N ASP A 303 -25.15 -11.13 25.87
CA ASP A 303 -25.03 -11.93 27.10
C ASP A 303 -25.85 -13.22 27.15
N PRO A 304 -25.83 -14.03 26.06
CA PRO A 304 -26.65 -15.24 26.08
C PRO A 304 -26.24 -16.16 27.21
N ALA A 305 -27.20 -16.77 27.91
CA ALA A 305 -26.92 -17.73 28.98
C ALA A 305 -26.10 -17.13 30.14
N GLY A 306 -25.96 -15.81 30.18
CA GLY A 306 -25.17 -15.18 31.21
C GLY A 306 -25.93 -14.90 32.50
N MET A 307 -25.22 -14.37 33.49
CA MET A 307 -25.82 -13.84 34.71
C MET A 307 -24.82 -12.94 35.43
N SER A 308 -25.28 -12.22 36.42
CA SER A 308 -24.38 -11.44 37.24
C SER A 308 -23.48 -12.36 38.06
N HIS A 309 -22.25 -11.92 38.27
CA HIS A 309 -21.34 -12.55 39.20
C HIS A 309 -22.04 -12.63 40.56
N PRO A 310 -21.96 -13.79 41.22
CA PRO A 310 -22.68 -13.92 42.48
C PRO A 310 -22.04 -13.09 43.59
N VAL A 311 -20.70 -12.99 43.59
CA VAL A 311 -19.96 -12.41 44.70
C VAL A 311 -19.76 -10.90 44.59
N GLU A 312 -19.28 -10.47 43.42
CA GLU A 312 -19.07 -9.05 43.17
C GLU A 312 -20.07 -8.62 42.10
N LYS A 313 -20.19 -7.33 41.83
CA LYS A 313 -21.16 -6.97 40.80
C LYS A 313 -20.65 -6.33 39.52
N ARG A 314 -20.47 -7.23 38.58
CA ARG A 314 -20.17 -7.00 37.19
C ARG A 314 -20.81 -8.26 36.62
N ASP A 315 -21.00 -8.30 35.31
CA ASP A 315 -21.45 -9.53 34.68
C ASP A 315 -20.40 -10.62 34.77
N LEU A 316 -20.84 -11.88 34.68
CA LEU A 316 -19.93 -13.00 34.70
C LEU A 316 -19.11 -12.94 33.41
N TYR A 317 -19.79 -12.58 32.32
CA TYR A 317 -19.20 -12.65 30.99
C TYR A 317 -19.33 -11.34 30.22
N ASP A 318 -18.36 -11.07 29.36
CA ASP A 318 -18.45 -10.01 28.37
C ASP A 318 -19.64 -10.28 27.47
N ALA A 319 -20.53 -9.28 27.33
CA ALA A 319 -21.81 -9.51 26.68
C ALA A 319 -21.70 -9.81 25.18
N ASP A 320 -20.54 -9.50 24.59
CA ASP A 320 -20.33 -9.72 23.16
C ASP A 320 -19.74 -11.08 22.85
N HIS A 321 -19.29 -11.80 23.88
CA HIS A 321 -18.55 -13.04 23.66
C HIS A 321 -19.36 -14.21 23.13
N GLY A 322 -20.59 -14.34 23.62
CA GLY A 322 -21.51 -15.36 23.12
C GLY A 322 -21.60 -15.41 21.59
N LYS A 323 -21.95 -14.28 20.97
CA LYS A 323 -22.02 -14.19 19.50
C LYS A 323 -20.73 -14.64 18.84
N LYS A 324 -19.62 -14.04 19.26
CA LYS A 324 -18.32 -14.32 18.67
C LYS A 324 -17.95 -15.80 18.80
N VAL A 325 -18.07 -16.33 20.01
CA VAL A 325 -17.66 -17.70 20.29
C VAL A 325 -18.49 -18.68 19.48
N LEU A 326 -19.77 -18.37 19.37
CA LEU A 326 -20.70 -19.14 18.56
C LEU A 326 -20.29 -19.13 17.09
N SER A 327 -19.83 -17.98 16.61
CA SER A 327 -19.52 -17.81 15.20
C SER A 327 -18.27 -18.57 14.78
N MET A 328 -17.48 -19.04 15.74
CA MET A 328 -16.26 -19.78 15.38
C MET A 328 -16.10 -21.13 16.09
N ALA A 329 -17.17 -21.59 16.74
CA ALA A 329 -17.16 -22.83 17.51
C ALA A 329 -17.06 -24.09 16.65
N PRO A 330 -16.28 -25.09 17.13
CA PRO A 330 -16.12 -26.30 16.31
C PRO A 330 -17.43 -27.06 16.20
N GLY A 331 -17.77 -27.49 14.98
CA GLY A 331 -19.00 -28.23 14.75
C GLY A 331 -20.25 -27.37 14.57
N LEU A 332 -20.15 -26.06 14.78
CA LEU A 332 -21.29 -25.15 14.59
C LEU A 332 -21.20 -24.31 13.33
N GLU A 333 -20.18 -24.57 12.51
CA GLU A 333 -19.91 -23.78 11.31
C GLU A 333 -21.07 -23.80 10.33
N ARG A 334 -21.80 -24.92 10.29
CA ARG A 334 -22.86 -25.12 9.29
C ARG A 334 -24.20 -24.59 9.76
N LEU A 335 -24.20 -23.95 10.92
CA LEU A 335 -25.40 -23.34 11.42
C LEU A 335 -25.32 -21.85 11.09
N ASN A 336 -26.42 -21.28 10.64
CA ASN A 336 -26.45 -19.85 10.35
C ASN A 336 -26.72 -19.07 11.62
N ILE A 337 -25.70 -18.38 12.12
CA ILE A 337 -25.88 -17.56 13.30
C ILE A 337 -26.45 -16.20 12.91
N LEU A 338 -27.49 -15.77 13.61
CA LEU A 338 -28.09 -14.44 13.42
C LEU A 338 -27.89 -13.62 14.71
N PRO A 339 -26.78 -12.85 14.75
CA PRO A 339 -26.40 -12.02 15.91
C PRO A 339 -27.19 -10.71 15.97
N PHE A 340 -27.53 -10.32 17.19
CA PHE A 340 -28.14 -9.03 17.44
C PHE A 340 -27.42 -8.30 18.54
N ARG A 341 -27.51 -6.98 18.54
CA ARG A 341 -27.00 -6.21 19.65
C ARG A 341 -28.16 -5.86 20.53
N VAL A 342 -27.85 -5.23 21.66
CA VAL A 342 -28.83 -4.90 22.68
C VAL A 342 -30.08 -4.22 22.14
N ALA A 343 -31.24 -4.71 22.58
CA ALA A 343 -32.50 -4.01 22.42
C ALA A 343 -32.85 -3.45 23.76
N ALA A 344 -33.51 -2.30 23.76
CA ALA A 344 -33.87 -1.59 24.97
C ALA A 344 -35.02 -0.63 24.67
N TYR A 345 -35.67 -0.11 25.69
CA TYR A 345 -36.81 0.78 25.47
C TYR A 345 -36.36 2.19 25.10
N ASP A 346 -36.80 2.63 23.92
CA ASP A 346 -36.45 3.95 23.42
C ASP A 346 -37.53 4.95 23.82
N LYS A 347 -37.25 5.72 24.87
CA LYS A 347 -38.13 6.79 25.32
C LYS A 347 -38.57 7.69 24.18
N THR A 348 -37.71 7.92 23.19
CA THR A 348 -38.09 8.83 22.10
C THR A 348 -39.05 8.22 21.07
N GLN A 349 -39.01 6.91 20.91
CA GLN A 349 -39.89 6.24 19.95
C GLN A 349 -41.01 5.48 20.67
N GLY A 350 -40.95 5.41 22.00
CA GLY A 350 -41.95 4.70 22.78
C GLY A 350 -42.06 3.21 22.43
N LYS A 351 -40.93 2.64 22.01
CA LYS A 351 -40.87 1.26 21.53
C LYS A 351 -39.57 0.63 21.97
N MET A 352 -39.51 -0.69 21.87
CA MET A 352 -38.23 -1.41 21.99
C MET A 352 -37.55 -1.26 20.65
N ALA A 353 -36.26 -0.91 20.70
CA ALA A 353 -35.47 -0.68 19.50
C ALA A 353 -34.03 -1.05 19.84
N PHE A 354 -33.19 -1.10 18.81
CA PHE A 354 -31.78 -1.39 19.03
C PHE A 354 -31.02 -0.20 19.65
N PHE A 355 -30.22 -0.50 20.65
CA PHE A 355 -29.50 0.54 21.40
C PHE A 355 -28.61 1.40 20.51
N ASP A 356 -28.73 2.71 20.68
CA ASP A 356 -27.94 3.66 19.91
C ASP A 356 -27.04 4.41 20.87
N PRO A 357 -25.72 4.08 20.86
CA PRO A 357 -24.74 4.66 21.77
C PRO A 357 -24.54 6.17 21.62
N SER A 358 -24.92 6.74 20.48
CA SER A 358 -24.75 8.17 20.26
C SER A 358 -25.80 8.99 21.03
N ARG A 359 -26.82 8.31 21.53
CA ARG A 359 -27.86 8.93 22.36
C ARG A 359 -28.29 8.00 23.52
N PRO A 360 -27.33 7.61 24.38
CA PRO A 360 -27.63 6.56 25.35
C PRO A 360 -28.69 6.99 26.37
N GLN A 361 -28.78 8.29 26.64
CA GLN A 361 -29.74 8.81 27.60
C GLN A 361 -31.21 8.57 27.20
N ASP A 362 -31.42 8.08 25.99
CA ASP A 362 -32.75 7.85 25.47
C ASP A 362 -33.33 6.49 25.89
N PHE A 363 -32.48 5.62 26.42
CA PHE A 363 -32.86 4.23 26.59
C PHE A 363 -33.10 3.81 28.04
N LEU A 364 -34.14 3.01 28.22
CA LEU A 364 -34.47 2.47 29.53
C LEU A 364 -34.18 0.96 29.59
N PHE A 365 -33.49 0.55 30.64
CA PHE A 365 -33.22 -0.87 30.86
C PHE A 365 -34.08 -1.38 31.99
N ILE A 366 -34.80 -2.47 31.73
CA ILE A 366 -35.75 -3.03 32.68
C ILE A 366 -35.37 -4.49 32.95
N SER A 367 -34.83 -4.75 34.14
CA SER A 367 -34.44 -6.10 34.51
C SER A 367 -35.57 -6.83 35.21
N GLY A 368 -35.41 -8.14 35.37
CA GLY A 368 -36.36 -8.96 36.13
C GLY A 368 -36.65 -8.39 37.52
N THR A 369 -35.60 -7.96 38.22
CA THR A 369 -35.74 -7.38 39.55
C THR A 369 -36.54 -6.08 39.52
N LYS A 370 -36.25 -5.25 38.52
CA LYS A 370 -37.01 -4.04 38.33
C LYS A 370 -38.49 -4.36 38.07
N MET A 371 -38.76 -5.36 37.23
CA MET A 371 -40.14 -5.78 36.97
C MET A 371 -40.90 -6.20 38.23
N ARG A 372 -40.24 -7.01 39.04
CA ARG A 372 -40.78 -7.43 40.32
C ARG A 372 -40.98 -6.21 41.23
N THR A 373 -40.07 -5.23 41.16
CA THR A 373 -40.19 -4.04 42.01
C THR A 373 -41.38 -3.20 41.57
N LEU A 374 -41.53 -3.05 40.25
CA LEU A 374 -42.66 -2.29 39.72
C LEU A 374 -43.97 -2.94 40.13
N ALA A 375 -44.06 -4.26 39.97
CA ALA A 375 -45.26 -4.99 40.33
C ALA A 375 -45.62 -4.80 41.80
N ARG A 376 -44.62 -4.86 42.68
CA ARG A 376 -44.88 -4.63 44.10
C ARG A 376 -45.36 -3.20 44.33
N ASN A 377 -44.81 -2.27 43.55
CA ASN A 377 -45.12 -0.86 43.73
C ASN A 377 -46.34 -0.44 42.95
N LYS A 378 -47.04 -1.43 42.40
CA LYS A 378 -48.28 -1.19 41.66
C LYS A 378 -48.08 -0.30 40.43
N GLU A 379 -46.90 -0.35 39.83
CA GLU A 379 -46.61 0.39 38.62
C GLU A 379 -46.26 -0.59 37.50
N SER A 380 -46.16 -0.08 36.28
CA SER A 380 -45.94 -0.93 35.11
C SER A 380 -44.74 -0.47 34.33
N PRO A 381 -44.11 -1.38 33.58
CA PRO A 381 -43.01 -0.95 32.72
C PRO A 381 -43.58 -0.03 31.65
N PRO A 382 -42.72 0.75 30.97
CA PRO A 382 -43.17 1.63 29.88
C PRO A 382 -44.07 0.93 28.88
N ASP A 383 -44.90 1.70 28.20
CA ASP A 383 -45.86 1.18 27.24
C ASP A 383 -45.14 0.69 26.00
N GLY A 384 -45.19 -0.61 25.74
CA GLY A 384 -44.53 -1.18 24.59
C GLY A 384 -43.30 -2.00 24.93
N PHE A 385 -42.88 -1.95 26.19
CA PHE A 385 -41.81 -2.81 26.66
C PHE A 385 -42.25 -4.29 26.65
N MET A 386 -43.49 -4.54 27.10
CA MET A 386 -44.10 -5.86 27.03
C MET A 386 -45.59 -5.70 26.73
N CYS A 387 -46.11 -6.59 25.90
CA CYS A 387 -47.53 -6.59 25.59
C CYS A 387 -48.29 -6.76 26.89
N PRO A 388 -49.43 -6.07 27.00
CA PRO A 388 -50.34 -6.07 28.15
C PRO A 388 -50.70 -7.46 28.68
N GLY A 389 -51.00 -8.42 27.81
CA GLY A 389 -51.38 -9.75 28.26
C GLY A 389 -50.23 -10.45 28.97
N GLY A 390 -49.04 -10.40 28.36
CA GLY A 390 -47.86 -10.99 28.95
C GLY A 390 -47.54 -10.39 30.32
N TRP A 391 -47.67 -9.07 30.40
CA TRP A 391 -47.37 -8.33 31.62
C TRP A 391 -48.36 -8.70 32.72
N LYS A 392 -49.63 -8.76 32.35
CA LYS A 392 -50.71 -9.18 33.24
C LYS A 392 -50.44 -10.54 33.88
N VAL A 393 -49.95 -11.49 33.09
CA VAL A 393 -49.62 -12.81 33.62
C VAL A 393 -48.51 -12.69 34.66
N LEU A 394 -47.52 -11.84 34.38
CA LEU A 394 -46.43 -11.60 35.32
C LEU A 394 -46.88 -10.93 36.63
N VAL A 395 -47.76 -9.93 36.55
CA VAL A 395 -48.23 -9.31 37.78
C VAL A 395 -48.95 -10.37 38.61
N ASP A 396 -49.61 -11.32 37.95
CA ASP A 396 -50.27 -12.39 38.69
C ASP A 396 -49.26 -13.35 39.34
N TYR A 397 -48.11 -13.52 38.68
CA TYR A 397 -47.09 -14.42 39.22
C TYR A 397 -46.45 -13.79 40.46
N TYR A 398 -46.11 -12.51 40.34
CA TYR A 398 -45.57 -11.74 41.45
C TYR A 398 -46.52 -11.75 42.64
N ASP A 399 -47.82 -11.65 42.36
CA ASP A 399 -48.81 -11.65 43.42
C ASP A 399 -48.89 -13.01 44.08
N SER A 400 -48.55 -14.06 43.35
CA SER A 400 -48.65 -15.40 43.92
C SER A 400 -47.53 -15.65 44.93
N LEU A 401 -46.42 -14.94 44.77
CA LEU A 401 -45.28 -15.08 45.67
C LEU A 401 -45.52 -14.43 47.03
N VAL A 402 -46.76 -14.03 47.30
CA VAL A 402 -47.10 -13.29 48.52
C VAL A 402 -47.91 -14.13 49.51
N MET B 1 1.74 31.52 -16.26
CA MET B 1 1.11 32.80 -16.50
C MET B 1 -0.38 32.76 -16.11
N LEU B 2 -0.96 31.57 -16.06
CA LEU B 2 -2.34 31.44 -15.60
C LEU B 2 -2.37 31.20 -14.10
N ILE B 3 -3.44 31.67 -13.47
CA ILE B 3 -3.61 31.49 -12.04
C ILE B 3 -3.58 30.01 -11.67
N GLU B 4 -2.97 29.70 -10.53
CA GLU B 4 -2.84 28.31 -10.11
C GLU B 4 -4.12 27.80 -9.46
N PRO B 5 -4.46 26.52 -9.71
CA PRO B 5 -5.58 25.85 -9.03
C PRO B 5 -5.30 25.84 -7.54
N ASP B 6 -6.30 25.79 -6.68
CA ASP B 6 -5.96 25.81 -5.26
CA ASP B 6 -6.10 25.73 -5.23
C ASP B 6 -5.23 24.54 -4.85
N GLY B 7 -4.27 24.73 -3.95
CA GLY B 7 -3.41 23.63 -3.54
C GLY B 7 -2.21 23.53 -4.45
N GLY B 8 -2.33 24.09 -5.66
CA GLY B 8 -1.21 24.23 -6.56
C GLY B 8 -1.39 23.52 -7.89
N LYS B 9 -2.23 22.50 -7.89
CA LYS B 9 -2.50 21.74 -9.10
C LYS B 9 -3.87 21.08 -9.06
N LEU B 10 -4.47 20.92 -10.24
CA LEU B 10 -5.77 20.27 -10.40
C LEU B 10 -5.77 18.86 -9.84
N VAL B 11 -6.78 18.54 -9.04
CA VAL B 11 -6.98 17.17 -8.61
C VAL B 11 -8.15 16.56 -9.39
N GLU B 12 -7.83 15.84 -10.46
CA GLU B 12 -8.83 15.10 -11.24
C GLU B 12 -9.05 13.71 -10.63
N LEU B 13 -10.25 13.16 -10.78
CA LEU B 13 -10.59 11.90 -10.11
C LEU B 13 -11.02 10.80 -11.07
N VAL B 14 -10.67 10.94 -12.35
CA VAL B 14 -11.00 9.95 -13.35
C VAL B 14 -9.86 8.95 -13.44
N VAL B 15 -10.17 7.65 -13.42
CA VAL B 15 -9.14 6.64 -13.49
C VAL B 15 -8.43 6.77 -14.82
N THR B 16 -7.18 6.35 -14.87
CA THR B 16 -6.42 6.44 -16.11
C THR B 16 -6.93 5.39 -17.09
N ASP B 17 -6.74 5.64 -18.40
CA ASP B 17 -7.28 4.78 -19.45
C ASP B 17 -6.96 3.29 -19.25
N PHE B 18 -5.78 3.01 -18.69
CA PHE B 18 -5.37 1.63 -18.52
C PHE B 18 -6.06 0.89 -17.36
N GLU B 19 -6.49 1.62 -16.33
CA GLU B 19 -7.20 0.98 -15.23
C GLU B 19 -8.72 1.00 -15.41
N ARG B 20 -9.17 1.56 -16.53
CA ARG B 20 -10.60 1.79 -16.76
C ARG B 20 -11.43 0.51 -16.71
N ASP B 21 -11.10 -0.47 -17.54
CA ASP B 21 -11.86 -1.70 -17.58
C ASP B 21 -11.80 -2.46 -16.26
N LEU B 22 -10.62 -2.56 -15.67
CA LEU B 22 -10.48 -3.21 -14.37
C LEU B 22 -11.36 -2.56 -13.32
N LYS B 23 -11.50 -1.24 -13.41
CA LYS B 23 -12.32 -0.49 -12.48
C LYS B 23 -13.81 -0.78 -12.66
N LYS B 24 -14.25 -0.93 -13.91
CA LYS B 24 -15.65 -1.29 -14.21
C LYS B 24 -16.04 -2.60 -13.53
N GLY B 25 -15.15 -3.59 -13.65
CA GLY B 25 -15.37 -4.89 -13.06
C GLY B 25 -15.48 -4.83 -11.55
N GLU B 26 -14.53 -4.15 -10.92
CA GLU B 26 -14.50 -4.02 -9.47
C GLU B 26 -15.80 -3.36 -8.96
N ALA B 27 -16.28 -2.38 -9.71
CA ALA B 27 -17.54 -1.69 -9.41
C ALA B 27 -18.74 -2.62 -9.32
N LEU B 28 -18.83 -3.56 -10.25
CA LEU B 28 -19.96 -4.49 -10.30
C LEU B 28 -19.94 -5.50 -9.17
N SER B 29 -18.81 -5.63 -8.49
CA SER B 29 -18.69 -6.56 -7.37
C SER B 29 -18.86 -5.87 -6.00
N LEU B 30 -19.17 -4.58 -5.99
CA LEU B 30 -19.36 -3.85 -4.75
C LEU B 30 -20.84 -3.53 -4.47
N PRO B 31 -21.18 -3.24 -3.21
CA PRO B 31 -22.54 -2.78 -2.94
C PRO B 31 -22.79 -1.47 -3.68
N ARG B 32 -23.97 -1.32 -4.26
CA ARG B 32 -24.16 -0.16 -5.13
C ARG B 32 -25.33 0.75 -4.77
N ILE B 33 -25.09 2.04 -4.98
CA ILE B 33 -26.04 3.12 -4.74
C ILE B 33 -26.45 3.71 -6.09
N LYS B 34 -27.75 3.88 -6.30
CA LYS B 34 -28.23 4.54 -7.52
C LYS B 34 -28.20 6.07 -7.43
N LEU B 35 -27.38 6.69 -8.26
CA LEU B 35 -27.24 8.13 -8.27
C LEU B 35 -28.44 8.83 -8.91
N SER B 36 -28.87 9.92 -8.29
CA SER B 36 -29.84 10.82 -8.88
C SER B 36 -29.17 11.69 -9.96
N ARG B 37 -29.98 12.46 -10.68
CA ARG B 37 -29.44 13.39 -11.68
C ARG B 37 -28.51 14.41 -11.01
N ILE B 38 -28.91 14.93 -9.85
CA ILE B 38 -28.05 15.83 -9.10
C ILE B 38 -26.78 15.15 -8.56
N ASP B 39 -26.92 13.97 -7.96
CA ASP B 39 -25.76 13.19 -7.50
C ASP B 39 -24.73 13.10 -8.63
N LEU B 40 -25.21 12.79 -9.83
CA LEU B 40 -24.36 12.59 -10.99
C LEU B 40 -23.64 13.87 -11.41
N GLU B 41 -24.33 14.99 -11.33
CA GLU B 41 -23.76 16.30 -11.62
C GLU B 41 -22.63 16.65 -10.64
N TRP B 42 -22.78 16.22 -9.39
CA TRP B 42 -21.72 16.40 -8.41
C TRP B 42 -20.52 15.50 -8.69
N VAL B 43 -20.79 14.28 -9.13
CA VAL B 43 -19.72 13.39 -9.56
C VAL B 43 -18.92 14.01 -10.71
N HIS B 44 -19.64 14.60 -11.65
CA HIS B 44 -19.03 15.29 -12.78
C HIS B 44 -18.16 16.45 -12.28
N VAL B 45 -18.74 17.30 -11.44
CA VAL B 45 -18.02 18.38 -10.80
C VAL B 45 -16.71 17.88 -10.16
N LEU B 46 -16.83 16.87 -9.30
CA LEU B 46 -15.69 16.31 -8.62
C LEU B 46 -14.64 15.75 -9.60
N SER B 47 -15.09 14.91 -10.54
CA SER B 47 -14.20 14.22 -11.47
C SER B 47 -13.18 15.12 -12.19
N GLU B 48 -13.60 16.33 -12.50
CA GLU B 48 -12.82 17.22 -13.35
C GLU B 48 -11.97 18.21 -12.55
N GLY B 49 -12.13 18.22 -11.23
CA GLY B 49 -11.33 19.07 -10.35
C GLY B 49 -11.83 20.49 -10.16
N TRP B 50 -13.09 20.75 -10.51
CA TRP B 50 -13.75 22.01 -10.17
C TRP B 50 -13.63 22.34 -8.67
N ALA B 51 -13.73 21.32 -7.82
CA ALA B 51 -13.61 21.48 -6.37
C ALA B 51 -12.23 21.09 -5.82
N THR B 52 -11.19 21.24 -6.63
CA THR B 52 -9.82 21.01 -6.20
C THR B 52 -9.52 21.68 -4.85
N PRO B 53 -8.84 20.97 -3.92
CA PRO B 53 -8.29 19.61 -3.99
C PRO B 53 -9.15 18.55 -3.30
N LEU B 54 -10.46 18.75 -3.29
CA LEU B 54 -11.38 17.79 -2.66
C LEU B 54 -11.25 16.41 -3.32
N LYS B 55 -11.17 15.35 -2.52
CA LYS B 55 -10.85 14.01 -3.05
C LYS B 55 -12.04 13.06 -3.27
N GLY B 56 -13.24 13.52 -2.92
CA GLY B 56 -14.47 12.76 -3.12
C GLY B 56 -15.66 13.48 -2.50
N PHE B 57 -16.76 12.76 -2.32
CA PHE B 57 -17.84 13.32 -1.52
C PHE B 57 -17.34 13.52 -0.08
N MET B 58 -17.81 14.61 0.52
CA MET B 58 -17.24 15.09 1.78
C MET B 58 -17.40 14.14 2.95
N ARG B 59 -16.30 13.95 3.65
CA ARG B 59 -16.29 13.30 4.94
C ARG B 59 -16.87 14.29 5.93
N GLU B 60 -17.14 13.83 7.15
CA GLU B 60 -17.80 14.69 8.15
C GLU B 60 -16.96 15.93 8.49
N ALA B 61 -15.65 15.74 8.64
CA ALA B 61 -14.75 16.87 8.91
C ALA B 61 -14.85 17.96 7.83
N GLU B 62 -14.92 17.53 6.57
CA GLU B 62 -15.04 18.47 5.46
C GLU B 62 -16.40 19.16 5.43
N PHE B 63 -17.45 18.37 5.63
CA PHE B 63 -18.81 18.89 5.72
C PHE B 63 -18.95 19.98 6.79
N LEU B 64 -18.35 19.74 7.96
CA LEU B 64 -18.39 20.69 9.07
C LEU B 64 -17.62 21.98 8.78
N GLN B 65 -16.42 21.86 8.23
CA GLN B 65 -15.63 23.06 7.90
C GLN B 65 -16.36 23.93 6.88
N THR B 66 -17.00 23.25 5.93
CA THR B 66 -17.72 23.92 4.86
C THR B 66 -18.88 24.72 5.43
N LEU B 67 -19.70 24.08 6.27
CA LEU B 67 -20.89 24.71 6.84
C LEU B 67 -20.52 25.92 7.70
N HIS B 68 -19.56 25.70 8.59
CA HIS B 68 -19.20 26.66 9.61
C HIS B 68 -18.24 27.72 9.10
N PHE B 69 -17.28 27.30 8.30
CA PHE B 69 -16.17 28.19 7.96
C PHE B 69 -16.09 28.59 6.47
N ASN B 70 -16.89 27.95 5.61
CA ASN B 70 -16.77 28.13 4.16
C ASN B 70 -15.36 27.92 3.65
N SER B 71 -14.60 27.04 4.30
CA SER B 71 -13.24 26.72 3.86
C SER B 71 -12.80 25.30 4.22
N LEU B 72 -11.73 24.82 3.57
CA LEU B 72 -11.07 23.57 3.93
C LEU B 72 -9.63 23.84 4.30
N ARG B 73 -9.17 23.21 5.38
CA ARG B 73 -7.78 23.28 5.76
C ARG B 73 -7.00 22.19 5.01
N LEU B 74 -5.89 22.56 4.40
CA LEU B 74 -5.09 21.57 3.70
C LEU B 74 -4.11 20.96 4.68
N ASP B 75 -3.45 19.89 4.27
CA ASP B 75 -2.39 19.26 5.06
C ASP B 75 -1.28 20.19 5.48
N ASP B 76 -0.93 21.15 4.64
CA ASP B 76 0.09 22.13 5.02
C ASP B 76 -0.46 23.26 5.90
N GLY B 77 -1.69 23.13 6.36
CA GLY B 77 -2.26 24.11 7.26
C GLY B 77 -2.83 25.36 6.60
N SER B 78 -2.83 25.42 5.28
CA SER B 78 -3.45 26.56 4.62
C SER B 78 -4.90 26.24 4.26
N VAL B 79 -5.68 27.28 3.97
CA VAL B 79 -7.09 27.12 3.67
C VAL B 79 -7.43 27.52 2.24
N VAL B 80 -8.35 26.75 1.66
CA VAL B 80 -8.93 27.08 0.37
C VAL B 80 -10.40 27.33 0.60
N ASN B 81 -11.04 28.05 -0.32
CA ASN B 81 -12.45 28.33 -0.16
C ASN B 81 -13.23 27.04 -0.39
N MET B 82 -14.29 26.83 0.38
CA MET B 82 -15.21 25.70 0.14
C MET B 82 -16.53 26.00 0.83
N SER B 83 -17.45 26.58 0.08
CA SER B 83 -18.62 27.19 0.69
C SER B 83 -19.91 26.37 0.58
N VAL B 84 -19.90 25.32 -0.22
CA VAL B 84 -21.11 24.50 -0.36
C VAL B 84 -20.77 23.04 -0.12
N PRO B 85 -21.60 22.35 0.68
CA PRO B 85 -21.39 20.92 0.92
C PRO B 85 -21.51 20.12 -0.38
N ILE B 86 -20.50 19.29 -0.67
CA ILE B 86 -20.59 18.38 -1.79
C ILE B 86 -20.75 16.95 -1.23
N VAL B 87 -22.00 16.55 -1.07
CA VAL B 87 -22.30 15.35 -0.29
C VAL B 87 -23.23 14.42 -1.01
N LEU B 88 -23.18 13.15 -0.61
CA LEU B 88 -24.08 12.12 -1.13
C LEU B 88 -24.89 11.54 0.02
N ALA B 89 -26.22 11.61 -0.10
CA ALA B 89 -27.13 11.16 0.95
C ALA B 89 -27.67 9.77 0.68
N ILE B 90 -27.84 8.95 1.72
CA ILE B 90 -28.38 7.60 1.57
C ILE B 90 -29.40 7.20 2.64
N ASP B 91 -30.13 6.13 2.34
CA ASP B 91 -31.24 5.56 3.14
C ASP B 91 -30.76 4.77 4.34
N ASP B 92 -31.69 4.47 5.24
CA ASP B 92 -31.48 3.47 6.27
C ASP B 92 -31.28 2.12 5.61
N ALA B 93 -32.03 1.89 4.53
CA ALA B 93 -31.96 0.61 3.84
C ALA B 93 -30.64 0.52 3.10
N GLN B 94 -30.21 1.63 2.52
CA GLN B 94 -28.97 1.66 1.78
C GLN B 94 -27.76 1.45 2.71
N LYS B 95 -27.78 2.09 3.89
CA LYS B 95 -26.69 1.92 4.83
C LYS B 95 -26.57 0.47 5.33
N HIS B 96 -27.71 -0.18 5.54
CA HIS B 96 -27.72 -1.59 5.97
C HIS B 96 -27.15 -2.52 4.91
N ARG B 97 -27.54 -2.28 3.67
CA ARG B 97 -27.03 -3.03 2.53
C ARG B 97 -25.51 -2.83 2.36
N ILE B 98 -25.02 -1.65 2.73
CA ILE B 98 -23.59 -1.35 2.69
C ILE B 98 -22.83 -2.10 3.79
N GLY B 99 -23.43 -2.17 4.97
CA GLY B 99 -22.88 -2.89 6.10
C GLY B 99 -21.46 -2.45 6.50
N ASP B 100 -20.55 -3.41 6.43
CA ASP B 100 -19.17 -3.20 6.87
C ASP B 100 -18.21 -2.88 5.73
N ASN B 101 -18.72 -2.90 4.49
CA ASN B 101 -17.93 -2.57 3.31
C ASN B 101 -17.22 -1.21 3.33
N LYS B 102 -15.94 -1.20 2.94
CA LYS B 102 -15.16 0.03 2.89
C LYS B 102 -15.28 0.75 1.53
N LYS B 103 -15.61 0.00 0.49
CA LYS B 103 -15.86 0.55 -0.83
C LYS B 103 -17.33 0.41 -1.20
N VAL B 104 -17.86 1.38 -1.96
CA VAL B 104 -19.16 1.22 -2.62
C VAL B 104 -19.12 1.74 -4.06
N ALA B 105 -20.04 1.29 -4.89
CA ALA B 105 -20.08 1.72 -6.28
C ALA B 105 -21.30 2.60 -6.56
N LEU B 106 -21.12 3.55 -7.47
CA LEU B 106 -22.16 4.50 -7.84
C LEU B 106 -22.59 4.24 -9.28
N PHE B 107 -23.89 4.03 -9.46
CA PHE B 107 -24.47 3.73 -10.77
C PHE B 107 -25.46 4.82 -11.17
N ASP B 108 -25.51 5.18 -12.44
CA ASP B 108 -26.52 6.14 -12.89
C ASP B 108 -27.85 5.41 -13.06
N SER B 109 -28.90 6.15 -13.44
CA SER B 109 -30.11 5.50 -13.95
C SER B 109 -29.66 4.82 -15.23
N LYS B 110 -29.98 3.53 -15.37
CA LYS B 110 -29.25 2.52 -16.19
C LYS B 110 -28.24 1.86 -15.28
N GLY B 111 -28.23 0.54 -15.19
CA GLY B 111 -27.26 -0.13 -14.35
C GLY B 111 -25.79 0.07 -14.73
N ASP B 112 -25.45 1.23 -15.30
CA ASP B 112 -24.07 1.51 -15.68
C ASP B 112 -23.26 2.06 -14.52
N PRO B 113 -22.15 1.40 -14.19
CA PRO B 113 -21.29 1.85 -13.09
C PRO B 113 -20.59 3.16 -13.47
N VAL B 114 -20.53 4.12 -12.55
CA VAL B 114 -19.91 5.39 -12.91
C VAL B 114 -18.73 5.71 -12.01
N ALA B 115 -18.74 5.17 -10.80
CA ALA B 115 -17.68 5.47 -9.86
C ALA B 115 -17.58 4.45 -8.76
N ILE B 116 -16.42 4.46 -8.10
CA ILE B 116 -16.23 3.77 -6.86
C ILE B 116 -15.93 4.81 -5.76
N LEU B 117 -16.47 4.58 -4.57
CA LEU B 117 -16.18 5.42 -3.44
C LEU B 117 -15.33 4.62 -2.45
N ASN B 118 -14.08 5.04 -2.27
CA ASN B 118 -13.12 4.30 -1.44
C ASN B 118 -13.03 4.82 -0.01
N ASN B 119 -12.74 3.91 0.91
CA ASN B 119 -12.49 4.27 2.30
C ASN B 119 -13.64 5.06 2.86
N ILE B 120 -14.84 4.49 2.80
CA ILE B 120 -16.05 5.26 3.08
C ILE B 120 -16.29 5.56 4.55
N GLU B 121 -17.09 6.59 4.77
CA GLU B 121 -17.45 7.04 6.09
C GLU B 121 -18.92 7.44 6.04
N ILE B 122 -19.73 6.84 6.91
CA ILE B 122 -21.15 7.17 6.98
C ILE B 122 -21.49 7.92 8.24
N TYR B 123 -22.21 9.03 8.09
CA TYR B 123 -22.51 9.88 9.22
C TYR B 123 -23.87 10.54 9.13
N LYS B 124 -24.34 11.06 10.25
CA LYS B 124 -25.68 11.63 10.31
C LYS B 124 -25.84 12.86 9.40
N HIS B 125 -27.03 12.97 8.80
CA HIS B 125 -27.37 14.08 7.93
C HIS B 125 -28.25 15.08 8.71
N PRO B 126 -27.64 16.14 9.29
CA PRO B 126 -28.49 17.09 10.01
C PRO B 126 -29.11 18.09 9.05
N LYS B 127 -30.25 17.72 8.47
CA LYS B 127 -30.85 18.48 7.37
C LYS B 127 -31.16 19.93 7.68
N GLU B 128 -31.90 20.17 8.77
CA GLU B 128 -32.31 21.53 9.11
C GLU B 128 -31.10 22.44 9.29
N GLU B 129 -30.11 21.96 10.04
CA GLU B 129 -28.90 22.75 10.31
C GLU B 129 -28.10 22.99 9.04
N ARG B 130 -27.97 21.95 8.21
CA ARG B 130 -27.36 22.09 6.89
C ARG B 130 -28.03 23.19 6.05
N ILE B 131 -29.37 23.22 6.05
CA ILE B 131 -30.11 24.14 5.21
C ILE B 131 -29.95 25.56 5.75
N ALA B 132 -30.10 25.68 7.06
CA ALA B 132 -30.00 26.97 7.72
C ALA B 132 -28.64 27.63 7.48
N ARG B 133 -27.59 26.82 7.50
CA ARG B 133 -26.23 27.35 7.44
C ARG B 133 -25.79 27.68 6.02
N THR B 134 -26.27 26.90 5.06
CA THR B 134 -25.94 27.15 3.64
C THR B 134 -26.78 28.29 3.07
N TRP B 135 -28.09 28.31 3.41
CA TRP B 135 -29.04 29.24 2.78
C TRP B 135 -29.44 30.46 3.60
N GLY B 136 -29.23 30.43 4.91
CA GLY B 136 -29.58 31.55 5.76
C GLY B 136 -31.06 31.59 6.10
N THR B 137 -31.75 30.49 5.83
CA THR B 137 -33.16 30.44 6.12
C THR B 137 -33.56 28.98 6.07
N ILE B 138 -34.73 28.63 6.62
CA ILE B 138 -35.25 27.26 6.44
C ILE B 138 -36.65 27.19 5.84
N ALA B 139 -37.12 28.28 5.25
CA ALA B 139 -38.46 28.31 4.66
C ALA B 139 -38.62 27.21 3.61
N PRO B 140 -39.82 26.62 3.53
CA PRO B 140 -40.07 25.56 2.54
C PRO B 140 -40.13 26.19 1.16
N GLY B 141 -39.88 25.43 0.10
CA GLY B 141 -39.97 25.95 -1.25
C GLY B 141 -38.65 26.50 -1.78
N LEU B 142 -37.57 26.27 -1.05
CA LEU B 142 -36.23 26.48 -1.60
C LEU B 142 -36.01 25.34 -2.60
N PRO B 143 -35.90 25.68 -3.88
CA PRO B 143 -35.99 24.67 -4.97
C PRO B 143 -34.92 23.57 -4.93
N TYR B 144 -33.67 23.91 -4.66
CA TYR B 144 -32.62 22.90 -4.55
C TYR B 144 -32.84 22.02 -3.32
N VAL B 145 -33.21 22.67 -2.20
CA VAL B 145 -33.48 21.98 -0.95
C VAL B 145 -34.58 20.94 -1.14
N GLU B 146 -35.70 21.35 -1.72
CA GLU B 146 -36.81 20.44 -1.97
C GLU B 146 -36.40 19.31 -2.91
N GLN B 147 -35.47 19.60 -3.81
CA GLN B 147 -35.08 18.61 -4.82
C GLN B 147 -34.17 17.50 -4.28
N THR B 148 -33.28 17.83 -3.34
CA THR B 148 -32.25 16.87 -2.94
C THR B 148 -31.98 16.76 -1.43
N ILE B 149 -32.66 17.55 -0.62
CA ILE B 149 -32.38 17.47 0.81
C ILE B 149 -33.60 17.01 1.60
N THR B 150 -34.72 17.69 1.38
CA THR B 150 -35.94 17.48 2.15
C THR B 150 -36.36 16.02 2.24
N ASN B 151 -36.32 15.31 1.12
CA ASN B 151 -36.71 13.90 1.11
C ASN B 151 -35.53 12.94 1.03
N ALA B 152 -34.33 13.47 1.23
CA ALA B 152 -33.12 12.66 1.14
C ALA B 152 -33.00 11.69 2.31
N GLY B 153 -32.09 10.72 2.19
CA GLY B 153 -31.75 9.84 3.29
C GLY B 153 -31.17 10.60 4.47
N ASN B 154 -31.21 9.97 5.64
CA ASN B 154 -30.77 10.60 6.89
C ASN B 154 -29.30 10.40 7.19
N TRP B 155 -28.60 9.79 6.25
CA TRP B 155 -27.17 9.69 6.36
C TRP B 155 -26.45 10.33 5.19
N LEU B 156 -25.23 10.76 5.46
CA LEU B 156 -24.31 11.19 4.41
C LEU B 156 -23.19 10.14 4.32
N ILE B 157 -22.74 9.87 3.11
CA ILE B 157 -21.56 9.02 2.95
C ILE B 157 -20.46 9.77 2.20
N GLY B 158 -19.27 9.82 2.78
CA GLY B 158 -18.11 10.44 2.15
C GLY B 158 -17.04 9.42 1.80
N GLY B 159 -16.10 9.80 0.94
CA GLY B 159 -15.01 8.90 0.62
C GLY B 159 -14.11 9.42 -0.49
N ASP B 160 -13.10 8.63 -0.84
CA ASP B 160 -12.18 9.02 -1.90
C ASP B 160 -12.75 8.48 -3.21
N LEU B 161 -13.00 9.39 -4.15
CA LEU B 161 -13.75 9.03 -5.34
C LEU B 161 -12.86 8.61 -6.52
N GLU B 162 -13.24 7.52 -7.18
CA GLU B 162 -12.61 7.09 -8.44
C GLU B 162 -13.65 7.05 -9.55
N VAL B 163 -13.55 7.95 -10.53
CA VAL B 163 -14.56 7.98 -11.57
C VAL B 163 -14.11 7.19 -12.79
N ILE B 164 -14.92 6.21 -13.14
CA ILE B 164 -14.60 5.23 -14.15
C ILE B 164 -14.46 5.81 -15.56
N GLU B 165 -15.44 6.64 -15.95
CA GLU B 165 -15.49 7.18 -17.29
C GLU B 165 -15.89 8.63 -17.19
N PRO B 166 -15.28 9.50 -18.02
CA PRO B 166 -15.73 10.89 -18.10
C PRO B 166 -17.23 10.96 -18.34
N ILE B 167 -17.89 11.87 -17.63
CA ILE B 167 -19.35 11.94 -17.62
C ILE B 167 -19.89 12.63 -18.86
N GLN B 168 -20.86 12.00 -19.52
CA GLN B 168 -21.50 12.57 -20.70
C GLN B 168 -23.02 12.48 -20.59
N TYR B 169 -23.70 13.38 -21.30
CA TYR B 169 -25.14 13.49 -21.19
C TYR B 169 -25.85 13.12 -22.49
N ASN B 170 -25.12 13.26 -23.61
CA ASN B 170 -25.65 12.93 -24.92
C ASN B 170 -26.92 13.70 -25.24
N ASP B 171 -26.87 15.00 -24.95
CA ASP B 171 -27.99 15.90 -25.17
C ASP B 171 -27.61 16.91 -26.23
N GLY B 172 -26.49 16.66 -26.90
CA GLY B 172 -26.01 17.54 -27.94
C GLY B 172 -25.33 18.79 -27.41
N LEU B 173 -24.86 18.76 -26.17
CA LEU B 173 -24.13 19.90 -25.60
C LEU B 173 -22.80 19.51 -24.95
N ASP B 174 -22.40 18.25 -25.08
CA ASP B 174 -21.18 17.78 -24.43
C ASP B 174 -19.93 18.51 -24.93
N HIS B 175 -19.96 18.97 -26.17
CA HIS B 175 -18.83 19.68 -26.75
C HIS B 175 -18.71 21.10 -26.18
N PHE B 176 -19.66 21.50 -25.33
CA PHE B 176 -19.58 22.78 -24.64
C PHE B 176 -19.16 22.59 -23.20
N ARG B 177 -19.07 21.33 -22.78
CA ARG B 177 -18.74 21.00 -21.39
C ARG B 177 -17.24 20.78 -21.28
N LEU B 178 -16.50 21.88 -21.32
CA LEU B 178 -15.06 21.88 -21.24
C LEU B 178 -14.60 21.71 -19.79
N SER B 179 -13.70 20.77 -19.55
CA SER B 179 -13.11 20.60 -18.23
C SER B 179 -12.22 21.81 -17.88
N PRO B 180 -11.83 21.94 -16.61
CA PRO B 180 -10.78 22.90 -16.22
C PRO B 180 -9.47 22.74 -16.99
N THR B 181 -9.06 21.51 -17.27
CA THR B 181 -7.86 21.25 -18.05
C THR B 181 -8.00 21.75 -19.51
N GLN B 182 -9.16 21.49 -20.08
CA GLN B 182 -9.44 21.93 -21.44
C GLN B 182 -9.60 23.45 -21.53
N LEU B 183 -10.15 24.06 -20.48
CA LEU B 183 -10.29 25.50 -20.47
C LEU B 183 -8.91 26.18 -20.43
N ARG B 184 -8.06 25.75 -19.50
CA ARG B 184 -6.69 26.26 -19.40
C ARG B 184 -5.87 26.05 -20.67
N ALA B 185 -6.04 24.88 -21.31
CA ALA B 185 -5.40 24.61 -22.59
C ALA B 185 -5.86 25.65 -23.61
N GLU B 186 -7.16 25.92 -23.64
CA GLU B 186 -7.69 26.93 -24.57
C GLU B 186 -7.20 28.37 -24.27
N PHE B 187 -7.12 28.72 -22.99
CA PHE B 187 -6.63 30.06 -22.62
C PHE B 187 -5.16 30.23 -22.99
N THR B 188 -4.36 29.20 -22.77
CA THR B 188 -2.94 29.24 -23.14
C THR B 188 -2.76 29.20 -24.68
N ARG B 189 -3.71 28.57 -25.36
CA ARG B 189 -3.65 28.47 -26.81
C ARG B 189 -3.92 29.81 -27.48
N ARG B 190 -4.55 30.73 -26.76
CA ARG B 190 -4.87 32.07 -27.26
C ARG B 190 -3.84 33.08 -26.79
N ASN B 191 -2.80 32.58 -26.11
CA ASN B 191 -1.83 33.43 -25.44
C ASN B 191 -2.53 34.49 -24.59
N ALA B 192 -3.54 34.06 -23.84
CA ALA B 192 -4.33 34.97 -23.01
C ALA B 192 -3.54 35.41 -21.79
N ASP B 193 -3.49 36.71 -21.53
CA ASP B 193 -2.73 37.23 -20.39
C ASP B 193 -3.65 37.65 -19.26
N ALA B 194 -4.95 37.54 -19.50
CA ALA B 194 -5.95 37.72 -18.46
C ALA B 194 -7.22 37.01 -18.90
N VAL B 195 -7.80 36.23 -17.99
CA VAL B 195 -9.08 35.58 -18.25
C VAL B 195 -10.13 36.08 -17.27
N PHE B 196 -11.19 36.69 -17.79
CA PHE B 196 -12.26 37.12 -16.90
C PHE B 196 -13.49 36.26 -17.04
N ALA B 197 -13.96 35.79 -15.90
CA ALA B 197 -15.09 34.88 -15.87
C ALA B 197 -16.38 35.67 -15.77
N PHE B 198 -17.40 35.21 -16.48
CA PHE B 198 -18.75 35.69 -16.22
C PHE B 198 -19.67 34.51 -15.97
N GLN B 199 -19.85 34.17 -14.70
CA GLN B 199 -20.87 33.24 -14.22
C GLN B 199 -22.28 33.78 -14.48
N LEU B 200 -23.16 32.93 -14.98
CA LEU B 200 -24.57 33.30 -15.19
C LEU B 200 -25.45 32.06 -15.25
N ARG B 201 -26.76 32.28 -15.04
CA ARG B 201 -27.75 31.20 -15.08
C ARG B 201 -28.96 31.64 -15.90
N ASN B 202 -28.91 32.89 -16.40
CA ASN B 202 -30.02 33.50 -17.13
C ASN B 202 -29.61 33.88 -18.55
N PRO B 203 -30.60 34.17 -19.41
CA PRO B 203 -30.28 34.73 -20.74
C PRO B 203 -29.50 36.03 -20.61
N VAL B 204 -28.61 36.29 -21.55
CA VAL B 204 -27.79 37.50 -21.54
C VAL B 204 -28.58 38.70 -22.05
N HIS B 205 -28.89 39.65 -21.17
CA HIS B 205 -29.39 40.94 -21.66
C HIS B 205 -28.23 41.93 -21.78
N ASN B 206 -28.49 43.09 -22.37
CA ASN B 206 -27.42 44.05 -22.59
C ASN B 206 -26.86 44.71 -21.32
N GLY B 207 -27.55 44.54 -20.20
CA GLY B 207 -27.02 44.90 -18.90
C GLY B 207 -25.86 44.00 -18.50
N HIS B 208 -26.04 42.70 -18.73
CA HIS B 208 -24.99 41.72 -18.50
C HIS B 208 -23.81 42.06 -19.40
N ALA B 209 -24.16 42.43 -20.63
CA ALA B 209 -23.18 42.67 -21.66
C ALA B 209 -22.31 43.83 -21.24
N LEU B 210 -22.97 44.85 -20.69
CA LEU B 210 -22.27 46.05 -20.27
C LEU B 210 -21.18 45.68 -19.27
N LEU B 211 -21.48 44.73 -18.39
CA LEU B 211 -20.51 44.33 -17.37
C LEU B 211 -19.28 43.71 -18.02
N MET B 212 -19.53 42.92 -19.05
CA MET B 212 -18.46 42.20 -19.74
C MET B 212 -17.66 43.11 -20.66
N THR B 213 -18.33 43.99 -21.39
CA THR B 213 -17.61 44.92 -22.26
C THR B 213 -16.83 45.99 -21.47
N ASP B 214 -17.39 46.45 -20.36
CA ASP B 214 -16.70 47.41 -19.49
C ASP B 214 -15.45 46.78 -18.88
N THR B 215 -15.57 45.51 -18.48
CA THR B 215 -14.43 44.77 -17.96
C THR B 215 -13.32 44.66 -18.99
N ARG B 216 -13.68 44.34 -20.24
CA ARG B 216 -12.67 44.27 -21.30
C ARG B 216 -11.92 45.59 -21.41
N LYS B 217 -12.67 46.70 -21.43
CA LYS B 217 -12.06 48.02 -21.54
C LYS B 217 -11.15 48.30 -20.35
N ARG B 218 -11.62 47.98 -19.15
CA ARG B 218 -10.80 48.23 -17.97
C ARG B 218 -9.48 47.46 -18.04
N LEU B 219 -9.52 46.23 -18.55
CA LEU B 219 -8.32 45.40 -18.62
C LEU B 219 -7.38 45.92 -19.69
N LEU B 220 -7.92 46.46 -20.78
CA LEU B 220 -7.09 47.09 -21.79
C LEU B 220 -6.44 48.34 -21.22
N GLU B 221 -7.20 49.11 -20.45
CA GLU B 221 -6.69 50.32 -19.82
C GLU B 221 -5.65 49.96 -18.77
N MET B 222 -5.74 48.73 -18.28
CA MET B 222 -4.90 48.24 -17.19
C MET B 222 -3.51 47.83 -17.68
N GLY B 223 -3.42 47.51 -18.97
CA GLY B 223 -2.16 47.09 -19.55
C GLY B 223 -2.20 45.74 -20.25
N TYR B 224 -3.24 44.95 -20.01
CA TYR B 224 -3.34 43.65 -20.67
C TYR B 224 -3.52 43.81 -22.17
N LYS B 225 -2.94 42.89 -22.91
CA LYS B 225 -2.93 43.02 -24.35
C LYS B 225 -3.95 42.08 -25.00
N ASN B 226 -4.32 41.03 -24.28
CA ASN B 226 -5.19 40.01 -24.85
C ASN B 226 -6.14 39.43 -23.81
N PRO B 227 -7.05 40.26 -23.29
CA PRO B 227 -7.98 39.75 -22.27
C PRO B 227 -9.00 38.83 -22.91
N VAL B 228 -9.22 37.65 -22.33
CA VAL B 228 -10.20 36.73 -22.87
C VAL B 228 -11.40 36.57 -21.92
N LEU B 229 -12.60 36.64 -22.48
CA LEU B 229 -13.83 36.49 -21.72
C LEU B 229 -14.18 35.02 -21.62
N LEU B 230 -14.39 34.55 -20.40
CA LEU B 230 -14.92 33.22 -20.21
C LEU B 230 -16.41 33.36 -19.90
N LEU B 231 -17.23 33.16 -20.93
CA LEU B 231 -18.68 33.21 -20.77
C LEU B 231 -19.13 31.80 -20.34
N HIS B 232 -19.61 31.71 -19.10
CA HIS B 232 -19.74 30.42 -18.43
C HIS B 232 -21.10 30.11 -17.83
N PRO B 233 -22.13 29.87 -18.68
CA PRO B 233 -23.44 29.42 -18.17
C PRO B 233 -23.39 28.14 -17.33
N LEU B 234 -24.08 28.18 -16.19
CA LEU B 234 -24.25 27.02 -15.34
C LEU B 234 -25.23 26.06 -16.01
N GLY B 235 -24.90 24.76 -16.02
CA GLY B 235 -25.71 23.77 -16.71
C GLY B 235 -26.22 22.60 -15.89
N GLY B 236 -25.91 22.56 -14.60
CA GLY B 236 -26.49 21.57 -13.71
C GLY B 236 -27.94 21.91 -13.35
N TYR B 237 -28.52 21.18 -12.39
CA TYR B 237 -29.87 21.49 -11.92
C TYR B 237 -30.17 23.00 -11.79
N THR B 238 -31.26 23.43 -12.42
CA THR B 238 -31.82 24.75 -12.19
C THR B 238 -33.30 24.57 -11.89
N LYS B 239 -33.91 25.61 -11.30
CA LYS B 239 -35.32 25.55 -10.96
C LYS B 239 -36.21 25.61 -12.18
N ALA B 240 -37.44 25.15 -11.97
CA ALA B 240 -38.38 24.88 -13.06
C ALA B 240 -38.71 26.10 -13.92
N ASP B 241 -38.96 27.24 -13.29
CA ASP B 241 -39.43 28.41 -14.05
C ASP B 241 -38.31 29.23 -14.68
N ASP B 242 -37.09 28.72 -14.63
CA ASP B 242 -35.97 29.33 -15.34
C ASP B 242 -35.95 28.84 -16.79
N VAL B 243 -35.34 29.62 -17.68
CA VAL B 243 -35.08 29.17 -19.03
C VAL B 243 -34.08 28.01 -18.98
N PRO B 244 -34.45 26.87 -19.57
CA PRO B 244 -33.61 25.66 -19.62
C PRO B 244 -32.30 25.93 -20.34
N LEU B 245 -31.25 25.21 -19.93
CA LEU B 245 -29.90 25.37 -20.49
C LEU B 245 -29.84 25.40 -22.01
N ASP B 246 -30.51 24.46 -22.67
CA ASP B 246 -30.46 24.40 -24.13
C ASP B 246 -31.00 25.65 -24.82
N TRP B 247 -32.08 26.22 -24.29
CA TRP B 247 -32.60 27.47 -24.84
C TRP B 247 -31.62 28.59 -24.57
N ARG B 248 -30.97 28.53 -23.41
CA ARG B 248 -30.03 29.59 -23.04
C ARG B 248 -28.80 29.63 -23.95
N MET B 249 -28.26 28.47 -24.28
CA MET B 249 -27.14 28.40 -25.23
C MET B 249 -27.53 29.00 -26.59
N LYS B 250 -28.74 28.69 -27.05
CA LYS B 250 -29.29 29.25 -28.27
C LYS B 250 -29.31 30.77 -28.19
N GLN B 251 -29.81 31.26 -27.05
CA GLN B 251 -29.87 32.68 -26.82
C GLN B 251 -28.46 33.28 -26.82
N HIS B 252 -27.54 32.61 -26.11
CA HIS B 252 -26.16 33.10 -25.96
C HIS B 252 -25.49 33.19 -27.33
N GLU B 253 -25.69 32.15 -28.13
CA GLU B 253 -25.12 32.08 -29.48
C GLU B 253 -25.58 33.26 -30.34
N LYS B 254 -26.85 33.61 -30.22
CA LYS B 254 -27.41 34.79 -30.91
C LYS B 254 -26.80 36.11 -30.42
N VAL B 255 -26.57 36.22 -29.10
CA VAL B 255 -25.88 37.38 -28.56
C VAL B 255 -24.47 37.53 -29.17
N LEU B 256 -23.78 36.42 -29.38
CA LEU B 256 -22.42 36.44 -29.92
C LEU B 256 -22.41 36.77 -31.42
N GLU B 257 -23.37 36.19 -32.13
CA GLU B 257 -23.57 36.42 -33.54
C GLU B 257 -24.00 37.87 -33.84
N ASP B 258 -24.71 38.50 -32.90
CA ASP B 258 -25.14 39.90 -33.03
C ASP B 258 -24.00 40.90 -32.79
N GLY B 259 -22.91 40.43 -32.18
CA GLY B 259 -21.77 41.31 -31.95
C GLY B 259 -21.82 42.02 -30.61
N VAL B 260 -22.88 41.79 -29.84
CA VAL B 260 -22.99 42.34 -28.50
C VAL B 260 -21.81 41.89 -27.64
N LEU B 261 -21.43 40.63 -27.79
CA LEU B 261 -20.19 40.10 -27.26
C LEU B 261 -19.36 39.64 -28.45
N ASP B 262 -18.05 39.80 -28.36
CA ASP B 262 -17.16 39.49 -29.48
C ASP B 262 -16.65 38.03 -29.46
N PRO B 263 -17.10 37.22 -30.43
CA PRO B 263 -16.76 35.79 -30.48
C PRO B 263 -15.25 35.53 -30.57
N GLU B 264 -14.50 36.47 -31.15
CA GLU B 264 -13.05 36.35 -31.30
C GLU B 264 -12.32 36.30 -29.97
N THR B 265 -12.86 36.99 -28.97
CA THR B 265 -12.19 37.15 -27.68
C THR B 265 -13.02 36.57 -26.53
N THR B 266 -13.88 35.62 -26.87
CA THR B 266 -14.80 35.01 -25.90
C THR B 266 -14.72 33.49 -26.03
N VAL B 267 -14.67 32.80 -24.89
CA VAL B 267 -14.71 31.35 -24.86
C VAL B 267 -16.00 30.97 -24.15
N VAL B 268 -16.87 30.25 -24.84
CA VAL B 268 -18.14 29.83 -24.27
C VAL B 268 -18.07 28.37 -23.80
N SER B 269 -18.49 28.13 -22.57
CA SER B 269 -18.40 26.79 -22.01
C SER B 269 -19.45 26.62 -20.92
N ILE B 270 -19.82 25.37 -20.65
CA ILE B 270 -20.85 25.08 -19.66
C ILE B 270 -20.26 24.60 -18.33
N PHE B 271 -20.68 25.23 -17.24
CA PHE B 271 -20.24 24.91 -15.88
C PHE B 271 -21.20 23.86 -15.30
N PRO B 272 -20.71 22.64 -15.05
CA PRO B 272 -21.58 21.49 -14.80
C PRO B 272 -22.22 21.46 -13.42
N SER B 273 -21.89 22.40 -12.54
CA SER B 273 -22.46 22.40 -11.20
C SER B 273 -23.98 22.60 -11.16
N PRO B 274 -24.64 21.92 -10.22
CA PRO B 274 -26.02 22.24 -9.86
C PRO B 274 -26.07 23.66 -9.31
N MET B 275 -27.23 24.31 -9.41
CA MET B 275 -27.47 25.61 -8.77
C MET B 275 -28.12 25.45 -7.39
N HIS B 276 -27.54 26.09 -6.37
CA HIS B 276 -28.11 26.11 -5.03
C HIS B 276 -29.16 27.22 -4.81
N TYR B 277 -29.00 28.36 -5.49
CA TYR B 277 -29.74 29.58 -5.14
C TYR B 277 -29.47 29.95 -3.67
N ALA B 278 -28.19 30.03 -3.33
CA ALA B 278 -27.78 30.33 -1.96
C ALA B 278 -26.96 31.62 -1.84
N GLY B 279 -27.16 32.53 -2.80
CA GLY B 279 -26.61 33.87 -2.71
C GLY B 279 -25.13 33.96 -2.35
N PRO B 280 -24.81 34.73 -1.29
CA PRO B 280 -23.44 35.04 -0.85
C PRO B 280 -22.66 33.80 -0.43
N THR B 281 -23.35 32.78 0.05
CA THR B 281 -22.70 31.53 0.37
C THR B 281 -22.33 30.81 -0.94
N GLU B 282 -23.28 30.78 -1.87
CA GLU B 282 -23.04 30.09 -3.13
C GLU B 282 -22.06 30.83 -4.05
N VAL B 283 -22.06 32.16 -4.00
CA VAL B 283 -21.27 32.91 -4.95
C VAL B 283 -19.78 32.57 -4.78
N GLN B 284 -19.37 32.26 -3.54
CA GLN B 284 -18.00 31.83 -3.27
C GLN B 284 -17.63 30.61 -4.08
N TRP B 285 -18.53 29.64 -4.14
CA TRP B 285 -18.30 28.43 -4.92
C TRP B 285 -18.26 28.74 -6.41
N HIS B 286 -19.09 29.66 -6.86
CA HIS B 286 -18.99 30.09 -8.26
C HIS B 286 -17.60 30.67 -8.61
N ALA B 287 -17.03 31.45 -7.70
CA ALA B 287 -15.68 32.00 -7.89
C ALA B 287 -14.55 30.97 -7.77
N LYS B 288 -14.59 30.15 -6.72
CA LYS B 288 -13.62 29.10 -6.49
C LYS B 288 -13.45 28.19 -7.71
N ALA B 289 -14.56 27.76 -8.30
CA ALA B 289 -14.53 26.89 -9.47
C ALA B 289 -13.85 27.59 -10.66
N ARG B 290 -14.02 28.90 -10.73
CA ARG B 290 -13.45 29.65 -11.84
C ARG B 290 -11.94 29.85 -11.67
N ILE B 291 -11.49 29.96 -10.43
CA ILE B 291 -10.08 29.92 -10.13
C ILE B 291 -9.46 28.62 -10.64
N ASN B 292 -10.12 27.51 -10.33
CA ASN B 292 -9.62 26.23 -10.78
C ASN B 292 -9.71 26.09 -12.29
N ALA B 293 -10.60 26.85 -12.90
CA ALA B 293 -10.71 26.84 -14.36
C ALA B 293 -9.65 27.73 -15.03
N GLY B 294 -9.00 28.59 -14.27
CA GLY B 294 -7.93 29.40 -14.82
C GLY B 294 -8.29 30.85 -15.08
N ALA B 295 -9.43 31.29 -14.56
CA ALA B 295 -9.81 32.71 -14.62
C ALA B 295 -9.17 33.45 -13.45
N ASN B 296 -8.39 34.48 -13.74
CA ASN B 296 -7.84 35.28 -12.64
C ASN B 296 -8.67 36.55 -12.37
N PHE B 297 -9.69 36.80 -13.19
CA PHE B 297 -10.65 37.87 -12.94
C PHE B 297 -12.05 37.30 -12.85
N TYR B 298 -12.84 37.83 -11.93
CA TYR B 298 -14.19 37.34 -11.69
C TYR B 298 -15.20 38.49 -11.60
N ILE B 299 -16.17 38.51 -12.50
CA ILE B 299 -17.15 39.58 -12.51
C ILE B 299 -18.30 39.23 -11.58
N VAL B 300 -18.67 40.17 -10.71
CA VAL B 300 -19.84 39.98 -9.88
C VAL B 300 -20.71 41.24 -9.82
N GLY B 301 -22.03 41.05 -9.86
CA GLY B 301 -22.96 42.17 -9.81
C GLY B 301 -23.81 42.17 -8.56
N ARG B 302 -25.04 42.69 -8.68
CA ARG B 302 -26.00 42.67 -7.59
C ARG B 302 -26.64 41.29 -7.42
N ASP B 303 -26.86 40.90 -6.16
CA ASP B 303 -27.61 39.69 -5.82
C ASP B 303 -27.17 38.43 -6.57
N PRO B 304 -25.85 38.19 -6.68
CA PRO B 304 -25.47 36.96 -7.39
C PRO B 304 -26.02 35.73 -6.69
N ALA B 305 -26.47 34.75 -7.49
CA ALA B 305 -26.98 33.48 -6.97
C ALA B 305 -28.20 33.64 -6.08
N GLY B 306 -28.81 34.82 -6.12
CA GLY B 306 -29.96 35.13 -5.28
C GLY B 306 -31.27 34.66 -5.92
N MET B 307 -32.34 34.73 -5.15
CA MET B 307 -33.69 34.53 -5.65
C MET B 307 -34.65 35.11 -4.62
N SER B 308 -35.93 35.16 -4.97
CA SER B 308 -36.96 35.66 -4.08
CA SER B 308 -36.96 35.67 -4.06
C SER B 308 -37.22 34.67 -2.95
N HIS B 309 -37.44 35.19 -1.75
CA HIS B 309 -37.85 34.37 -0.62
C HIS B 309 -39.15 33.66 -1.02
N PRO B 310 -39.22 32.34 -0.84
CA PRO B 310 -40.39 31.55 -1.25
C PRO B 310 -41.67 32.00 -0.57
N VAL B 311 -41.55 32.55 0.63
CA VAL B 311 -42.72 32.88 1.42
C VAL B 311 -42.96 34.40 1.52
N GLU B 312 -41.90 35.15 1.80
CA GLU B 312 -41.99 36.58 2.05
C GLU B 312 -41.87 37.39 0.75
N LYS B 313 -42.35 38.64 0.77
CA LYS B 313 -42.27 39.50 -0.41
C LYS B 313 -40.97 40.29 -0.43
N ARG B 314 -39.87 39.56 -0.38
CA ARG B 314 -38.56 40.17 -0.43
C ARG B 314 -37.59 39.19 -1.03
N ASP B 315 -36.41 39.67 -1.34
CA ASP B 315 -35.33 38.83 -1.76
C ASP B 315 -34.83 38.02 -0.57
N LEU B 316 -34.26 36.85 -0.88
CA LEU B 316 -33.60 36.06 0.14
C LEU B 316 -32.46 36.86 0.77
N TYR B 317 -31.67 37.55 -0.06
CA TYR B 317 -30.41 38.19 0.35
C TYR B 317 -30.29 39.67 -0.03
N ASP B 318 -29.62 40.44 0.84
CA ASP B 318 -29.18 41.79 0.53
C ASP B 318 -28.36 41.76 -0.76
N ALA B 319 -28.72 42.58 -1.73
CA ALA B 319 -28.12 42.49 -3.07
C ALA B 319 -26.63 42.88 -3.07
N ASP B 320 -26.20 43.54 -2.01
CA ASP B 320 -24.80 43.93 -1.84
C ASP B 320 -23.90 42.90 -1.17
N HIS B 321 -24.50 41.90 -0.55
CA HIS B 321 -23.72 40.99 0.29
C HIS B 321 -22.80 40.05 -0.51
N GLY B 322 -23.25 39.58 -1.67
CA GLY B 322 -22.43 38.77 -2.55
C GLY B 322 -21.05 39.35 -2.86
N LYS B 323 -21.05 40.60 -3.33
CA LYS B 323 -19.80 41.35 -3.60
C LYS B 323 -18.93 41.37 -2.37
N LYS B 324 -19.50 41.85 -1.28
CA LYS B 324 -18.77 42.12 -0.05
C LYS B 324 -18.15 40.84 0.47
N VAL B 325 -18.98 39.79 0.54
CA VAL B 325 -18.56 38.48 1.06
C VAL B 325 -17.47 37.89 0.19
N LEU B 326 -17.69 37.96 -1.12
CA LEU B 326 -16.68 37.54 -2.09
C LEU B 326 -15.36 38.19 -1.77
N SER B 327 -15.41 39.50 -1.50
CA SER B 327 -14.17 40.27 -1.31
C SER B 327 -13.44 39.93 -0.01
N MET B 328 -14.10 39.22 0.90
CA MET B 328 -13.44 38.86 2.17
C MET B 328 -13.24 37.35 2.37
N ALA B 329 -13.75 36.55 1.43
CA ALA B 329 -13.79 35.10 1.56
C ALA B 329 -12.43 34.43 1.69
N PRO B 330 -12.31 33.48 2.62
CA PRO B 330 -11.03 32.77 2.77
C PRO B 330 -10.73 31.94 1.51
N GLY B 331 -9.48 32.00 1.04
CA GLY B 331 -9.07 31.29 -0.16
C GLY B 331 -9.36 31.99 -1.50
N LEU B 332 -9.97 33.18 -1.47
CA LEU B 332 -10.29 33.89 -2.71
C LEU B 332 -9.51 35.21 -2.86
N GLU B 333 -8.63 35.49 -1.91
CA GLU B 333 -7.85 36.73 -1.91
C GLU B 333 -7.07 36.94 -3.22
N ARG B 334 -6.48 35.87 -3.76
CA ARG B 334 -5.66 35.94 -4.97
C ARG B 334 -6.48 36.05 -6.26
N LEU B 335 -7.79 35.92 -6.16
CA LEU B 335 -8.65 36.09 -7.31
C LEU B 335 -8.98 37.58 -7.40
N ASN B 336 -8.91 38.16 -8.59
CA ASN B 336 -9.29 39.56 -8.74
C ASN B 336 -10.80 39.69 -8.94
N ILE B 337 -11.48 40.20 -7.91
CA ILE B 337 -12.92 40.39 -8.00
C ILE B 337 -13.22 41.73 -8.64
N LEU B 338 -14.11 41.74 -9.64
CA LEU B 338 -14.58 42.96 -10.28
C LEU B 338 -16.06 43.17 -9.96
N PRO B 339 -16.36 44.01 -8.95
CA PRO B 339 -17.76 44.26 -8.56
C PRO B 339 -18.44 45.33 -9.42
N PHE B 340 -19.74 45.16 -9.70
CA PHE B 340 -20.50 46.16 -10.44
C PHE B 340 -21.81 46.51 -9.77
N ARG B 341 -22.24 47.74 -9.97
CA ARG B 341 -23.55 48.17 -9.54
C ARG B 341 -24.60 47.63 -10.49
N VAL B 342 -25.87 47.78 -10.10
CA VAL B 342 -26.98 47.40 -10.97
C VAL B 342 -26.91 48.10 -12.34
N ALA B 343 -27.14 47.34 -13.41
CA ALA B 343 -27.38 47.96 -14.70
C ALA B 343 -28.88 47.83 -14.97
N ALA B 344 -29.47 48.86 -15.56
CA ALA B 344 -30.86 48.83 -15.94
C ALA B 344 -31.05 49.71 -17.16
N TYR B 345 -32.27 49.76 -17.68
CA TYR B 345 -32.52 50.45 -18.92
C TYR B 345 -32.73 51.96 -18.68
N ASP B 346 -31.86 52.78 -19.28
CA ASP B 346 -31.96 54.22 -19.13
C ASP B 346 -32.80 54.78 -20.26
N LYS B 347 -34.03 55.15 -19.95
CA LYS B 347 -34.92 55.78 -20.92
C LYS B 347 -34.32 57.02 -21.61
N THR B 348 -33.54 57.80 -20.89
CA THR B 348 -32.96 58.99 -21.49
C THR B 348 -31.86 58.66 -22.49
N GLN B 349 -31.46 57.39 -22.55
CA GLN B 349 -30.37 57.01 -23.43
C GLN B 349 -30.67 55.85 -24.36
N GLY B 350 -31.85 55.26 -24.22
CA GLY B 350 -32.23 54.14 -25.06
C GLY B 350 -31.26 52.96 -24.97
N LYS B 351 -30.58 52.82 -23.83
CA LYS B 351 -29.62 51.72 -23.69
C LYS B 351 -29.47 51.33 -22.24
N MET B 352 -28.82 50.21 -21.98
CA MET B 352 -28.58 49.77 -20.62
C MET B 352 -27.44 50.59 -20.05
N ALA B 353 -27.54 50.94 -18.78
CA ALA B 353 -26.53 51.78 -18.13
C ALA B 353 -26.60 51.54 -16.64
N PHE B 354 -25.56 51.92 -15.91
CA PHE B 354 -25.58 51.72 -14.47
C PHE B 354 -26.63 52.60 -13.84
N PHE B 355 -27.38 52.02 -12.91
CA PHE B 355 -28.46 52.71 -12.24
C PHE B 355 -27.96 53.97 -11.53
N ASP B 356 -28.71 55.06 -11.71
CA ASP B 356 -28.29 56.30 -11.07
C ASP B 356 -29.37 56.78 -10.11
N PRO B 357 -29.12 56.64 -8.81
CA PRO B 357 -30.12 56.88 -7.76
C PRO B 357 -30.48 58.35 -7.63
N SER B 358 -29.76 59.22 -8.32
CA SER B 358 -30.13 60.63 -8.35
C SER B 358 -31.21 60.88 -9.42
N ARG B 359 -31.49 59.89 -10.25
CA ARG B 359 -32.57 60.02 -11.23
C ARG B 359 -33.29 58.70 -11.50
N PRO B 360 -33.85 58.11 -10.44
CA PRO B 360 -34.36 56.74 -10.59
C PRO B 360 -35.51 56.68 -11.60
N GLN B 361 -36.23 57.78 -11.77
CA GLN B 361 -37.33 57.80 -12.71
C GLN B 361 -36.91 57.63 -14.18
N ASP B 362 -35.61 57.57 -14.45
CA ASP B 362 -35.16 57.32 -15.82
C ASP B 362 -34.97 55.83 -16.12
N PHE B 363 -35.07 54.97 -15.12
CA PHE B 363 -34.79 53.55 -15.33
C PHE B 363 -36.00 52.62 -15.31
N LEU B 364 -36.00 51.64 -16.23
CA LEU B 364 -36.94 50.53 -16.23
C LEU B 364 -36.20 49.26 -15.87
N PHE B 365 -36.76 48.51 -14.93
CA PHE B 365 -36.24 47.19 -14.58
C PHE B 365 -37.14 46.13 -15.21
N ILE B 366 -36.54 45.16 -15.91
CA ILE B 366 -37.29 44.05 -16.51
C ILE B 366 -36.91 42.72 -15.85
N SER B 367 -37.73 42.27 -14.89
CA SER B 367 -37.52 40.98 -14.23
C SER B 367 -37.78 39.81 -15.18
N GLY B 368 -37.36 38.61 -14.74
CA GLY B 368 -37.58 37.38 -15.50
C GLY B 368 -39.05 37.15 -15.79
N THR B 369 -39.89 37.45 -14.80
CA THR B 369 -41.34 37.27 -14.91
C THR B 369 -41.97 38.22 -15.93
N LYS B 370 -41.48 39.45 -15.94
CA LYS B 370 -41.98 40.47 -16.86
C LYS B 370 -41.67 40.12 -18.31
N MET B 371 -40.44 39.65 -18.53
CA MET B 371 -40.02 39.20 -19.86
C MET B 371 -41.01 38.16 -20.37
N ARG B 372 -41.18 37.13 -19.55
CA ARG B 372 -42.13 36.06 -19.80
C ARG B 372 -43.51 36.61 -20.16
N THR B 373 -44.05 37.43 -19.27
CA THR B 373 -45.31 38.14 -19.54
C THR B 373 -45.31 38.92 -20.86
N LEU B 374 -44.27 39.72 -21.10
CA LEU B 374 -44.16 40.45 -22.36
C LEU B 374 -44.21 39.53 -23.58
N ALA B 375 -43.48 38.40 -23.53
CA ALA B 375 -43.36 37.53 -24.69
C ALA B 375 -44.70 36.95 -25.10
N ARG B 376 -45.46 36.47 -24.12
CA ARG B 376 -46.77 35.88 -24.36
C ARG B 376 -47.81 36.89 -24.85
N ASN B 377 -47.39 38.13 -25.10
CA ASN B 377 -48.26 39.15 -25.69
C ASN B 377 -47.61 39.75 -26.90
N LYS B 378 -46.68 39.00 -27.48
CA LYS B 378 -45.93 39.45 -28.66
C LYS B 378 -45.38 40.86 -28.49
N GLU B 379 -45.07 41.22 -27.26
CA GLU B 379 -44.42 42.49 -26.98
C GLU B 379 -42.94 42.25 -26.89
N SER B 380 -42.17 43.32 -27.04
CA SER B 380 -40.74 43.25 -26.82
C SER B 380 -40.40 44.17 -25.65
N PRO B 381 -39.33 43.84 -24.93
CA PRO B 381 -38.76 44.80 -23.98
C PRO B 381 -38.32 46.04 -24.77
N PRO B 382 -38.02 47.14 -24.06
CA PRO B 382 -37.53 48.36 -24.72
C PRO B 382 -36.41 48.05 -25.69
N ASP B 383 -36.24 48.88 -26.69
CA ASP B 383 -35.21 48.62 -27.68
C ASP B 383 -33.86 48.89 -27.07
N GLY B 384 -32.98 47.90 -27.10
CA GLY B 384 -31.67 48.02 -26.49
C GLY B 384 -31.53 47.25 -25.18
N PHE B 385 -32.64 46.74 -24.66
CA PHE B 385 -32.62 45.93 -23.45
C PHE B 385 -31.91 44.60 -23.73
N MET B 386 -32.25 44.01 -24.87
CA MET B 386 -31.62 42.77 -25.32
C MET B 386 -31.52 42.84 -26.83
N CYS B 387 -30.47 42.23 -27.38
CA CYS B 387 -30.28 42.17 -28.83
C CYS B 387 -31.41 41.36 -29.46
N PRO B 388 -31.89 41.79 -30.65
CA PRO B 388 -33.04 41.20 -31.34
C PRO B 388 -32.93 39.68 -31.54
N GLY B 389 -31.75 39.20 -31.91
CA GLY B 389 -31.55 37.77 -32.13
C GLY B 389 -31.73 36.99 -30.85
N GLY B 390 -31.24 37.56 -29.76
CA GLY B 390 -31.34 36.92 -28.45
C GLY B 390 -32.78 36.91 -27.97
N TRP B 391 -33.48 38.01 -28.21
CA TRP B 391 -34.82 38.11 -27.69
C TRP B 391 -35.76 37.15 -28.42
N LYS B 392 -35.57 36.98 -29.73
CA LYS B 392 -36.43 36.09 -30.49
C LYS B 392 -36.28 34.62 -30.09
N VAL B 393 -35.10 34.22 -29.61
CA VAL B 393 -34.94 32.86 -29.11
C VAL B 393 -35.85 32.68 -27.91
N LEU B 394 -35.94 33.74 -27.09
CA LEU B 394 -36.77 33.69 -25.89
C LEU B 394 -38.26 33.70 -26.21
N VAL B 395 -38.67 34.43 -27.25
CA VAL B 395 -40.08 34.39 -27.61
C VAL B 395 -40.44 33.00 -28.13
N ASP B 396 -39.55 32.40 -28.92
CA ASP B 396 -39.71 31.00 -29.29
C ASP B 396 -39.82 30.13 -28.05
N TYR B 397 -39.00 30.40 -27.03
CA TYR B 397 -39.05 29.59 -25.81
C TYR B 397 -40.41 29.67 -25.13
N TYR B 398 -40.85 30.89 -24.84
CA TYR B 398 -42.10 31.06 -24.12
C TYR B 398 -43.33 30.59 -24.90
N ASP B 399 -43.23 30.58 -26.24
CA ASP B 399 -44.34 30.14 -27.09
C ASP B 399 -44.61 28.65 -26.92
N SER B 400 -43.60 27.92 -26.46
CA SER B 400 -43.69 26.48 -26.34
C SER B 400 -44.33 26.04 -25.02
N LEU B 401 -44.50 26.99 -24.09
CA LEU B 401 -45.04 26.69 -22.75
C LEU B 401 -46.57 26.50 -22.75
N VAL B 402 -47.07 25.80 -21.73
CA VAL B 402 -48.47 25.37 -21.68
C VAL B 402 -49.15 25.64 -20.31
N LEU B 403 -50.40 26.12 -20.36
CA LEU B 403 -51.21 26.37 -19.18
C LEU B 403 -51.96 25.12 -18.73
N SER B 404 -52.12 24.98 -17.41
CA SER B 404 -52.81 23.83 -16.82
C SER B 404 -53.15 24.06 -15.34
N MET C 1 5.44 31.23 30.26
CA MET C 1 4.84 32.42 29.66
C MET C 1 3.46 32.11 29.12
N LEU C 2 2.47 32.89 29.51
CA LEU C 2 1.09 32.61 29.13
C LEU C 2 0.89 32.67 27.63
N ILE C 3 -0.18 32.02 27.18
CA ILE C 3 -0.56 32.08 25.77
C ILE C 3 -0.88 33.54 25.40
N GLU C 4 -0.44 33.99 24.24
CA GLU C 4 -0.70 35.36 23.83
C GLU C 4 -2.16 35.55 23.44
N PRO C 5 -2.73 36.71 23.75
CA PRO C 5 -4.07 37.09 23.29
C PRO C 5 -4.11 37.23 21.77
N ASP C 6 -5.29 37.11 21.19
CA ASP C 6 -5.43 37.28 19.74
C ASP C 6 -4.89 38.62 19.28
N GLY C 7 -4.16 38.60 18.16
CA GLY C 7 -3.54 39.81 17.66
C GLY C 7 -2.29 40.22 18.43
N GLY C 8 -1.92 39.48 19.48
CA GLY C 8 -0.70 39.80 20.21
C GLY C 8 -0.87 40.46 21.59
N LYS C 9 -1.81 41.40 21.71
CA LYS C 9 -2.08 42.03 23.00
C LYS C 9 -3.57 42.29 23.24
N LEU C 10 -3.97 42.26 24.51
CA LEU C 10 -5.33 42.63 24.88
C LEU C 10 -5.66 44.00 24.33
N VAL C 11 -6.87 44.16 23.82
CA VAL C 11 -7.38 45.45 23.41
C VAL C 11 -8.52 45.82 24.36
N GLU C 12 -8.16 46.54 25.43
CA GLU C 12 -9.13 47.05 26.38
C GLU C 12 -9.73 48.36 25.86
N LEU C 13 -10.99 48.61 26.19
CA LEU C 13 -11.72 49.73 25.63
C LEU C 13 -12.19 50.76 26.68
N VAL C 14 -11.74 50.61 27.92
CA VAL C 14 -12.05 51.55 29.00
C VAL C 14 -11.11 52.77 28.96
N VAL C 15 -11.67 53.95 29.19
CA VAL C 15 -10.87 55.17 29.11
C VAL C 15 -9.96 55.32 30.33
N THR C 16 -8.93 56.14 30.18
CA THR C 16 -8.01 56.42 31.27
C THR C 16 -8.74 57.12 32.42
N ASP C 17 -8.20 57.01 33.63
CA ASP C 17 -8.80 57.71 34.75
C ASP C 17 -8.89 59.22 34.50
N PHE C 18 -7.91 59.78 33.78
CA PHE C 18 -7.97 61.19 33.40
C PHE C 18 -9.14 61.59 32.48
N GLU C 19 -9.48 60.74 31.52
CA GLU C 19 -10.47 61.12 30.52
C GLU C 19 -11.89 60.77 30.95
N ARG C 20 -11.99 60.09 32.08
CA ARG C 20 -13.26 59.57 32.57
C ARG C 20 -14.35 60.61 32.74
N ASP C 21 -14.10 61.63 33.55
CA ASP C 21 -15.10 62.67 33.75
C ASP C 21 -15.32 63.54 32.49
N LEU C 22 -14.25 63.81 31.75
CA LEU C 22 -14.39 64.42 30.42
C LEU C 22 -15.33 63.62 29.50
N LYS C 23 -15.24 62.29 29.56
CA LYS C 23 -16.08 61.44 28.71
C LYS C 23 -17.55 61.44 29.15
N LYS C 24 -17.77 61.54 30.45
CA LYS C 24 -19.12 61.66 30.97
C LYS C 24 -19.82 62.91 30.43
N GLY C 25 -19.11 64.04 30.43
CA GLY C 25 -19.68 65.29 29.94
C GLY C 25 -19.87 65.30 28.43
N GLU C 26 -18.97 64.62 27.72
CA GLU C 26 -19.12 64.53 26.28
C GLU C 26 -20.36 63.70 25.95
N ALA C 27 -20.55 62.61 26.68
CA ALA C 27 -21.67 61.70 26.48
C ALA C 27 -23.00 62.39 26.74
N LEU C 28 -23.01 63.28 27.72
CA LEU C 28 -24.25 63.92 28.15
C LEU C 28 -24.78 64.85 27.04
N SER C 29 -23.92 65.19 26.08
CA SER C 29 -24.31 66.08 24.99
C SER C 29 -24.54 65.42 23.61
N LEU C 30 -24.49 64.09 23.56
CA LEU C 30 -24.66 63.37 22.29
C LEU C 30 -26.06 62.76 22.17
N PRO C 31 -26.42 62.26 20.97
CA PRO C 31 -27.66 61.46 20.92
C PRO C 31 -27.50 60.21 21.78
N ARG C 32 -28.55 59.86 22.50
CA ARG C 32 -28.48 58.80 23.51
C ARG C 32 -29.26 57.57 23.12
N ILE C 33 -28.64 56.42 23.33
CA ILE C 33 -29.27 55.13 23.16
C ILE C 33 -29.27 54.43 24.51
N LYS C 34 -30.44 54.02 24.96
CA LYS C 34 -30.57 53.30 26.23
C LYS C 34 -30.25 51.81 26.05
N LEU C 35 -29.27 51.32 26.79
CA LEU C 35 -28.89 49.91 26.69
C LEU C 35 -29.84 49.00 27.45
N SER C 36 -30.17 47.86 26.84
CA SER C 36 -30.83 46.80 27.60
C SER C 36 -29.78 46.10 28.50
N ARG C 37 -30.24 45.20 29.37
CA ARG C 37 -29.31 44.41 30.18
C ARG C 37 -28.32 43.62 29.32
N ILE C 38 -28.79 43.02 28.22
CA ILE C 38 -27.88 42.27 27.39
C ILE C 38 -26.88 43.17 26.62
N ASP C 39 -27.36 44.27 26.03
CA ASP C 39 -26.46 45.30 25.48
C ASP C 39 -25.35 45.66 26.47
N LEU C 40 -25.73 45.89 27.72
CA LEU C 40 -24.75 46.34 28.72
C LEU C 40 -23.76 45.21 28.98
N GLU C 41 -24.24 43.99 28.94
CA GLU C 41 -23.37 42.85 29.19
C GLU C 41 -22.36 42.70 28.06
N TRP C 42 -22.78 43.02 26.83
CA TRP C 42 -21.87 43.02 25.70
C TRP C 42 -20.83 44.14 25.82
N VAL C 43 -21.28 45.31 26.27
CA VAL C 43 -20.33 46.39 26.53
C VAL C 43 -19.26 45.90 27.51
N HIS C 44 -19.69 45.15 28.53
CA HIS C 44 -18.78 44.64 29.55
C HIS C 44 -17.75 43.68 28.92
N VAL C 45 -18.25 42.78 28.06
CA VAL C 45 -17.39 41.86 27.31
C VAL C 45 -16.38 42.62 26.47
N LEU C 46 -16.89 43.58 25.70
CA LEU C 46 -16.02 44.40 24.84
C LEU C 46 -14.93 45.14 25.62
N SER C 47 -15.34 45.84 26.68
CA SER C 47 -14.46 46.72 27.43
C SER C 47 -13.21 46.03 27.93
N GLU C 48 -13.38 44.80 28.41
CA GLU C 48 -12.32 44.11 29.13
C GLU C 48 -11.41 43.31 28.20
N GLY C 49 -11.76 43.28 26.92
CA GLY C 49 -10.94 42.62 25.91
C GLY C 49 -11.19 41.14 25.69
N TRP C 50 -12.32 40.62 26.15
CA TRP C 50 -12.69 39.23 25.89
C TRP C 50 -12.73 38.93 24.40
N ALA C 51 -13.18 39.92 23.64
CA ALA C 51 -13.27 39.80 22.18
C ALA C 51 -12.10 40.47 21.47
N THR C 52 -10.95 40.55 22.12
CA THR C 52 -9.75 41.09 21.49
C THR C 52 -9.52 40.45 20.12
N PRO C 53 -9.21 41.26 19.08
CA PRO C 53 -8.90 42.69 18.98
C PRO C 53 -10.05 43.59 18.48
N LEU C 54 -11.26 43.14 18.69
CA LEU C 54 -12.47 43.86 18.27
C LEU C 54 -12.52 45.26 18.89
N LYS C 55 -12.84 46.27 18.08
CA LYS C 55 -12.76 47.67 18.53
C LYS C 55 -14.06 48.30 19.04
N GLY C 56 -15.14 47.52 19.01
CA GLY C 56 -16.43 47.97 19.48
C GLY C 56 -17.51 47.05 18.96
N PHE C 57 -18.74 47.56 18.95
CA PHE C 57 -19.84 46.85 18.33
C PHE C 57 -19.52 46.71 16.84
N MET C 58 -19.83 45.55 16.28
CA MET C 58 -19.40 45.18 14.94
C MET C 58 -19.97 46.03 13.80
N ARG C 59 -19.09 46.38 12.88
CA ARG C 59 -19.49 47.03 11.64
C ARG C 59 -19.98 45.92 10.71
N GLU C 60 -20.63 46.32 9.61
CA GLU C 60 -21.22 45.33 8.72
C GLU C 60 -20.22 44.30 8.20
N ALA C 61 -19.02 44.76 7.83
CA ALA C 61 -17.94 43.90 7.35
C ALA C 61 -17.54 42.85 8.40
N GLU C 62 -17.64 43.20 9.68
CA GLU C 62 -17.27 42.25 10.74
C GLU C 62 -18.40 41.26 11.00
N PHE C 63 -19.61 41.80 10.98
CA PHE C 63 -20.85 41.04 11.09
C PHE C 63 -20.90 39.94 10.03
N LEU C 64 -20.63 40.31 8.79
CA LEU C 64 -20.68 39.35 7.67
C LEU C 64 -19.63 38.25 7.84
N GLN C 65 -18.41 38.65 8.21
CA GLN C 65 -17.32 37.70 8.35
C GLN C 65 -17.65 36.67 9.43
N THR C 66 -18.22 37.18 10.52
CA THR C 66 -18.57 36.36 11.68
C THR C 66 -19.60 35.32 11.25
N LEU C 67 -20.69 35.77 10.64
CA LEU C 67 -21.78 34.89 10.25
C LEU C 67 -21.29 33.81 9.30
N HIS C 68 -20.56 34.24 8.28
CA HIS C 68 -20.16 33.34 7.19
C HIS C 68 -18.93 32.52 7.51
N PHE C 69 -17.93 33.16 8.13
CA PHE C 69 -16.62 32.51 8.28
C PHE C 69 -16.24 32.12 9.71
N ASN C 70 -16.97 32.63 10.70
CA ASN C 70 -16.63 32.53 12.12
C ASN C 70 -15.20 33.03 12.40
N SER C 71 -14.75 33.99 11.60
CA SER C 71 -13.42 34.55 11.78
C SER C 71 -13.42 36.05 11.45
N LEU C 72 -12.41 36.77 11.96
CA LEU C 72 -12.14 38.14 11.53
C LEU C 72 -10.74 38.25 10.93
N ARG C 73 -10.68 38.99 9.84
CA ARG C 73 -9.41 39.31 9.21
C ARG C 73 -8.80 40.53 9.90
N LEU C 74 -7.53 40.39 10.30
CA LEU C 74 -6.77 41.51 10.88
C LEU C 74 -5.99 42.28 9.80
N ASP C 75 -5.47 43.44 10.19
CA ASP C 75 -4.67 44.26 9.28
C ASP C 75 -3.43 43.54 8.76
N ASP C 76 -2.78 42.75 9.61
CA ASP C 76 -1.60 42.00 9.17
C ASP C 76 -1.92 40.82 8.26
N GLY C 77 -3.20 40.57 8.03
CA GLY C 77 -3.60 39.49 7.15
C GLY C 77 -3.98 38.21 7.87
N SER C 78 -3.77 38.14 9.18
CA SER C 78 -4.12 36.92 9.90
C SER C 78 -5.61 36.91 10.23
N VAL C 79 -6.14 35.73 10.54
CA VAL C 79 -7.50 35.65 11.03
C VAL C 79 -7.51 35.28 12.52
N VAL C 80 -8.48 35.81 13.25
CA VAL C 80 -8.75 35.30 14.60
C VAL C 80 -10.16 34.71 14.60
N ASN C 81 -10.43 33.84 15.56
CA ASN C 81 -11.79 33.32 15.68
C ASN C 81 -12.75 34.44 16.05
N MET C 82 -13.96 34.39 15.50
CA MET C 82 -15.04 35.29 15.88
C MET C 82 -16.35 34.66 15.42
N SER C 83 -17.04 33.98 16.31
CA SER C 83 -18.12 33.10 15.85
C SER C 83 -19.53 33.59 16.18
N VAL C 84 -19.63 34.59 17.05
CA VAL C 84 -20.93 35.17 17.40
C VAL C 84 -20.92 36.67 17.12
N PRO C 85 -21.97 37.18 16.46
CA PRO C 85 -22.08 38.63 16.24
C PRO C 85 -22.15 39.37 17.56
N ILE C 86 -21.34 40.41 17.71
CA ILE C 86 -21.41 41.28 18.89
C ILE C 86 -21.89 42.64 18.37
N VAL C 87 -23.20 42.83 18.44
CA VAL C 87 -23.85 43.93 17.76
C VAL C 87 -24.85 44.66 18.64
N LEU C 88 -25.23 45.85 18.19
CA LEU C 88 -26.19 46.67 18.92
C LEU C 88 -27.31 47.06 17.94
N ALA C 89 -28.56 46.79 18.32
CA ALA C 89 -29.67 47.01 17.41
C ALA C 89 -30.45 48.24 17.85
N ILE C 90 -30.97 48.98 16.88
CA ILE C 90 -31.79 50.16 17.14
C ILE C 90 -33.05 50.25 16.24
N ASP C 91 -34.05 50.96 16.77
CA ASP C 91 -35.28 51.42 16.11
C ASP C 91 -35.09 52.29 14.89
N ASP C 92 -36.15 52.41 14.08
CA ASP C 92 -36.21 53.48 13.08
C ASP C 92 -36.20 54.84 13.80
N ALA C 93 -36.90 54.89 14.93
CA ALA C 93 -36.98 56.12 15.71
C ALA C 93 -35.62 56.54 16.27
N GLN C 94 -34.81 55.54 16.65
CA GLN C 94 -33.49 55.83 17.20
C GLN C 94 -32.56 56.27 16.08
N LYS C 95 -32.65 55.59 14.95
CA LYS C 95 -31.87 55.92 13.76
C LYS C 95 -32.11 57.35 13.30
N HIS C 96 -33.36 57.77 13.35
CA HIS C 96 -33.74 59.09 12.90
C HIS C 96 -33.23 60.14 13.89
N ARG C 97 -33.36 59.85 15.18
CA ARG C 97 -32.86 60.72 16.22
C ARG C 97 -31.33 60.86 16.16
N ILE C 98 -30.64 59.81 15.72
CA ILE C 98 -29.18 59.86 15.54
C ILE C 98 -28.80 60.75 14.35
N GLY C 99 -29.57 60.65 13.27
CA GLY C 99 -29.37 61.51 12.11
C GLY C 99 -28.00 61.34 11.49
N ASP C 100 -27.31 62.45 11.29
CA ASP C 100 -25.97 62.41 10.68
C ASP C 100 -24.84 62.50 11.69
N ASN C 101 -25.18 62.33 12.97
CA ASN C 101 -24.15 62.22 14.00
C ASN C 101 -23.21 61.04 13.78
N LYS C 102 -21.92 61.25 14.05
CA LYS C 102 -20.91 60.22 13.90
C LYS C 102 -20.60 59.55 15.23
N LYS C 103 -21.04 60.17 16.32
CA LYS C 103 -20.89 59.62 17.66
C LYS C 103 -22.24 59.48 18.35
N VAL C 104 -22.42 58.40 19.10
CA VAL C 104 -23.57 58.33 20.01
C VAL C 104 -23.11 57.90 21.39
N ALA C 105 -23.90 58.24 22.40
CA ALA C 105 -23.61 57.81 23.77
C ALA C 105 -24.53 56.68 24.21
N LEU C 106 -23.96 55.68 24.89
CA LEU C 106 -24.74 54.57 25.44
C LEU C 106 -25.01 54.77 26.94
N PHE C 107 -26.27 54.57 27.31
CA PHE C 107 -26.74 54.89 28.66
C PHE C 107 -27.34 53.68 29.37
N ASP C 108 -27.08 53.62 30.67
CA ASP C 108 -27.66 52.67 31.63
C ASP C 108 -29.16 52.64 31.57
N SER C 109 -29.74 51.54 32.03
CA SER C 109 -31.16 51.54 32.38
C SER C 109 -31.47 52.57 33.46
N LYS C 110 -30.48 52.95 34.26
CA LYS C 110 -30.74 53.92 35.32
C LYS C 110 -30.23 55.32 35.00
N GLY C 111 -29.99 55.60 33.72
CA GLY C 111 -29.81 56.97 33.26
C GLY C 111 -28.38 57.49 33.21
N ASP C 112 -27.42 56.61 33.46
CA ASP C 112 -26.02 57.00 33.48
C ASP C 112 -25.31 56.74 32.16
N PRO C 113 -24.42 57.68 31.79
CA PRO C 113 -23.56 57.52 30.61
C PRO C 113 -22.54 56.41 30.86
N VAL C 114 -22.52 55.42 29.99
CA VAL C 114 -21.75 54.20 30.18
C VAL C 114 -20.62 54.09 29.14
N ALA C 115 -20.88 54.58 27.94
CA ALA C 115 -19.90 54.50 26.87
C ALA C 115 -20.19 55.45 25.73
N ILE C 116 -19.20 55.67 24.88
CA ILE C 116 -19.41 56.40 23.64
C ILE C 116 -19.01 55.56 22.44
N LEU C 117 -19.87 55.54 21.44
CA LEU C 117 -19.61 54.80 20.21
C LEU C 117 -19.26 55.80 19.09
N ASN C 118 -18.03 55.69 18.59
CA ASN C 118 -17.44 56.67 17.67
C ASN C 118 -17.41 56.15 16.25
N ASN C 119 -17.37 57.09 15.29
CA ASN C 119 -17.34 56.80 13.85
C ASN C 119 -18.35 55.72 13.53
N ILE C 120 -19.61 55.97 13.85
CA ILE C 120 -20.63 54.96 13.74
C ILE C 120 -20.97 54.62 12.30
N GLU C 121 -21.43 53.41 12.08
CA GLU C 121 -22.12 53.09 10.84
C GLU C 121 -23.40 52.36 11.18
N ILE C 122 -24.44 52.67 10.42
CA ILE C 122 -25.72 52.05 10.62
C ILE C 122 -26.04 51.22 9.39
N TYR C 123 -26.47 49.99 9.62
CA TYR C 123 -26.79 49.10 8.53
C TYR C 123 -27.97 48.20 8.88
N LYS C 124 -28.42 47.44 7.90
CA LYS C 124 -29.63 46.65 8.05
C LYS C 124 -29.44 45.43 8.97
N HIS C 125 -30.49 45.10 9.71
CA HIS C 125 -30.49 43.95 10.57
C HIS C 125 -31.26 42.84 9.86
N PRO C 126 -30.56 41.93 9.19
CA PRO C 126 -31.24 40.81 8.53
C PRO C 126 -31.47 39.67 9.52
N LYS C 127 -32.56 39.77 10.27
CA LYS C 127 -32.81 38.91 11.42
C LYS C 127 -32.86 37.40 11.15
N GLU C 128 -33.63 37.00 10.14
CA GLU C 128 -33.77 35.60 9.82
C GLU C 128 -32.41 35.00 9.42
N GLU C 129 -31.72 35.68 8.52
CA GLU C 129 -30.42 35.21 8.07
C GLU C 129 -29.44 35.12 9.24
N ARG C 130 -29.40 36.17 10.06
CA ARG C 130 -28.57 36.14 11.24
C ARG C 130 -28.85 34.92 12.13
N ILE C 131 -30.13 34.71 12.48
CA ILE C 131 -30.49 33.59 13.36
C ILE C 131 -30.14 32.23 12.72
N ALA C 132 -30.53 32.05 11.47
CA ALA C 132 -30.18 30.83 10.72
C ALA C 132 -28.67 30.53 10.75
N ARG C 133 -27.84 31.51 10.46
CA ARG C 133 -26.40 31.26 10.39
C ARG C 133 -25.72 31.08 11.76
N THR C 134 -26.28 31.67 12.81
CA THR C 134 -25.71 31.53 14.13
C THR C 134 -26.20 30.29 14.86
N TRP C 135 -27.49 30.01 14.75
CA TRP C 135 -28.09 28.88 15.45
C TRP C 135 -28.27 27.60 14.62
N GLY C 136 -28.19 27.69 13.30
CA GLY C 136 -28.40 26.52 12.48
C GLY C 136 -29.85 26.12 12.47
N THR C 137 -30.70 27.05 12.86
CA THR C 137 -32.13 26.84 12.83
C THR C 137 -32.86 28.17 12.94
N ILE C 138 -34.15 28.12 12.69
CA ILE C 138 -35.07 29.23 12.91
C ILE C 138 -36.26 28.55 13.55
N ALA C 139 -36.64 28.99 14.73
CA ALA C 139 -37.73 28.37 15.46
C ALA C 139 -38.01 29.30 16.61
N PRO C 140 -39.29 29.50 16.93
CA PRO C 140 -39.67 30.34 18.07
C PRO C 140 -39.25 29.64 19.35
N GLY C 141 -38.88 30.40 20.37
CA GLY C 141 -38.49 29.79 21.63
C GLY C 141 -37.00 29.64 21.87
N LEU C 142 -36.16 30.13 20.97
CA LEU C 142 -34.72 30.20 21.25
C LEU C 142 -34.53 31.36 22.23
N PRO C 143 -34.15 31.05 23.47
CA PRO C 143 -34.24 32.05 24.53
C PRO C 143 -33.43 33.32 24.24
N TYR C 144 -32.21 33.18 23.72
CA TYR C 144 -31.41 34.37 23.46
C TYR C 144 -32.01 35.14 22.29
N VAL C 145 -32.55 34.40 21.32
CA VAL C 145 -33.12 35.02 20.14
C VAL C 145 -34.35 35.83 20.56
N GLU C 146 -35.25 35.18 21.28
CA GLU C 146 -36.44 35.85 21.77
C GLU C 146 -36.09 37.06 22.63
N GLN C 147 -35.09 36.89 23.49
CA GLN C 147 -34.71 37.94 24.42
C GLN C 147 -34.17 39.18 23.71
N THR C 148 -33.40 39.02 22.63
CA THR C 148 -32.71 40.18 22.07
C THR C 148 -32.74 40.38 20.53
N ILE C 149 -33.30 39.45 19.79
CA ILE C 149 -33.37 39.62 18.34
C ILE C 149 -34.79 39.80 17.79
N THR C 150 -35.68 38.89 18.15
CA THR C 150 -37.05 38.88 17.62
C THR C 150 -37.74 40.23 17.61
N ASN C 151 -37.65 40.95 18.72
CA ASN C 151 -38.28 42.26 18.84
C ASN C 151 -37.30 43.42 18.72
N ALA C 152 -36.06 43.13 18.36
CA ALA C 152 -35.07 44.21 18.20
C ALA C 152 -35.38 45.07 16.98
N GLY C 153 -34.73 46.22 16.89
CA GLY C 153 -34.89 47.09 15.76
C GLY C 153 -34.33 46.47 14.49
N ASN C 154 -34.66 47.08 13.37
CA ASN C 154 -34.26 46.56 12.09
C ASN C 154 -32.90 47.09 11.65
N TRP C 155 -32.22 47.79 12.55
CA TRP C 155 -30.92 48.33 12.22
C TRP C 155 -29.90 47.90 13.24
N LEU C 156 -28.67 47.72 12.76
CA LEU C 156 -27.54 47.51 13.65
C LEU C 156 -26.63 48.72 13.53
N ILE C 157 -25.97 49.05 14.63
CA ILE C 157 -25.03 50.16 14.64
C ILE C 157 -23.69 49.69 15.19
N GLY C 158 -22.63 49.91 14.42
CA GLY C 158 -21.29 49.58 14.88
C GLY C 158 -20.38 50.80 14.99
N GLY C 159 -19.27 50.61 15.68
CA GLY C 159 -18.25 51.63 15.71
C GLY C 159 -17.22 51.31 16.78
N ASP C 160 -16.41 52.31 17.08
CA ASP C 160 -15.31 52.17 18.00
C ASP C 160 -15.82 52.54 19.39
N LEU C 161 -15.66 51.61 20.32
CA LEU C 161 -16.23 51.80 21.64
C LEU C 161 -15.27 52.38 22.69
N GLU C 162 -15.70 53.46 23.34
CA GLU C 162 -14.99 54.00 24.49
C GLU C 162 -15.85 53.80 25.72
N VAL C 163 -15.41 52.93 26.63
CA VAL C 163 -16.19 52.64 27.84
C VAL C 163 -15.68 53.54 28.95
N ILE C 164 -16.61 54.18 29.66
CA ILE C 164 -16.28 55.28 30.56
C ILE C 164 -15.82 54.79 31.93
N GLU C 165 -16.57 53.87 32.50
CA GLU C 165 -16.20 53.23 33.75
C GLU C 165 -16.33 51.73 33.62
N PRO C 166 -15.50 50.99 34.36
CA PRO C 166 -15.62 49.53 34.44
C PRO C 166 -17.04 49.15 34.84
N ILE C 167 -17.62 48.20 34.12
CA ILE C 167 -18.99 47.81 34.38
C ILE C 167 -19.11 47.03 35.70
N GLN C 168 -20.10 47.43 36.51
CA GLN C 168 -20.38 46.81 37.80
C GLN C 168 -21.86 46.69 37.94
N TYR C 169 -22.32 45.55 38.42
CA TYR C 169 -23.76 45.34 38.56
C TYR C 169 -24.26 45.55 39.99
N ASN C 170 -23.34 45.64 40.95
CA ASN C 170 -23.70 45.85 42.36
C ASN C 170 -24.66 44.78 42.86
N ASP C 171 -24.39 43.52 42.50
CA ASP C 171 -25.24 42.40 42.85
C ASP C 171 -24.58 41.54 43.91
N GLY C 172 -23.36 41.89 44.29
CA GLY C 172 -22.68 41.14 45.32
C GLY C 172 -21.68 40.15 44.74
N LEU C 173 -21.64 40.06 43.41
CA LEU C 173 -20.73 39.11 42.77
C LEU C 173 -19.62 39.80 41.99
N ASP C 174 -19.55 41.13 42.05
CA ASP C 174 -18.59 41.85 41.16
C ASP C 174 -17.13 41.48 41.41
N HIS C 175 -16.81 41.17 42.66
CA HIS C 175 -15.45 40.79 43.02
C HIS C 175 -15.06 39.43 42.47
N PHE C 176 -15.99 38.75 41.79
CA PHE C 176 -15.69 37.51 41.11
C PHE C 176 -15.61 37.68 39.60
N ARG C 177 -16.03 38.85 39.12
CA ARG C 177 -15.92 39.18 37.71
C ARG C 177 -14.52 39.70 37.37
N LEU C 178 -13.57 38.78 37.33
CA LEU C 178 -12.21 39.10 36.97
C LEU C 178 -12.08 39.33 35.46
N SER C 179 -11.38 40.40 35.09
CA SER C 179 -11.08 40.70 33.69
C SER C 179 -10.02 39.75 33.19
N PRO C 180 -9.84 39.69 31.86
CA PRO C 180 -8.70 38.89 31.39
C PRO C 180 -7.37 39.40 31.93
N THR C 181 -7.24 40.72 32.14
CA THR C 181 -5.99 41.27 32.65
C THR C 181 -5.72 40.74 34.05
N GLN C 182 -6.75 40.74 34.88
CA GLN C 182 -6.64 40.22 36.25
C GLN C 182 -6.41 38.71 36.30
N LEU C 183 -7.13 37.95 35.48
CA LEU C 183 -6.90 36.50 35.38
C LEU C 183 -5.42 36.17 35.04
N ARG C 184 -4.92 36.80 33.98
CA ARG C 184 -3.51 36.67 33.62
C ARG C 184 -2.59 37.03 34.79
N ALA C 185 -2.92 38.09 35.54
CA ALA C 185 -2.07 38.50 36.67
C ALA C 185 -2.09 37.47 37.77
N GLU C 186 -3.26 36.88 38.01
CA GLU C 186 -3.39 35.82 39.02
C GLU C 186 -2.65 34.54 38.63
N PHE C 187 -2.65 34.22 37.33
CA PHE C 187 -1.96 33.04 36.87
C PHE C 187 -0.45 33.18 37.03
N THR C 188 0.11 34.29 36.55
CA THR C 188 1.55 34.50 36.63
C THR C 188 2.03 34.62 38.10
N ARG C 189 1.19 35.24 38.94
CA ARG C 189 1.42 35.28 40.38
C ARG C 189 1.55 33.89 41.01
N ARG C 190 0.86 32.91 40.44
CA ARG C 190 0.93 31.52 40.91
C ARG C 190 2.00 30.75 40.17
N ASN C 191 2.66 31.40 39.21
CA ASN C 191 3.70 30.75 38.38
C ASN C 191 3.16 29.51 37.69
N ALA C 192 1.95 29.62 37.17
CA ALA C 192 1.32 28.55 36.41
C ALA C 192 2.06 28.30 35.10
N ASP C 193 2.42 27.04 34.85
CA ASP C 193 3.04 26.71 33.58
C ASP C 193 2.03 26.13 32.59
N ALA C 194 0.79 25.99 33.05
CA ALA C 194 -0.31 25.57 32.19
C ALA C 194 -1.60 25.99 32.86
N VAL C 195 -2.50 26.57 32.08
CA VAL C 195 -3.80 26.98 32.59
C VAL C 195 -4.89 26.29 31.78
N PHE C 196 -5.69 25.49 32.45
CA PHE C 196 -6.79 24.83 31.78
C PHE C 196 -8.15 25.36 32.24
N ALA C 197 -8.95 25.75 31.25
CA ALA C 197 -10.28 26.33 31.44
C ALA C 197 -11.39 25.27 31.53
N PHE C 198 -12.38 25.56 32.37
CA PHE C 198 -13.64 24.83 32.31
C PHE C 198 -14.79 25.81 32.23
N GLN C 199 -15.25 26.02 31.00
CA GLN C 199 -16.47 26.75 30.75
C GLN C 199 -17.68 25.91 31.20
N LEU C 200 -18.60 26.55 31.92
CA LEU C 200 -19.83 25.86 32.32
C LEU C 200 -20.95 26.86 32.56
N ARG C 201 -22.19 26.37 32.47
CA ARG C 201 -23.38 27.18 32.75
C ARG C 201 -24.24 26.51 33.81
N ASN C 202 -23.89 25.27 34.15
CA ASN C 202 -24.70 24.47 35.07
C ASN C 202 -24.01 24.21 36.41
N PRO C 203 -24.76 23.70 37.40
CA PRO C 203 -24.13 23.25 38.66
C PRO C 203 -23.07 22.19 38.39
N VAL C 204 -22.04 22.12 39.22
CA VAL C 204 -20.98 21.15 39.00
C VAL C 204 -21.34 19.80 39.62
N HIS C 205 -21.57 18.78 38.78
CA HIS C 205 -21.68 17.44 39.32
C HIS C 205 -20.34 16.73 39.17
N ASN C 206 -20.27 15.52 39.70
CA ASN C 206 -19.02 14.77 39.72
C ASN C 206 -18.56 14.23 38.36
N GLY C 207 -19.44 14.29 37.36
CA GLY C 207 -19.04 14.02 36.00
C GLY C 207 -18.18 15.17 35.47
N HIS C 208 -18.61 16.40 35.75
CA HIS C 208 -17.81 17.58 35.41
C HIS C 208 -16.46 17.52 36.14
N ALA C 209 -16.49 17.15 37.41
CA ALA C 209 -15.27 17.01 38.20
C ALA C 209 -14.29 15.98 37.62
N LEU C 210 -14.84 14.90 37.10
CA LEU C 210 -14.00 13.85 36.51
C LEU C 210 -13.14 14.46 35.39
N LEU C 211 -13.79 15.21 34.49
CA LEU C 211 -13.10 15.88 33.38
C LEU C 211 -11.96 16.76 33.87
N MET C 212 -12.25 17.56 34.90
CA MET C 212 -11.26 18.48 35.48
C MET C 212 -10.13 17.75 36.20
N THR C 213 -10.45 16.78 37.06
CA THR C 213 -9.40 16.03 37.75
C THR C 213 -8.55 15.14 36.82
N ASP C 214 -9.15 14.63 35.76
CA ASP C 214 -8.39 13.86 34.77
C ASP C 214 -7.47 14.79 34.00
N THR C 215 -7.95 15.99 33.71
CA THR C 215 -7.13 16.96 33.01
C THR C 215 -5.86 17.29 33.79
N ARG C 216 -6.03 17.69 35.05
CA ARG C 216 -4.91 17.96 35.94
C ARG C 216 -3.97 16.77 35.96
N LYS C 217 -4.54 15.58 36.03
CA LYS C 217 -3.73 14.37 36.03
C LYS C 217 -2.92 14.26 34.75
N ARG C 218 -3.55 14.56 33.60
CA ARG C 218 -2.86 14.42 32.33
C ARG C 218 -1.76 15.47 32.18
N LEU C 219 -2.04 16.71 32.58
CA LEU C 219 -1.03 17.76 32.52
C LEU C 219 0.22 17.44 33.36
N LEU C 220 0.04 16.86 34.54
CA LEU C 220 1.17 16.40 35.34
C LEU C 220 1.98 15.33 34.59
N GLU C 221 1.28 14.36 34.01
CA GLU C 221 1.92 13.31 33.22
C GLU C 221 2.64 13.85 31.99
N MET C 222 2.32 15.08 31.58
CA MET C 222 2.98 15.70 30.44
C MET C 222 4.22 16.47 30.92
N GLY C 223 4.38 16.55 32.22
CA GLY C 223 5.52 17.24 32.80
C GLY C 223 5.27 18.65 33.29
N TYR C 224 4.05 19.18 33.10
CA TYR C 224 3.72 20.47 33.72
C TYR C 224 3.82 20.36 35.25
N LYS C 225 4.36 21.39 35.89
CA LYS C 225 4.64 21.36 37.32
C LYS C 225 3.56 22.05 38.15
N ASN C 226 2.93 23.07 37.59
CA ASN C 226 1.91 23.82 38.32
C ASN C 226 0.67 24.17 37.48
N PRO C 227 -0.09 23.16 37.05
CA PRO C 227 -1.29 23.43 36.25
C PRO C 227 -2.44 24.03 37.07
N VAL C 228 -3.06 25.09 36.57
CA VAL C 228 -4.11 25.77 37.31
C VAL C 228 -5.44 25.68 36.58
N LEU C 229 -6.46 25.23 37.31
CA LEU C 229 -7.78 25.10 36.73
C LEU C 229 -8.45 26.46 36.81
N LEU C 230 -8.99 26.90 35.67
CA LEU C 230 -9.82 28.10 35.63
C LEU C 230 -11.27 27.65 35.58
N LEU C 231 -11.92 27.69 36.74
CA LEU C 231 -13.32 27.30 36.84
C LEU C 231 -14.11 28.54 36.52
N HIS C 232 -14.81 28.51 35.38
CA HIS C 232 -15.24 29.76 34.77
C HIS C 232 -16.71 29.75 34.38
N PRO C 233 -17.61 29.74 35.40
CA PRO C 233 -19.05 29.82 35.13
C PRO C 233 -19.41 31.08 34.33
N LEU C 234 -20.31 30.92 33.37
CA LEU C 234 -20.78 32.04 32.58
C LEU C 234 -21.84 32.80 33.39
N GLY C 235 -21.75 34.12 33.38
CA GLY C 235 -22.60 34.94 34.24
C GLY C 235 -23.48 36.01 33.59
N GLY C 236 -23.45 36.12 32.26
CA GLY C 236 -24.41 36.93 31.53
C GLY C 236 -25.80 36.30 31.43
N TYR C 237 -26.63 36.80 30.52
CA TYR C 237 -27.97 36.26 30.34
C TYR C 237 -28.00 34.73 30.21
N THR C 238 -28.91 34.08 30.93
CA THR C 238 -29.15 32.66 30.74
C THR C 238 -30.65 32.47 30.79
N LYS C 239 -31.15 31.36 30.25
CA LYS C 239 -32.59 31.19 30.19
C LYS C 239 -33.21 30.96 31.56
N ALA C 240 -34.54 31.09 31.63
CA ALA C 240 -35.22 31.32 32.89
C ALA C 240 -35.22 30.11 33.81
N ASP C 241 -35.41 28.93 33.23
CA ASP C 241 -35.51 27.71 34.02
C ASP C 241 -34.19 27.24 34.64
N ASP C 242 -33.06 27.68 34.09
CA ASP C 242 -31.75 27.29 34.60
C ASP C 242 -31.56 27.79 36.04
N VAL C 243 -30.62 27.18 36.76
CA VAL C 243 -30.21 27.66 38.08
C VAL C 243 -29.47 28.99 37.93
N PRO C 244 -29.95 30.04 38.62
CA PRO C 244 -29.32 31.37 38.53
C PRO C 244 -27.91 31.41 39.07
N LEU C 245 -27.13 32.33 38.52
CA LEU C 245 -25.73 32.57 38.86
C LEU C 245 -25.38 32.56 40.34
N ASP C 246 -26.17 33.25 41.16
CA ASP C 246 -25.83 33.34 42.58
C ASP C 246 -25.93 31.97 43.29
N TRP C 247 -26.95 31.20 42.95
CA TRP C 247 -27.09 29.85 43.50
C TRP C 247 -25.98 28.95 42.97
N ARG C 248 -25.64 29.14 41.70
CA ARG C 248 -24.57 28.38 41.07
C ARG C 248 -23.23 28.63 41.74
N MET C 249 -22.95 29.88 42.05
CA MET C 249 -21.70 30.23 42.76
C MET C 249 -21.66 29.59 44.15
N LYS C 250 -22.80 29.58 44.84
CA LYS C 250 -22.89 28.92 46.14
C LYS C 250 -22.66 27.43 45.98
N GLN C 251 -23.16 26.89 44.88
CA GLN C 251 -23.01 25.47 44.63
C GLN C 251 -21.55 25.12 44.36
N HIS C 252 -20.90 25.93 43.52
CA HIS C 252 -19.48 25.76 43.21
C HIS C 252 -18.60 25.94 44.44
N GLU C 253 -19.01 26.81 45.33
CA GLU C 253 -18.26 27.03 46.55
C GLU C 253 -18.26 25.77 47.41
N LYS C 254 -19.40 25.08 47.41
CA LYS C 254 -19.59 23.89 48.24
C LYS C 254 -18.83 22.71 47.65
N VAL C 255 -18.74 22.68 46.33
CA VAL C 255 -17.93 21.69 45.61
C VAL C 255 -16.45 21.88 45.99
N LEU C 256 -16.01 23.12 46.10
CA LEU C 256 -14.62 23.37 46.48
C LEU C 256 -14.33 23.02 47.94
N GLU C 257 -15.32 23.19 48.80
CA GLU C 257 -15.12 22.89 50.21
C GLU C 257 -15.03 21.39 50.44
N ASP C 258 -15.77 20.63 49.65
CA ASP C 258 -15.80 19.19 49.82
C ASP C 258 -14.56 18.52 49.26
N GLY C 259 -13.75 19.26 48.51
CA GLY C 259 -12.47 18.76 48.00
C GLY C 259 -12.56 18.00 46.70
N VAL C 260 -13.77 17.86 46.17
CA VAL C 260 -14.02 17.26 44.86
C VAL C 260 -13.18 17.94 43.79
N LEU C 261 -13.13 19.27 43.86
CA LEU C 261 -12.18 20.10 43.13
C LEU C 261 -11.25 20.74 44.17
N ASP C 262 -9.97 20.91 43.84
CA ASP C 262 -9.02 21.47 44.82
C ASP C 262 -8.91 23.01 44.76
N PRO C 263 -9.36 23.70 45.83
CA PRO C 263 -9.35 25.17 45.87
C PRO C 263 -7.95 25.79 45.81
N GLU C 264 -6.95 25.01 46.20
CA GLU C 264 -5.54 25.44 46.16
C GLU C 264 -4.99 25.64 44.74
N THR C 265 -5.56 24.94 43.76
CA THR C 265 -5.04 24.96 42.39
C THR C 265 -6.16 25.29 41.40
N THR C 266 -7.21 25.92 41.93
CA THR C 266 -8.34 26.38 41.15
C THR C 266 -8.50 27.89 41.28
N VAL C 267 -8.66 28.57 40.16
CA VAL C 267 -9.12 29.96 40.17
C VAL C 267 -10.57 30.03 39.73
N VAL C 268 -11.45 30.51 40.59
CA VAL C 268 -12.87 30.65 40.23
C VAL C 268 -13.17 32.08 39.83
N SER C 269 -13.93 32.25 38.75
CA SER C 269 -14.19 33.57 38.22
C SER C 269 -15.40 33.52 37.31
N ILE C 270 -16.08 34.65 37.16
CA ILE C 270 -17.32 34.72 36.38
C ILE C 270 -17.09 35.33 35.00
N PHE C 271 -17.41 34.55 33.97
CA PHE C 271 -17.29 34.99 32.58
C PHE C 271 -18.54 35.78 32.20
N PRO C 272 -18.38 37.09 31.94
CA PRO C 272 -19.53 38.01 31.86
C PRO C 272 -20.36 37.92 30.60
N SER C 273 -19.97 37.07 29.65
CA SER C 273 -20.72 36.99 28.39
C SER C 273 -22.15 36.51 28.57
N PRO C 274 -23.09 37.06 27.80
CA PRO C 274 -24.39 36.38 27.72
C PRO C 274 -24.25 34.99 27.07
N MET C 275 -25.22 34.12 27.32
CA MET C 275 -25.27 32.79 26.71
C MET C 275 -26.17 32.76 25.46
N HIS C 276 -25.65 32.25 24.35
CA HIS C 276 -26.47 32.19 23.13
C HIS C 276 -27.28 30.90 23.04
N TYR C 277 -26.80 29.82 23.67
CA TYR C 277 -27.30 28.47 23.44
C TYR C 277 -27.21 28.11 21.95
N ALA C 278 -26.03 28.32 21.39
CA ALA C 278 -25.81 28.15 19.96
C ALA C 278 -24.79 27.05 19.60
N GLY C 279 -24.56 26.12 20.54
CA GLY C 279 -23.82 24.90 20.26
C GLY C 279 -22.43 25.07 19.68
N PRO C 280 -22.15 24.36 18.58
CA PRO C 280 -20.81 24.39 17.98
C PRO C 280 -20.42 25.77 17.47
N THR C 281 -21.39 26.60 17.08
CA THR C 281 -21.07 27.98 16.72
C THR C 281 -20.60 28.73 17.97
N GLU C 282 -21.36 28.61 19.06
CA GLU C 282 -21.05 29.35 20.29
C GLU C 282 -19.83 28.85 21.05
N VAL C 283 -19.57 27.54 21.02
CA VAL C 283 -18.42 26.98 21.74
C VAL C 283 -17.09 27.62 21.27
N GLN C 284 -17.03 28.04 20.01
CA GLN C 284 -15.84 28.72 19.49
C GLN C 284 -15.58 30.01 20.27
N TRP C 285 -16.64 30.78 20.49
CA TRP C 285 -16.60 31.97 21.34
C TRP C 285 -16.21 31.66 22.79
N HIS C 286 -16.70 30.57 23.36
CA HIS C 286 -16.27 30.23 24.70
C HIS C 286 -14.76 29.96 24.75
N ALA C 287 -14.24 29.32 23.72
CA ALA C 287 -12.81 28.99 23.68
C ALA C 287 -11.98 30.25 23.48
N LYS C 288 -12.37 31.04 22.48
CA LYS C 288 -11.62 32.24 22.12
C LYS C 288 -11.53 33.26 23.28
N ALA C 289 -12.63 33.45 23.99
CA ALA C 289 -12.63 34.26 25.19
C ALA C 289 -11.61 33.74 26.22
N ARG C 290 -11.46 32.42 26.30
CA ARG C 290 -10.53 31.81 27.26
C ARG C 290 -9.06 31.93 26.81
N ILE C 291 -8.83 31.98 25.51
CA ILE C 291 -7.50 32.29 25.00
C ILE C 291 -7.09 33.68 25.51
N ASN C 292 -7.94 34.66 25.27
CA ASN C 292 -7.71 36.01 25.76
C ASN C 292 -7.52 36.12 27.27
N ALA C 293 -8.16 35.24 28.02
CA ALA C 293 -7.98 35.17 29.48
C ALA C 293 -6.66 34.49 29.90
N GLY C 294 -5.97 33.86 28.95
CA GLY C 294 -4.71 33.20 29.29
C GLY C 294 -4.82 31.68 29.53
N ALA C 295 -5.92 31.06 29.13
CA ALA C 295 -6.01 29.60 29.18
C ALA C 295 -5.36 29.02 27.93
N ASN C 296 -4.39 28.15 28.10
CA ASN C 296 -3.82 27.50 26.93
C ASN C 296 -4.33 26.09 26.73
N PHE C 297 -5.12 25.60 27.67
CA PHE C 297 -5.81 24.32 27.54
C PHE C 297 -7.31 24.58 27.71
N TYR C 298 -8.12 23.92 26.90
CA TYR C 298 -9.55 24.11 26.95
C TYR C 298 -10.31 22.77 27.04
N ILE C 299 -11.00 22.55 28.16
CA ILE C 299 -11.74 21.30 28.34
C ILE C 299 -13.08 21.39 27.61
N VAL C 300 -13.43 20.33 26.89
CA VAL C 300 -14.72 20.30 26.19
C VAL C 300 -15.30 18.89 26.20
N GLY C 301 -16.60 18.79 26.42
CA GLY C 301 -17.27 17.50 26.43
C GLY C 301 -18.39 17.39 25.42
N ARG C 302 -19.42 16.66 25.80
CA ARG C 302 -20.56 16.35 24.96
C ARG C 302 -21.48 17.56 24.89
N ASP C 303 -21.94 17.88 23.67
CA ASP C 303 -22.98 18.87 23.43
C ASP C 303 -22.72 20.21 24.15
N PRO C 304 -21.49 20.75 24.02
CA PRO C 304 -21.26 22.04 24.69
C PRO C 304 -22.16 23.14 24.15
N ALA C 305 -22.66 23.98 25.05
CA ALA C 305 -23.51 25.11 24.67
C ALA C 305 -24.80 24.69 23.95
N GLY C 306 -25.14 23.40 24.04
CA GLY C 306 -26.35 22.91 23.41
C GLY C 306 -27.60 23.14 24.24
N MET C 307 -28.75 22.76 23.68
CA MET C 307 -30.01 22.77 24.41
C MET C 307 -31.01 22.05 23.54
N SER C 308 -32.12 21.66 24.13
CA SER C 308 -33.14 21.00 23.34
C SER C 308 -33.76 21.92 22.30
N HIS C 309 -34.15 21.38 21.14
CA HIS C 309 -34.91 22.15 20.17
C HIS C 309 -36.19 22.60 20.87
N PRO C 310 -36.53 23.89 20.74
CA PRO C 310 -37.63 24.46 21.53
C PRO C 310 -39.01 24.04 21.05
N VAL C 311 -39.08 23.46 19.86
CA VAL C 311 -40.36 23.11 19.25
C VAL C 311 -40.47 21.61 19.00
N GLU C 312 -39.39 21.01 18.51
CA GLU C 312 -39.37 19.59 18.18
C GLU C 312 -38.68 18.73 19.22
N LYS C 313 -38.78 17.42 19.04
CA LYS C 313 -38.31 16.46 20.05
C LYS C 313 -36.97 15.88 19.63
N ARG C 314 -35.93 16.67 19.81
CA ARG C 314 -34.58 16.29 19.45
C ARG C 314 -33.69 17.38 20.00
N ASP C 315 -32.40 17.09 20.09
CA ASP C 315 -31.47 18.13 20.45
C ASP C 315 -31.25 19.06 19.24
N LEU C 316 -30.98 20.33 19.52
CA LEU C 316 -30.59 21.31 18.51
C LEU C 316 -29.36 20.83 17.72
N TYR C 317 -28.40 20.20 18.41
CA TYR C 317 -27.14 19.84 17.78
C TYR C 317 -26.69 18.40 18.02
N ASP C 318 -25.98 17.86 17.04
CA ASP C 318 -25.20 16.66 17.22
C ASP C 318 -24.24 16.85 18.39
N ALA C 319 -24.36 15.99 19.40
CA ALA C 319 -23.55 16.14 20.61
C ALA C 319 -22.03 16.02 20.41
N ASP C 320 -21.61 15.45 19.28
CA ASP C 320 -20.18 15.34 19.01
C ASP C 320 -19.61 16.52 18.25
N HIS C 321 -20.46 17.41 17.74
CA HIS C 321 -19.98 18.48 16.84
C HIS C 321 -19.17 19.60 17.50
N GLY C 322 -19.54 19.98 18.72
CA GLY C 322 -18.80 20.98 19.47
C GLY C 322 -17.31 20.70 19.52
N LYS C 323 -16.94 19.48 19.94
CA LYS C 323 -15.54 19.02 19.98
C LYS C 323 -14.87 19.17 18.63
N LYS C 324 -15.49 18.60 17.61
CA LYS C 324 -14.88 18.50 16.29
C LYS C 324 -14.62 19.87 15.72
N VAL C 325 -15.67 20.68 15.70
CA VAL C 325 -15.64 22.04 15.18
C VAL C 325 -14.52 22.86 15.84
N LEU C 326 -14.52 22.84 17.17
CA LEU C 326 -13.44 23.42 17.97
C LEU C 326 -12.04 23.01 17.46
N SER C 327 -11.86 21.73 17.16
CA SER C 327 -10.54 21.26 16.76
C SER C 327 -10.13 21.72 15.36
N MET C 328 -11.08 22.27 14.61
CA MET C 328 -10.80 22.74 13.25
C MET C 328 -11.00 24.25 13.07
N ALA C 329 -11.52 24.92 14.11
CA ALA C 329 -11.91 26.32 13.99
C ALA C 329 -10.74 27.27 13.68
N PRO C 330 -10.96 28.25 12.79
CA PRO C 330 -9.87 29.15 12.41
C PRO C 330 -9.52 30.05 13.59
N GLY C 331 -8.24 30.36 13.78
CA GLY C 331 -7.79 31.14 14.92
C GLY C 331 -7.76 30.39 16.26
N LEU C 332 -8.17 29.12 16.30
CA LEU C 332 -8.15 28.36 17.55
C LEU C 332 -7.06 27.30 17.62
N GLU C 333 -6.31 27.14 16.52
CA GLU C 333 -5.29 26.09 16.36
C GLU C 333 -4.28 26.06 17.51
N ARG C 334 -3.87 27.24 17.97
CA ARG C 334 -2.86 27.33 19.01
C ARG C 334 -3.40 27.02 20.41
N LEU C 335 -4.71 26.86 20.53
CA LEU C 335 -5.32 26.48 21.79
C LEU C 335 -5.30 24.96 21.86
N ASN C 336 -4.88 24.41 23.00
CA ASN C 336 -4.94 22.96 23.19
C ASN C 336 -6.33 22.56 23.61
N ILE C 337 -7.02 21.82 22.74
CA ILE C 337 -8.35 21.36 23.05
C ILE C 337 -8.28 19.98 23.72
N LEU C 338 -8.92 19.87 24.89
CA LEU C 338 -9.04 18.58 25.58
C LEU C 338 -10.47 18.04 25.52
N PRO C 339 -10.76 17.21 24.51
CA PRO C 339 -12.11 16.67 24.33
C PRO C 339 -12.37 15.47 25.24
N PHE C 340 -13.59 15.38 25.76
CA PHE C 340 -13.98 14.26 26.62
C PHE C 340 -15.29 13.61 26.18
N ARG C 341 -15.35 12.30 26.38
CA ARG C 341 -16.55 11.51 26.16
C ARG C 341 -17.55 11.78 27.27
N VAL C 342 -18.79 11.30 27.06
CA VAL C 342 -19.85 11.41 28.04
C VAL C 342 -19.48 10.75 29.37
N ALA C 343 -19.56 11.52 30.44
CA ALA C 343 -19.47 10.95 31.79
C ALA C 343 -20.89 10.74 32.30
N ALA C 344 -21.08 9.65 33.02
CA ALA C 344 -22.38 9.33 33.60
C ALA C 344 -22.20 8.41 34.82
N TYR C 345 -23.28 8.18 35.56
CA TYR C 345 -23.16 7.47 36.81
C TYR C 345 -23.07 5.96 36.59
N ASP C 346 -21.94 5.39 36.99
CA ASP C 346 -21.71 3.95 36.90
C ASP C 346 -22.27 3.26 38.15
N LYS C 347 -23.36 2.52 37.99
CA LYS C 347 -23.96 1.80 39.11
C LYS C 347 -23.04 0.72 39.67
N THR C 348 -22.14 0.18 38.86
CA THR C 348 -21.26 -0.88 39.35
C THR C 348 -20.08 -0.35 40.16
N GLN C 349 -19.79 0.94 40.04
CA GLN C 349 -18.64 1.50 40.73
C GLN C 349 -19.06 2.56 41.74
N GLY C 350 -20.37 2.84 41.74
CA GLY C 350 -20.92 3.84 42.63
C GLY C 350 -20.24 5.20 42.49
N LYS C 351 -19.85 5.55 41.28
CA LYS C 351 -19.22 6.84 41.03
C LYS C 351 -19.40 7.25 39.57
N MET C 352 -19.13 8.52 39.29
CA MET C 352 -19.12 9.00 37.90
C MET C 352 -17.97 8.40 37.09
N ALA C 353 -18.26 8.02 35.85
CA ALA C 353 -17.27 7.40 34.98
C ALA C 353 -17.61 7.66 33.52
N PHE C 354 -16.63 7.50 32.65
CA PHE C 354 -16.88 7.65 31.23
C PHE C 354 -17.76 6.49 30.75
N PHE C 355 -18.88 6.85 30.13
CA PHE C 355 -19.88 5.88 29.67
C PHE C 355 -19.24 4.82 28.78
N ASP C 356 -19.58 3.57 29.05
CA ASP C 356 -19.04 2.43 28.30
C ASP C 356 -20.19 1.81 27.48
N PRO C 357 -20.11 1.92 26.14
CA PRO C 357 -21.17 1.44 25.23
C PRO C 357 -21.37 -0.09 25.28
N SER C 358 -20.42 -0.82 25.86
CA SER C 358 -20.49 -2.27 25.93
C SER C 358 -21.25 -2.75 27.16
N ARG C 359 -21.51 -1.84 28.09
CA ARG C 359 -22.33 -2.19 29.26
C ARG C 359 -23.28 -1.04 29.64
N PRO C 360 -24.12 -0.61 28.69
CA PRO C 360 -24.92 0.61 28.86
C PRO C 360 -25.89 0.51 30.03
N GLN C 361 -26.24 -0.71 30.42
CA GLN C 361 -27.21 -0.91 31.50
C GLN C 361 -26.67 -0.52 32.88
N ASP C 362 -25.37 -0.27 32.98
CA ASP C 362 -24.74 0.02 34.25
C ASP C 362 -24.83 1.51 34.58
N PHE C 363 -25.29 2.29 33.60
CA PHE C 363 -25.22 3.75 33.70
C PHE C 363 -26.55 4.45 33.97
N LEU C 364 -26.47 5.49 34.81
CA LEU C 364 -27.63 6.30 35.13
C LEU C 364 -27.44 7.72 34.62
N PHE C 365 -28.42 8.22 33.88
CA PHE C 365 -28.40 9.60 33.43
C PHE C 365 -29.37 10.48 34.24
N ILE C 366 -28.88 11.63 34.68
CA ILE C 366 -29.64 12.51 35.54
C ILE C 366 -29.77 13.89 34.89
N SER C 367 -30.94 14.19 34.34
CA SER C 367 -31.20 15.49 33.69
C SER C 367 -31.47 16.58 34.73
N GLY C 368 -31.37 17.85 34.31
CA GLY C 368 -31.70 18.99 35.16
C GLY C 368 -33.12 18.96 35.72
N THR C 369 -34.05 18.42 34.95
CA THR C 369 -35.44 18.28 35.40
C THR C 369 -35.63 17.17 36.44
N LYS C 370 -34.92 16.06 36.29
CA LYS C 370 -35.00 15.01 37.31
C LYS C 370 -34.44 15.53 38.63
N MET C 371 -33.40 16.36 38.55
CA MET C 371 -32.83 16.98 39.75
C MET C 371 -33.87 17.82 40.52
N ARG C 372 -34.71 18.59 39.82
CA ARG C 372 -35.79 19.32 40.51
C ARG C 372 -36.79 18.35 41.12
N THR C 373 -37.06 17.27 40.40
CA THR C 373 -38.00 16.25 40.90
C THR C 373 -37.46 15.57 42.17
N LEU C 374 -36.17 15.26 42.20
CA LEU C 374 -35.58 14.61 43.36
C LEU C 374 -35.65 15.50 44.59
N ALA C 375 -35.33 16.78 44.40
CA ALA C 375 -35.39 17.76 45.48
C ALA C 375 -36.79 17.85 46.05
N ARG C 376 -37.79 17.92 45.17
CA ARG C 376 -39.16 18.02 45.65
C ARG C 376 -39.55 16.76 46.41
N ASN C 377 -39.02 15.60 46.00
CA ASN C 377 -39.32 14.35 46.68
C ASN C 377 -38.44 14.04 47.88
N LYS C 378 -37.62 15.01 48.27
CA LYS C 378 -36.69 14.86 49.39
C LYS C 378 -35.75 13.70 49.14
N GLU C 379 -35.21 13.63 47.93
CA GLU C 379 -34.28 12.56 47.59
C GLU C 379 -33.00 13.12 47.00
N SER C 380 -31.89 12.45 47.28
CA SER C 380 -30.62 12.78 46.65
C SER C 380 -30.46 11.96 45.38
N PRO C 381 -29.64 12.45 44.44
CA PRO C 381 -29.26 11.59 43.31
C PRO C 381 -28.38 10.47 43.85
N PRO C 382 -28.09 9.44 43.04
CA PRO C 382 -27.22 8.36 43.52
C PRO C 382 -25.93 8.87 44.16
N ASP C 383 -25.46 8.13 45.16
CA ASP C 383 -24.28 8.51 45.93
C ASP C 383 -23.03 8.56 45.03
N GLY C 384 -22.40 9.72 44.97
CA GLY C 384 -21.27 9.92 44.09
C GLY C 384 -21.59 10.72 42.82
N PHE C 385 -22.85 11.04 42.60
CA PHE C 385 -23.23 11.88 41.44
C PHE C 385 -22.83 13.33 41.68
N MET C 386 -23.28 13.86 42.82
CA MET C 386 -22.90 15.21 43.23
C MET C 386 -22.50 15.18 44.70
N CYS C 387 -21.48 15.94 45.05
CA CYS C 387 -21.04 16.00 46.44
C CYS C 387 -22.19 16.52 47.28
N PRO C 388 -22.34 15.96 48.48
CA PRO C 388 -23.47 16.32 49.36
C PRO C 388 -23.60 17.83 49.62
N GLY C 389 -22.48 18.52 49.81
CA GLY C 389 -22.47 19.96 49.96
C GLY C 389 -23.12 20.68 48.79
N GLY C 390 -22.70 20.28 47.59
CA GLY C 390 -23.23 20.90 46.38
C GLY C 390 -24.72 20.62 46.21
N TRP C 391 -25.13 19.41 46.57
CA TRP C 391 -26.51 19.02 46.37
C TRP C 391 -27.44 19.72 47.37
N LYS C 392 -26.96 19.92 48.59
CA LYS C 392 -27.74 20.65 49.60
C LYS C 392 -28.08 22.08 49.10
N VAL C 393 -27.10 22.74 48.50
CA VAL C 393 -27.36 24.07 47.94
C VAL C 393 -28.49 24.00 46.92
N LEU C 394 -28.45 23.00 46.06
CA LEU C 394 -29.50 22.83 45.06
C LEU C 394 -30.86 22.48 45.65
N VAL C 395 -30.89 21.69 46.74
CA VAL C 395 -32.19 21.40 47.36
C VAL C 395 -32.75 22.68 47.94
N ASP C 396 -31.87 23.52 48.49
CA ASP C 396 -32.31 24.80 49.02
C ASP C 396 -32.80 25.71 47.90
N TYR C 397 -32.13 25.68 46.75
CA TYR C 397 -32.56 26.50 45.63
C TYR C 397 -33.95 26.11 45.14
N TYR C 398 -34.18 24.81 44.99
CA TYR C 398 -35.47 24.34 44.49
C TYR C 398 -36.61 24.63 45.48
N ASP C 399 -36.30 24.60 46.77
CA ASP C 399 -37.26 24.98 47.80
C ASP C 399 -37.55 26.48 47.79
N SER C 400 -36.69 27.28 47.17
CA SER C 400 -36.95 28.71 47.01
C SER C 400 -38.16 28.98 46.14
N LEU C 401 -38.34 28.15 45.11
CA LEU C 401 -39.44 28.31 44.17
C LEU C 401 -40.82 27.85 44.67
N VAL C 402 -40.92 27.36 45.91
CA VAL C 402 -42.21 26.87 46.41
C VAL C 402 -43.02 27.92 47.20
N LEU C 403 -44.22 28.19 46.69
CA LEU C 403 -45.11 29.26 47.15
C LEU C 403 -44.57 30.64 46.77
N MET D 1 15.83 32.30 -20.13
CA MET D 1 17.28 32.44 -20.13
C MET D 1 17.81 32.85 -18.75
N LEU D 2 17.52 32.06 -17.73
CA LEU D 2 17.98 32.40 -16.38
C LEU D 2 19.46 32.13 -16.18
N ILE D 3 20.08 32.90 -15.27
CA ILE D 3 21.50 32.77 -15.02
C ILE D 3 21.84 31.37 -14.48
N GLU D 4 22.90 30.76 -15.00
CA GLU D 4 23.23 29.40 -14.62
C GLU D 4 23.76 29.33 -13.20
N PRO D 5 23.30 28.34 -12.41
CA PRO D 5 23.89 28.15 -11.09
C PRO D 5 25.36 27.80 -11.30
N ASP D 6 26.27 28.25 -10.44
CA ASP D 6 27.67 28.01 -10.76
C ASP D 6 28.04 26.53 -10.67
N GLY D 7 28.89 26.09 -11.60
CA GLY D 7 29.14 24.67 -11.77
C GLY D 7 28.19 24.09 -12.79
N GLY D 8 27.21 24.90 -13.18
CA GLY D 8 26.26 24.51 -14.21
C GLY D 8 24.89 24.10 -13.68
N LYS D 9 24.85 23.47 -12.51
CA LYS D 9 23.62 22.87 -12.00
C LYS D 9 23.51 22.93 -10.49
N LEU D 10 22.29 23.13 -9.98
CA LEU D 10 22.04 23.08 -8.54
C LEU D 10 22.47 21.72 -7.97
N VAL D 11 23.13 21.77 -6.82
CA VAL D 11 23.47 20.56 -6.10
C VAL D 11 22.61 20.49 -4.83
N GLU D 12 21.51 19.75 -4.94
CA GLU D 12 20.63 19.48 -3.81
C GLU D 12 21.12 18.23 -3.10
N LEU D 13 20.93 18.18 -1.79
CA LEU D 13 21.52 17.11 -0.98
C LEU D 13 20.48 16.33 -0.20
N VAL D 14 19.22 16.52 -0.57
CA VAL D 14 18.11 15.81 0.04
C VAL D 14 17.87 14.49 -0.67
N VAL D 15 17.73 13.42 0.11
CA VAL D 15 17.51 12.10 -0.45
C VAL D 15 16.10 11.99 -1.03
N THR D 16 15.94 11.13 -2.03
CA THR D 16 14.63 10.94 -2.64
C THR D 16 13.65 10.36 -1.63
N ASP D 17 12.37 10.47 -1.94
CA ASP D 17 11.33 10.03 -1.00
C ASP D 17 11.39 8.54 -0.63
N PHE D 18 12.19 7.79 -1.38
CA PHE D 18 12.18 6.34 -1.28
C PHE D 18 13.22 5.86 -0.26
N GLU D 19 14.30 6.63 -0.09
CA GLU D 19 15.29 6.31 0.93
C GLU D 19 15.09 7.14 2.18
N ARG D 20 13.96 7.83 2.27
CA ARG D 20 13.68 8.66 3.44
C ARG D 20 13.75 7.83 4.71
N ASP D 21 13.14 6.65 4.67
CA ASP D 21 13.09 5.78 5.83
C ASP D 21 14.30 4.85 5.94
N LEU D 22 14.88 4.49 4.79
CA LEU D 22 16.16 3.75 4.80
C LEU D 22 17.20 4.58 5.56
N LYS D 23 17.23 5.87 5.26
CA LYS D 23 18.19 6.77 5.86
C LYS D 23 17.88 7.08 7.32
N LYS D 24 16.59 7.12 7.68
CA LYS D 24 16.23 7.30 9.09
C LYS D 24 16.76 6.15 9.95
N GLY D 25 16.46 4.92 9.55
CA GLY D 25 16.89 3.77 10.30
C GLY D 25 18.39 3.60 10.27
N GLU D 26 18.99 3.88 9.12
CA GLU D 26 20.44 3.81 8.97
C GLU D 26 21.12 4.74 9.97
N ALA D 27 20.53 5.91 10.17
CA ALA D 27 21.10 6.90 11.08
C ALA D 27 21.26 6.40 12.52
N LEU D 28 20.42 5.46 12.94
CA LEU D 28 20.45 4.99 14.32
C LEU D 28 21.46 3.88 14.56
N SER D 29 22.21 3.52 13.52
CA SER D 29 23.32 2.59 13.71
C SER D 29 24.60 3.42 13.84
N LEU D 30 24.53 4.68 13.41
CA LEU D 30 25.70 5.56 13.34
C LEU D 30 25.91 6.36 14.62
N PRO D 31 27.17 6.70 14.92
CA PRO D 31 27.45 7.64 16.02
C PRO D 31 26.86 8.99 15.65
N ARG D 32 26.43 9.74 16.65
CA ARG D 32 25.64 10.91 16.36
C ARG D 32 26.12 12.23 16.91
N ILE D 33 25.83 13.28 16.15
CA ILE D 33 26.12 14.63 16.54
C ILE D 33 24.80 15.39 16.68
N LYS D 34 24.57 15.95 17.86
CA LYS D 34 23.40 16.76 18.08
C LYS D 34 23.63 18.16 17.49
N LEU D 35 22.93 18.46 16.40
CA LEU D 35 23.01 19.79 15.76
C LEU D 35 22.40 20.90 16.62
N SER D 36 23.02 22.07 16.54
CA SER D 36 22.53 23.23 17.23
C SER D 36 21.61 23.97 16.25
N ARG D 37 20.91 25.00 16.72
CA ARG D 37 20.03 25.80 15.87
C ARG D 37 20.74 26.32 14.61
N ILE D 38 21.95 26.85 14.76
CA ILE D 38 22.70 27.36 13.61
C ILE D 38 23.24 26.26 12.69
N ASP D 39 23.75 25.16 13.27
CA ASP D 39 24.11 23.97 12.49
C ASP D 39 23.01 23.54 11.54
N LEU D 40 21.79 23.42 12.09
CA LEU D 40 20.62 23.00 11.34
C LEU D 40 20.32 24.01 10.25
N GLU D 41 20.54 25.28 10.56
CA GLU D 41 20.30 26.33 9.58
C GLU D 41 21.25 26.13 8.40
N TRP D 42 22.49 25.75 8.70
CA TRP D 42 23.49 25.52 7.66
C TRP D 42 23.16 24.30 6.82
N VAL D 43 22.71 23.24 7.49
CA VAL D 43 22.26 22.03 6.82
C VAL D 43 21.13 22.36 5.85
N HIS D 44 20.24 23.27 6.26
CA HIS D 44 19.18 23.77 5.38
C HIS D 44 19.77 24.41 4.12
N VAL D 45 20.72 25.34 4.33
CA VAL D 45 21.41 26.05 3.26
C VAL D 45 22.06 25.08 2.28
N LEU D 46 22.78 24.10 2.80
CA LEU D 46 23.43 23.09 1.97
C LEU D 46 22.40 22.28 1.19
N SER D 47 21.37 21.83 1.88
CA SER D 47 20.39 20.91 1.31
C SER D 47 19.69 21.42 0.05
N GLU D 48 19.43 22.73 -0.03
CA GLU D 48 18.67 23.30 -1.14
C GLU D 48 19.57 23.80 -2.29
N GLY D 49 20.88 23.78 -2.08
CA GLY D 49 21.82 24.17 -3.12
C GLY D 49 22.22 25.64 -3.15
N TRP D 50 21.98 26.36 -2.04
CA TRP D 50 22.41 27.75 -1.94
C TRP D 50 23.93 27.86 -2.13
N ALA D 51 24.66 26.88 -1.59
CA ALA D 51 26.11 26.91 -1.70
C ALA D 51 26.62 26.01 -2.80
N THR D 52 25.77 25.71 -3.79
CA THR D 52 26.17 24.92 -4.97
C THR D 52 27.53 25.45 -5.44
N PRO D 53 28.48 24.55 -5.78
CA PRO D 53 28.42 23.09 -5.86
C PRO D 53 29.00 22.36 -4.66
N LEU D 54 28.94 22.97 -3.48
CA LEU D 54 29.41 22.36 -2.24
C LEU D 54 28.67 21.04 -1.91
N LYS D 55 29.41 19.99 -1.59
CA LYS D 55 28.81 18.65 -1.42
C LYS D 55 28.41 18.33 0.02
N GLY D 56 28.80 19.19 0.95
CA GLY D 56 28.41 19.05 2.34
C GLY D 56 29.17 20.03 3.21
N PHE D 57 29.29 19.73 4.49
CA PHE D 57 30.12 20.58 5.35
C PHE D 57 31.54 20.51 4.83
N MET D 58 32.19 21.67 4.79
CA MET D 58 33.49 21.80 4.13
C MET D 58 34.59 20.96 4.72
N ARG D 59 35.36 20.36 3.83
CA ARG D 59 36.60 19.66 4.16
C ARG D 59 37.71 20.67 4.35
N GLU D 60 38.84 20.20 4.84
CA GLU D 60 39.93 21.12 5.18
C GLU D 60 40.44 21.90 3.96
N ALA D 61 40.60 21.24 2.81
CA ALA D 61 41.00 21.93 1.57
C ALA D 61 40.00 23.04 1.18
N GLU D 62 38.72 22.77 1.36
CA GLU D 62 37.67 23.74 1.05
C GLU D 62 37.71 24.90 2.04
N PHE D 63 37.90 24.57 3.31
CA PHE D 63 38.02 25.53 4.38
C PHE D 63 39.15 26.51 4.11
N LEU D 64 40.31 25.99 3.71
CA LEU D 64 41.46 26.85 3.45
C LEU D 64 41.17 27.83 2.32
N GLN D 65 40.73 27.30 1.19
CA GLN D 65 40.42 28.11 0.02
C GLN D 65 39.47 29.28 0.31
N THR D 66 38.42 28.99 1.07
CA THR D 66 37.44 29.99 1.46
C THR D 66 38.10 31.10 2.25
N LEU D 67 38.88 30.71 3.25
CA LEU D 67 39.50 31.65 4.17
C LEU D 67 40.51 32.55 3.44
N HIS D 68 41.33 31.94 2.60
CA HIS D 68 42.47 32.62 1.97
C HIS D 68 42.14 33.33 0.65
N PHE D 69 41.30 32.68 -0.17
CA PHE D 69 41.10 33.10 -1.53
C PHE D 69 39.67 33.52 -1.84
N ASN D 70 38.77 33.28 -0.88
CA ASN D 70 37.32 33.46 -1.05
C ASN D 70 36.75 32.77 -2.29
N SER D 71 37.23 31.57 -2.56
CA SER D 71 36.76 30.85 -3.73
C SER D 71 37.00 29.36 -3.56
N LEU D 72 36.32 28.55 -4.38
CA LEU D 72 36.62 27.11 -4.47
C LEU D 72 37.01 26.77 -5.89
N ARG D 73 38.09 26.02 -6.07
CA ARG D 73 38.46 25.58 -7.40
C ARG D 73 37.69 24.31 -7.73
N LEU D 74 37.14 24.22 -8.93
CA LEU D 74 36.37 23.02 -9.31
C LEU D 74 37.23 21.98 -10.02
N ASP D 75 36.65 20.81 -10.23
CA ASP D 75 37.36 19.70 -10.88
C ASP D 75 37.89 20.06 -12.27
N ASP D 76 37.25 21.05 -12.91
CA ASP D 76 37.63 21.48 -14.25
C ASP D 76 38.64 22.62 -14.24
N GLY D 77 38.99 23.12 -13.05
CA GLY D 77 39.98 24.17 -12.94
C GLY D 77 39.41 25.59 -12.82
N SER D 78 38.10 25.73 -12.96
CA SER D 78 37.49 27.04 -12.77
C SER D 78 37.17 27.27 -11.31
N VAL D 79 36.95 28.52 -10.93
CA VAL D 79 36.58 28.83 -9.57
C VAL D 79 35.16 29.39 -9.45
N VAL D 80 34.52 29.11 -8.32
CA VAL D 80 33.33 29.82 -7.91
C VAL D 80 33.64 30.59 -6.62
N ASN D 81 32.79 31.57 -6.31
CA ASN D 81 32.93 32.34 -5.11
C ASN D 81 32.53 31.53 -3.89
N MET D 82 33.33 31.63 -2.82
CA MET D 82 33.00 30.93 -1.59
C MET D 82 33.71 31.63 -0.47
N SER D 83 33.01 32.53 0.19
CA SER D 83 33.67 33.51 1.05
C SER D 83 33.41 33.34 2.55
N VAL D 84 32.45 32.50 2.91
CA VAL D 84 32.28 32.10 4.29
C VAL D 84 32.44 30.59 4.44
N PRO D 85 33.13 30.17 5.50
CA PRO D 85 33.23 28.74 5.83
C PRO D 85 31.86 28.19 6.19
N ILE D 86 31.50 27.05 5.59
CA ILE D 86 30.30 26.34 5.98
C ILE D 86 30.77 25.05 6.64
N VAL D 87 30.77 25.04 7.97
CA VAL D 87 31.48 24.01 8.71
C VAL D 87 30.71 23.52 9.95
N LEU D 88 31.10 22.34 10.41
CA LEU D 88 30.53 21.73 11.59
C LEU D 88 31.66 21.46 12.61
N ALA D 89 31.61 22.18 13.74
CA ALA D 89 32.57 22.00 14.83
C ALA D 89 32.13 20.93 15.84
N ILE D 90 33.11 20.13 16.32
CA ILE D 90 32.86 19.11 17.34
C ILE D 90 33.90 19.05 18.46
N ASP D 91 33.48 18.48 19.58
CA ASP D 91 34.25 18.22 20.79
C ASP D 91 35.33 17.17 20.65
N ASP D 92 36.19 17.09 21.65
CA ASP D 92 37.07 15.93 21.83
C ASP D 92 36.24 14.71 22.18
N ALA D 93 35.24 14.88 23.03
CA ALA D 93 34.32 13.79 23.38
C ALA D 93 33.59 13.21 22.17
N GLN D 94 33.13 14.10 21.29
CA GLN D 94 32.46 13.70 20.05
C GLN D 94 33.42 13.00 19.10
N LYS D 95 34.62 13.56 18.94
CA LYS D 95 35.65 12.96 18.10
C LYS D 95 36.08 11.59 18.62
N HIS D 96 36.15 11.45 19.94
CA HIS D 96 36.50 10.18 20.57
C HIS D 96 35.43 9.16 20.24
N ARG D 97 34.19 9.60 20.41
CA ARG D 97 33.01 8.79 20.19
C ARG D 97 32.80 8.42 18.73
N ILE D 98 33.22 9.27 17.81
CA ILE D 98 33.11 8.95 16.40
C ILE D 98 34.12 7.88 16.03
N GLY D 99 35.35 8.08 16.52
CA GLY D 99 36.43 7.14 16.26
C GLY D 99 36.76 6.92 14.80
N ASP D 100 36.79 5.66 14.40
CA ASP D 100 37.21 5.28 13.05
C ASP D 100 36.04 5.24 12.07
N ASN D 101 34.86 5.59 12.55
CA ASN D 101 33.68 5.66 11.70
C ASN D 101 33.88 6.60 10.53
N LYS D 102 33.42 6.19 9.35
CA LYS D 102 33.46 7.03 8.17
C LYS D 102 32.11 7.70 7.90
N LYS D 103 31.13 7.41 8.76
CA LYS D 103 29.79 7.97 8.65
C LYS D 103 29.24 8.39 10.02
N VAL D 104 28.68 9.59 10.09
CA VAL D 104 28.04 10.03 11.33
C VAL D 104 26.59 10.45 11.08
N ALA D 105 25.74 10.25 12.07
CA ALA D 105 24.36 10.72 11.98
C ALA D 105 24.23 12.12 12.60
N LEU D 106 23.46 12.99 11.95
CA LEU D 106 23.21 14.32 12.51
C LEU D 106 21.78 14.44 13.03
N PHE D 107 21.63 14.68 14.33
CA PHE D 107 20.33 14.77 15.00
C PHE D 107 20.03 16.24 15.35
N ASP D 108 18.77 16.64 15.35
CA ASP D 108 18.45 17.97 15.89
C ASP D 108 17.48 18.07 17.05
N SER D 109 17.95 18.79 18.06
CA SER D 109 17.32 19.02 19.39
C SER D 109 16.17 18.13 19.81
N LYS D 110 15.18 17.96 18.95
CA LYS D 110 14.06 17.03 19.21
C LYS D 110 14.52 15.59 19.41
N GLY D 111 15.69 15.26 18.87
CA GLY D 111 16.23 13.92 18.98
C GLY D 111 15.92 13.06 17.75
N ASP D 112 15.55 13.72 16.66
CA ASP D 112 15.24 13.04 15.40
C ASP D 112 16.42 13.14 14.43
N PRO D 113 16.67 12.06 13.67
CA PRO D 113 17.75 12.13 12.67
C PRO D 113 17.39 13.06 11.54
N VAL D 114 18.28 13.97 11.15
CA VAL D 114 18.00 14.92 10.08
C VAL D 114 18.90 14.73 8.85
N ALA D 115 20.13 14.27 9.07
CA ALA D 115 21.07 14.07 7.97
C ALA D 115 22.18 13.08 8.29
N ILE D 116 22.74 12.50 7.24
CA ILE D 116 23.91 11.65 7.40
C ILE D 116 25.14 12.28 6.73
N LEU D 117 26.25 12.31 7.44
CA LEU D 117 27.50 12.83 6.88
C LEU D 117 28.42 11.68 6.49
N ASN D 118 28.75 11.60 5.21
CA ASN D 118 29.51 10.49 4.66
C ASN D 118 30.96 10.84 4.29
N ASN D 119 31.86 9.87 4.44
CA ASN D 119 33.30 10.01 4.12
C ASN D 119 33.92 11.16 4.88
N ILE D 120 33.82 11.08 6.20
CA ILE D 120 34.16 12.21 7.05
C ILE D 120 35.67 12.44 7.13
N GLU D 121 36.07 13.70 7.16
CA GLU D 121 37.42 14.01 7.61
C GLU D 121 37.34 14.98 8.76
N ILE D 122 38.07 14.66 9.82
CA ILE D 122 38.12 15.46 11.01
C ILE D 122 39.46 16.16 11.00
N TYR D 123 39.47 17.46 11.20
CA TYR D 123 40.72 18.22 11.17
C TYR D 123 40.66 19.36 12.20
N LYS D 124 41.75 20.07 12.40
CA LYS D 124 41.80 21.05 13.48
C LYS D 124 41.00 22.30 13.16
N HIS D 125 40.37 22.85 14.19
CA HIS D 125 39.60 24.09 14.08
C HIS D 125 40.48 25.22 14.63
N PRO D 126 41.11 26.00 13.73
CA PRO D 126 41.96 27.11 14.19
C PRO D 126 41.12 28.36 14.36
N LYS D 127 40.46 28.46 15.50
CA LYS D 127 39.44 29.49 15.74
C LYS D 127 39.90 30.93 15.52
N GLU D 128 41.04 31.30 16.08
CA GLU D 128 41.49 32.68 16.03
C GLU D 128 41.77 33.06 14.58
N GLU D 129 42.50 32.19 13.89
CA GLU D 129 42.82 32.44 12.51
C GLU D 129 41.54 32.55 11.66
N ARG D 130 40.60 31.65 11.91
CA ARG D 130 39.34 31.63 11.18
C ARG D 130 38.55 32.94 11.36
N ILE D 131 38.42 33.39 12.61
CA ILE D 131 37.73 34.63 12.92
C ILE D 131 38.43 35.82 12.27
N ALA D 132 39.75 35.89 12.42
CA ALA D 132 40.55 36.95 11.83
C ALA D 132 40.39 37.05 10.32
N ARG D 133 40.44 35.91 9.64
CA ARG D 133 40.40 35.94 8.19
C ARG D 133 39.01 36.16 7.61
N THR D 134 37.98 35.81 8.38
CA THR D 134 36.61 36.08 7.97
C THR D 134 36.12 37.48 8.34
N TRP D 135 36.38 37.91 9.56
CA TRP D 135 35.82 39.18 10.05
C TRP D 135 36.76 40.38 9.95
N GLY D 136 38.05 40.13 9.73
CA GLY D 136 39.00 41.22 9.60
C GLY D 136 39.28 41.83 10.95
N THR D 137 38.86 41.12 12.00
CA THR D 137 39.14 41.53 13.36
C THR D 137 39.05 40.30 14.24
N ILE D 138 39.41 40.48 15.50
CA ILE D 138 39.17 39.50 16.54
C ILE D 138 38.75 40.39 17.66
N ALA D 139 37.63 40.08 18.25
CA ALA D 139 37.13 40.93 19.28
C ALA D 139 35.97 40.16 19.80
N PRO D 140 35.93 39.97 21.11
CA PRO D 140 34.74 39.34 21.69
C PRO D 140 33.51 40.22 21.42
N GLY D 141 32.34 39.63 21.40
CA GLY D 141 31.16 40.41 21.13
C GLY D 141 30.67 40.36 19.69
N LEU D 142 31.49 39.86 18.76
CA LEU D 142 30.98 39.56 17.41
C LEU D 142 29.90 38.49 17.55
N PRO D 143 28.64 38.86 17.28
CA PRO D 143 27.49 38.04 17.69
C PRO D 143 27.49 36.61 17.13
N TYR D 144 27.70 36.46 15.82
CA TYR D 144 27.79 35.13 15.21
C TYR D 144 28.94 34.30 15.81
N VAL D 145 30.05 34.97 16.10
CA VAL D 145 31.26 34.30 16.58
C VAL D 145 31.04 33.77 17.99
N GLU D 146 30.49 34.64 18.83
CA GLU D 146 30.10 34.25 20.17
C GLU D 146 29.15 33.06 20.14
N GLN D 147 28.21 33.08 19.20
CA GLN D 147 27.18 32.04 19.10
C GLN D 147 27.66 30.64 18.68
N THR D 148 28.61 30.55 17.73
CA THR D 148 28.98 29.26 17.12
C THR D 148 30.49 28.92 17.04
N ILE D 149 31.35 29.85 17.40
CA ILE D 149 32.78 29.58 17.30
C ILE D 149 33.47 29.56 18.68
N THR D 150 33.28 30.65 19.44
CA THR D 150 33.96 30.86 20.71
C THR D 150 33.94 29.67 21.66
N ASN D 151 32.76 29.06 21.81
CA ASN D 151 32.61 27.89 22.66
C ASN D 151 32.44 26.59 21.88
N ALA D 152 32.69 26.61 20.58
CA ALA D 152 32.58 25.40 19.76
C ALA D 152 33.74 24.47 20.07
N GLY D 153 33.68 23.26 19.55
CA GLY D 153 34.78 22.33 19.70
C GLY D 153 35.97 22.73 18.85
N ASN D 154 37.09 22.05 19.09
CA ASN D 154 38.37 22.35 18.47
C ASN D 154 38.65 21.49 17.26
N TRP D 155 37.62 20.85 16.74
CA TRP D 155 37.73 20.07 15.52
C TRP D 155 36.64 20.48 14.56
N LEU D 156 36.91 20.36 13.27
CA LEU D 156 35.87 20.49 12.27
C LEU D 156 35.69 19.12 11.65
N ILE D 157 34.49 18.86 11.15
CA ILE D 157 34.24 17.62 10.43
C ILE D 157 33.55 17.96 9.13
N GLY D 158 34.14 17.52 8.02
CA GLY D 158 33.58 17.77 6.72
C GLY D 158 33.17 16.46 6.10
N GLY D 159 32.37 16.52 5.04
CA GLY D 159 31.95 15.32 4.35
C GLY D 159 30.84 15.61 3.37
N ASP D 160 30.32 14.55 2.77
CA ASP D 160 29.24 14.67 1.82
C ASP D 160 27.93 14.47 2.54
N LEU D 161 27.06 15.46 2.42
CA LEU D 161 25.85 15.48 3.21
C LEU D 161 24.68 14.86 2.46
N GLU D 162 23.97 13.95 3.14
CA GLU D 162 22.69 13.47 2.67
C GLU D 162 21.67 13.94 3.69
N VAL D 163 20.69 14.70 3.26
CA VAL D 163 19.67 15.18 4.18
C VAL D 163 18.40 14.35 3.99
N ILE D 164 17.85 13.88 5.11
CA ILE D 164 16.73 12.94 5.09
C ILE D 164 15.41 13.58 4.61
N GLU D 165 15.02 14.66 5.26
CA GLU D 165 13.82 15.42 4.90
C GLU D 165 14.18 16.88 4.67
N PRO D 166 13.41 17.56 3.81
CA PRO D 166 13.43 19.02 3.70
C PRO D 166 13.27 19.67 5.07
N ILE D 167 14.03 20.73 5.34
CA ILE D 167 14.01 21.32 6.67
C ILE D 167 12.80 22.24 6.79
N GLN D 168 12.08 22.11 7.90
CA GLN D 168 10.97 23.00 8.21
C GLN D 168 11.05 23.46 9.68
N TYR D 169 10.45 24.60 9.97
CA TYR D 169 10.54 25.17 11.32
C TYR D 169 9.19 25.18 12.02
N ASN D 170 8.13 25.05 11.23
CA ASN D 170 6.76 25.09 11.74
C ASN D 170 6.54 26.35 12.56
N ASP D 171 6.97 27.47 12.02
CA ASP D 171 6.92 28.72 12.76
C ASP D 171 5.88 29.67 12.20
N GLY D 172 5.15 29.20 11.18
CA GLY D 172 4.16 30.00 10.47
C GLY D 172 4.73 30.70 9.23
N LEU D 173 6.02 30.48 8.96
CA LEU D 173 6.72 31.18 7.87
C LEU D 173 7.28 30.26 6.80
N ASP D 174 7.03 28.96 6.95
CA ASP D 174 7.63 27.96 6.07
C ASP D 174 7.24 28.18 4.61
N HIS D 175 6.03 28.67 4.39
CA HIS D 175 5.49 28.88 3.04
C HIS D 175 6.22 30.02 2.32
N PHE D 176 7.04 30.76 3.06
CA PHE D 176 7.86 31.84 2.51
C PHE D 176 9.30 31.40 2.26
N ARG D 177 9.63 30.19 2.68
CA ARG D 177 11.01 29.70 2.57
C ARG D 177 11.24 28.94 1.26
N LEU D 178 11.28 29.70 0.17
CA LEU D 178 11.45 29.15 -1.18
C LEU D 178 12.87 28.72 -1.48
N SER D 179 13.01 27.47 -1.93
CA SER D 179 14.31 26.96 -2.37
C SER D 179 14.77 27.71 -3.62
N PRO D 180 16.07 27.56 -3.97
CA PRO D 180 16.51 28.05 -5.28
C PRO D 180 15.70 27.45 -6.44
N THR D 181 15.37 26.16 -6.36
CA THR D 181 14.56 25.49 -7.38
C THR D 181 13.18 26.11 -7.51
N GLN D 182 12.52 26.31 -6.37
CA GLN D 182 11.21 26.95 -6.34
C GLN D 182 11.29 28.38 -6.88
N LEU D 183 12.32 29.12 -6.44
CA LEU D 183 12.53 30.51 -6.90
C LEU D 183 12.73 30.57 -8.42
N ARG D 184 13.54 29.66 -8.94
CA ARG D 184 13.74 29.54 -10.38
C ARG D 184 12.45 29.23 -11.14
N ALA D 185 11.61 28.36 -10.58
CA ALA D 185 10.34 28.00 -11.20
C ALA D 185 9.40 29.19 -11.19
N GLU D 186 9.40 29.94 -10.09
CA GLU D 186 8.57 31.13 -9.97
C GLU D 186 8.94 32.21 -10.98
N PHE D 187 10.23 32.46 -11.14
CA PHE D 187 10.71 33.46 -12.09
C PHE D 187 10.26 33.07 -13.48
N THR D 188 10.34 31.76 -13.73
CA THR D 188 9.99 31.17 -15.02
C THR D 188 8.51 31.36 -15.39
N ARG D 189 7.60 31.10 -14.45
CA ARG D 189 6.15 31.33 -14.67
C ARG D 189 5.89 32.74 -15.15
N ARG D 190 6.67 33.68 -14.61
CA ARG D 190 6.45 35.10 -14.82
C ARG D 190 7.10 35.60 -16.11
N ASN D 191 7.78 34.70 -16.82
CA ASN D 191 8.56 35.09 -17.98
C ASN D 191 9.55 36.21 -17.72
N ALA D 192 10.24 36.13 -16.57
CA ALA D 192 11.18 37.16 -16.17
C ALA D 192 12.38 37.18 -17.11
N ASP D 193 12.66 38.33 -17.70
CA ASP D 193 13.82 38.44 -18.56
C ASP D 193 14.98 39.08 -17.81
N ALA D 194 14.75 39.38 -16.53
CA ALA D 194 15.79 39.93 -15.65
C ALA D 194 15.35 39.81 -14.20
N VAL D 195 16.22 39.29 -13.36
CA VAL D 195 15.90 39.15 -11.95
C VAL D 195 16.89 39.91 -11.10
N PHE D 196 16.41 40.93 -10.40
CA PHE D 196 17.27 41.71 -9.54
C PHE D 196 16.92 41.45 -8.08
N ALA D 197 17.94 41.06 -7.33
CA ALA D 197 17.75 40.68 -5.94
C ALA D 197 18.06 41.84 -5.03
N PHE D 198 17.39 41.84 -3.89
CA PHE D 198 17.74 42.78 -2.83
C PHE D 198 17.90 42.01 -1.52
N GLN D 199 19.15 41.72 -1.17
CA GLN D 199 19.44 41.11 0.12
C GLN D 199 19.16 42.17 1.18
N LEU D 200 18.50 41.78 2.28
CA LEU D 200 18.34 42.70 3.41
C LEU D 200 18.17 41.95 4.73
N ARG D 201 18.43 42.64 5.84
CA ARG D 201 18.25 42.02 7.17
C ARG D 201 17.41 42.91 8.05
N ASN D 202 17.07 44.08 7.52
CA ASN D 202 16.43 45.11 8.33
C ASN D 202 15.04 45.38 7.84
N PRO D 203 14.24 46.16 8.60
CA PRO D 203 12.97 46.66 8.06
C PRO D 203 13.20 47.54 6.82
N VAL D 204 12.26 47.52 5.87
CA VAL D 204 12.36 48.36 4.67
C VAL D 204 11.88 49.80 4.89
N HIS D 205 12.79 50.76 4.71
CA HIS D 205 12.36 52.15 4.63
C HIS D 205 12.41 52.62 3.18
N ASN D 206 12.04 53.87 2.94
CA ASN D 206 11.88 54.34 1.56
C ASN D 206 13.21 54.60 0.87
N GLY D 207 14.28 54.61 1.67
CA GLY D 207 15.63 54.61 1.15
C GLY D 207 15.96 53.33 0.39
N HIS D 208 15.75 52.19 1.05
CA HIS D 208 15.87 50.87 0.39
C HIS D 208 14.99 50.81 -0.85
N ALA D 209 13.77 51.33 -0.73
CA ALA D 209 12.81 51.26 -1.82
C ALA D 209 13.32 52.04 -3.03
N LEU D 210 13.98 53.16 -2.76
CA LEU D 210 14.53 54.00 -3.83
C LEU D 210 15.56 53.18 -4.63
N LEU D 211 16.39 52.42 -3.92
CA LEU D 211 17.34 51.55 -4.60
C LEU D 211 16.58 50.56 -5.50
N MET D 212 15.49 50.00 -4.98
CA MET D 212 14.74 48.99 -5.73
C MET D 212 13.96 49.54 -6.93
N THR D 213 13.35 50.71 -6.77
CA THR D 213 12.63 51.36 -7.88
C THR D 213 13.55 52.03 -8.93
N ASP D 214 14.68 52.59 -8.49
CA ASP D 214 15.70 53.07 -9.43
C ASP D 214 16.20 51.92 -10.28
N THR D 215 16.42 50.77 -9.65
CA THR D 215 16.88 49.59 -10.39
C THR D 215 15.89 49.15 -11.47
N ARG D 216 14.60 49.08 -11.12
CA ARG D 216 13.59 48.68 -12.08
C ARG D 216 13.57 49.67 -13.22
N LYS D 217 13.60 50.94 -12.86
CA LYS D 217 13.58 52.00 -13.86
C LYS D 217 14.75 51.82 -14.80
N ARG D 218 15.94 51.59 -14.25
CA ARG D 218 17.14 51.38 -15.07
C ARG D 218 17.02 50.16 -15.98
N LEU D 219 16.50 49.06 -15.44
CA LEU D 219 16.34 47.85 -16.25
C LEU D 219 15.39 48.02 -17.44
N LEU D 220 14.33 48.79 -17.27
CA LEU D 220 13.40 49.11 -18.35
C LEU D 220 14.08 49.93 -19.43
N GLU D 221 14.84 50.94 -19.01
CA GLU D 221 15.68 51.74 -19.91
C GLU D 221 16.63 50.91 -20.76
N MET D 222 17.10 49.78 -20.22
CA MET D 222 18.04 48.92 -20.92
C MET D 222 17.37 47.99 -21.94
N GLY D 223 16.04 47.92 -21.90
CA GLY D 223 15.28 47.11 -22.84
C GLY D 223 14.63 45.86 -22.29
N TYR D 224 14.65 45.69 -20.97
CA TYR D 224 14.02 44.52 -20.35
C TYR D 224 12.51 44.75 -20.18
N LYS D 225 11.72 43.74 -20.51
CA LYS D 225 10.27 43.92 -20.55
C LYS D 225 9.58 43.46 -19.29
N ASN D 226 10.20 42.54 -18.55
CA ASN D 226 9.58 42.04 -17.32
C ASN D 226 10.55 41.76 -16.19
N PRO D 227 11.20 42.81 -15.64
CA PRO D 227 12.15 42.62 -14.54
C PRO D 227 11.40 42.25 -13.28
N VAL D 228 11.79 41.16 -12.65
CA VAL D 228 11.20 40.78 -11.37
C VAL D 228 12.14 41.11 -10.21
N LEU D 229 11.59 41.74 -9.17
CA LEU D 229 12.33 42.02 -7.95
C LEU D 229 12.31 40.79 -7.05
N LEU D 230 13.48 40.33 -6.63
CA LEU D 230 13.57 39.31 -5.60
C LEU D 230 13.90 39.99 -4.26
N LEU D 231 12.84 40.28 -3.49
CA LEU D 231 12.95 40.88 -2.16
C LEU D 231 13.20 39.77 -1.15
N HIS D 232 14.43 39.69 -0.66
CA HIS D 232 14.92 38.46 -0.07
C HIS D 232 15.46 38.66 1.34
N PRO D 233 14.58 38.87 2.33
CA PRO D 233 15.03 39.00 3.72
C PRO D 233 15.74 37.74 4.25
N LEU D 234 16.83 37.96 4.98
CA LEU D 234 17.60 36.90 5.61
C LEU D 234 16.85 36.39 6.83
N GLY D 235 16.75 35.07 6.95
CA GLY D 235 15.91 34.47 7.96
C GLY D 235 16.58 33.51 8.91
N GLY D 236 17.89 33.29 8.75
CA GLY D 236 18.63 32.48 9.69
C GLY D 236 19.03 33.30 10.90
N TYR D 237 19.96 32.80 11.70
CA TYR D 237 20.47 33.53 12.87
C TYR D 237 20.76 35.03 12.63
N THR D 238 20.27 35.86 13.54
CA THR D 238 20.61 37.27 13.56
C THR D 238 20.71 37.64 15.04
N LYS D 239 21.39 38.72 15.37
CA LYS D 239 21.45 39.13 16.76
C LYS D 239 20.06 39.48 17.30
N ALA D 240 19.81 39.07 18.55
CA ALA D 240 18.46 39.04 19.12
C ALA D 240 17.80 40.39 19.37
N ASP D 241 18.59 41.44 19.56
CA ASP D 241 18.03 42.75 19.76
C ASP D 241 17.69 43.48 18.45
N ASP D 242 17.95 42.85 17.31
CA ASP D 242 17.46 43.39 16.05
C ASP D 242 16.01 42.95 15.87
N VAL D 243 15.34 43.56 14.91
CA VAL D 243 13.96 43.20 14.61
C VAL D 243 13.92 41.77 14.09
N PRO D 244 13.19 40.88 14.81
CA PRO D 244 13.11 39.47 14.40
C PRO D 244 12.39 39.28 13.08
N LEU D 245 12.69 38.15 12.43
CA LEU D 245 12.13 37.80 11.12
C LEU D 245 10.60 37.96 11.00
N ASP D 246 9.84 37.45 11.95
CA ASP D 246 8.38 37.51 11.84
C ASP D 246 7.82 38.95 11.87
N TRP D 247 8.42 39.82 12.66
CA TRP D 247 8.03 41.23 12.64
C TRP D 247 8.45 41.87 11.32
N ARG D 248 9.65 41.52 10.86
CA ARG D 248 10.19 42.01 9.60
C ARG D 248 9.33 41.62 8.39
N MET D 249 8.87 40.35 8.36
CA MET D 249 7.96 39.91 7.31
C MET D 249 6.62 40.67 7.31
N LYS D 250 6.09 40.97 8.49
CA LYS D 250 4.84 41.74 8.56
C LYS D 250 5.08 43.15 8.00
N GLN D 251 6.23 43.73 8.35
CA GLN D 251 6.63 45.06 7.91
C GLN D 251 6.77 45.15 6.38
N HIS D 252 7.43 44.16 5.79
CA HIS D 252 7.61 44.12 4.34
C HIS D 252 6.26 44.03 3.63
N GLU D 253 5.38 43.18 4.15
CA GLU D 253 4.04 43.01 3.63
C GLU D 253 3.29 44.35 3.54
N LYS D 254 3.43 45.20 4.55
CA LYS D 254 2.78 46.51 4.56
C LYS D 254 3.40 47.48 3.58
N VAL D 255 4.66 47.27 3.24
CA VAL D 255 5.34 48.13 2.29
C VAL D 255 4.87 47.81 0.86
N LEU D 256 4.63 46.53 0.60
CA LEU D 256 4.17 46.07 -0.70
C LEU D 256 2.70 46.39 -0.88
N GLU D 257 2.01 46.49 0.24
CA GLU D 257 0.59 46.70 0.29
C GLU D 257 0.27 48.19 0.21
N ASP D 258 1.26 49.01 0.56
CA ASP D 258 1.10 50.47 0.50
C ASP D 258 1.48 51.02 -0.86
N GLY D 259 2.15 50.21 -1.66
CA GLY D 259 2.47 50.58 -3.03
C GLY D 259 3.90 51.01 -3.20
N VAL D 260 4.57 51.32 -2.10
CA VAL D 260 6.00 51.65 -2.09
C VAL D 260 6.82 50.74 -3.01
N LEU D 261 6.56 49.43 -2.93
CA LEU D 261 7.09 48.46 -3.88
C LEU D 261 5.90 47.78 -4.58
N ASP D 262 6.10 47.34 -5.82
CA ASP D 262 5.03 46.73 -6.60
C ASP D 262 4.93 45.23 -6.30
N PRO D 263 3.81 44.81 -5.68
CA PRO D 263 3.66 43.40 -5.25
C PRO D 263 3.48 42.48 -6.46
N GLU D 264 3.07 43.06 -7.58
CA GLU D 264 2.83 42.31 -8.80
C GLU D 264 4.10 42.02 -9.60
N THR D 265 5.14 42.81 -9.38
CA THR D 265 6.42 42.56 -10.05
C THR D 265 7.49 42.17 -9.05
N THR D 266 7.05 41.68 -7.90
CA THR D 266 7.93 41.33 -6.79
C THR D 266 7.70 39.91 -6.29
N VAL D 267 8.80 39.19 -6.06
CA VAL D 267 8.74 37.90 -5.40
C VAL D 267 9.31 38.07 -3.99
N VAL D 268 8.55 37.68 -2.97
CA VAL D 268 9.03 37.78 -1.60
C VAL D 268 9.37 36.40 -1.05
N SER D 269 10.57 36.27 -0.51
CA SER D 269 11.06 34.95 -0.12
C SER D 269 12.08 35.08 1.00
N ILE D 270 12.15 34.08 1.87
CA ILE D 270 13.10 34.08 2.97
C ILE D 270 14.38 33.28 2.68
N PHE D 271 15.51 33.97 2.76
CA PHE D 271 16.85 33.39 2.58
C PHE D 271 17.28 32.74 3.89
N PRO D 272 17.54 31.41 3.90
CA PRO D 272 17.68 30.69 5.16
C PRO D 272 19.03 30.80 5.87
N SER D 273 20.00 31.48 5.26
CA SER D 273 21.34 31.55 5.83
C SER D 273 21.37 32.28 7.15
N PRO D 274 22.25 31.85 8.05
CA PRO D 274 22.60 32.65 9.22
C PRO D 274 23.35 33.91 8.78
N MET D 275 23.20 34.99 9.55
CA MET D 275 23.96 36.23 9.34
C MET D 275 25.34 36.17 10.01
N HIS D 276 26.40 36.47 9.27
CA HIS D 276 27.76 36.54 9.84
C HIS D 276 28.07 37.91 10.43
N TYR D 277 27.47 38.96 9.86
CA TYR D 277 27.91 40.33 10.10
C TYR D 277 29.41 40.47 9.80
N ALA D 278 29.80 40.11 8.57
CA ALA D 278 31.21 40.08 8.21
C ALA D 278 31.49 40.96 6.99
N GLY D 279 30.53 41.85 6.71
CA GLY D 279 30.68 42.88 5.70
C GLY D 279 31.14 42.41 4.34
N PRO D 280 32.28 42.95 3.87
CA PRO D 280 32.80 42.73 2.52
C PRO D 280 33.08 41.26 2.26
N THR D 281 33.43 40.53 3.33
CA THR D 281 33.60 39.10 3.20
C THR D 281 32.23 38.43 3.04
N GLU D 282 31.28 38.81 3.89
CA GLU D 282 29.97 38.14 3.87
C GLU D 282 29.16 38.48 2.63
N VAL D 283 29.29 39.72 2.16
CA VAL D 283 28.45 40.18 1.06
C VAL D 283 28.68 39.33 -0.20
N GLN D 284 29.90 38.83 -0.36
CA GLN D 284 30.19 37.91 -1.46
C GLN D 284 29.27 36.68 -1.42
N TRP D 285 29.06 36.17 -0.21
CA TRP D 285 28.15 35.06 0.04
C TRP D 285 26.70 35.44 -0.26
N HIS D 286 26.32 36.67 0.10
CA HIS D 286 24.97 37.13 -0.19
C HIS D 286 24.75 37.17 -1.70
N ALA D 287 25.79 37.54 -2.44
CA ALA D 287 25.68 37.64 -3.90
C ALA D 287 25.72 36.27 -4.56
N LYS D 288 26.67 35.44 -4.14
CA LYS D 288 26.84 34.09 -4.67
C LYS D 288 25.55 33.29 -4.52
N ALA D 289 24.92 33.38 -3.35
CA ALA D 289 23.71 32.61 -3.09
C ALA D 289 22.56 33.05 -3.99
N ARG D 290 22.52 34.34 -4.33
CA ARG D 290 21.42 34.86 -5.14
C ARG D 290 21.60 34.40 -6.58
N ILE D 291 22.86 34.21 -6.98
CA ILE D 291 23.18 33.63 -8.28
C ILE D 291 22.52 32.26 -8.43
N ASN D 292 22.69 31.42 -7.41
CA ASN D 292 22.10 30.08 -7.42
C ASN D 292 20.55 30.10 -7.37
N ALA D 293 19.99 31.22 -6.90
CA ALA D 293 18.55 31.41 -6.87
C ALA D 293 18.03 31.92 -8.21
N GLY D 294 18.94 32.32 -9.10
CA GLY D 294 18.56 32.75 -10.43
C GLY D 294 18.45 34.25 -10.63
N ALA D 295 18.89 35.03 -9.65
CA ALA D 295 18.97 36.48 -9.82
C ALA D 295 20.24 36.84 -10.61
N ASN D 296 20.08 37.57 -11.71
CA ASN D 296 21.25 38.00 -12.49
C ASN D 296 21.68 39.46 -12.27
N PHE D 297 20.88 40.22 -11.52
CA PHE D 297 21.28 41.55 -11.06
C PHE D 297 21.23 41.56 -9.55
N TYR D 298 22.22 42.19 -8.92
CA TYR D 298 22.33 42.23 -7.47
C TYR D 298 22.53 43.64 -6.95
N ILE D 299 21.61 44.12 -6.13
CA ILE D 299 21.70 45.48 -5.61
C ILE D 299 22.53 45.52 -4.33
N VAL D 300 23.41 46.53 -4.24
CA VAL D 300 24.25 46.72 -3.06
C VAL D 300 24.48 48.20 -2.73
N GLY D 301 24.29 48.56 -1.46
CA GLY D 301 24.48 49.94 -1.04
C GLY D 301 25.69 50.07 -0.14
N ARG D 302 25.63 51.01 0.79
CA ARG D 302 26.74 51.25 1.73
C ARG D 302 26.75 50.27 2.89
N ASP D 303 27.96 49.94 3.34
CA ASP D 303 28.17 49.08 4.50
C ASP D 303 27.38 47.79 4.51
N PRO D 304 27.25 47.11 3.36
CA PRO D 304 26.38 45.93 3.43
C PRO D 304 26.94 44.87 4.38
N ALA D 305 26.06 44.17 5.08
CA ALA D 305 26.46 43.16 6.06
C ALA D 305 27.42 43.67 7.14
N GLY D 306 27.50 44.99 7.30
CA GLY D 306 28.36 45.57 8.32
C GLY D 306 27.66 45.72 9.66
N MET D 307 28.44 46.07 10.68
CA MET D 307 27.89 46.43 11.98
C MET D 307 28.95 47.19 12.70
N SER D 308 28.56 47.78 13.82
CA SER D 308 29.48 48.55 14.59
C SER D 308 30.41 47.63 15.36
N HIS D 309 31.61 48.11 15.66
CA HIS D 309 32.57 47.32 16.42
C HIS D 309 31.98 47.05 17.80
N PRO D 310 32.13 45.81 18.29
CA PRO D 310 31.44 45.44 19.53
C PRO D 310 31.78 46.34 20.72
N VAL D 311 33.02 46.80 20.81
CA VAL D 311 33.40 47.71 21.89
C VAL D 311 33.72 49.12 21.38
N GLU D 312 34.79 49.25 20.61
CA GLU D 312 35.17 50.53 19.99
C GLU D 312 34.02 51.26 19.27
N LYS D 313 34.15 52.57 19.15
CA LYS D 313 33.08 53.43 18.67
C LYS D 313 32.79 53.28 17.16
N ARG D 314 33.86 53.10 16.38
CA ARG D 314 33.80 52.94 14.93
C ARG D 314 32.99 51.78 14.39
N ASP D 315 32.81 51.81 13.07
CA ASP D 315 32.28 50.69 12.31
C ASP D 315 33.37 49.65 12.06
N LEU D 316 32.94 48.41 11.90
CA LEU D 316 33.85 47.31 11.61
C LEU D 316 34.52 47.50 10.26
N TYR D 317 33.80 48.06 9.32
CA TYR D 317 34.27 48.14 7.93
C TYR D 317 34.03 49.50 7.32
N ASP D 318 34.84 49.80 6.32
CA ASP D 318 34.66 50.97 5.48
C ASP D 318 33.39 50.76 4.67
N ALA D 319 32.46 51.71 4.77
CA ALA D 319 31.14 51.59 4.13
C ALA D 319 31.18 51.42 2.61
N ASP D 320 32.30 51.75 2.00
CA ASP D 320 32.46 51.59 0.55
C ASP D 320 33.09 50.29 0.09
N HIS D 321 33.67 49.53 1.01
CA HIS D 321 34.41 48.32 0.60
C HIS D 321 33.53 47.19 0.07
N GLY D 322 32.34 47.06 0.63
CA GLY D 322 31.36 46.09 0.14
C GLY D 322 31.16 46.13 -1.38
N LYS D 323 30.75 47.29 -1.91
CA LYS D 323 30.59 47.49 -3.35
C LYS D 323 31.88 47.15 -4.09
N LYS D 324 33.00 47.68 -3.62
CA LYS D 324 34.25 47.53 -4.34
C LYS D 324 34.68 46.06 -4.42
N VAL D 325 34.65 45.39 -3.28
CA VAL D 325 35.04 44.00 -3.19
C VAL D 325 34.11 43.11 -4.03
N LEU D 326 32.82 43.36 -3.95
CA LEU D 326 31.86 42.61 -4.72
C LEU D 326 32.19 42.68 -6.21
N SER D 327 32.55 43.88 -6.65
CA SER D 327 32.80 44.14 -8.08
C SER D 327 34.08 43.47 -8.59
N MET D 328 34.94 43.00 -7.70
CA MET D 328 36.19 42.34 -8.11
C MET D 328 36.27 40.87 -7.70
N ALA D 329 35.24 40.37 -7.02
CA ALA D 329 35.34 39.06 -6.38
C ALA D 329 35.37 37.92 -7.39
N PRO D 330 36.19 36.89 -7.10
CA PRO D 330 36.34 35.73 -8.00
C PRO D 330 35.06 34.93 -8.09
N GLY D 331 34.68 34.52 -9.30
CA GLY D 331 33.44 33.78 -9.47
C GLY D 331 32.16 34.61 -9.44
N LEU D 332 32.28 35.94 -9.34
CA LEU D 332 31.10 36.82 -9.36
C LEU D 332 31.11 37.77 -10.55
N GLU D 333 32.13 37.65 -11.39
CA GLU D 333 32.24 38.45 -12.62
C GLU D 333 30.97 38.42 -13.45
N ARG D 334 30.34 37.25 -13.53
CA ARG D 334 29.14 37.05 -14.37
C ARG D 334 27.83 37.55 -13.73
N LEU D 335 27.91 38.07 -12.53
CA LEU D 335 26.76 38.69 -11.89
C LEU D 335 26.81 40.21 -12.05
N ASN D 336 25.69 40.81 -12.43
CA ASN D 336 25.63 42.25 -12.59
C ASN D 336 25.45 42.94 -11.27
N ILE D 337 26.50 43.62 -10.82
CA ILE D 337 26.45 44.39 -9.59
C ILE D 337 25.90 45.80 -9.86
N LEU D 338 24.86 46.17 -9.13
CA LEU D 338 24.31 47.53 -9.17
C LEU D 338 24.64 48.27 -7.85
N PRO D 339 25.75 49.02 -7.82
CA PRO D 339 26.13 49.75 -6.60
C PRO D 339 25.32 51.03 -6.41
N PHE D 340 24.95 51.36 -5.17
CA PHE D 340 24.28 52.63 -4.90
C PHE D 340 24.98 53.40 -3.78
N ARG D 341 24.94 54.72 -3.87
CA ARG D 341 25.43 55.56 -2.78
C ARG D 341 24.37 55.68 -1.66
N VAL D 342 24.75 56.34 -0.56
CA VAL D 342 23.85 56.46 0.58
C VAL D 342 22.56 57.20 0.23
N ALA D 343 21.44 56.62 0.62
CA ALA D 343 20.16 57.29 0.52
C ALA D 343 19.76 57.73 1.93
N ALA D 344 19.22 58.94 2.03
CA ALA D 344 18.83 59.52 3.30
C ALA D 344 17.67 60.47 3.07
N TYR D 345 17.16 61.06 4.14
CA TYR D 345 15.95 61.87 4.05
C TYR D 345 16.27 63.33 3.69
N ASP D 346 15.85 63.73 2.50
CA ASP D 346 16.01 65.12 2.04
C ASP D 346 14.88 65.96 2.62
N LYS D 347 15.20 66.70 3.67
CA LYS D 347 14.25 67.59 4.33
C LYS D 347 13.61 68.59 3.36
N THR D 348 14.33 68.97 2.31
CA THR D 348 13.83 70.00 1.39
C THR D 348 12.75 69.42 0.47
N GLN D 349 12.70 68.09 0.37
CA GLN D 349 11.70 67.47 -0.48
C GLN D 349 10.75 66.54 0.27
N GLY D 350 11.00 66.31 1.55
CA GLY D 350 10.15 65.41 2.31
C GLY D 350 10.12 64.02 1.69
N LYS D 351 11.28 63.59 1.19
CA LYS D 351 11.38 62.24 0.64
C LYS D 351 12.82 61.76 0.64
N MET D 352 13.00 60.44 0.56
CA MET D 352 14.32 59.84 0.49
C MET D 352 15.00 60.13 -0.85
N ALA D 353 16.29 60.42 -0.79
CA ALA D 353 17.04 60.78 -1.98
C ALA D 353 18.48 60.42 -1.70
N PHE D 354 19.27 60.31 -2.75
CA PHE D 354 20.69 60.01 -2.57
C PHE D 354 21.39 61.17 -1.89
N PHE D 355 22.23 60.86 -0.92
CA PHE D 355 22.91 61.90 -0.16
C PHE D 355 23.75 62.76 -1.08
N ASP D 356 23.64 64.08 -0.93
CA ASP D 356 24.39 65.04 -1.75
C ASP D 356 25.35 65.81 -0.84
N PRO D 357 26.65 65.53 -0.96
CA PRO D 357 27.72 66.12 -0.13
C PRO D 357 27.85 67.65 -0.27
N SER D 358 27.24 68.24 -1.29
CA SER D 358 27.39 69.67 -1.52
C SER D 358 26.30 70.41 -0.77
N ARG D 359 25.41 69.66 -0.14
CA ARG D 359 24.36 70.27 0.68
C ARG D 359 23.91 69.35 1.85
N PRO D 360 24.86 68.97 2.73
CA PRO D 360 24.55 68.00 3.80
C PRO D 360 23.54 68.51 4.82
N GLN D 361 23.38 69.82 4.94
CA GLN D 361 22.43 70.37 5.90
C GLN D 361 20.98 70.03 5.55
N ASP D 362 20.75 69.52 4.35
CA ASP D 362 19.39 69.17 3.89
C ASP D 362 18.98 67.76 4.29
N PHE D 363 19.92 66.98 4.82
CA PHE D 363 19.64 65.59 5.05
C PHE D 363 19.53 65.21 6.51
N LEU D 364 18.57 64.33 6.78
CA LEU D 364 18.38 63.76 8.10
C LEU D 364 18.66 62.26 8.00
N PHE D 365 19.53 61.77 8.87
CA PHE D 365 19.83 60.34 8.96
C PHE D 365 19.09 59.75 10.15
N ILE D 366 18.41 58.65 9.91
CA ILE D 366 17.61 58.03 10.95
C ILE D 366 18.00 56.56 11.10
N SER D 367 18.67 56.26 12.21
CA SER D 367 19.15 54.92 12.48
C SER D 367 18.09 54.08 13.17
N GLY D 368 18.38 52.79 13.27
CA GLY D 368 17.52 51.83 13.94
C GLY D 368 17.25 52.19 15.39
N THR D 369 18.27 52.67 16.09
CA THR D 369 18.12 52.97 17.50
C THR D 369 17.38 54.29 17.66
N LYS D 370 17.54 55.19 16.69
CA LYS D 370 16.73 56.40 16.62
C LYS D 370 15.25 56.05 16.44
N MET D 371 14.96 55.05 15.62
CA MET D 371 13.57 54.61 15.44
C MET D 371 12.98 54.06 16.74
N ARG D 372 13.77 53.26 17.45
CA ARG D 372 13.38 52.77 18.79
C ARG D 372 13.02 53.95 19.71
N THR D 373 13.85 54.98 19.69
CA THR D 373 13.66 56.15 20.55
C THR D 373 12.39 56.88 20.17
N LEU D 374 12.14 56.99 18.86
CA LEU D 374 10.95 57.69 18.38
C LEU D 374 9.67 56.94 18.80
N ALA D 375 9.69 55.63 18.64
CA ALA D 375 8.52 54.83 19.01
C ALA D 375 8.24 54.93 20.51
N ARG D 376 9.31 54.95 21.30
CA ARG D 376 9.22 55.07 22.75
C ARG D 376 8.58 56.39 23.16
N ASN D 377 8.84 57.45 22.41
CA ASN D 377 8.29 58.78 22.71
C ASN D 377 6.93 59.04 22.07
N LYS D 378 6.33 57.98 21.52
CA LYS D 378 5.06 58.07 20.80
C LYS D 378 5.17 59.01 19.61
N GLU D 379 6.37 59.07 19.04
CA GLU D 379 6.65 59.89 17.87
C GLU D 379 6.89 58.98 16.67
N SER D 380 6.93 59.55 15.47
CA SER D 380 7.24 58.78 14.27
C SER D 380 8.30 59.51 13.44
N PRO D 381 9.05 58.76 12.61
CA PRO D 381 9.98 59.46 11.72
C PRO D 381 9.16 60.22 10.69
N PRO D 382 9.79 61.14 9.92
CA PRO D 382 9.03 61.87 8.90
C PRO D 382 8.32 60.91 7.96
N ASP D 383 7.22 61.37 7.39
CA ASP D 383 6.33 60.56 6.57
C ASP D 383 7.02 59.92 5.36
N GLY D 384 7.96 60.66 4.77
CA GLY D 384 8.63 60.22 3.56
C GLY D 384 9.70 59.17 3.80
N PHE D 385 10.05 58.98 5.06
CA PHE D 385 11.08 58.02 5.41
C PHE D 385 10.58 56.57 5.32
N MET D 386 9.37 56.31 5.80
CA MET D 386 8.80 54.97 5.75
C MET D 386 7.28 55.12 5.59
N CYS D 387 6.65 54.24 4.83
CA CYS D 387 5.19 54.32 4.68
C CYS D 387 4.53 54.02 6.03
N PRO D 388 3.40 54.70 6.30
CA PRO D 388 2.76 54.64 7.63
C PRO D 388 2.42 53.22 8.06
N GLY D 389 1.99 52.39 7.12
CA GLY D 389 1.69 51.00 7.40
C GLY D 389 2.91 50.21 7.87
N GLY D 390 4.06 50.48 7.24
CA GLY D 390 5.32 49.89 7.62
C GLY D 390 5.72 50.34 9.02
N TRP D 391 5.52 51.62 9.30
CA TRP D 391 5.87 52.15 10.61
C TRP D 391 4.96 51.60 11.71
N LYS D 392 3.67 51.49 11.40
CA LYS D 392 2.70 50.92 12.33
C LYS D 392 3.24 49.61 12.87
N VAL D 393 3.56 48.72 11.94
CA VAL D 393 4.11 47.41 12.30
C VAL D 393 5.29 47.52 13.24
N LEU D 394 6.21 48.42 12.93
CA LEU D 394 7.38 48.67 13.78
C LEU D 394 6.96 49.16 15.16
N VAL D 395 5.98 50.07 15.18
CA VAL D 395 5.41 50.55 16.44
C VAL D 395 4.87 49.42 17.35
N ASP D 396 4.09 48.48 16.78
CA ASP D 396 3.57 47.35 17.55
C ASP D 396 4.70 46.44 18.03
N TYR D 397 5.75 46.31 17.21
CA TYR D 397 6.87 45.48 17.61
C TYR D 397 7.61 46.07 18.80
N TYR D 398 8.01 47.34 18.72
CA TYR D 398 8.75 47.95 19.84
C TYR D 398 7.90 47.93 21.10
N ASP D 399 6.58 47.98 20.90
CA ASP D 399 5.60 47.91 21.96
C ASP D 399 5.54 46.53 22.62
N SER D 400 5.81 45.48 21.85
CA SER D 400 5.91 44.10 22.37
C SER D 400 6.94 44.01 23.47
N LEU D 401 8.00 44.79 23.34
CA LEU D 401 9.08 44.78 24.32
C LEU D 401 8.69 45.52 25.59
N MET E 1 63.96 28.82 -22.30
CA MET E 1 62.89 27.94 -21.84
C MET E 1 62.59 28.17 -20.36
N LEU E 2 63.08 29.28 -19.81
CA LEU E 2 62.79 29.65 -18.43
C LEU E 2 61.31 30.03 -18.32
N ILE E 3 60.75 29.75 -17.15
CA ILE E 3 59.37 30.09 -16.83
C ILE E 3 59.12 31.60 -16.95
N GLU E 4 58.00 31.96 -17.57
CA GLU E 4 57.67 33.36 -17.82
C GLU E 4 57.28 34.09 -16.56
N PRO E 5 57.71 35.37 -16.44
CA PRO E 5 57.25 36.21 -15.33
C PRO E 5 55.75 36.37 -15.53
N ASP E 6 54.96 36.42 -14.47
CA ASP E 6 53.52 36.42 -14.74
C ASP E 6 53.07 37.74 -15.41
N GLY E 7 52.17 37.62 -16.38
CA GLY E 7 51.83 38.74 -17.24
C GLY E 7 52.63 38.73 -18.54
N GLY E 8 53.65 37.87 -18.61
CA GLY E 8 54.42 37.71 -19.82
C GLY E 8 55.82 38.31 -19.76
N LYS E 9 55.94 39.43 -19.06
CA LYS E 9 57.14 40.25 -19.10
C LYS E 9 57.42 40.83 -17.71
N LEU E 10 58.69 40.97 -17.36
CA LEU E 10 59.06 41.63 -16.12
C LEU E 10 58.75 43.11 -16.20
N VAL E 11 58.21 43.64 -15.12
CA VAL E 11 57.91 45.07 -15.06
C VAL E 11 58.93 45.75 -14.15
N GLU E 12 60.05 46.17 -14.74
CA GLU E 12 61.07 46.93 -14.05
C GLU E 12 60.66 48.39 -13.99
N LEU E 13 61.01 49.07 -12.89
CA LEU E 13 60.54 50.42 -12.65
C LEU E 13 61.69 51.43 -12.49
N VAL E 14 62.88 51.06 -12.94
CA VAL E 14 64.01 51.97 -12.87
C VAL E 14 64.08 52.77 -14.18
N VAL E 15 64.27 54.08 -14.08
CA VAL E 15 64.33 54.91 -15.26
C VAL E 15 65.58 54.57 -16.07
N THR E 16 65.59 54.97 -17.33
CA THR E 16 66.77 54.81 -18.18
C THR E 16 67.93 55.63 -17.65
N ASP E 17 69.15 55.19 -17.93
CA ASP E 17 70.36 55.92 -17.54
C ASP E 17 70.30 57.34 -18.09
N PHE E 18 69.64 57.49 -19.24
CA PHE E 18 69.41 58.77 -19.90
C PHE E 18 68.56 59.77 -19.09
N GLU E 19 67.37 59.33 -18.65
CA GLU E 19 66.43 60.23 -17.96
C GLU E 19 66.80 60.43 -16.49
N ARG E 20 67.81 59.71 -16.03
CA ARG E 20 68.20 59.70 -14.62
C ARG E 20 68.40 61.10 -14.02
N ASP E 21 69.19 61.93 -14.69
CA ASP E 21 69.50 63.25 -14.14
C ASP E 21 68.29 64.18 -14.14
N LEU E 22 67.53 64.15 -15.23
CA LEU E 22 66.29 64.92 -15.32
C LEU E 22 65.35 64.55 -14.17
N LYS E 23 65.27 63.26 -13.88
CA LYS E 23 64.38 62.74 -12.84
C LYS E 23 64.80 63.21 -11.44
N LYS E 24 66.11 63.26 -11.18
CA LYS E 24 66.64 63.74 -9.91
C LYS E 24 66.16 65.16 -9.63
N GLY E 25 66.22 66.01 -10.65
CA GLY E 25 65.79 67.41 -10.52
C GLY E 25 64.29 67.57 -10.40
N GLU E 26 63.53 66.76 -11.14
CA GLU E 26 62.08 66.72 -11.01
C GLU E 26 61.69 66.35 -9.58
N ALA E 27 62.45 65.45 -8.96
CA ALA E 27 62.16 65.01 -7.60
C ALA E 27 62.42 66.11 -6.57
N LEU E 28 63.45 66.90 -6.81
CA LEU E 28 63.80 67.98 -5.91
C LEU E 28 62.70 69.07 -5.84
N SER E 29 61.79 69.07 -6.81
CA SER E 29 60.76 70.10 -6.91
C SER E 29 59.38 69.67 -6.40
N LEU E 30 59.20 68.38 -6.14
CA LEU E 30 57.92 67.85 -5.69
C LEU E 30 57.88 67.76 -4.16
N PRO E 31 56.67 67.69 -3.57
CA PRO E 31 56.55 67.35 -2.15
C PRO E 31 57.26 66.02 -1.89
N ARG E 32 58.01 65.95 -0.78
CA ARG E 32 58.83 64.77 -0.56
C ARG E 32 58.45 63.99 0.68
N ILE E 33 58.68 62.69 0.63
CA ILE E 33 58.38 61.79 1.73
C ILE E 33 59.64 61.03 2.11
N LYS E 34 59.92 60.97 3.41
CA LYS E 34 61.09 60.26 3.88
C LYS E 34 60.73 58.79 4.13
N LEU E 35 61.34 57.92 3.34
CA LEU E 35 61.14 56.48 3.50
C LEU E 35 61.87 55.94 4.72
N SER E 36 61.22 55.04 5.43
CA SER E 36 61.88 54.26 6.45
C SER E 36 62.77 53.23 5.75
N ARG E 37 63.44 52.40 6.53
CA ARG E 37 64.25 51.31 5.98
C ARG E 37 63.38 50.30 5.26
N ILE E 38 62.28 49.90 5.90
CA ILE E 38 61.34 48.98 5.28
C ILE E 38 60.64 49.58 4.03
N ASP E 39 60.38 50.88 4.04
CA ASP E 39 59.83 51.50 2.84
C ASP E 39 60.80 51.35 1.67
N LEU E 40 62.09 51.59 1.93
CA LEU E 40 63.14 51.58 0.92
C LEU E 40 63.35 50.16 0.39
N GLU E 41 63.21 49.17 1.27
CA GLU E 41 63.27 47.79 0.83
C GLU E 41 62.11 47.43 -0.10
N TRP E 42 60.90 47.88 0.25
CA TRP E 42 59.77 47.69 -0.67
C TRP E 42 60.02 48.35 -2.03
N VAL E 43 60.57 49.56 -2.02
CA VAL E 43 60.91 50.25 -3.26
C VAL E 43 61.86 49.41 -4.08
N HIS E 44 62.83 48.81 -3.40
CA HIS E 44 63.79 47.93 -4.03
C HIS E 44 63.08 46.71 -4.64
N VAL E 45 62.19 46.09 -3.87
CA VAL E 45 61.37 44.98 -4.40
C VAL E 45 60.68 45.38 -5.70
N LEU E 46 59.91 46.47 -5.63
CA LEU E 46 59.19 47.02 -6.77
C LEU E 46 60.12 47.39 -7.93
N SER E 47 61.28 47.94 -7.63
CA SER E 47 62.19 48.42 -8.67
C SER E 47 62.57 47.35 -9.70
N GLU E 48 62.95 46.16 -9.22
CA GLU E 48 63.46 45.10 -10.08
C GLU E 48 62.39 44.14 -10.59
N GLY E 49 61.13 44.37 -10.19
CA GLY E 49 60.04 43.56 -10.70
C GLY E 49 59.82 42.19 -10.05
N TRP E 50 60.24 42.06 -8.79
CA TRP E 50 59.87 40.91 -7.99
C TRP E 50 58.35 40.78 -7.86
N ALA E 51 57.68 41.93 -7.89
CA ALA E 51 56.22 41.97 -7.75
C ALA E 51 55.51 42.23 -9.08
N THR E 52 56.15 41.87 -10.18
CA THR E 52 55.56 41.97 -11.51
C THR E 52 54.17 41.31 -11.50
N PRO E 53 53.16 41.96 -12.11
CA PRO E 53 53.17 43.17 -12.93
C PRO E 53 52.81 44.48 -12.20
N LEU E 54 52.90 44.48 -10.88
CA LEU E 54 52.58 45.66 -10.08
C LEU E 54 53.48 46.82 -10.47
N LYS E 55 52.93 48.02 -10.63
CA LYS E 55 53.73 49.14 -11.13
C LYS E 55 54.05 50.23 -10.11
N GLY E 56 53.79 49.96 -8.83
CA GLY E 56 54.10 50.92 -7.79
C GLY E 56 53.51 50.47 -6.48
N PHE E 57 53.45 51.37 -5.50
CA PHE E 57 52.70 51.05 -4.30
C PHE E 57 51.22 50.92 -4.64
N MET E 58 50.57 49.98 -3.97
CA MET E 58 49.21 49.60 -4.29
C MET E 58 48.20 50.70 -4.10
N ARG E 59 47.35 50.84 -5.09
CA ARG E 59 46.17 51.69 -4.99
C ARG E 59 45.14 50.91 -4.18
N GLU E 60 44.04 51.56 -3.84
CA GLU E 60 43.08 50.92 -2.94
C GLU E 60 42.57 49.59 -3.49
N ALA E 61 42.22 49.57 -4.78
CA ALA E 61 41.67 48.39 -5.42
C ALA E 61 42.64 47.18 -5.39
N GLU E 62 43.93 47.44 -5.59
CA GLU E 62 44.95 46.41 -5.49
C GLU E 62 45.10 45.90 -4.05
N PHE E 63 45.10 46.83 -3.11
CA PHE E 63 45.15 46.56 -1.68
C PHE E 63 44.00 45.62 -1.29
N LEU E 64 42.78 46.00 -1.65
CA LEU E 64 41.58 45.21 -1.35
C LEU E 64 41.67 43.79 -1.94
N GLN E 65 42.08 43.71 -3.21
CA GLN E 65 42.22 42.41 -3.88
C GLN E 65 43.17 41.48 -3.14
N THR E 66 44.31 42.03 -2.74
CA THR E 66 45.38 41.32 -2.06
C THR E 66 44.95 40.72 -0.71
N LEU E 67 44.29 41.54 0.09
CA LEU E 67 43.78 41.12 1.40
C LEU E 67 42.68 40.06 1.31
N HIS E 68 41.73 40.27 0.40
CA HIS E 68 40.56 39.40 0.31
C HIS E 68 40.83 38.12 -0.48
N PHE E 69 41.55 38.24 -1.60
CA PHE E 69 41.67 37.16 -2.56
C PHE E 69 43.10 36.66 -2.75
N ASN E 70 44.08 37.36 -2.18
CA ASN E 70 45.48 37.03 -2.40
C ASN E 70 45.81 37.00 -3.90
N SER E 71 45.09 37.81 -4.69
CA SER E 71 45.34 37.82 -6.13
C SER E 71 45.19 39.22 -6.70
N LEU E 72 45.65 39.39 -7.94
CA LEU E 72 45.44 40.62 -8.70
C LEU E 72 44.85 40.29 -10.06
N ARG E 73 43.77 40.98 -10.39
CA ARG E 73 43.11 40.81 -11.66
C ARG E 73 43.82 41.69 -12.69
N LEU E 74 44.22 41.10 -13.82
CA LEU E 74 44.92 41.84 -14.87
C LEU E 74 43.92 42.48 -15.85
N ASP E 75 44.40 43.09 -16.92
CA ASP E 75 43.50 43.73 -17.88
C ASP E 75 42.69 42.73 -18.71
N ASP E 76 43.35 41.68 -19.19
CA ASP E 76 42.63 40.48 -19.63
C ASP E 76 42.06 39.88 -18.34
N GLY E 77 41.06 39.02 -18.43
CA GLY E 77 40.39 38.60 -17.21
C GLY E 77 41.18 37.73 -16.24
N SER E 78 42.46 37.46 -16.53
CA SER E 78 43.26 36.53 -15.73
C SER E 78 43.75 37.10 -14.39
N VAL E 79 44.16 36.21 -13.49
CA VAL E 79 44.68 36.62 -12.19
C VAL E 79 46.10 36.14 -11.95
N VAL E 80 46.87 36.96 -11.23
CA VAL E 80 48.17 36.55 -10.70
C VAL E 80 48.14 36.61 -9.18
N ASN E 81 48.95 35.77 -8.56
CA ASN E 81 49.05 35.73 -7.12
C ASN E 81 49.57 37.08 -6.61
N MET E 82 49.00 37.54 -5.50
CA MET E 82 49.48 38.73 -4.80
C MET E 82 48.91 38.71 -3.39
N SER E 83 49.70 38.25 -2.43
CA SER E 83 49.16 37.93 -1.12
C SER E 83 49.62 38.87 0.01
N VAL E 84 50.55 39.77 -0.27
CA VAL E 84 50.98 40.75 0.73
C VAL E 84 50.94 42.15 0.17
N PRO E 85 50.25 43.05 0.88
CA PRO E 85 50.13 44.45 0.44
C PRO E 85 51.51 45.08 0.35
N ILE E 86 51.78 45.76 -0.74
CA ILE E 86 53.02 46.52 -0.88
C ILE E 86 52.58 47.97 -0.91
N VAL E 87 52.59 48.56 0.28
CA VAL E 87 51.95 49.84 0.49
C VAL E 87 52.87 50.80 1.21
N LEU E 88 52.61 52.09 1.03
CA LEU E 88 53.36 53.17 1.68
C LEU E 88 52.38 53.99 2.54
N ALA E 89 52.63 54.03 3.84
CA ALA E 89 51.76 54.72 4.78
C ALA E 89 52.20 56.15 5.02
N ILE E 90 51.25 57.07 5.05
CA ILE E 90 51.55 58.45 5.40
C ILE E 90 50.69 59.00 6.52
N ASP E 91 51.28 59.95 7.24
CA ASP E 91 50.70 60.82 8.26
C ASP E 91 49.60 61.73 7.75
N ASP E 92 48.85 62.32 8.69
CA ASP E 92 47.93 63.41 8.36
C ASP E 92 48.67 64.64 7.83
N ALA E 93 49.81 64.94 8.45
CA ALA E 93 50.57 66.13 8.10
C ALA E 93 51.15 65.97 6.70
N GLN E 94 51.59 64.75 6.40
CA GLN E 94 52.12 64.45 5.07
C GLN E 94 51.05 64.59 3.99
N LYS E 95 49.86 64.05 4.26
CA LYS E 95 48.73 64.18 3.35
C LYS E 95 48.32 65.64 3.14
N HIS E 96 48.46 66.47 4.17
CA HIS E 96 48.12 67.88 4.03
C HIS E 96 49.19 68.60 3.20
N ARG E 97 50.44 68.29 3.47
CA ARG E 97 51.57 68.88 2.75
C ARG E 97 51.58 68.52 1.26
N ILE E 98 51.15 67.29 0.96
CA ILE E 98 51.00 66.83 -0.42
C ILE E 98 49.83 67.52 -1.10
N GLY E 99 48.70 67.56 -0.40
CA GLY E 99 47.53 68.28 -0.86
C GLY E 99 47.00 67.78 -2.17
N ASP E 100 46.94 68.70 -3.13
CA ASP E 100 46.35 68.46 -4.43
C ASP E 100 47.37 67.89 -5.43
N ASN E 101 48.63 67.81 -5.05
CA ASN E 101 49.66 67.31 -5.94
C ASN E 101 49.35 65.90 -6.44
N LYS E 102 49.70 65.64 -7.70
CA LYS E 102 49.45 64.34 -8.30
C LYS E 102 50.71 63.49 -8.34
N LYS E 103 51.84 64.11 -8.01
CA LYS E 103 53.15 63.46 -7.97
C LYS E 103 53.82 63.75 -6.64
N VAL E 104 54.51 62.77 -6.09
CA VAL E 104 55.35 63.00 -4.92
C VAL E 104 56.71 62.31 -5.11
N ALA E 105 57.71 62.79 -4.39
CA ALA E 105 59.05 62.23 -4.47
C ALA E 105 59.34 61.45 -3.21
N LEU E 106 60.05 60.35 -3.34
CA LEU E 106 60.44 59.56 -2.19
C LEU E 106 61.92 59.79 -1.92
N PHE E 107 62.24 60.17 -0.69
CA PHE E 107 63.63 60.37 -0.29
C PHE E 107 64.08 59.34 0.75
N ASP E 108 65.39 59.10 0.83
CA ASP E 108 65.98 58.24 1.85
C ASP E 108 67.48 58.48 1.93
N SER E 109 67.97 58.75 3.14
CA SER E 109 67.16 58.87 4.36
C SER E 109 67.54 59.95 5.39
N LYS E 110 68.76 60.53 5.46
CA LYS E 110 69.96 60.40 4.59
C LYS E 110 69.92 61.13 3.21
N GLY E 111 68.78 61.75 2.87
CA GLY E 111 68.78 62.87 1.94
C GLY E 111 68.52 62.77 0.43
N ASP E 112 68.84 61.65 -0.20
CA ASP E 112 68.81 61.60 -1.66
C ASP E 112 67.48 61.14 -2.25
N PRO E 113 67.10 61.73 -3.40
CA PRO E 113 65.89 61.34 -4.13
C PRO E 113 66.05 59.93 -4.63
N VAL E 114 65.13 59.04 -4.27
CA VAL E 114 65.21 57.67 -4.74
C VAL E 114 64.14 57.37 -5.77
N ALA E 115 62.96 57.97 -5.61
CA ALA E 115 61.86 57.70 -6.55
C ALA E 115 60.79 58.79 -6.64
N ILE E 116 60.07 58.75 -7.75
CA ILE E 116 58.89 59.58 -7.93
C ILE E 116 57.67 58.68 -7.99
N LEU E 117 56.59 59.08 -7.30
CA LEU E 117 55.32 58.35 -7.35
C LEU E 117 54.30 59.18 -8.11
N ASN E 118 53.82 58.65 -9.23
CA ASN E 118 52.95 59.39 -10.14
C ASN E 118 51.48 59.00 -10.03
N ASN E 119 50.61 59.95 -10.37
CA ASN E 119 49.17 59.80 -10.29
C ASN E 119 48.75 59.19 -8.96
N ILE E 120 49.07 59.87 -7.86
CA ILE E 120 48.88 59.28 -6.54
C ILE E 120 47.41 59.18 -6.18
N GLU E 121 47.08 58.15 -5.40
CA GLU E 121 45.81 58.14 -4.69
C GLU E 121 46.12 57.87 -3.22
N ILE E 122 45.45 58.65 -2.38
CA ILE E 122 45.56 58.53 -0.95
C ILE E 122 44.24 57.97 -0.46
N TYR E 123 44.30 56.97 0.40
CA TYR E 123 43.11 56.35 0.94
C TYR E 123 43.36 55.88 2.38
N LYS E 124 42.29 55.51 3.05
CA LYS E 124 42.35 55.16 4.45
C LYS E 124 43.17 53.89 4.69
N HIS E 125 43.85 53.88 5.84
CA HIS E 125 44.65 52.76 6.24
C HIS E 125 43.89 52.00 7.34
N PRO E 126 43.17 50.93 6.97
CA PRO E 126 42.42 50.20 8.00
C PRO E 126 43.34 49.19 8.66
N LYS E 127 44.01 49.64 9.71
CA LYS E 127 45.11 48.87 10.29
C LYS E 127 44.70 47.50 10.85
N GLU E 128 43.67 47.47 11.69
CA GLU E 128 43.28 46.22 12.32
C GLU E 128 42.86 45.16 11.31
N GLU E 129 42.02 45.58 10.37
CA GLU E 129 41.56 44.72 9.31
C GLU E 129 42.71 44.27 8.43
N ARG E 130 43.65 45.16 8.16
CA ARG E 130 44.83 44.78 7.38
C ARG E 130 45.65 43.67 8.06
N ILE E 131 45.87 43.84 9.37
CA ILE E 131 46.66 42.90 10.14
C ILE E 131 45.98 41.54 10.24
N ALA E 132 44.70 41.59 10.59
CA ALA E 132 43.87 40.41 10.76
C ALA E 132 43.85 39.58 9.48
N ARG E 133 43.70 40.23 8.34
CA ARG E 133 43.56 39.48 7.09
C ARG E 133 44.90 38.94 6.57
N THR E 134 46.01 39.58 6.96
CA THR E 134 47.33 39.18 6.48
C THR E 134 47.95 38.13 7.38
N TRP E 135 47.81 38.30 8.69
CA TRP E 135 48.45 37.42 9.66
C TRP E 135 47.52 36.38 10.29
N GLY E 136 46.22 36.54 10.12
CA GLY E 136 45.27 35.62 10.72
C GLY E 136 45.21 35.79 12.24
N THR E 137 45.64 36.97 12.73
CA THR E 137 45.60 37.27 14.16
C THR E 137 45.80 38.77 14.36
N ILE E 138 45.48 39.29 15.54
CA ILE E 138 45.82 40.70 15.85
C ILE E 138 46.55 40.94 17.17
N ALA E 139 47.16 39.90 17.77
CA ALA E 139 48.04 40.06 18.94
C ALA E 139 49.17 41.11 18.84
N PRO E 140 49.47 41.79 19.95
CA PRO E 140 50.64 42.66 20.04
C PRO E 140 51.92 41.86 20.00
N GLY E 141 52.95 42.39 19.36
CA GLY E 141 54.24 41.72 19.35
C GLY E 141 54.58 41.06 18.03
N LEU E 142 53.69 41.15 17.02
CA LEU E 142 54.06 40.69 15.69
C LEU E 142 55.11 41.67 15.15
N PRO E 143 56.35 41.18 14.96
CA PRO E 143 57.49 42.10 14.75
C PRO E 143 57.35 43.00 13.53
N TYR E 144 56.94 42.46 12.39
CA TYR E 144 56.78 43.30 11.22
C TYR E 144 55.68 44.33 11.49
N VAL E 145 54.58 43.86 12.07
CA VAL E 145 53.45 44.72 12.40
C VAL E 145 53.89 45.92 13.27
N GLU E 146 54.64 45.59 14.34
CA GLU E 146 55.12 46.58 15.29
C GLU E 146 56.09 47.55 14.63
N GLN E 147 56.88 47.00 13.73
CA GLN E 147 57.92 47.77 13.08
C GLN E 147 57.37 48.81 12.10
N THR E 148 56.29 48.49 11.40
CA THR E 148 55.85 49.35 10.28
C THR E 148 54.34 49.57 10.11
N ILE E 149 53.51 48.93 10.94
CA ILE E 149 52.08 49.19 10.86
C ILE E 149 51.50 49.92 12.09
N THR E 150 51.75 49.39 13.29
CA THR E 150 51.03 49.87 14.48
C THR E 150 51.21 51.38 14.72
N ASN E 151 52.40 51.89 14.41
CA ASN E 151 52.66 53.32 14.51
C ASN E 151 52.68 54.06 13.18
N ALA E 152 52.20 53.43 12.11
CA ALA E 152 52.21 54.11 10.82
C ALA E 152 51.16 55.19 10.80
N GLY E 153 51.21 56.04 9.76
CA GLY E 153 50.18 57.04 9.52
C GLY E 153 48.88 56.33 9.19
N ASN E 154 47.77 57.06 9.22
CA ASN E 154 46.45 56.48 9.04
C ASN E 154 46.00 56.48 7.57
N TRP E 155 46.90 56.85 6.68
CA TRP E 155 46.60 56.87 5.26
C TRP E 155 47.59 56.01 4.49
N LEU E 156 47.12 55.41 3.42
CA LEU E 156 48.04 54.81 2.45
C LEU E 156 48.07 55.65 1.16
N ILE E 157 49.24 55.68 0.52
CA ILE E 157 49.40 56.34 -0.78
C ILE E 157 49.89 55.32 -1.82
N GLY E 158 49.20 55.27 -2.96
CA GLY E 158 49.57 54.39 -4.05
C GLY E 158 49.82 55.18 -5.32
N GLY E 159 50.46 54.55 -6.30
CA GLY E 159 50.70 55.18 -7.59
C GLY E 159 51.70 54.45 -8.45
N ASP E 160 52.00 55.05 -9.60
CA ASP E 160 52.96 54.50 -10.53
C ASP E 160 54.35 54.97 -10.13
N LEU E 161 55.26 54.01 -10.01
CA LEU E 161 56.55 54.29 -9.40
C LEU E 161 57.68 54.44 -10.43
N GLU E 162 58.42 55.53 -10.32
CA GLU E 162 59.62 55.69 -11.12
C GLU E 162 60.82 55.73 -10.18
N VAL E 163 61.70 54.74 -10.28
CA VAL E 163 62.86 54.70 -9.41
C VAL E 163 64.10 55.27 -10.10
N ILE E 164 64.69 56.29 -9.49
CA ILE E 164 65.82 56.99 -10.10
C ILE E 164 67.08 56.13 -10.33
N GLU E 165 67.61 55.56 -9.26
CA GLU E 165 68.83 54.76 -9.37
C GLU E 165 68.55 53.36 -8.85
N PRO E 166 69.32 52.37 -9.34
CA PRO E 166 69.25 51.05 -8.72
C PRO E 166 69.64 51.14 -7.24
N ILE E 167 68.91 50.42 -6.40
CA ILE E 167 69.13 50.52 -4.98
C ILE E 167 70.32 49.70 -4.50
N GLN E 168 71.19 50.36 -3.72
CA GLN E 168 72.39 49.75 -3.18
C GLN E 168 72.48 50.15 -1.71
N TYR E 169 72.93 49.21 -0.87
CA TYR E 169 73.00 49.46 0.56
C TYR E 169 74.42 49.75 1.05
N ASN E 170 75.41 49.43 0.22
CA ASN E 170 76.82 49.65 0.53
C ASN E 170 77.27 49.05 1.85
N ASP E 171 76.87 47.79 2.04
CA ASP E 171 77.16 47.04 3.24
C ASP E 171 78.09 45.85 2.96
N GLY E 172 78.65 45.79 1.76
CA GLY E 172 79.53 44.69 1.41
C GLY E 172 78.81 43.44 0.93
N LEU E 173 77.49 43.54 0.73
CA LEU E 173 76.73 42.42 0.22
C LEU E 173 76.03 42.71 -1.11
N ASP E 174 76.29 43.87 -1.70
CA ASP E 174 75.55 44.27 -2.90
C ASP E 174 75.72 43.30 -4.07
N HIS E 175 76.92 42.74 -4.19
CA HIS E 175 77.21 41.78 -5.26
C HIS E 175 76.42 40.47 -5.12
N PHE E 176 75.74 40.28 -4.00
CA PHE E 176 74.84 39.14 -3.87
C PHE E 176 73.40 39.52 -4.19
N ARG E 177 73.14 40.81 -4.34
CA ARG E 177 71.77 41.28 -4.54
C ARG E 177 71.42 41.34 -6.02
N LEU E 178 71.17 40.17 -6.59
CA LEU E 178 70.92 40.07 -8.01
C LEU E 178 69.43 40.30 -8.35
N SER E 179 69.18 41.13 -9.34
CA SER E 179 67.83 41.33 -9.84
C SER E 179 67.33 40.05 -10.51
N PRO E 180 66.01 39.93 -10.70
CA PRO E 180 65.45 38.81 -11.46
C PRO E 180 65.96 38.76 -12.91
N THR E 181 66.26 39.92 -13.49
CA THR E 181 66.86 40.00 -14.81
C THR E 181 68.24 39.32 -14.81
N GLN E 182 69.08 39.69 -13.84
CA GLN E 182 70.40 39.08 -13.71
C GLN E 182 70.32 37.59 -13.41
N LEU E 183 69.44 37.22 -12.48
CA LEU E 183 69.20 35.81 -12.15
C LEU E 183 68.82 34.99 -13.39
N ARG E 184 67.87 35.50 -14.18
CA ARG E 184 67.52 34.83 -15.42
C ARG E 184 68.70 34.70 -16.38
N ALA E 185 69.56 35.71 -16.45
CA ALA E 185 70.76 35.60 -17.30
C ALA E 185 71.72 34.51 -16.82
N GLU E 186 71.95 34.45 -15.51
CA GLU E 186 72.80 33.42 -14.92
C GLU E 186 72.27 32.04 -15.27
N PHE E 187 70.98 31.85 -15.16
CA PHE E 187 70.36 30.55 -15.44
C PHE E 187 70.58 30.13 -16.90
N THR E 188 70.29 31.02 -17.84
CA THR E 188 70.47 30.72 -19.25
C THR E 188 71.94 30.54 -19.60
N ARG E 189 72.80 31.34 -18.96
CA ARG E 189 74.24 31.19 -19.08
C ARG E 189 74.69 29.77 -18.74
N ARG E 190 74.08 29.19 -17.71
CA ARG E 190 74.42 27.86 -17.24
C ARG E 190 73.71 26.76 -18.02
N ASN E 191 72.97 27.16 -19.04
CA ASN E 191 72.15 26.24 -19.83
C ASN E 191 71.21 25.38 -18.95
N ALA E 192 70.82 25.93 -17.81
CA ALA E 192 69.90 25.29 -16.89
C ALA E 192 68.56 24.96 -17.56
N ASP E 193 68.11 23.71 -17.42
CA ASP E 193 66.83 23.30 -18.00
C ASP E 193 65.81 23.09 -16.90
N ALA E 194 66.23 23.36 -15.66
CA ALA E 194 65.31 23.43 -14.53
C ALA E 194 65.94 24.23 -13.41
N VAL E 195 65.16 25.13 -12.81
CA VAL E 195 65.66 25.98 -11.75
C VAL E 195 64.80 25.81 -10.50
N PHE E 196 65.39 25.25 -9.46
CA PHE E 196 64.66 25.03 -8.23
C PHE E 196 65.13 25.95 -7.11
N ALA E 197 64.16 26.66 -6.55
CA ALA E 197 64.40 27.68 -5.56
C ALA E 197 64.31 27.08 -4.18
N PHE E 198 65.13 27.61 -3.28
CA PHE E 198 64.99 27.37 -1.87
C PHE E 198 65.03 28.70 -1.11
N GLN E 199 63.84 29.19 -0.76
CA GLN E 199 63.66 30.35 0.10
C GLN E 199 64.04 29.96 1.52
N LEU E 200 64.65 30.88 2.25
CA LEU E 200 65.04 30.64 3.64
C LEU E 200 65.36 31.95 4.34
N ARG E 201 65.28 31.93 5.67
CA ARG E 201 65.58 33.10 6.49
C ARG E 201 66.57 32.75 7.61
N ASN E 202 66.88 31.46 7.73
CA ASN E 202 67.68 30.93 8.82
C ASN E 202 69.00 30.33 8.32
N PRO E 203 69.91 29.97 9.23
CA PRO E 203 71.11 29.24 8.78
C PRO E 203 70.73 27.87 8.20
N VAL E 204 71.52 27.40 7.25
CA VAL E 204 71.26 26.10 6.64
C VAL E 204 71.79 24.97 7.52
N HIS E 205 70.88 24.14 8.04
CA HIS E 205 71.31 22.88 8.65
C HIS E 205 71.16 21.73 7.64
N ASN E 206 71.65 20.55 8.01
CA ASN E 206 71.66 19.42 7.08
C ASN E 206 70.25 18.87 6.78
N GLY E 207 69.27 19.27 7.58
CA GLY E 207 67.89 19.01 7.25
C GLY E 207 67.47 19.77 6.01
N HIS E 208 67.79 21.06 5.97
CA HIS E 208 67.47 21.88 4.80
C HIS E 208 68.20 21.34 3.59
N ALA E 209 69.46 20.94 3.79
CA ALA E 209 70.27 20.41 2.72
C ALA E 209 69.66 19.14 2.12
N LEU E 210 69.12 18.29 3.00
CA LEU E 210 68.44 17.10 2.55
C LEU E 210 67.34 17.46 1.54
N LEU E 211 66.48 18.42 1.90
CA LEU E 211 65.46 18.97 1.00
C LEU E 211 66.03 19.39 -0.36
N MET E 212 67.18 20.05 -0.34
CA MET E 212 67.78 20.54 -1.57
C MET E 212 68.43 19.43 -2.41
N THR E 213 69.17 18.55 -1.77
CA THR E 213 69.81 17.46 -2.48
C THR E 213 68.81 16.40 -2.97
N ASP E 214 67.72 16.22 -2.22
CA ASP E 214 66.68 15.28 -2.63
C ASP E 214 65.93 15.81 -3.83
N THR E 215 65.70 17.10 -3.86
CA THR E 215 65.09 17.75 -5.02
C THR E 215 65.92 17.58 -6.29
N ARG E 216 67.24 17.75 -6.17
CA ARG E 216 68.13 17.58 -7.30
C ARG E 216 68.08 16.16 -7.88
N LYS E 217 68.10 15.17 -7.00
CA LYS E 217 67.98 13.77 -7.42
C LYS E 217 66.68 13.54 -8.18
N ARG E 218 65.59 14.11 -7.67
CA ARG E 218 64.28 13.96 -8.29
C ARG E 218 64.22 14.61 -9.65
N LEU E 219 64.79 15.80 -9.76
CA LEU E 219 64.89 16.48 -11.04
C LEU E 219 65.72 15.66 -12.04
N LEU E 220 66.77 15.01 -11.54
CA LEU E 220 67.58 14.13 -12.40
C LEU E 220 66.80 12.86 -12.79
N GLU E 221 66.04 12.32 -11.85
CA GLU E 221 65.18 11.17 -12.14
C GLU E 221 64.07 11.54 -13.13
N MET E 222 63.74 12.82 -13.19
CA MET E 222 62.66 13.30 -14.05
C MET E 222 63.11 13.36 -15.50
N GLY E 223 64.42 13.40 -15.71
CA GLY E 223 64.98 13.51 -17.04
C GLY E 223 65.71 14.83 -17.29
N TYR E 224 65.67 15.74 -16.32
CA TYR E 224 66.39 17.01 -16.44
C TYR E 224 67.90 16.77 -16.49
N LYS E 225 68.60 17.56 -17.31
CA LYS E 225 70.04 17.35 -17.51
C LYS E 225 70.86 18.33 -16.70
N ASN E 226 70.31 19.51 -16.47
CA ASN E 226 71.04 20.57 -15.80
C ASN E 226 70.22 21.33 -14.77
N PRO E 227 69.88 20.69 -13.66
CA PRO E 227 69.10 21.39 -12.63
C PRO E 227 69.99 22.35 -11.87
N VAL E 228 69.51 23.57 -11.64
CA VAL E 228 70.27 24.54 -10.86
C VAL E 228 69.50 24.97 -9.61
N LEU E 229 70.17 24.89 -8.46
CA LEU E 229 69.62 25.33 -7.20
C LEU E 229 69.75 26.85 -7.09
N LEU E 230 68.68 27.51 -6.67
CA LEU E 230 68.77 28.91 -6.34
C LEU E 230 68.63 29.03 -4.85
N LEU E 231 69.78 29.15 -4.16
CA LEU E 231 69.81 29.36 -2.72
C LEU E 231 69.56 30.84 -2.50
N HIS E 232 68.39 31.17 -1.96
CA HIS E 232 67.92 32.55 -1.97
C HIS E 232 67.51 33.05 -0.59
N PRO E 233 68.49 33.32 0.28
CA PRO E 233 68.18 33.89 1.59
C PRO E 233 67.51 35.26 1.50
N LEU E 234 66.52 35.47 2.36
CA LEU E 234 65.81 36.74 2.44
C LEU E 234 66.71 37.77 3.13
N GLY E 235 66.67 39.02 2.67
CA GLY E 235 67.59 40.03 3.13
C GLY E 235 67.00 41.34 3.62
N GLY E 236 65.70 41.57 3.37
CA GLY E 236 65.03 42.73 3.95
C GLY E 236 64.81 42.54 5.44
N TYR E 237 63.99 43.37 6.07
CA TYR E 237 63.72 43.28 7.51
C TYR E 237 63.50 41.87 8.04
N THR E 238 64.14 41.58 9.17
CA THR E 238 63.88 40.35 9.93
C THR E 238 63.82 40.73 11.40
N LYS E 239 63.18 39.87 12.21
CA LYS E 239 63.06 40.16 13.63
C LYS E 239 64.42 40.15 14.33
N ALA E 240 64.41 40.72 15.54
CA ALA E 240 65.62 41.02 16.30
C ALA E 240 66.45 39.80 16.67
N ASP E 241 65.79 38.73 17.09
CA ASP E 241 66.48 37.57 17.64
C ASP E 241 66.92 36.56 16.57
N ASP E 242 66.68 36.87 15.30
CA ASP E 242 67.15 36.01 14.23
C ASP E 242 68.63 36.29 13.98
N VAL E 243 69.31 35.35 13.33
CA VAL E 243 70.69 35.55 12.94
C VAL E 243 70.71 36.54 11.77
N PRO E 244 71.48 37.63 11.90
CA PRO E 244 71.47 38.66 10.84
C PRO E 244 72.05 38.15 9.51
N LEU E 245 71.56 38.75 8.43
CA LEU E 245 71.95 38.42 7.06
C LEU E 245 73.43 38.19 6.86
N ASP E 246 74.25 39.13 7.34
CA ASP E 246 75.68 38.99 7.13
C ASP E 246 76.26 37.70 7.75
N TRP E 247 75.81 37.35 8.95
CA TRP E 247 76.24 36.10 9.55
C TRP E 247 75.73 34.88 8.76
N ARG E 248 74.49 34.96 8.30
CA ARG E 248 73.87 33.90 7.51
C ARG E 248 74.58 33.66 6.19
N MET E 249 74.98 34.75 5.53
CA MET E 249 75.73 34.66 4.28
C MET E 249 77.09 33.99 4.49
N LYS E 250 77.73 34.31 5.62
CA LYS E 250 79.00 33.67 5.94
C LYS E 250 78.75 32.19 6.24
N GLN E 251 77.64 31.92 6.94
CA GLN E 251 77.23 30.55 7.22
C GLN E 251 77.04 29.74 5.94
N HIS E 252 76.25 30.28 5.00
CA HIS E 252 75.95 29.59 3.74
C HIS E 252 77.23 29.31 2.94
N GLU E 253 78.10 30.30 2.91
CA GLU E 253 79.40 30.17 2.27
C GLU E 253 80.21 28.97 2.80
N LYS E 254 80.18 28.76 4.12
CA LYS E 254 80.83 27.56 4.70
C LYS E 254 80.07 26.28 4.37
N VAL E 255 78.75 26.37 4.24
CA VAL E 255 77.96 25.20 3.88
C VAL E 255 78.36 24.74 2.48
N LEU E 256 78.50 25.70 1.57
CA LEU E 256 78.89 25.41 0.19
C LEU E 256 80.33 24.91 0.08
N GLU E 257 81.17 25.37 1.01
CA GLU E 257 82.57 25.04 1.01
C GLU E 257 82.82 23.64 1.60
N ASP E 258 82.00 23.22 2.55
CA ASP E 258 82.07 21.86 3.06
C ASP E 258 81.45 20.86 2.08
N GLY E 259 80.88 21.39 1.00
CA GLY E 259 80.33 20.55 -0.06
C GLY E 259 78.97 19.94 0.23
N VAL E 260 78.37 20.30 1.35
CA VAL E 260 77.03 19.87 1.71
C VAL E 260 76.03 20.29 0.63
N LEU E 261 76.31 21.44 0.02
CA LEU E 261 75.62 21.88 -1.18
C LEU E 261 76.69 22.10 -2.24
N ASP E 262 76.41 21.69 -3.48
CA ASP E 262 77.41 21.75 -4.54
C ASP E 262 77.45 23.16 -5.14
N PRO E 263 78.57 23.87 -4.91
CA PRO E 263 78.73 25.26 -5.35
C PRO E 263 78.67 25.36 -6.86
N GLU E 264 79.02 24.28 -7.55
CA GLU E 264 79.06 24.26 -9.01
C GLU E 264 77.67 24.34 -9.62
N THR E 265 76.68 23.78 -8.93
CA THR E 265 75.33 23.70 -9.46
C THR E 265 74.37 24.60 -8.66
N THR E 266 74.94 25.57 -7.97
CA THR E 266 74.17 26.44 -7.10
C THR E 266 74.45 27.92 -7.38
N VAL E 267 73.38 28.70 -7.48
CA VAL E 267 73.48 30.15 -7.52
C VAL E 267 73.01 30.72 -6.18
N VAL E 268 73.86 31.53 -5.54
CA VAL E 268 73.49 32.14 -4.27
C VAL E 268 73.19 33.61 -4.48
N SER E 269 72.04 34.07 -4.02
CA SER E 269 71.79 35.51 -3.98
C SER E 269 70.81 35.90 -2.89
N ILE E 270 70.72 37.20 -2.65
CA ILE E 270 69.86 37.74 -1.62
C ILE E 270 68.56 38.25 -2.22
N PHE E 271 67.45 37.80 -1.61
CA PHE E 271 66.10 38.24 -1.96
C PHE E 271 65.75 39.44 -1.06
N PRO E 272 65.49 40.61 -1.67
CA PRO E 272 65.48 41.87 -0.91
C PRO E 272 64.22 42.13 -0.08
N SER E 273 63.20 41.32 -0.25
CA SER E 273 61.95 41.55 0.45
C SER E 273 62.11 41.58 1.97
N PRO E 274 61.43 42.52 2.63
CA PRO E 274 61.30 42.37 4.08
C PRO E 274 60.55 41.08 4.41
N MET E 275 60.65 40.60 5.66
CA MET E 275 59.97 39.39 6.09
C MET E 275 58.71 39.74 6.90
N HIS E 276 57.57 39.17 6.51
CA HIS E 276 56.31 39.41 7.21
C HIS E 276 56.15 38.52 8.46
N TYR E 277 56.68 37.30 8.41
CA TYR E 277 56.30 36.24 9.35
C TYR E 277 54.79 36.00 9.36
N ALA E 278 54.22 35.78 8.17
CA ALA E 278 52.77 35.64 8.03
C ALA E 278 52.39 34.29 7.39
N GLY E 279 53.29 33.32 7.54
CA GLY E 279 53.09 31.95 7.14
C GLY E 279 52.45 31.68 5.79
N PRO E 280 51.31 30.96 5.81
CA PRO E 280 50.57 30.52 4.61
C PRO E 280 50.23 31.71 3.70
N THR E 281 49.90 32.87 4.29
CA THR E 281 49.67 34.06 3.48
C THR E 281 50.97 34.49 2.83
N GLU E 282 52.04 34.53 3.64
CA GLU E 282 53.35 35.00 3.15
C GLU E 282 54.04 34.05 2.15
N VAL E 283 53.93 32.75 2.37
CA VAL E 283 54.64 31.80 1.51
C VAL E 283 54.24 31.98 0.03
N GLN E 284 52.99 32.32 -0.24
CA GLN E 284 52.56 32.68 -1.59
C GLN E 284 53.46 33.72 -2.23
N TRP E 285 53.78 34.77 -1.47
CA TRP E 285 54.65 35.84 -1.94
C TRP E 285 56.08 35.36 -2.14
N HIS E 286 56.55 34.48 -1.28
CA HIS E 286 57.86 33.91 -1.46
C HIS E 286 57.91 33.16 -2.80
N ALA E 287 56.84 32.43 -3.09
CA ALA E 287 56.79 31.59 -4.29
C ALA E 287 56.62 32.43 -5.57
N LYS E 288 55.74 33.41 -5.49
CA LYS E 288 55.46 34.32 -6.58
C LYS E 288 56.73 35.09 -7.03
N ALA E 289 57.46 35.62 -6.06
CA ALA E 289 58.71 36.32 -6.35
C ALA E 289 59.73 35.42 -7.07
N ARG E 290 59.70 34.13 -6.77
CA ARG E 290 60.66 33.20 -7.34
C ARG E 290 60.26 32.82 -8.76
N ILE E 291 58.96 32.90 -9.04
CA ILE E 291 58.46 32.76 -10.41
C ILE E 291 59.04 33.86 -11.28
N ASN E 292 59.02 35.09 -10.76
CA ASN E 292 59.57 36.23 -11.50
C ASN E 292 61.09 36.15 -11.64
N ALA E 293 61.74 35.45 -10.71
CA ALA E 293 63.18 35.27 -10.76
C ALA E 293 63.56 34.18 -11.74
N GLY E 294 62.56 33.43 -12.20
CA GLY E 294 62.81 32.37 -13.16
C GLY E 294 62.94 30.96 -12.59
N ALA E 295 62.51 30.77 -11.35
CA ALA E 295 62.44 29.44 -10.78
C ALA E 295 61.11 28.77 -11.16
N ASN E 296 61.20 27.60 -11.78
CA ASN E 296 60.01 26.83 -12.13
C ASN E 296 59.71 25.69 -11.15
N PHE E 297 60.60 25.51 -10.17
CA PHE E 297 60.38 24.57 -9.09
C PHE E 297 60.57 25.30 -7.76
N TYR E 298 59.73 24.96 -6.78
CA TYR E 298 59.75 25.66 -5.53
C TYR E 298 59.66 24.69 -4.35
N ILE E 299 60.75 24.60 -3.58
CA ILE E 299 60.86 23.72 -2.43
C ILE E 299 60.15 24.33 -1.23
N VAL E 300 59.32 23.54 -0.58
CA VAL E 300 58.63 24.00 0.62
C VAL E 300 58.51 22.86 1.63
N GLY E 301 58.75 23.18 2.90
CA GLY E 301 58.63 22.20 3.96
C GLY E 301 57.55 22.55 4.97
N ARG E 302 57.82 22.23 6.22
CA ARG E 302 56.90 22.46 7.33
C ARG E 302 56.94 23.91 7.85
N ASP E 303 55.76 24.45 8.14
CA ASP E 303 55.64 25.79 8.74
C ASP E 303 56.43 26.92 8.03
N PRO E 304 56.33 27.02 6.69
CA PRO E 304 57.14 28.07 6.06
C PRO E 304 56.68 29.46 6.45
N ALA E 305 57.62 30.37 6.69
CA ALA E 305 57.29 31.76 7.06
C ALA E 305 56.50 31.85 8.37
N GLY E 306 56.49 30.75 9.13
CA GLY E 306 55.84 30.73 10.44
C GLY E 306 56.70 31.28 11.58
N MET E 307 56.04 31.55 12.70
CA MET E 307 56.74 31.81 13.95
C MET E 307 55.81 31.50 15.10
N SER E 308 56.35 31.54 16.31
CA SER E 308 55.56 31.39 17.50
C SER E 308 54.61 32.57 17.66
N HIS E 309 53.44 32.32 18.26
CA HIS E 309 52.53 33.40 18.65
C HIS E 309 53.24 34.31 19.65
N PRO E 310 53.04 35.63 19.54
CA PRO E 310 53.78 36.59 20.37
C PRO E 310 53.39 36.58 21.82
N VAL E 311 52.13 36.21 22.10
CA VAL E 311 51.64 36.23 23.48
C VAL E 311 51.56 34.82 24.02
N GLU E 312 51.05 33.93 23.18
CA GLU E 312 50.74 32.56 23.55
C GLU E 312 51.88 31.61 23.26
N LYS E 313 51.79 30.44 23.88
CA LYS E 313 52.80 29.40 23.75
C LYS E 313 52.34 28.43 22.68
N ARG E 314 52.44 28.83 21.43
CA ARG E 314 52.03 27.98 20.31
C ARG E 314 52.47 28.59 19.00
N ASP E 315 52.39 27.81 17.95
CA ASP E 315 52.70 28.35 16.66
C ASP E 315 51.54 29.22 16.18
N LEU E 316 51.88 30.27 15.46
CA LEU E 316 50.92 31.09 14.74
C LEU E 316 50.07 30.24 13.78
N TYR E 317 50.73 29.37 13.02
CA TYR E 317 50.09 28.59 11.96
C TYR E 317 50.30 27.07 12.07
N ASP E 318 49.29 26.32 11.64
CA ASP E 318 49.38 24.89 11.37
C ASP E 318 50.53 24.67 10.38
N ALA E 319 51.50 23.87 10.80
CA ALA E 319 52.71 23.61 10.02
C ALA E 319 52.45 23.03 8.63
N ASP E 320 51.30 22.39 8.46
CA ASP E 320 50.94 21.77 7.18
C ASP E 320 50.27 22.71 6.19
N HIS E 321 49.87 23.89 6.65
CA HIS E 321 49.03 24.79 5.83
C HIS E 321 49.75 25.51 4.70
N GLY E 322 51.00 25.87 4.91
CA GLY E 322 51.80 26.50 3.88
C GLY E 322 51.80 25.67 2.60
N LYS E 323 52.23 24.41 2.71
CA LYS E 323 52.24 23.49 1.58
C LYS E 323 50.89 23.45 0.87
N LYS E 324 49.84 23.11 1.62
CA LYS E 324 48.50 22.98 1.05
C LYS E 324 47.99 24.24 0.35
N VAL E 325 48.16 25.39 1.03
CA VAL E 325 47.71 26.68 0.50
C VAL E 325 48.46 27.00 -0.78
N LEU E 326 49.76 26.72 -0.75
CA LEU E 326 50.61 26.91 -1.92
C LEU E 326 50.10 26.11 -3.12
N SER E 327 49.70 24.88 -2.85
CA SER E 327 49.29 23.99 -3.93
C SER E 327 47.93 24.38 -4.51
N MET E 328 47.21 25.25 -3.80
CA MET E 328 45.89 25.71 -4.25
C MET E 328 45.86 27.19 -4.65
N ALA E 329 46.96 27.92 -4.44
CA ALA E 329 46.95 29.38 -4.63
C ALA E 329 46.68 29.82 -6.07
N PRO E 330 45.85 30.87 -6.22
CA PRO E 330 45.61 31.45 -7.56
C PRO E 330 46.87 32.12 -8.12
N GLY E 331 47.15 31.94 -9.41
CA GLY E 331 48.35 32.48 -10.02
C GLY E 331 49.62 31.63 -9.89
N LEU E 332 49.58 30.59 -9.06
CA LEU E 332 50.75 29.78 -8.78
C LEU E 332 50.59 28.31 -9.21
N GLU E 333 49.60 28.05 -10.05
CA GLU E 333 49.37 26.69 -10.52
C GLU E 333 50.44 26.26 -11.53
N ARG E 334 51.04 27.23 -12.21
CA ARG E 334 52.08 26.92 -13.20
C ARG E 334 53.47 26.72 -12.60
N LEU E 335 53.63 27.03 -11.32
CA LEU E 335 54.89 26.74 -10.62
C LEU E 335 54.83 25.31 -10.10
N ASN E 336 55.94 24.59 -10.18
CA ASN E 336 56.00 23.23 -9.66
C ASN E 336 56.35 23.23 -8.18
N ILE E 337 55.38 22.88 -7.35
CA ILE E 337 55.61 22.88 -5.92
C ILE E 337 56.17 21.54 -5.47
N LEU E 338 57.23 21.60 -4.68
CA LEU E 338 57.86 20.41 -4.13
C LEU E 338 57.73 20.43 -2.61
N PRO E 339 56.67 19.80 -2.07
CA PRO E 339 56.48 19.75 -0.61
C PRO E 339 57.34 18.67 0.02
N PHE E 340 57.83 18.88 1.24
CA PHE E 340 58.59 17.87 1.98
C PHE E 340 58.08 17.77 3.42
N ARG E 341 58.19 16.58 3.99
CA ARG E 341 57.86 16.41 5.40
C ARG E 341 59.01 16.94 6.24
N VAL E 342 58.84 16.92 7.57
CA VAL E 342 59.88 17.38 8.49
C VAL E 342 61.13 16.52 8.44
N ALA E 343 62.27 17.19 8.39
CA ALA E 343 63.52 16.47 8.52
C ALA E 343 64.07 16.77 9.93
N ALA E 344 64.66 15.76 10.56
CA ALA E 344 65.19 15.86 11.92
C ALA E 344 66.35 14.89 12.09
N TYR E 345 67.02 14.99 13.23
CA TYR E 345 68.19 14.19 13.48
C TYR E 345 67.80 12.77 13.90
N ASP E 346 68.17 11.81 13.08
CA ASP E 346 67.97 10.40 13.37
C ASP E 346 69.18 9.81 14.12
N LYS E 347 69.00 9.58 15.41
CA LYS E 347 70.05 9.00 16.27
C LYS E 347 70.56 7.65 15.77
N THR E 348 69.69 6.89 15.12
CA THR E 348 70.05 5.55 14.65
C THR E 348 70.92 5.60 13.40
N GLN E 349 71.12 6.79 12.85
CA GLN E 349 71.92 6.93 11.64
C GLN E 349 72.96 8.04 11.70
N GLY E 350 72.92 8.83 12.78
CA GLY E 350 73.90 9.88 12.99
C GLY E 350 73.80 10.95 11.91
N LYS E 351 72.63 11.12 11.33
CA LYS E 351 72.42 12.16 10.33
C LYS E 351 70.98 12.66 10.27
N MET E 352 70.77 13.74 9.52
CA MET E 352 69.45 14.27 9.27
C MET E 352 68.64 13.38 8.31
N ALA E 353 67.39 13.07 8.67
CA ALA E 353 66.53 12.26 7.81
C ALA E 353 65.11 12.72 7.93
N PHE E 354 64.24 12.26 7.05
CA PHE E 354 62.84 12.62 7.15
C PHE E 354 62.23 11.89 8.33
N PHE E 355 61.45 12.62 9.12
CA PHE E 355 60.85 12.04 10.30
C PHE E 355 60.02 10.80 9.93
N ASP E 356 60.16 9.76 10.74
CA ASP E 356 59.48 8.48 10.51
C ASP E 356 58.55 8.23 11.69
N PRO E 357 57.24 8.40 11.50
CA PRO E 357 56.39 8.33 12.69
C PRO E 357 56.23 6.90 13.23
N SER E 358 56.81 5.93 12.55
CA SER E 358 56.81 4.55 13.02
C SER E 358 57.93 4.30 14.05
N ARG E 359 58.86 5.25 14.16
CA ARG E 359 59.92 5.13 15.16
C ARG E 359 60.34 6.51 15.73
N PRO E 360 59.37 7.26 16.30
CA PRO E 360 59.62 8.64 16.75
C PRO E 360 60.71 8.76 17.82
N GLN E 361 60.94 7.70 18.60
CA GLN E 361 61.99 7.71 19.62
C GLN E 361 63.41 7.86 19.06
N ASP E 362 63.52 7.74 17.74
CA ASP E 362 64.81 7.78 17.07
C ASP E 362 65.25 9.20 16.73
N PHE E 363 64.33 10.16 16.85
CA PHE E 363 64.59 11.49 16.32
C PHE E 363 64.81 12.60 17.34
N LEU E 364 65.71 13.50 17.02
CA LEU E 364 65.97 14.68 17.84
C LEU E 364 65.54 15.93 17.10
N PHE E 365 64.75 16.77 17.75
CA PHE E 365 64.38 18.05 17.17
C PHE E 365 65.22 19.17 17.82
N ILE E 366 65.90 19.95 16.98
CA ILE E 366 66.76 21.03 17.43
C ILE E 366 66.29 22.35 16.82
N SER E 367 65.64 23.17 17.64
CA SER E 367 65.18 24.51 17.22
C SER E 367 66.30 25.56 17.28
N GLY E 368 66.06 26.69 16.63
CA GLY E 368 66.98 27.82 16.65
C GLY E 368 67.38 28.23 18.04
N THR E 369 66.40 28.27 18.94
CA THR E 369 66.61 28.64 20.34
C THR E 369 67.56 27.66 21.02
N LYS E 370 67.38 26.39 20.72
CA LYS E 370 68.22 25.32 21.25
C LYS E 370 69.66 25.50 20.79
N MET E 371 69.84 25.78 19.50
CA MET E 371 71.17 26.03 18.95
C MET E 371 71.89 27.16 19.70
N ARG E 372 71.15 28.26 19.91
CA ARG E 372 71.68 29.42 20.60
C ARG E 372 72.08 29.03 22.03
N THR E 373 71.18 28.35 22.72
CA THR E 373 71.43 27.85 24.08
C THR E 373 72.67 26.97 24.18
N LEU E 374 72.75 25.96 23.31
CA LEU E 374 73.87 25.03 23.29
C LEU E 374 75.18 25.77 23.12
N ALA E 375 75.20 26.68 22.15
CA ALA E 375 76.42 27.43 21.84
C ALA E 375 76.83 28.33 23.00
N ARG E 376 75.86 29.07 23.54
CA ARG E 376 76.12 29.97 24.65
C ARG E 376 76.71 29.19 25.84
N ASN E 377 76.39 27.90 25.90
CA ASN E 377 76.84 27.01 26.95
C ASN E 377 78.10 26.24 26.55
N LYS E 378 78.75 26.72 25.50
CA LYS E 378 79.95 26.09 24.96
C LYS E 378 79.68 24.64 24.53
N GLU E 379 78.41 24.32 24.29
CA GLU E 379 78.03 22.99 23.82
C GLU E 379 77.71 23.01 22.33
N SER E 380 77.32 21.85 21.80
CA SER E 380 77.18 21.66 20.37
C SER E 380 76.01 20.71 20.05
N PRO E 381 75.33 20.93 18.91
CA PRO E 381 74.32 19.96 18.49
C PRO E 381 74.98 18.66 18.02
N PRO E 382 74.18 17.60 17.90
CA PRO E 382 74.72 16.31 17.46
C PRO E 382 75.47 16.40 16.13
N ASP E 383 76.57 15.66 16.05
CA ASP E 383 77.39 15.52 14.86
C ASP E 383 76.52 15.13 13.66
N GLY E 384 76.52 15.97 12.64
CA GLY E 384 75.76 15.70 11.45
C GLY E 384 74.54 16.61 11.33
N PHE E 385 74.20 17.31 12.40
CA PHE E 385 73.05 18.21 12.35
C PHE E 385 73.33 19.39 11.42
N MET E 386 74.53 19.94 11.54
CA MET E 386 74.99 20.99 10.65
C MET E 386 76.47 20.73 10.34
N CYS E 387 76.89 21.03 9.11
CA CYS E 387 78.29 20.87 8.75
C CYS E 387 79.19 21.67 9.69
N PRO E 388 80.36 21.12 10.03
CA PRO E 388 81.28 21.78 10.98
C PRO E 388 81.55 23.27 10.69
N GLY E 389 81.78 23.60 9.43
CA GLY E 389 82.15 24.95 9.04
C GLY E 389 80.98 25.91 9.22
N GLY E 390 79.79 25.43 8.89
CA GLY E 390 78.61 26.23 9.06
C GLY E 390 78.33 26.50 10.53
N TRP E 391 78.44 25.47 11.35
CA TRP E 391 78.24 25.60 12.79
C TRP E 391 79.29 26.54 13.42
N LYS E 392 80.52 26.49 12.92
CA LYS E 392 81.59 27.31 13.44
C LYS E 392 81.27 28.81 13.27
N VAL E 393 80.81 29.20 12.08
CA VAL E 393 80.41 30.59 11.82
C VAL E 393 79.37 31.02 12.87
N LEU E 394 78.39 30.14 13.10
CA LEU E 394 77.38 30.35 14.15
C LEU E 394 77.92 30.48 15.59
N VAL E 395 78.92 29.71 16.01
CA VAL E 395 79.40 29.91 17.37
C VAL E 395 80.08 31.29 17.49
N ASP E 396 80.77 31.71 16.43
CA ASP E 396 81.30 33.06 16.41
C ASP E 396 80.18 34.07 16.60
N TYR E 397 79.06 33.86 15.92
CA TYR E 397 77.93 34.77 16.03
C TYR E 397 77.34 34.83 17.45
N TYR E 398 77.12 33.65 18.03
CA TYR E 398 76.55 33.55 19.36
C TYR E 398 77.48 34.09 20.43
N ASP E 399 78.78 33.85 20.27
CA ASP E 399 79.78 34.37 21.20
C ASP E 399 79.81 35.89 21.20
N SER E 400 79.38 36.49 20.10
CA SER E 400 79.44 37.95 19.95
C SER E 400 78.26 38.65 20.66
N LEU E 401 77.22 37.90 20.99
CA LEU E 401 76.07 38.47 21.68
C LEU E 401 76.38 38.77 23.15
N VAL E 402 75.67 39.75 23.71
CA VAL E 402 75.89 40.17 25.10
C VAL E 402 74.59 40.30 25.91
N LEU E 403 74.71 40.15 27.23
CA LEU E 403 73.57 40.27 28.14
C LEU E 403 73.50 41.66 28.76
N MET F 1 17.26 -37.05 -14.28
CA MET F 1 16.94 -38.41 -14.69
C MET F 1 15.52 -38.54 -15.27
N LEU F 2 14.67 -37.54 -15.05
CA LEU F 2 13.25 -37.64 -15.38
C LEU F 2 12.94 -37.65 -16.88
N ILE F 3 11.86 -38.33 -17.25
CA ILE F 3 11.45 -38.40 -18.64
C ILE F 3 11.08 -36.99 -19.15
N GLU F 4 11.62 -36.65 -20.33
CA GLU F 4 11.37 -35.35 -20.91
C GLU F 4 9.90 -35.23 -21.29
N PRO F 5 9.33 -34.02 -21.07
CA PRO F 5 7.99 -33.74 -21.59
C PRO F 5 8.03 -33.59 -23.09
N ASP F 6 6.89 -33.82 -23.72
CA ASP F 6 6.76 -33.71 -25.17
C ASP F 6 7.32 -32.43 -25.75
N GLY F 7 8.13 -32.59 -26.79
CA GLY F 7 8.72 -31.46 -27.47
C GLY F 7 9.95 -30.93 -26.75
N GLY F 8 10.17 -31.41 -25.53
CA GLY F 8 11.36 -31.07 -24.77
C GLY F 8 11.11 -30.35 -23.46
N LYS F 9 10.13 -29.45 -23.45
CA LYS F 9 9.88 -28.64 -22.28
C LYS F 9 8.39 -28.52 -22.01
N LEU F 10 8.02 -28.39 -20.74
CA LEU F 10 6.63 -28.12 -20.39
C LEU F 10 6.20 -26.78 -20.95
N VAL F 11 5.03 -26.74 -21.57
CA VAL F 11 4.45 -25.49 -22.03
C VAL F 11 3.36 -25.09 -21.05
N GLU F 12 3.72 -24.22 -20.09
CA GLU F 12 2.73 -23.66 -19.18
C GLU F 12 2.12 -22.37 -19.74
N LEU F 13 0.87 -22.11 -19.37
CA LEU F 13 0.11 -21.02 -19.98
C LEU F 13 -0.46 -20.01 -18.99
N VAL F 14 0.05 -19.99 -17.77
CA VAL F 14 -0.38 -19.00 -16.80
C VAL F 14 0.55 -17.78 -16.87
N VAL F 15 -0.04 -16.59 -16.84
CA VAL F 15 0.71 -15.34 -16.98
C VAL F 15 1.53 -15.05 -15.73
N THR F 16 2.61 -14.30 -15.90
CA THR F 16 3.47 -13.91 -14.79
C THR F 16 2.70 -13.17 -13.69
N ASP F 17 3.22 -13.19 -12.47
CA ASP F 17 2.58 -12.47 -11.38
C ASP F 17 2.61 -10.96 -11.67
N PHE F 18 3.68 -10.53 -12.34
CA PHE F 18 3.84 -9.13 -12.74
C PHE F 18 2.71 -8.65 -13.65
N GLU F 19 2.37 -9.47 -14.64
CA GLU F 19 1.41 -9.08 -15.67
C GLU F 19 -0.02 -9.53 -15.40
N ARG F 20 -0.25 -10.13 -14.23
CA ARG F 20 -1.56 -10.67 -13.89
C ARG F 20 -2.63 -9.58 -13.81
N ASP F 21 -2.21 -8.42 -13.35
CA ASP F 21 -3.12 -7.30 -13.17
C ASP F 21 -3.45 -6.67 -14.51
N LEU F 22 -2.42 -6.52 -15.33
CA LEU F 22 -2.54 -5.94 -16.66
C LEU F 22 -3.43 -6.79 -17.59
N LYS F 23 -3.33 -8.11 -17.45
CA LYS F 23 -4.07 -9.06 -18.30
C LYS F 23 -5.53 -9.24 -17.88
N LYS F 24 -5.77 -9.08 -16.59
CA LYS F 24 -7.14 -9.08 -16.06
C LYS F 24 -7.88 -7.89 -16.68
N GLY F 25 -7.19 -6.75 -16.75
CA GLY F 25 -7.73 -5.55 -17.39
C GLY F 25 -8.01 -5.77 -18.88
N GLU F 26 -7.04 -6.31 -19.59
CA GLU F 26 -7.22 -6.59 -21.02
C GLU F 26 -8.41 -7.52 -21.26
N ALA F 27 -8.52 -8.55 -20.43
CA ALA F 27 -9.63 -9.50 -20.49
C ALA F 27 -10.98 -8.81 -20.36
N LEU F 28 -11.11 -7.90 -19.41
CA LEU F 28 -12.40 -7.26 -19.16
C LEU F 28 -12.85 -6.39 -20.35
N SER F 29 -11.91 -6.02 -21.21
CA SER F 29 -12.20 -5.13 -22.33
C SER F 29 -12.54 -5.86 -23.63
N LEU F 30 -12.43 -7.18 -23.61
CA LEU F 30 -12.60 -7.95 -24.83
C LEU F 30 -13.95 -8.65 -24.83
N PRO F 31 -14.44 -9.05 -26.02
CA PRO F 31 -15.65 -9.87 -26.07
C PRO F 31 -15.44 -11.09 -25.20
N ARG F 32 -16.46 -11.47 -24.45
CA ARG F 32 -16.29 -12.55 -23.48
C ARG F 32 -17.16 -13.78 -23.75
N ILE F 33 -16.59 -14.92 -23.39
CA ILE F 33 -17.25 -16.20 -23.51
C ILE F 33 -17.33 -16.80 -22.13
N LYS F 34 -18.52 -17.25 -21.74
CA LYS F 34 -18.72 -17.81 -20.41
C LYS F 34 -18.43 -19.31 -20.42
N LEU F 35 -17.41 -19.71 -19.65
CA LEU F 35 -17.02 -21.11 -19.56
C LEU F 35 -17.97 -21.96 -18.75
N SER F 36 -18.22 -23.18 -19.24
CA SER F 36 -18.97 -24.16 -18.46
C SER F 36 -17.98 -24.83 -17.54
N ARG F 37 -18.46 -25.73 -16.71
CA ARG F 37 -17.59 -26.44 -15.78
C ARG F 37 -16.54 -27.29 -16.51
N ILE F 38 -16.97 -28.00 -17.55
CA ILE F 38 -16.02 -28.82 -18.31
C ILE F 38 -15.03 -27.95 -19.14
N ASP F 39 -15.51 -26.82 -19.66
CA ASP F 39 -14.65 -25.86 -20.33
C ASP F 39 -13.53 -25.37 -19.42
N LEU F 40 -13.88 -25.04 -18.18
CA LEU F 40 -12.89 -24.52 -17.23
C LEU F 40 -11.87 -25.59 -16.89
N GLU F 41 -12.34 -26.83 -16.77
CA GLU F 41 -11.47 -27.97 -16.52
C GLU F 41 -10.43 -28.13 -17.63
N TRP F 42 -10.86 -27.99 -18.87
CA TRP F 42 -9.92 -28.04 -20.00
C TRP F 42 -8.89 -26.91 -19.93
N VAL F 43 -9.33 -25.72 -19.53
CA VAL F 43 -8.44 -24.60 -19.29
C VAL F 43 -7.36 -24.97 -18.27
N HIS F 44 -7.78 -25.62 -17.19
CA HIS F 44 -6.90 -26.04 -16.12
C HIS F 44 -5.87 -27.03 -16.67
N VAL F 45 -6.33 -27.94 -17.52
CA VAL F 45 -5.43 -28.90 -18.17
C VAL F 45 -4.38 -28.20 -19.04
N LEU F 46 -4.85 -27.28 -19.89
CA LEU F 46 -3.97 -26.52 -20.78
C LEU F 46 -2.97 -25.66 -20.02
N SER F 47 -3.44 -24.98 -18.98
CA SER F 47 -2.62 -24.02 -18.22
C SER F 47 -1.37 -24.65 -17.61
N GLU F 48 -1.49 -25.88 -17.12
CA GLU F 48 -0.44 -26.55 -16.37
C GLU F 48 0.51 -27.37 -17.23
N GLY F 49 0.23 -27.46 -18.53
CA GLY F 49 1.11 -28.16 -19.45
C GLY F 49 0.86 -29.65 -19.59
N TRP F 50 -0.25 -30.16 -19.06
CA TRP F 50 -0.64 -31.57 -19.27
C TRP F 50 -0.66 -31.94 -20.76
N ALA F 51 -1.09 -31.01 -21.59
CA ALA F 51 -1.20 -31.29 -23.02
C ALA F 51 -0.06 -30.66 -23.83
N THR F 52 1.07 -30.41 -23.17
CA THR F 52 2.28 -29.94 -23.84
C THR F 52 2.58 -30.75 -25.10
N PRO F 53 2.88 -30.07 -26.23
CA PRO F 53 3.15 -28.64 -26.36
C PRO F 53 2.02 -27.80 -26.95
N LEU F 54 0.78 -28.22 -26.75
CA LEU F 54 -0.37 -27.50 -27.30
C LEU F 54 -0.50 -26.11 -26.64
N LYS F 55 -0.70 -25.09 -27.46
CA LYS F 55 -0.62 -23.69 -27.00
C LYS F 55 -1.94 -23.07 -26.55
N GLY F 56 -3.05 -23.80 -26.72
CA GLY F 56 -4.35 -23.33 -26.30
C GLY F 56 -5.43 -24.24 -26.82
N PHE F 57 -6.66 -23.75 -26.89
CA PHE F 57 -7.72 -24.55 -27.50
C PHE F 57 -7.39 -24.81 -28.97
N MET F 58 -7.75 -25.99 -29.46
CA MET F 58 -7.27 -26.44 -30.77
C MET F 58 -7.75 -25.66 -31.97
N ARG F 59 -6.82 -25.33 -32.86
CA ARG F 59 -7.15 -24.80 -34.17
C ARG F 59 -7.63 -25.96 -35.03
N GLU F 60 -8.25 -25.64 -36.16
CA GLU F 60 -8.86 -26.66 -36.99
C GLU F 60 -7.83 -27.72 -37.39
N ALA F 61 -6.61 -27.29 -37.69
CA ALA F 61 -5.56 -28.20 -38.17
C ALA F 61 -5.13 -29.19 -37.09
N GLU F 62 -5.12 -28.72 -35.84
CA GLU F 62 -4.82 -29.59 -34.72
C GLU F 62 -5.97 -30.58 -34.45
N PHE F 63 -7.19 -30.07 -34.53
CA PHE F 63 -8.42 -30.86 -34.39
C PHE F 63 -8.50 -32.02 -35.39
N LEU F 64 -8.15 -31.75 -36.64
CA LEU F 64 -8.15 -32.77 -37.68
C LEU F 64 -7.08 -33.83 -37.40
N GLN F 65 -5.86 -33.37 -37.12
CA GLN F 65 -4.75 -34.26 -36.77
C GLN F 65 -5.13 -35.19 -35.62
N THR F 66 -5.74 -34.61 -34.60
CA THR F 66 -6.21 -35.35 -33.44
C THR F 66 -7.22 -36.43 -33.82
N LEU F 67 -8.30 -36.03 -34.49
CA LEU F 67 -9.33 -37.01 -34.89
C LEU F 67 -8.82 -38.13 -35.79
N HIS F 68 -8.05 -37.78 -36.81
CA HIS F 68 -7.64 -38.74 -37.82
C HIS F 68 -6.41 -39.55 -37.47
N PHE F 69 -5.39 -38.89 -36.91
CA PHE F 69 -4.09 -39.53 -36.70
C PHE F 69 -3.76 -39.79 -35.23
N ASN F 70 -4.52 -39.16 -34.32
CA ASN F 70 -4.25 -39.21 -32.87
C ASN F 70 -2.86 -38.68 -32.51
N SER F 71 -2.36 -37.73 -33.30
CA SER F 71 -1.03 -37.18 -33.09
C SER F 71 -0.97 -35.72 -33.53
N LEU F 72 -0.01 -34.97 -32.98
CA LEU F 72 0.30 -33.62 -33.49
C LEU F 72 1.69 -33.54 -34.07
N ARG F 73 1.83 -32.97 -35.26
CA ARG F 73 3.16 -32.72 -35.79
C ARG F 73 3.77 -31.43 -35.21
N LEU F 74 5.04 -31.50 -34.79
CA LEU F 74 5.69 -30.38 -34.11
C LEU F 74 6.30 -29.36 -35.06
N ASP F 75 6.32 -29.69 -36.35
CA ASP F 75 6.95 -28.82 -37.33
C ASP F 75 8.37 -28.38 -36.92
N ASP F 76 9.05 -29.29 -36.23
CA ASP F 76 10.46 -29.50 -36.42
C ASP F 76 10.48 -30.76 -37.29
N GLY F 77 9.30 -31.36 -37.40
CA GLY F 77 9.15 -32.60 -38.11
C GLY F 77 8.60 -33.73 -37.25
N SER F 78 8.86 -33.69 -35.95
CA SER F 78 8.48 -34.79 -35.07
C SER F 78 6.98 -34.81 -34.71
N VAL F 79 6.55 -35.97 -34.22
CA VAL F 79 5.16 -36.22 -33.88
C VAL F 79 5.02 -36.55 -32.38
N VAL F 80 4.01 -35.98 -31.74
CA VAL F 80 3.68 -36.41 -30.37
C VAL F 80 2.24 -36.94 -30.31
N ASN F 81 1.95 -37.78 -29.32
CA ASN F 81 0.59 -38.28 -29.16
C ASN F 81 -0.40 -37.17 -28.83
N MET F 82 -1.58 -37.21 -29.46
CA MET F 82 -2.67 -36.27 -29.15
C MET F 82 -3.98 -36.85 -29.68
N SER F 83 -4.73 -37.51 -28.80
CA SER F 83 -5.78 -38.41 -29.22
C SER F 83 -7.21 -37.93 -28.87
N VAL F 84 -7.33 -36.95 -27.99
CA VAL F 84 -8.63 -36.36 -27.72
C VAL F 84 -8.63 -34.88 -28.11
N PRO F 85 -9.71 -34.46 -28.76
CA PRO F 85 -9.83 -33.04 -29.10
C PRO F 85 -10.00 -32.22 -27.84
N ILE F 86 -9.19 -31.16 -27.70
CA ILE F 86 -9.36 -30.19 -26.64
C ILE F 86 -9.85 -28.87 -27.24
N VAL F 87 -11.16 -28.67 -27.17
CA VAL F 87 -11.79 -27.64 -27.97
C VAL F 87 -12.79 -26.85 -27.17
N LEU F 88 -13.17 -25.69 -27.71
CA LEU F 88 -14.15 -24.83 -27.08
C LEU F 88 -15.21 -24.54 -28.13
N ALA F 89 -16.46 -24.84 -27.78
CA ALA F 89 -17.58 -24.72 -28.71
C ALA F 89 -18.33 -23.44 -28.42
N ILE F 90 -18.77 -22.75 -29.49
CA ILE F 90 -19.57 -21.53 -29.32
C ILE F 90 -20.80 -21.42 -30.23
N ASP F 91 -21.79 -20.66 -29.75
CA ASP F 91 -23.02 -20.28 -30.44
C ASP F 91 -22.84 -19.50 -31.74
N ASP F 92 -23.90 -19.48 -32.54
CA ASP F 92 -24.02 -18.52 -33.62
C ASP F 92 -24.01 -17.10 -33.03
N ALA F 93 -24.64 -16.94 -31.87
CA ALA F 93 -24.71 -15.63 -31.25
C ALA F 93 -23.34 -15.18 -30.75
N GLN F 94 -22.61 -16.08 -30.08
CA GLN F 94 -21.28 -15.74 -29.58
C GLN F 94 -20.34 -15.38 -30.73
N LYS F 95 -20.39 -16.19 -31.79
CA LYS F 95 -19.63 -15.94 -33.02
C LYS F 95 -19.92 -14.55 -33.57
N HIS F 96 -21.19 -14.18 -33.61
CA HIS F 96 -21.58 -12.85 -34.08
C HIS F 96 -21.07 -11.77 -33.13
N ARG F 97 -21.15 -12.05 -31.83
CA ARG F 97 -20.73 -11.10 -30.80
C ARG F 97 -19.23 -10.90 -30.82
N ILE F 98 -18.48 -11.94 -31.17
CA ILE F 98 -17.03 -11.86 -31.29
C ILE F 98 -16.65 -11.04 -32.51
N GLY F 99 -17.40 -11.24 -33.59
CA GLY F 99 -17.20 -10.49 -34.82
C GLY F 99 -15.82 -10.64 -35.38
N ASP F 100 -15.15 -9.52 -35.65
CA ASP F 100 -13.84 -9.53 -36.28
C ASP F 100 -12.70 -9.46 -35.26
N ASN F 101 -13.04 -9.51 -33.98
CA ASN F 101 -12.03 -9.55 -32.91
C ASN F 101 -11.04 -10.70 -33.13
N LYS F 102 -9.78 -10.45 -32.85
CA LYS F 102 -8.76 -11.49 -32.97
C LYS F 102 -8.47 -12.12 -31.59
N LYS F 103 -8.99 -11.47 -30.55
CA LYS F 103 -8.87 -11.95 -29.17
C LYS F 103 -10.23 -12.07 -28.53
N VAL F 104 -10.43 -13.13 -27.76
CA VAL F 104 -11.61 -13.24 -26.91
C VAL F 104 -11.20 -13.57 -25.47
N ALA F 105 -11.99 -13.13 -24.51
CA ALA F 105 -11.72 -13.39 -23.10
C ALA F 105 -12.63 -14.50 -22.60
N LEU F 106 -12.06 -15.39 -21.79
CA LEU F 106 -12.80 -16.50 -21.20
C LEU F 106 -13.13 -16.20 -19.75
N PHE F 107 -14.40 -16.41 -19.38
CA PHE F 107 -14.91 -16.09 -18.04
C PHE F 107 -15.50 -17.32 -17.34
N ASP F 108 -15.26 -17.45 -16.03
CA ASP F 108 -15.77 -18.62 -15.29
C ASP F 108 -17.24 -18.50 -14.87
N SER F 109 -17.66 -19.40 -13.99
CA SER F 109 -19.06 -19.53 -13.60
C SER F 109 -19.70 -18.25 -13.04
N LYS F 110 -18.88 -17.45 -12.35
CA LYS F 110 -19.26 -16.09 -11.95
C LYS F 110 -18.55 -15.13 -12.89
N GLY F 111 -18.85 -13.84 -12.81
CA GLY F 111 -18.35 -12.91 -13.80
C GLY F 111 -16.84 -12.67 -13.80
N ASP F 112 -16.08 -13.67 -13.36
CA ASP F 112 -14.63 -13.54 -13.22
C ASP F 112 -13.85 -13.94 -14.48
N PRO F 113 -12.95 -13.05 -14.93
CA PRO F 113 -12.09 -13.34 -16.08
C PRO F 113 -11.04 -14.38 -15.70
N VAL F 114 -10.93 -15.44 -16.49
CA VAL F 114 -9.99 -16.51 -16.19
C VAL F 114 -8.87 -16.62 -17.23
N ALA F 115 -9.16 -16.25 -18.48
CA ALA F 115 -8.16 -16.35 -19.53
C ALA F 115 -8.45 -15.49 -20.75
N ILE F 116 -7.44 -15.30 -21.59
CA ILE F 116 -7.60 -14.67 -22.89
C ILE F 116 -7.17 -15.66 -23.97
N LEU F 117 -7.93 -15.70 -25.06
CA LEU F 117 -7.61 -16.54 -26.21
C LEU F 117 -7.11 -15.63 -27.34
N ASN F 118 -5.85 -15.80 -27.72
CA ASN F 118 -5.20 -14.93 -28.71
C ASN F 118 -5.15 -15.53 -30.12
N ASN F 119 -5.24 -14.66 -31.13
CA ASN F 119 -5.13 -15.07 -32.53
C ASN F 119 -6.09 -16.19 -32.86
N ILE F 120 -7.35 -15.94 -32.58
CA ILE F 120 -8.38 -16.96 -32.63
C ILE F 120 -8.70 -17.39 -34.07
N GLU F 121 -9.25 -18.59 -34.18
CA GLU F 121 -9.93 -18.97 -35.41
C GLU F 121 -11.21 -19.69 -35.08
N ILE F 122 -12.27 -19.30 -35.78
CA ILE F 122 -13.55 -19.91 -35.62
C ILE F 122 -13.81 -20.80 -36.81
N TYR F 123 -14.16 -22.05 -36.55
CA TYR F 123 -14.41 -23.01 -37.63
C TYR F 123 -15.56 -23.92 -37.22
N LYS F 124 -16.05 -24.69 -38.18
CA LYS F 124 -17.23 -25.53 -38.00
C LYS F 124 -17.01 -26.70 -37.05
N HIS F 125 -18.02 -26.94 -36.22
CA HIS F 125 -18.03 -28.05 -35.28
C HIS F 125 -18.84 -29.21 -35.87
N PRO F 126 -18.16 -30.18 -36.48
CA PRO F 126 -18.85 -31.32 -37.11
C PRO F 126 -19.11 -32.37 -36.06
N LYS F 127 -20.16 -32.21 -35.27
CA LYS F 127 -20.41 -33.06 -34.11
C LYS F 127 -20.40 -34.58 -34.35
N GLU F 128 -21.19 -35.03 -35.30
CA GLU F 128 -21.29 -36.45 -35.59
C GLU F 128 -19.96 -37.05 -36.04
N GLU F 129 -19.22 -36.34 -36.89
CA GLU F 129 -17.92 -36.86 -37.32
C GLU F 129 -16.98 -36.88 -36.13
N ARG F 130 -17.06 -35.84 -35.31
CA ARG F 130 -16.22 -35.73 -34.13
C ARG F 130 -16.41 -36.88 -33.14
N ILE F 131 -17.67 -37.16 -32.83
CA ILE F 131 -18.06 -38.22 -31.90
C ILE F 131 -17.71 -39.62 -32.44
N ALA F 132 -17.90 -39.79 -33.74
CA ALA F 132 -17.65 -41.09 -34.36
C ALA F 132 -16.17 -41.45 -34.31
N ARG F 133 -15.32 -40.47 -34.58
CA ARG F 133 -13.88 -40.71 -34.70
C ARG F 133 -13.20 -40.76 -33.34
N THR F 134 -13.83 -40.18 -32.33
CA THR F 134 -13.29 -40.24 -30.97
C THR F 134 -13.75 -41.48 -30.22
N TRP F 135 -15.06 -41.72 -30.24
CA TRP F 135 -15.66 -42.82 -29.48
C TRP F 135 -15.87 -44.13 -30.25
N GLY F 136 -15.72 -44.10 -31.57
CA GLY F 136 -15.95 -45.30 -32.36
C GLY F 136 -17.41 -45.73 -32.37
N THR F 137 -18.31 -44.81 -32.03
CA THR F 137 -19.73 -45.06 -32.12
C THR F 137 -20.52 -43.75 -32.14
N ILE F 138 -21.80 -43.87 -32.47
CA ILE F 138 -22.74 -42.77 -32.33
C ILE F 138 -23.93 -43.39 -31.66
N ALA F 139 -24.33 -42.84 -30.53
CA ALA F 139 -25.38 -43.45 -29.74
C ALA F 139 -25.81 -42.51 -28.62
N PRO F 140 -27.12 -42.42 -28.39
CA PRO F 140 -27.63 -41.58 -27.31
C PRO F 140 -27.10 -42.11 -25.99
N GLY F 141 -26.81 -41.24 -25.04
CA GLY F 141 -26.39 -41.68 -23.73
C GLY F 141 -24.90 -41.86 -23.47
N LEU F 142 -24.05 -41.44 -24.39
CA LEU F 142 -22.62 -41.33 -24.05
C LEU F 142 -22.47 -40.07 -23.21
N PRO F 143 -22.23 -40.24 -21.91
CA PRO F 143 -22.31 -39.21 -20.85
C PRO F 143 -21.51 -37.94 -21.14
N TYR F 144 -20.23 -38.07 -21.49
CA TYR F 144 -19.43 -36.88 -21.82
C TYR F 144 -20.01 -36.17 -23.05
N VAL F 145 -20.42 -36.96 -24.04
CA VAL F 145 -20.96 -36.43 -25.29
C VAL F 145 -22.24 -35.63 -25.04
N GLU F 146 -23.12 -36.19 -24.20
CA GLU F 146 -24.36 -35.51 -23.82
C GLU F 146 -24.08 -34.25 -23.05
N GLN F 147 -23.03 -34.28 -22.23
CA GLN F 147 -22.70 -33.16 -21.36
C GLN F 147 -22.19 -31.94 -22.08
N THR F 148 -21.43 -32.14 -23.14
CA THR F 148 -20.65 -31.04 -23.71
C THR F 148 -20.56 -31.04 -25.26
N ILE F 149 -21.13 -32.05 -25.92
CA ILE F 149 -21.16 -32.01 -27.39
C ILE F 149 -22.55 -31.86 -28.01
N THR F 150 -23.47 -32.76 -27.67
CA THR F 150 -24.83 -32.76 -28.18
C THR F 150 -25.47 -31.36 -28.25
N ASN F 151 -25.41 -30.59 -27.17
CA ASN F 151 -26.04 -29.26 -27.14
C ASN F 151 -25.09 -28.09 -27.34
N ALA F 152 -23.82 -28.38 -27.61
CA ALA F 152 -22.83 -27.33 -27.83
C ALA F 152 -23.13 -26.50 -29.06
N GLY F 153 -22.47 -25.36 -29.19
CA GLY F 153 -22.57 -24.55 -30.39
C GLY F 153 -22.02 -25.29 -31.60
N ASN F 154 -22.29 -24.73 -32.77
CA ASN F 154 -21.92 -25.35 -34.05
C ASN F 154 -20.57 -24.89 -34.55
N TRP F 155 -19.91 -24.07 -33.73
CA TRP F 155 -18.59 -23.59 -34.05
C TRP F 155 -17.59 -23.96 -32.97
N LEU F 156 -16.34 -24.13 -33.37
CA LEU F 156 -15.24 -24.26 -32.42
C LEU F 156 -14.35 -23.04 -32.54
N ILE F 157 -13.65 -22.73 -31.46
CA ILE F 157 -12.73 -21.61 -31.46
C ILE F 157 -11.44 -22.00 -30.77
N GLY F 158 -10.36 -21.91 -31.54
CA GLY F 158 -9.05 -22.21 -31.03
C GLY F 158 -8.19 -20.96 -31.07
N GLY F 159 -7.01 -21.08 -30.50
CA GLY F 159 -6.05 -19.99 -30.46
C GLY F 159 -5.07 -20.19 -29.31
N ASP F 160 -4.31 -19.15 -29.00
CA ASP F 160 -3.25 -19.24 -28.03
C ASP F 160 -3.75 -18.79 -26.67
N LEU F 161 -3.65 -19.67 -25.69
CA LEU F 161 -4.26 -19.45 -24.39
C LEU F 161 -3.34 -18.77 -23.37
N GLU F 162 -3.85 -17.72 -22.71
CA GLU F 162 -3.16 -17.05 -21.62
C GLU F 162 -4.07 -17.08 -20.39
N VAL F 163 -3.66 -17.83 -19.36
CA VAL F 163 -4.49 -18.04 -18.19
C VAL F 163 -4.05 -17.06 -17.12
N ILE F 164 -5.03 -16.43 -16.46
CA ILE F 164 -4.75 -15.30 -15.58
C ILE F 164 -4.24 -15.76 -14.22
N GLU F 165 -5.04 -16.56 -13.54
CA GLU F 165 -4.63 -17.15 -12.27
C GLU F 165 -4.59 -18.66 -12.42
N PRO F 166 -3.84 -19.34 -11.53
CA PRO F 166 -4.00 -20.79 -11.46
C PRO F 166 -5.44 -21.15 -11.11
N ILE F 167 -5.99 -22.16 -11.78
CA ILE F 167 -7.36 -22.56 -11.53
C ILE F 167 -7.47 -23.22 -10.16
N GLN F 168 -8.43 -22.78 -9.36
CA GLN F 168 -8.73 -23.41 -8.07
C GLN F 168 -10.22 -23.63 -7.92
N TYR F 169 -10.59 -24.63 -7.14
CA TYR F 169 -11.98 -25.04 -7.03
C TYR F 169 -12.56 -24.76 -5.65
N ASN F 170 -11.69 -24.58 -4.66
CA ASN F 170 -12.09 -24.29 -3.28
C ASN F 170 -13.07 -25.34 -2.77
N ASP F 171 -12.71 -26.61 -2.96
CA ASP F 171 -13.59 -27.71 -2.61
C ASP F 171 -12.98 -28.61 -1.57
N GLY F 172 -11.81 -28.21 -1.06
CA GLY F 172 -11.13 -28.93 0.00
C GLY F 172 -10.13 -29.95 -0.51
N LEU F 173 -9.98 -30.00 -1.82
CA LEU F 173 -9.10 -30.98 -2.46
C LEU F 173 -8.05 -30.31 -3.31
N ASP F 174 -7.92 -28.98 -3.18
CA ASP F 174 -7.01 -28.21 -4.02
C ASP F 174 -5.54 -28.58 -3.80
N HIS F 175 -5.23 -28.99 -2.57
CA HIS F 175 -3.87 -29.36 -2.20
C HIS F 175 -3.47 -30.71 -2.81
N PHE F 176 -4.44 -31.43 -3.35
CA PHE F 176 -4.19 -32.71 -4.03
C PHE F 176 -4.03 -32.54 -5.53
N ARG F 177 -4.27 -31.33 -6.02
CA ARG F 177 -4.19 -31.03 -7.46
C ARG F 177 -2.80 -30.52 -7.86
N LEU F 178 -1.83 -31.43 -7.88
CA LEU F 178 -0.46 -31.10 -8.25
C LEU F 178 -0.27 -30.95 -9.76
N SER F 179 0.37 -29.87 -10.16
CA SER F 179 0.71 -29.65 -11.57
C SER F 179 1.79 -30.64 -11.98
N PRO F 180 2.00 -30.80 -13.31
CA PRO F 180 3.13 -31.62 -13.78
C PRO F 180 4.47 -31.10 -13.28
N THR F 181 4.62 -29.78 -13.19
CA THR F 181 5.82 -29.17 -12.64
C THR F 181 6.01 -29.54 -11.15
N GLN F 182 4.92 -29.56 -10.38
CA GLN F 182 5.00 -29.92 -8.97
C GLN F 182 5.27 -31.40 -8.78
N LEU F 183 4.66 -32.22 -9.63
CA LEU F 183 4.89 -33.66 -9.57
C LEU F 183 6.36 -33.97 -9.85
N ARG F 184 6.91 -33.41 -10.93
CA ARG F 184 8.33 -33.54 -11.22
C ARG F 184 9.26 -33.06 -10.07
N ALA F 185 8.88 -31.95 -9.43
CA ALA F 185 9.61 -31.44 -8.28
C ALA F 185 9.66 -32.48 -7.18
N GLU F 186 8.48 -33.06 -6.90
CA GLU F 186 8.33 -34.10 -5.90
C GLU F 186 9.13 -35.37 -6.23
N PHE F 187 9.06 -35.81 -7.49
CA PHE F 187 9.79 -36.99 -7.95
C PHE F 187 11.29 -36.80 -7.78
N THR F 188 11.77 -35.59 -8.09
CA THR F 188 13.18 -35.25 -7.99
C THR F 188 13.62 -35.24 -6.54
N ARG F 189 12.78 -34.67 -5.68
CA ARG F 189 13.06 -34.60 -4.24
C ARG F 189 13.27 -35.97 -3.62
N ARG F 190 12.63 -36.98 -4.18
CA ARG F 190 12.69 -38.34 -3.65
C ARG F 190 13.81 -39.16 -4.28
N ASN F 191 14.55 -38.52 -5.19
CA ASN F 191 15.61 -39.17 -5.95
C ASN F 191 15.11 -40.41 -6.68
N ALA F 192 13.91 -40.30 -7.25
CA ALA F 192 13.26 -41.41 -7.89
C ALA F 192 13.94 -41.72 -9.22
N ASP F 193 14.25 -43.00 -9.45
CA ASP F 193 14.88 -43.44 -10.70
C ASP F 193 13.87 -44.07 -11.65
N ALA F 194 12.65 -44.26 -11.17
CA ALA F 194 11.55 -44.69 -12.02
C ALA F 194 10.22 -44.28 -11.39
N VAL F 195 9.35 -43.66 -12.19
CA VAL F 195 8.02 -43.25 -11.74
C VAL F 195 6.99 -44.07 -12.49
N PHE F 196 6.27 -44.93 -11.78
CA PHE F 196 5.18 -45.63 -12.43
C PHE F 196 3.82 -45.05 -12.08
N ALA F 197 3.00 -44.87 -13.11
CA ALA F 197 1.72 -44.20 -12.95
C ALA F 197 0.59 -45.21 -12.96
N PHE F 198 -0.42 -44.94 -12.15
CA PHE F 198 -1.67 -45.69 -12.23
C PHE F 198 -2.82 -44.71 -12.39
N GLN F 199 -3.37 -44.66 -13.59
CA GLN F 199 -4.53 -43.84 -13.85
C GLN F 199 -5.74 -44.63 -13.38
N LEU F 200 -6.70 -43.95 -12.78
CA LEU F 200 -7.90 -44.63 -12.32
C LEU F 200 -9.07 -43.65 -12.21
N ARG F 201 -10.28 -44.19 -12.32
CA ARG F 201 -11.47 -43.39 -12.15
C ARG F 201 -12.32 -44.00 -11.04
N ASN F 202 -11.96 -45.20 -10.62
CA ASN F 202 -12.78 -45.95 -9.68
C ASN F 202 -12.16 -46.03 -8.29
N PRO F 203 -12.90 -46.60 -7.32
CA PRO F 203 -12.23 -46.95 -6.05
C PRO F 203 -11.14 -47.99 -6.28
N VAL F 204 -10.09 -48.00 -5.46
CA VAL F 204 -9.04 -48.98 -5.58
C VAL F 204 -9.45 -50.26 -4.87
N HIS F 205 -9.70 -51.32 -5.63
CA HIS F 205 -9.85 -52.63 -5.00
C HIS F 205 -8.52 -53.39 -5.09
N ASN F 206 -8.44 -54.57 -4.48
CA ASN F 206 -7.17 -55.28 -4.39
C ASN F 206 -6.72 -55.96 -5.69
N GLY F 207 -7.58 -55.91 -6.71
CA GLY F 207 -7.17 -56.23 -8.07
C GLY F 207 -6.28 -55.14 -8.62
N HIS F 208 -6.71 -53.89 -8.43
CA HIS F 208 -5.91 -52.74 -8.86
C HIS F 208 -4.54 -52.73 -8.18
N ALA F 209 -4.58 -52.93 -6.86
CA ALA F 209 -3.38 -53.00 -6.05
C ALA F 209 -2.40 -54.05 -6.55
N LEU F 210 -2.94 -55.19 -6.96
CA LEU F 210 -2.12 -56.29 -7.46
C LEU F 210 -1.30 -55.84 -8.66
N LEU F 211 -1.96 -55.08 -9.54
CA LEU F 211 -1.27 -54.48 -10.69
C LEU F 211 -0.18 -53.53 -10.22
N MET F 212 -0.45 -52.80 -9.14
CA MET F 212 0.52 -51.85 -8.61
C MET F 212 1.70 -52.51 -7.88
N THR F 213 1.43 -53.47 -7.00
CA THR F 213 2.50 -54.15 -6.25
C THR F 213 3.43 -54.99 -7.15
N ASP F 214 2.88 -55.59 -8.21
CA ASP F 214 3.69 -56.35 -9.17
C ASP F 214 4.66 -55.45 -9.95
N THR F 215 4.20 -54.26 -10.30
CA THR F 215 5.06 -53.28 -10.99
C THR F 215 6.28 -52.89 -10.15
N ARG F 216 6.05 -52.49 -8.90
CA ARG F 216 7.14 -52.19 -7.98
C ARG F 216 8.07 -53.39 -7.90
N LYS F 217 7.49 -54.57 -7.75
CA LYS F 217 8.26 -55.80 -7.70
C LYS F 217 9.04 -56.02 -8.99
N ARG F 218 8.43 -55.66 -10.12
CA ARG F 218 9.08 -55.84 -11.41
C ARG F 218 10.18 -54.81 -11.64
N LEU F 219 9.95 -53.57 -11.20
CA LEU F 219 10.96 -52.52 -11.33
C LEU F 219 12.19 -52.76 -10.43
N LEU F 220 11.96 -53.30 -9.25
CA LEU F 220 13.06 -53.56 -8.32
C LEU F 220 14.02 -54.60 -8.87
N GLU F 221 13.48 -55.66 -9.46
CA GLU F 221 14.29 -56.75 -9.98
C GLU F 221 14.78 -56.44 -11.41
N MET F 222 14.44 -55.26 -11.91
CA MET F 222 15.05 -54.72 -13.13
C MET F 222 16.30 -53.91 -12.80
N GLY F 223 16.52 -53.63 -11.53
CA GLY F 223 17.69 -52.91 -11.11
C GLY F 223 17.39 -51.57 -10.46
N TYR F 224 16.16 -51.08 -10.64
CA TYR F 224 15.77 -49.77 -10.08
C TYR F 224 15.80 -49.74 -8.54
N LYS F 225 16.45 -48.74 -7.99
CA LYS F 225 16.65 -48.62 -6.54
C LYS F 225 15.48 -47.94 -5.83
N ASN F 226 14.88 -46.95 -6.48
CA ASN F 226 13.85 -46.15 -5.82
C ASN F 226 12.63 -45.82 -6.69
N PRO F 227 11.85 -46.86 -7.05
CA PRO F 227 10.66 -46.64 -7.88
C PRO F 227 9.54 -46.00 -7.06
N VAL F 228 8.77 -45.13 -7.70
CA VAL F 228 7.72 -44.39 -7.01
C VAL F 228 6.39 -44.49 -7.77
N LEU F 229 5.37 -44.94 -7.05
CA LEU F 229 4.03 -45.08 -7.59
C LEU F 229 3.31 -43.73 -7.65
N LEU F 230 2.94 -43.29 -8.86
CA LEU F 230 2.06 -42.14 -9.01
C LEU F 230 0.60 -42.60 -9.06
N LEU F 231 -0.05 -42.57 -7.90
CA LEU F 231 -1.45 -42.93 -7.81
C LEU F 231 -2.28 -41.70 -8.17
N HIS F 232 -2.94 -41.74 -9.31
CA HIS F 232 -3.41 -40.52 -9.97
C HIS F 232 -4.89 -40.58 -10.37
N PRO F 233 -5.80 -40.53 -9.39
CA PRO F 233 -7.23 -40.56 -9.73
C PRO F 233 -7.66 -39.34 -10.57
N LEU F 234 -8.52 -39.60 -11.55
CA LEU F 234 -9.03 -38.54 -12.41
C LEU F 234 -10.12 -37.75 -11.65
N GLY F 235 -10.03 -36.42 -11.69
CA GLY F 235 -10.93 -35.58 -10.91
C GLY F 235 -11.82 -34.63 -11.70
N GLY F 236 -11.67 -34.60 -13.02
CA GLY F 236 -12.54 -33.79 -13.85
C GLY F 236 -13.90 -34.45 -14.00
N TYR F 237 -14.70 -33.99 -14.94
CA TYR F 237 -16.03 -34.56 -15.16
C TYR F 237 -16.04 -36.09 -15.22
N THR F 238 -17.00 -36.67 -14.52
CA THR F 238 -17.27 -38.09 -14.57
C THR F 238 -18.78 -38.27 -14.49
N LYS F 239 -19.28 -39.43 -14.93
CA LYS F 239 -20.73 -39.65 -15.00
C LYS F 239 -21.38 -39.75 -13.63
N ALA F 240 -22.68 -39.46 -13.60
CA ALA F 240 -23.46 -39.24 -12.38
C ALA F 240 -23.47 -40.44 -11.46
N ASP F 241 -23.69 -41.61 -12.06
CA ASP F 241 -23.79 -42.83 -11.28
C ASP F 241 -22.51 -43.21 -10.51
N ASP F 242 -21.33 -42.98 -11.11
CA ASP F 242 -20.03 -43.31 -10.48
C ASP F 242 -19.85 -42.69 -9.10
N VAL F 243 -18.87 -43.20 -8.37
CA VAL F 243 -18.49 -42.65 -7.09
C VAL F 243 -17.74 -41.33 -7.26
N PRO F 244 -18.26 -40.24 -6.65
CA PRO F 244 -17.66 -38.91 -6.74
C PRO F 244 -16.22 -38.85 -6.25
N LEU F 245 -15.51 -37.81 -6.69
CA LEU F 245 -14.10 -37.64 -6.41
C LEU F 245 -13.77 -37.57 -4.92
N ASP F 246 -14.56 -36.81 -4.15
CA ASP F 246 -14.30 -36.63 -2.72
C ASP F 246 -14.34 -37.95 -1.95
N TRP F 247 -15.29 -38.80 -2.30
CA TRP F 247 -15.41 -40.11 -1.68
C TRP F 247 -14.24 -41.00 -2.10
N ARG F 248 -13.91 -40.92 -3.38
CA ARG F 248 -12.81 -41.69 -3.95
C ARG F 248 -11.51 -41.40 -3.23
N MET F 249 -11.25 -40.13 -2.95
CA MET F 249 -10.05 -39.75 -2.21
C MET F 249 -10.08 -40.37 -0.82
N LYS F 250 -11.22 -40.27 -0.16
CA LYS F 250 -11.43 -40.88 1.16
C LYS F 250 -11.18 -42.39 1.10
N GLN F 251 -11.65 -43.01 0.03
CA GLN F 251 -11.43 -44.44 -0.19
C GLN F 251 -9.94 -44.75 -0.36
N HIS F 252 -9.25 -43.95 -1.20
CA HIS F 252 -7.82 -44.17 -1.46
C HIS F 252 -6.98 -44.01 -0.20
N GLU F 253 -7.25 -42.96 0.56
CA GLU F 253 -6.49 -42.71 1.77
C GLU F 253 -6.59 -43.89 2.74
N LYS F 254 -7.76 -44.53 2.77
CA LYS F 254 -7.95 -45.70 3.63
C LYS F 254 -7.19 -46.91 3.11
N VAL F 255 -7.00 -46.97 1.80
CA VAL F 255 -6.26 -48.05 1.17
C VAL F 255 -4.76 -47.97 1.50
N LEU F 256 -4.23 -46.76 1.49
CA LEU F 256 -2.83 -46.53 1.87
C LEU F 256 -2.62 -46.68 3.36
N GLU F 257 -3.69 -46.46 4.13
CA GLU F 257 -3.66 -46.62 5.58
C GLU F 257 -3.50 -48.09 5.93
N ASP F 258 -4.28 -48.94 5.24
CA ASP F 258 -4.31 -50.37 5.51
C ASP F 258 -3.09 -51.11 4.99
N GLY F 259 -2.18 -50.39 4.34
CA GLY F 259 -0.93 -50.97 3.88
C GLY F 259 -1.01 -51.67 2.54
N VAL F 260 -2.22 -51.76 1.99
CA VAL F 260 -2.44 -52.36 0.68
C VAL F 260 -1.50 -51.77 -0.36
N LEU F 261 -1.30 -50.45 -0.26
CA LEU F 261 -0.24 -49.75 -0.98
C LEU F 261 0.59 -49.01 0.06
N ASP F 262 1.89 -48.85 -0.18
CA ASP F 262 2.76 -48.21 0.81
C ASP F 262 2.81 -46.69 0.60
N PRO F 263 2.38 -45.92 1.62
CA PRO F 263 2.34 -44.45 1.53
C PRO F 263 3.75 -43.86 1.41
N GLU F 264 4.73 -44.60 1.90
CA GLU F 264 6.13 -44.22 1.84
C GLU F 264 6.67 -44.12 0.41
N THR F 265 6.17 -44.97 -0.48
CA THR F 265 6.69 -45.05 -1.84
C THR F 265 5.61 -44.69 -2.87
N THR F 266 4.63 -43.91 -2.42
CA THR F 266 3.52 -43.52 -3.27
C THR F 266 3.30 -42.01 -3.18
N VAL F 267 3.02 -41.41 -4.32
CA VAL F 267 2.56 -40.03 -4.38
C VAL F 267 1.11 -40.02 -4.86
N VAL F 268 0.20 -39.50 -4.05
CA VAL F 268 -1.20 -39.39 -4.45
C VAL F 268 -1.48 -37.99 -5.00
N SER F 269 -2.18 -37.91 -6.13
CA SER F 269 -2.50 -36.63 -6.74
C SER F 269 -3.69 -36.74 -7.68
N ILE F 270 -4.43 -35.64 -7.85
CA ILE F 270 -5.60 -35.63 -8.74
C ILE F 270 -5.29 -35.12 -10.17
N PHE F 271 -5.57 -35.97 -11.15
CA PHE F 271 -5.43 -35.60 -12.56
C PHE F 271 -6.69 -34.80 -12.97
N PRO F 272 -6.50 -33.53 -13.40
CA PRO F 272 -7.63 -32.60 -13.59
C PRO F 272 -8.43 -32.77 -14.89
N SER F 273 -8.07 -33.70 -15.75
CA SER F 273 -8.81 -33.88 -17.00
C SER F 273 -10.23 -34.41 -16.78
N PRO F 274 -11.18 -33.92 -17.59
CA PRO F 274 -12.48 -34.58 -17.68
C PRO F 274 -12.31 -36.02 -18.18
N MET F 275 -13.25 -36.91 -17.87
CA MET F 275 -13.29 -38.25 -18.45
C MET F 275 -14.08 -38.27 -19.75
N HIS F 276 -13.52 -38.89 -20.79
CA HIS F 276 -14.25 -39.06 -22.06
C HIS F 276 -15.09 -40.35 -22.10
N TYR F 277 -14.63 -41.39 -21.40
CA TYR F 277 -15.17 -42.75 -21.55
C TYR F 277 -15.07 -43.19 -23.00
N ALA F 278 -13.86 -43.07 -23.57
CA ALA F 278 -13.65 -43.37 -24.98
C ALA F 278 -12.54 -44.40 -25.18
N GLY F 279 -12.34 -45.24 -24.16
CA GLY F 279 -11.47 -46.40 -24.24
C GLY F 279 -10.11 -46.17 -24.88
N PRO F 280 -9.80 -46.95 -25.92
CA PRO F 280 -8.48 -47.00 -26.57
C PRO F 280 -8.09 -45.64 -27.12
N THR F 281 -9.08 -44.84 -27.48
CA THR F 281 -8.79 -43.49 -27.94
C THR F 281 -8.40 -42.64 -26.74
N GLU F 282 -9.17 -42.71 -25.67
CA GLU F 282 -8.90 -41.90 -24.49
C GLU F 282 -7.62 -42.34 -23.75
N VAL F 283 -7.39 -43.65 -23.65
CA VAL F 283 -6.23 -44.15 -22.93
C VAL F 283 -4.90 -43.55 -23.39
N GLN F 284 -4.79 -43.27 -24.70
CA GLN F 284 -3.60 -42.61 -25.22
C GLN F 284 -3.36 -41.28 -24.49
N TRP F 285 -4.44 -40.53 -24.28
CA TRP F 285 -4.39 -39.26 -23.56
C TRP F 285 -3.97 -39.44 -22.11
N HIS F 286 -4.57 -40.42 -21.42
CA HIS F 286 -4.18 -40.76 -20.07
C HIS F 286 -2.68 -41.00 -19.98
N ALA F 287 -2.10 -41.65 -20.99
CA ALA F 287 -0.67 -41.92 -20.98
C ALA F 287 0.15 -40.67 -21.32
N LYS F 288 -0.30 -39.92 -22.33
CA LYS F 288 0.39 -38.73 -22.78
C LYS F 288 0.52 -37.70 -21.64
N ALA F 289 -0.56 -37.53 -20.88
CA ALA F 289 -0.53 -36.58 -19.76
C ALA F 289 0.44 -37.05 -18.67
N ARG F 290 0.58 -38.35 -18.52
CA ARG F 290 1.44 -38.89 -17.47
C ARG F 290 2.92 -38.75 -17.83
N ILE F 291 3.22 -38.68 -19.13
CA ILE F 291 4.57 -38.41 -19.60
C ILE F 291 4.99 -37.00 -19.19
N ASN F 292 4.12 -36.03 -19.45
CA ASN F 292 4.38 -34.65 -19.08
C ASN F 292 4.49 -34.47 -17.56
N ALA F 293 3.74 -35.28 -16.82
CA ALA F 293 3.81 -35.30 -15.36
C ALA F 293 5.13 -35.88 -14.88
N GLY F 294 5.83 -36.62 -15.76
CA GLY F 294 7.14 -37.14 -15.45
C GLY F 294 7.23 -38.64 -15.20
N ALA F 295 6.17 -39.37 -15.54
CA ALA F 295 6.14 -40.82 -15.38
C ALA F 295 6.69 -41.49 -16.62
N ASN F 296 7.60 -42.43 -16.44
CA ASN F 296 8.21 -43.11 -17.57
C ASN F 296 7.73 -44.56 -17.65
N PHE F 297 6.91 -44.95 -16.69
CA PHE F 297 6.24 -46.24 -16.71
C PHE F 297 4.75 -46.01 -16.58
N TYR F 298 3.96 -46.75 -17.36
CA TYR F 298 2.51 -46.57 -17.34
C TYR F 298 1.79 -47.92 -17.27
N ILE F 299 1.07 -48.14 -16.18
CA ILE F 299 0.31 -49.37 -15.96
C ILE F 299 -1.03 -49.37 -16.73
N VAL F 300 -1.29 -50.42 -17.49
CA VAL F 300 -2.57 -50.54 -18.18
C VAL F 300 -3.15 -51.96 -18.06
N GLY F 301 -4.42 -52.06 -17.70
CA GLY F 301 -5.09 -53.35 -17.59
C GLY F 301 -6.16 -53.58 -18.65
N ARG F 302 -7.19 -54.33 -18.28
CA ARG F 302 -8.27 -54.61 -19.23
C ARG F 302 -9.26 -53.45 -19.32
N ASP F 303 -9.73 -53.22 -20.54
CA ASP F 303 -10.76 -52.22 -20.84
C ASP F 303 -10.51 -50.84 -20.23
N PRO F 304 -9.30 -50.28 -20.43
CA PRO F 304 -9.07 -48.97 -19.80
C PRO F 304 -9.97 -47.92 -20.43
N ALA F 305 -10.54 -47.06 -19.62
CA ALA F 305 -11.37 -45.96 -20.09
C ALA F 305 -12.66 -46.43 -20.78
N GLY F 306 -13.02 -47.69 -20.56
CA GLY F 306 -14.19 -48.27 -21.20
C GLY F 306 -15.47 -48.12 -20.38
N MET F 307 -16.60 -48.39 -21.01
CA MET F 307 -17.89 -48.49 -20.32
C MET F 307 -18.85 -49.30 -21.19
N SER F 308 -20.02 -49.60 -20.66
CA SER F 308 -21.02 -50.32 -21.43
C SER F 308 -21.61 -49.45 -22.54
N HIS F 309 -21.98 -50.08 -23.64
CA HIS F 309 -22.74 -49.40 -24.70
C HIS F 309 -24.06 -48.86 -24.13
N PRO F 310 -24.37 -47.59 -24.40
CA PRO F 310 -25.58 -47.05 -23.79
C PRO F 310 -26.87 -47.61 -24.38
N VAL F 311 -26.82 -48.18 -25.58
CA VAL F 311 -28.04 -48.70 -26.22
C VAL F 311 -28.13 -50.22 -26.26
N GLU F 312 -27.03 -50.87 -26.65
CA GLU F 312 -27.02 -52.33 -26.77
C GLU F 312 -26.34 -52.96 -25.58
N LYS F 313 -26.61 -54.24 -25.35
CA LYS F 313 -25.98 -54.91 -24.23
C LYS F 313 -24.67 -55.57 -24.60
N ARG F 314 -23.63 -54.75 -24.63
CA ARG F 314 -22.28 -55.21 -24.88
C ARG F 314 -21.36 -54.09 -24.41
N ASP F 315 -20.07 -54.38 -24.32
CA ASP F 315 -19.12 -53.34 -23.99
C ASP F 315 -18.89 -52.47 -25.22
N LEU F 316 -18.59 -51.19 -24.98
CA LEU F 316 -18.28 -50.24 -26.04
C LEU F 316 -17.05 -50.73 -26.82
N TYR F 317 -16.06 -51.28 -26.10
CA TYR F 317 -14.80 -51.68 -26.72
C TYR F 317 -14.33 -53.08 -26.37
N ASP F 318 -13.55 -53.64 -27.26
CA ASP F 318 -12.80 -54.87 -27.01
C ASP F 318 -11.83 -54.58 -25.86
N ALA F 319 -11.90 -55.40 -24.81
CA ALA F 319 -11.15 -55.15 -23.57
C ALA F 319 -9.61 -55.21 -23.72
N ASP F 320 -9.15 -55.87 -24.77
CA ASP F 320 -7.72 -55.95 -25.08
C ASP F 320 -7.18 -54.77 -25.86
N HIS F 321 -8.05 -54.00 -26.51
CA HIS F 321 -7.59 -52.96 -27.43
C HIS F 321 -6.79 -51.82 -26.77
N GLY F 322 -7.20 -51.39 -25.57
CA GLY F 322 -6.45 -50.38 -24.83
C GLY F 322 -4.95 -50.65 -24.78
N LYS F 323 -4.58 -51.83 -24.26
CA LYS F 323 -3.19 -52.28 -24.23
C LYS F 323 -2.50 -52.23 -25.59
N LYS F 324 -3.07 -52.93 -26.56
CA LYS F 324 -2.47 -53.02 -27.89
C LYS F 324 -2.29 -51.64 -28.51
N VAL F 325 -3.37 -50.86 -28.52
CA VAL F 325 -3.34 -49.52 -29.12
C VAL F 325 -2.26 -48.67 -28.45
N LEU F 326 -2.20 -48.74 -27.11
CA LEU F 326 -1.27 -47.94 -26.33
C LEU F 326 0.17 -48.28 -26.71
N SER F 327 0.42 -49.56 -26.97
CA SER F 327 1.76 -50.04 -27.26
C SER F 327 2.22 -49.71 -28.70
N MET F 328 1.31 -49.22 -29.52
CA MET F 328 1.63 -48.93 -30.92
C MET F 328 1.44 -47.45 -31.24
N ALA F 329 0.94 -46.69 -30.26
CA ALA F 329 0.55 -45.28 -30.46
C ALA F 329 1.69 -44.32 -30.77
N PRO F 330 1.48 -43.43 -31.76
CA PRO F 330 2.53 -42.49 -32.19
C PRO F 330 2.85 -41.51 -31.06
N GLY F 331 4.14 -41.27 -30.82
CA GLY F 331 4.59 -40.42 -29.74
C GLY F 331 4.59 -41.04 -28.35
N LEU F 332 4.19 -42.30 -28.25
CA LEU F 332 4.21 -42.98 -26.96
C LEU F 332 5.24 -44.09 -26.94
N GLU F 333 6.15 -44.08 -27.92
CA GLU F 333 7.17 -45.13 -28.03
C GLU F 333 8.10 -45.12 -26.82
N ARG F 334 8.50 -43.91 -26.41
CA ARG F 334 9.51 -43.71 -25.37
C ARG F 334 8.96 -43.89 -23.94
N LEU F 335 7.65 -44.09 -23.84
CA LEU F 335 7.01 -44.39 -22.57
C LEU F 335 6.96 -45.90 -22.41
N ASN F 336 7.31 -46.40 -21.23
CA ASN F 336 7.26 -47.83 -20.97
C ASN F 336 5.86 -48.30 -20.57
N ILE F 337 5.21 -49.04 -21.46
CA ILE F 337 3.90 -49.59 -21.18
C ILE F 337 4.02 -50.92 -20.43
N LEU F 338 3.33 -51.01 -19.30
CA LEU F 338 3.28 -52.25 -18.53
C LEU F 338 1.84 -52.79 -18.56
N PRO F 339 1.58 -53.75 -19.47
CA PRO F 339 0.21 -54.30 -19.58
C PRO F 339 -0.09 -55.44 -18.61
N PHE F 340 -1.37 -55.62 -18.30
CA PHE F 340 -1.81 -56.67 -17.39
C PHE F 340 -3.13 -57.29 -17.83
N ARG F 341 -3.27 -58.59 -17.58
CA ARG F 341 -4.51 -59.29 -17.85
C ARG F 341 -5.47 -59.07 -16.70
N VAL F 342 -6.68 -59.61 -16.82
CA VAL F 342 -7.72 -59.40 -15.82
C VAL F 342 -7.30 -59.89 -14.46
N ALA F 343 -7.55 -59.08 -13.44
CA ALA F 343 -7.43 -59.54 -12.07
C ALA F 343 -8.83 -59.82 -11.55
N ALA F 344 -9.01 -60.96 -10.90
CA ALA F 344 -10.30 -61.33 -10.33
C ALA F 344 -10.12 -61.99 -8.97
N TYR F 345 -11.23 -62.29 -8.31
CA TYR F 345 -11.15 -62.99 -7.04
C TYR F 345 -10.97 -64.50 -7.23
N ASP F 346 -9.82 -65.01 -6.77
CA ASP F 346 -9.48 -66.42 -6.87
C ASP F 346 -9.98 -67.10 -5.58
N LYS F 347 -11.03 -67.90 -5.72
CA LYS F 347 -11.66 -68.55 -4.58
C LYS F 347 -10.73 -69.57 -3.92
N THR F 348 -9.86 -70.20 -4.71
CA THR F 348 -8.98 -71.22 -4.17
C THR F 348 -7.91 -70.62 -3.27
N GLN F 349 -7.71 -69.31 -3.35
CA GLN F 349 -6.66 -68.66 -2.60
C GLN F 349 -7.14 -67.54 -1.69
N GLY F 350 -8.41 -67.19 -1.83
CA GLY F 350 -9.01 -66.14 -1.02
C GLY F 350 -8.34 -64.79 -1.20
N LYS F 351 -8.00 -64.48 -2.44
CA LYS F 351 -7.40 -63.19 -2.76
C LYS F 351 -7.51 -62.82 -4.24
N MET F 352 -7.12 -61.59 -4.57
CA MET F 352 -7.10 -61.14 -5.94
C MET F 352 -5.92 -61.75 -6.69
N ALA F 353 -6.19 -62.23 -7.90
CA ALA F 353 -5.16 -62.89 -8.68
C ALA F 353 -5.43 -62.73 -10.16
N PHE F 354 -4.40 -62.85 -10.98
CA PHE F 354 -4.63 -62.84 -12.42
C PHE F 354 -5.48 -64.02 -12.86
N PHE F 355 -6.44 -63.74 -13.72
CA PHE F 355 -7.41 -64.73 -14.15
C PHE F 355 -6.72 -65.84 -14.92
N ASP F 356 -7.08 -67.08 -14.63
CA ASP F 356 -6.51 -68.21 -15.37
C ASP F 356 -7.60 -68.97 -16.08
N PRO F 357 -7.56 -68.98 -17.43
CA PRO F 357 -8.52 -69.58 -18.34
C PRO F 357 -8.67 -71.09 -18.16
N SER F 358 -7.66 -71.76 -17.58
CA SER F 358 -7.75 -73.20 -17.42
C SER F 358 -8.45 -73.57 -16.11
N ARG F 359 -8.76 -72.57 -15.30
CA ARG F 359 -9.51 -72.80 -14.06
C ARG F 359 -10.67 -71.82 -13.89
N PRO F 360 -11.45 -71.55 -14.95
CA PRO F 360 -12.42 -70.43 -14.87
C PRO F 360 -13.40 -70.51 -13.69
N GLN F 361 -13.88 -71.71 -13.36
CA GLN F 361 -14.77 -71.90 -12.21
C GLN F 361 -14.21 -71.41 -10.85
N ASP F 362 -12.91 -71.13 -10.78
CA ASP F 362 -12.30 -70.71 -9.52
C ASP F 362 -12.49 -69.22 -9.27
N PHE F 363 -12.88 -68.49 -10.30
CA PHE F 363 -12.85 -67.04 -10.21
C PHE F 363 -14.21 -66.38 -10.02
N LEU F 364 -14.18 -65.23 -9.37
CA LEU F 364 -15.37 -64.43 -9.10
C LEU F 364 -15.18 -63.00 -9.61
N PHE F 365 -16.10 -62.54 -10.44
CA PHE F 365 -16.04 -61.16 -10.91
C PHE F 365 -17.05 -60.29 -10.16
N ILE F 366 -16.59 -59.14 -9.69
CA ILE F 366 -17.42 -58.19 -8.97
C ILE F 366 -17.51 -56.85 -9.71
N SER F 367 -18.66 -56.58 -10.31
CA SER F 367 -18.84 -55.33 -11.05
C SER F 367 -19.06 -54.14 -10.10
N GLY F 368 -19.22 -52.96 -10.67
CA GLY F 368 -19.53 -51.77 -9.89
C GLY F 368 -20.93 -51.84 -9.30
N THR F 369 -21.89 -52.22 -10.14
CA THR F 369 -23.29 -52.35 -9.73
C THR F 369 -23.41 -53.39 -8.62
N LYS F 370 -22.42 -54.29 -8.60
CA LYS F 370 -22.33 -55.37 -7.64
C LYS F 370 -21.88 -54.89 -6.26
N MET F 371 -20.84 -54.06 -6.22
CA MET F 371 -20.39 -53.46 -4.95
C MET F 371 -21.49 -52.62 -4.34
N ARG F 372 -22.22 -51.92 -5.23
CA ARG F 372 -23.36 -51.13 -4.82
C ARG F 372 -24.41 -51.99 -4.13
N THR F 373 -24.84 -53.04 -4.82
CA THR F 373 -25.92 -53.86 -4.30
C THR F 373 -25.54 -54.65 -3.04
N LEU F 374 -24.26 -54.99 -2.91
CA LEU F 374 -23.75 -55.64 -1.69
C LEU F 374 -23.75 -54.66 -0.52
N ALA F 375 -23.49 -53.39 -0.80
CA ALA F 375 -23.44 -52.36 0.23
C ALA F 375 -24.83 -51.92 0.69
N ARG F 376 -25.83 -52.11 -0.17
CA ARG F 376 -27.22 -51.84 0.18
C ARG F 376 -27.73 -52.86 1.20
N ASN F 377 -27.37 -54.12 0.98
CA ASN F 377 -27.46 -55.11 2.06
C ASN F 377 -26.31 -54.81 3.02
N LYS F 378 -26.24 -55.51 4.14
CA LYS F 378 -25.10 -55.28 5.02
C LYS F 378 -24.00 -56.31 4.80
N GLU F 379 -23.95 -56.82 3.58
CA GLU F 379 -22.98 -57.84 3.21
C GLU F 379 -21.65 -57.22 2.79
N SER F 380 -20.57 -57.94 3.07
CA SER F 380 -19.25 -57.57 2.58
C SER F 380 -18.90 -58.46 1.40
N PRO F 381 -18.02 -57.97 0.51
CA PRO F 381 -17.51 -58.82 -0.57
C PRO F 381 -16.50 -59.83 -0.01
N PRO F 382 -16.17 -60.87 -0.80
CA PRO F 382 -15.20 -61.89 -0.40
C PRO F 382 -13.95 -61.27 0.21
N ASP F 383 -13.40 -61.92 1.24
CA ASP F 383 -12.22 -61.40 1.93
C ASP F 383 -11.02 -61.27 1.02
N GLY F 384 -10.47 -60.06 0.92
CA GLY F 384 -9.34 -59.83 0.04
C GLY F 384 -9.66 -59.10 -1.25
N PHE F 385 -10.94 -58.97 -1.58
CA PHE F 385 -11.34 -58.22 -2.76
C PHE F 385 -11.05 -56.71 -2.59
N MET F 386 -11.44 -56.17 -1.45
CA MET F 386 -11.05 -54.81 -1.06
C MET F 386 -10.71 -54.78 0.43
N CYS F 387 -9.72 -53.96 0.80
CA CYS F 387 -9.35 -53.81 2.20
C CYS F 387 -10.55 -53.27 2.99
N PRO F 388 -10.65 -53.67 4.27
CA PRO F 388 -11.77 -53.33 5.14
C PRO F 388 -12.03 -51.82 5.26
N GLY F 389 -10.96 -51.04 5.42
CA GLY F 389 -11.08 -49.60 5.58
C GLY F 389 -11.58 -48.90 4.33
N GLY F 390 -11.08 -49.33 3.18
CA GLY F 390 -11.53 -48.79 1.91
C GLY F 390 -12.99 -49.11 1.68
N TRP F 391 -13.37 -50.36 1.96
CA TRP F 391 -14.74 -50.81 1.77
C TRP F 391 -15.74 -50.08 2.66
N LYS F 392 -15.37 -49.85 3.91
CA LYS F 392 -16.25 -49.14 4.83
C LYS F 392 -16.57 -47.73 4.32
N VAL F 393 -15.57 -47.06 3.75
CA VAL F 393 -15.78 -45.75 3.15
C VAL F 393 -16.86 -45.84 2.06
N LEU F 394 -16.84 -46.93 1.30
CA LEU F 394 -17.83 -47.15 0.26
C LEU F 394 -19.24 -47.41 0.80
N VAL F 395 -19.36 -48.18 1.89
CA VAL F 395 -20.69 -48.46 2.45
C VAL F 395 -21.33 -47.18 2.96
N ASP F 396 -20.49 -46.30 3.50
CA ASP F 396 -20.95 -44.99 3.96
C ASP F 396 -21.29 -44.09 2.79
N TYR F 397 -20.59 -44.26 1.67
CA TYR F 397 -20.93 -43.49 0.48
C TYR F 397 -22.34 -43.84 0.01
N TYR F 398 -22.61 -45.14 -0.08
CA TYR F 398 -23.91 -45.60 -0.54
C TYR F 398 -24.98 -45.34 0.50
N ASP F 399 -24.57 -45.07 1.73
CA ASP F 399 -25.50 -44.69 2.78
C ASP F 399 -25.98 -43.26 2.56
N SER F 400 -25.08 -42.42 2.05
CA SER F 400 -25.39 -41.02 1.73
C SER F 400 -26.66 -40.95 0.91
N LEU F 401 -26.68 -41.73 -0.17
CA LEU F 401 -27.78 -41.71 -1.13
C LEU F 401 -29.05 -42.38 -0.59
N MET G 1 14.44 -41.22 -61.69
CA MET G 1 14.17 -40.43 -60.50
C MET G 1 12.74 -40.62 -60.00
N LEU G 2 12.13 -41.76 -60.30
CA LEU G 2 10.77 -42.01 -59.83
C LEU G 2 10.75 -42.12 -58.32
N ILE G 3 9.78 -41.46 -57.70
CA ILE G 3 9.58 -41.55 -56.26
C ILE G 3 9.52 -43.02 -55.83
N GLU G 4 10.18 -43.34 -54.74
CA GLU G 4 10.24 -44.69 -54.24
C GLU G 4 8.94 -45.15 -53.58
N PRO G 5 8.56 -46.44 -53.79
CA PRO G 5 7.41 -47.05 -53.11
C PRO G 5 7.63 -47.02 -51.60
N ASP G 6 6.56 -47.09 -50.83
CA ASP G 6 6.67 -47.12 -49.37
C ASP G 6 7.59 -48.24 -48.93
N GLY G 7 8.51 -47.96 -48.02
CA GLY G 7 9.41 -48.98 -47.51
C GLY G 7 10.55 -49.24 -48.48
N GLY G 8 10.49 -48.63 -49.66
CA GLY G 8 11.60 -48.63 -50.59
C GLY G 8 11.50 -49.59 -51.76
N LYS G 9 10.69 -50.63 -51.58
CA LYS G 9 10.57 -51.68 -52.59
C LYS G 9 9.11 -52.08 -52.75
N LEU G 10 8.64 -52.25 -54.00
CA LEU G 10 7.30 -52.78 -54.23
C LEU G 10 7.20 -54.17 -53.65
N VAL G 11 6.11 -54.44 -52.95
CA VAL G 11 5.92 -55.74 -52.35
C VAL G 11 4.78 -56.42 -53.09
N GLU G 12 5.15 -57.13 -54.16
CA GLU G 12 4.20 -57.92 -54.92
C GLU G 12 3.99 -59.25 -54.21
N LEU G 13 2.85 -59.89 -54.44
CA LEU G 13 2.45 -61.08 -53.69
C LEU G 13 2.14 -62.24 -54.61
N VAL G 14 2.50 -62.10 -55.88
CA VAL G 14 2.19 -63.12 -56.87
C VAL G 14 3.30 -64.14 -56.93
N VAL G 15 2.95 -65.43 -56.81
CA VAL G 15 3.97 -66.48 -56.83
C VAL G 15 4.67 -66.50 -58.17
N THR G 16 5.86 -67.09 -58.18
CA THR G 16 6.61 -67.29 -59.41
C THR G 16 5.82 -68.23 -60.33
N ASP G 17 6.03 -68.11 -61.63
CA ASP G 17 5.30 -68.92 -62.60
C ASP G 17 5.73 -70.36 -62.50
N PHE G 18 6.89 -70.57 -61.89
CA PHE G 18 7.50 -71.89 -61.84
C PHE G 18 7.00 -72.61 -60.59
N GLU G 19 6.56 -71.83 -59.60
CA GLU G 19 5.96 -72.33 -58.36
C GLU G 19 4.43 -72.36 -58.49
N ARG G 20 3.94 -71.69 -59.52
CA ARG G 20 2.50 -71.57 -59.80
C ARG G 20 1.75 -72.90 -59.78
N ASP G 21 2.32 -73.92 -60.44
CA ASP G 21 1.70 -75.23 -60.50
C ASP G 21 1.56 -75.93 -59.14
N LEU G 22 2.63 -76.01 -58.37
CA LEU G 22 2.58 -76.63 -57.05
C LEU G 22 1.56 -75.91 -56.18
N LYS G 23 1.53 -74.58 -56.30
CA LYS G 23 0.62 -73.75 -55.50
C LYS G 23 -0.85 -74.06 -55.75
N LYS G 24 -1.21 -74.29 -57.01
CA LYS G 24 -2.56 -74.71 -57.37
C LYS G 24 -2.93 -76.01 -56.63
N GLY G 25 -2.13 -77.05 -56.82
CA GLY G 25 -2.37 -78.30 -56.15
C GLY G 25 -2.50 -78.14 -54.65
N GLU G 26 -1.65 -77.31 -54.07
CA GLU G 26 -1.69 -77.07 -52.64
C GLU G 26 -3.00 -76.40 -52.25
N ALA G 27 -3.43 -75.44 -53.07
CA ALA G 27 -4.66 -74.70 -52.79
C ALA G 27 -5.88 -75.62 -52.73
N LEU G 28 -5.92 -76.60 -53.62
CA LEU G 28 -7.06 -77.52 -53.69
C LEU G 28 -7.25 -78.32 -52.40
N SER G 29 -6.15 -78.56 -51.68
CA SER G 29 -6.17 -79.44 -50.50
C SER G 29 -6.30 -78.72 -49.17
N LEU G 30 -6.57 -77.42 -49.20
CA LEU G 30 -6.72 -76.66 -47.96
C LEU G 30 -8.18 -76.31 -47.76
N PRO G 31 -8.57 -75.96 -46.51
CA PRO G 31 -9.94 -75.46 -46.31
C PRO G 31 -10.17 -74.17 -47.08
N ARG G 32 -11.33 -74.07 -47.74
CA ARG G 32 -11.58 -73.04 -48.75
C ARG G 32 -12.52 -71.95 -48.28
N ILE G 33 -12.20 -70.72 -48.67
CA ILE G 33 -13.08 -69.58 -48.50
C ILE G 33 -13.46 -69.02 -49.87
N LYS G 34 -14.75 -68.87 -50.11
CA LYS G 34 -15.24 -68.32 -51.37
C LYS G 34 -15.29 -66.78 -51.35
N LEU G 35 -14.48 -66.18 -52.22
CA LEU G 35 -14.35 -64.73 -52.25
C LEU G 35 -15.54 -64.04 -52.92
N SER G 36 -15.93 -62.88 -52.38
CA SER G 36 -16.91 -62.06 -53.05
C SER G 36 -16.18 -61.27 -54.13
N ARG G 37 -16.95 -60.61 -55.00
CA ARG G 37 -16.40 -59.67 -55.97
C ARG G 37 -15.40 -58.70 -55.30
N ILE G 38 -15.82 -58.11 -54.18
CA ILE G 38 -15.02 -57.11 -53.48
C ILE G 38 -13.77 -57.71 -52.79
N ASP G 39 -13.92 -58.89 -52.20
CA ASP G 39 -12.80 -59.64 -51.67
C ASP G 39 -11.69 -59.84 -52.72
N LEU G 40 -12.10 -60.23 -53.93
CA LEU G 40 -11.18 -60.52 -55.02
C LEU G 40 -10.53 -59.23 -55.50
N GLU G 41 -11.29 -58.15 -55.45
CA GLU G 41 -10.74 -56.85 -55.75
C GLU G 41 -9.62 -56.46 -54.77
N TRP G 42 -9.80 -56.73 -53.48
CA TRP G 42 -8.73 -56.50 -52.51
C TRP G 42 -7.53 -57.41 -52.77
N VAL G 43 -7.79 -58.65 -53.19
CA VAL G 43 -6.72 -59.57 -53.54
C VAL G 43 -5.89 -58.97 -54.66
N HIS G 44 -6.56 -58.43 -55.66
CA HIS G 44 -5.92 -57.75 -56.80
C HIS G 44 -5.04 -56.59 -56.35
N VAL G 45 -5.64 -55.70 -55.55
CA VAL G 45 -4.90 -54.60 -54.92
C VAL G 45 -3.65 -55.08 -54.19
N LEU G 46 -3.80 -56.13 -53.39
CA LEU G 46 -2.69 -56.65 -52.62
C LEU G 46 -1.59 -57.25 -53.50
N SER G 47 -2.01 -58.06 -54.47
CA SER G 47 -1.09 -58.82 -55.31
C SER G 47 -0.05 -57.96 -56.05
N GLU G 48 -0.42 -56.73 -56.40
CA GLU G 48 0.37 -55.90 -57.31
C GLU G 48 1.21 -54.87 -56.60
N GLY G 49 0.95 -54.68 -55.31
CA GLY G 49 1.76 -53.79 -54.51
C GLY G 49 1.18 -52.41 -54.29
N TRP G 50 -0.08 -52.21 -54.66
CA TRP G 50 -0.77 -50.96 -54.36
C TRP G 50 -0.72 -50.62 -52.87
N ALA G 51 -0.83 -51.64 -52.03
CA ALA G 51 -0.79 -51.42 -50.58
C ALA G 51 0.58 -51.75 -49.99
N THR G 52 1.62 -51.72 -50.83
CA THR G 52 3.01 -51.84 -50.35
C THR G 52 3.26 -50.97 -49.11
N PRO G 53 3.92 -51.52 -48.07
CA PRO G 53 4.55 -52.85 -47.95
C PRO G 53 3.73 -53.92 -47.21
N LEU G 54 2.42 -53.78 -47.24
CA LEU G 54 1.51 -54.74 -46.63
C LEU G 54 1.58 -56.13 -47.32
N LYS G 55 1.68 -57.19 -46.52
CA LYS G 55 1.93 -58.54 -47.04
C LYS G 55 0.68 -59.41 -47.23
N GLY G 56 -0.49 -58.91 -46.84
CA GLY G 56 -1.70 -59.71 -46.96
C GLY G 56 -2.90 -59.03 -46.36
N PHE G 57 -3.97 -59.81 -46.16
CA PHE G 57 -5.08 -59.30 -45.38
C PHE G 57 -4.61 -59.07 -43.95
N MET G 58 -5.07 -57.97 -43.38
CA MET G 58 -4.54 -57.41 -42.15
C MET G 58 -4.75 -58.28 -40.96
N ARG G 59 -3.69 -58.42 -40.18
CA ARG G 59 -3.76 -59.00 -38.86
C ARG G 59 -4.34 -57.93 -37.93
N GLU G 60 -4.66 -58.32 -36.70
CA GLU G 60 -5.32 -57.38 -35.79
C GLU G 60 -4.49 -56.12 -35.47
N ALA G 61 -3.18 -56.29 -35.26
CA ALA G 61 -2.27 -55.18 -35.02
C ALA G 61 -2.33 -54.13 -36.15
N GLU G 62 -2.44 -54.61 -37.38
CA GLU G 62 -2.39 -53.73 -38.54
C GLU G 62 -3.75 -53.05 -38.70
N PHE G 63 -4.79 -53.81 -38.41
CA PHE G 63 -6.17 -53.33 -38.40
C PHE G 63 -6.34 -52.18 -37.40
N LEU G 64 -5.81 -52.37 -36.20
CA LEU G 64 -5.86 -51.35 -35.17
C LEU G 64 -5.11 -50.06 -35.53
N GLN G 65 -3.89 -50.19 -36.04
CA GLN G 65 -3.08 -49.01 -36.41
C GLN G 65 -3.81 -48.20 -37.48
N THR G 66 -4.40 -48.91 -38.44
CA THR G 66 -5.11 -48.29 -39.55
C THR G 66 -6.28 -47.45 -39.06
N LEU G 67 -7.14 -48.05 -38.26
CA LEU G 67 -8.31 -47.37 -37.75
C LEU G 67 -7.94 -46.14 -36.89
N HIS G 68 -7.03 -46.34 -35.94
CA HIS G 68 -6.71 -45.30 -34.96
C HIS G 68 -5.72 -44.25 -35.44
N PHE G 69 -4.73 -44.69 -36.24
CA PHE G 69 -3.58 -43.85 -36.55
C PHE G 69 -3.47 -43.55 -38.04
N ASN G 70 -4.23 -44.27 -38.86
CA ASN G 70 -4.14 -44.16 -40.32
C ASN G 70 -2.73 -44.46 -40.85
N SER G 71 -1.96 -45.23 -40.10
CA SER G 71 -0.58 -45.50 -40.46
C SER G 71 -0.17 -46.94 -40.15
N LEU G 72 0.96 -47.34 -40.70
CA LEU G 72 1.56 -48.65 -40.46
C LEU G 72 2.98 -48.45 -40.01
N ARG G 73 3.29 -48.97 -38.83
CA ARG G 73 4.63 -48.92 -38.27
C ARG G 73 5.42 -50.10 -38.84
N LEU G 74 6.59 -49.81 -39.39
CA LEU G 74 7.43 -50.86 -39.95
C LEU G 74 8.36 -51.46 -38.92
N ASP G 75 9.17 -52.43 -39.34
CA ASP G 75 10.08 -53.10 -38.41
C ASP G 75 11.20 -52.16 -37.92
N ASP G 76 11.62 -51.23 -38.77
CA ASP G 76 12.48 -50.15 -38.31
C ASP G 76 11.60 -49.06 -37.70
N GLY G 77 12.16 -47.88 -37.48
CA GLY G 77 11.36 -46.83 -36.86
C GLY G 77 10.13 -46.35 -37.62
N SER G 78 10.10 -46.52 -38.93
CA SER G 78 9.25 -45.69 -39.78
C SER G 78 7.76 -46.05 -39.86
N VAL G 79 6.95 -45.06 -40.21
CA VAL G 79 5.55 -45.30 -40.49
C VAL G 79 5.25 -45.04 -41.96
N VAL G 80 4.28 -45.76 -42.50
CA VAL G 80 3.73 -45.41 -43.78
C VAL G 80 2.25 -45.10 -43.61
N ASN G 81 1.64 -44.49 -44.61
CA ASN G 81 0.23 -44.23 -44.59
C ASN G 81 -0.57 -45.53 -44.78
N MET G 82 -1.68 -45.65 -44.07
CA MET G 82 -2.57 -46.81 -44.17
C MET G 82 -3.88 -46.46 -43.47
N SER G 83 -4.82 -45.92 -44.24
CA SER G 83 -6.01 -45.33 -43.68
C SER G 83 -7.28 -46.14 -43.94
N VAL G 84 -7.20 -47.23 -44.70
CA VAL G 84 -8.35 -48.12 -44.84
C VAL G 84 -8.01 -49.57 -44.50
N PRO G 85 -8.87 -50.21 -43.69
CA PRO G 85 -8.73 -51.65 -43.46
C PRO G 85 -8.76 -52.43 -44.78
N ILE G 86 -7.79 -53.30 -44.98
CA ILE G 86 -7.83 -54.26 -46.08
C ILE G 86 -7.94 -55.61 -45.41
N VAL G 87 -9.19 -56.03 -45.23
CA VAL G 87 -9.48 -57.17 -44.38
C VAL G 87 -10.43 -58.12 -45.10
N LEU G 88 -10.45 -59.36 -44.64
CA LEU G 88 -11.32 -60.41 -45.17
C LEU G 88 -12.19 -60.93 -44.02
N ALA G 89 -13.52 -60.83 -44.19
CA ALA G 89 -14.49 -61.20 -43.14
C ALA G 89 -15.00 -62.64 -43.25
N ILE G 90 -15.24 -63.26 -42.10
CA ILE G 90 -15.54 -64.69 -42.04
C ILE G 90 -16.75 -65.02 -41.15
N ASP G 91 -17.56 -65.97 -41.63
CA ASP G 91 -18.71 -66.56 -40.94
C ASP G 91 -18.30 -67.30 -39.68
N ASP G 92 -19.27 -67.62 -38.83
CA ASP G 92 -18.99 -68.51 -37.71
C ASP G 92 -18.77 -69.92 -38.22
N ALA G 93 -19.45 -70.24 -39.32
CA ALA G 93 -19.36 -71.57 -39.91
C ALA G 93 -18.02 -71.75 -40.59
N GLN G 94 -17.56 -70.71 -41.28
CA GLN G 94 -16.26 -70.76 -41.93
C GLN G 94 -15.15 -70.88 -40.90
N LYS G 95 -15.24 -70.08 -39.82
CA LYS G 95 -14.25 -70.17 -38.74
C LYS G 95 -14.15 -71.57 -38.17
N HIS G 96 -15.27 -72.29 -38.07
CA HIS G 96 -15.21 -73.66 -37.54
C HIS G 96 -14.81 -74.66 -38.62
N ARG G 97 -15.17 -74.39 -39.86
CA ARG G 97 -14.70 -75.22 -40.97
C ARG G 97 -13.17 -75.14 -41.09
N ILE G 98 -12.63 -73.93 -41.02
CA ILE G 98 -11.20 -73.73 -40.75
C ILE G 98 -11.00 -74.26 -39.34
N GLY G 99 -9.90 -74.92 -39.05
CA GLY G 99 -9.76 -75.42 -37.70
C GLY G 99 -8.65 -74.69 -37.00
N ASP G 100 -7.68 -75.47 -36.56
CA ASP G 100 -6.40 -74.94 -36.14
C ASP G 100 -5.45 -75.00 -37.34
N ASN G 101 -6.05 -74.98 -38.53
CA ASN G 101 -5.32 -74.80 -39.78
C ASN G 101 -4.69 -73.43 -39.82
N LYS G 102 -3.41 -73.37 -40.19
CA LYS G 102 -2.74 -72.07 -40.28
C LYS G 102 -2.58 -71.61 -41.72
N LYS G 103 -3.03 -72.43 -42.67
CA LYS G 103 -3.11 -72.03 -44.07
C LYS G 103 -4.55 -72.19 -44.53
N VAL G 104 -5.07 -71.23 -45.30
CA VAL G 104 -6.34 -71.43 -46.01
C VAL G 104 -6.25 -71.00 -47.47
N ALA G 105 -7.14 -71.51 -48.30
CA ALA G 105 -7.13 -71.14 -49.71
C ALA G 105 -8.33 -70.26 -50.05
N LEU G 106 -8.11 -69.32 -50.97
CA LEU G 106 -9.15 -68.40 -51.40
C LEU G 106 -9.49 -68.74 -52.84
N PHE G 107 -10.79 -68.88 -53.11
CA PHE G 107 -11.29 -69.28 -54.44
C PHE G 107 -12.25 -68.22 -54.97
N ASP G 108 -12.38 -68.11 -56.28
CA ASP G 108 -13.34 -67.15 -56.83
C ASP G 108 -14.71 -67.78 -57.04
N SER G 109 -15.66 -66.96 -57.46
CA SER G 109 -17.03 -67.41 -57.66
C SER G 109 -17.17 -68.41 -58.82
N LYS G 110 -16.17 -68.47 -59.69
CA LYS G 110 -16.13 -69.52 -60.72
C LYS G 110 -15.76 -70.87 -60.11
N GLY G 111 -14.84 -70.85 -59.14
CA GLY G 111 -14.47 -72.09 -58.46
C GLY G 111 -12.98 -72.39 -58.44
N ASP G 112 -12.19 -71.66 -59.22
CA ASP G 112 -10.75 -71.87 -59.27
C ASP G 112 -10.08 -71.37 -58.00
N PRO G 113 -8.88 -71.88 -57.68
CA PRO G 113 -8.12 -71.27 -56.58
C PRO G 113 -7.47 -69.97 -57.03
N VAL G 114 -7.55 -68.92 -56.22
CA VAL G 114 -6.91 -67.65 -56.60
C VAL G 114 -5.73 -67.31 -55.69
N ALA G 115 -5.76 -67.82 -54.47
CA ALA G 115 -4.73 -67.49 -53.50
C ALA G 115 -4.68 -68.43 -52.31
N ILE G 116 -3.51 -68.52 -51.70
CA ILE G 116 -3.38 -69.11 -50.37
C ILE G 116 -3.03 -68.00 -49.39
N LEU G 117 -3.62 -68.08 -48.20
CA LEU G 117 -3.31 -67.15 -47.12
C LEU G 117 -2.53 -67.92 -46.05
N ASN G 118 -1.36 -67.41 -45.69
CA ASN G 118 -0.45 -68.13 -44.79
C ASN G 118 -0.35 -67.57 -43.39
N ASN G 119 0.04 -68.44 -42.44
CA ASN G 119 0.05 -68.14 -41.00
C ASN G 119 -1.14 -67.30 -40.56
N ILE G 120 -2.34 -67.81 -40.80
CA ILE G 120 -3.53 -67.04 -40.56
C ILE G 120 -3.76 -66.76 -39.08
N GLU G 121 -4.40 -65.63 -38.83
CA GLU G 121 -4.72 -65.19 -37.49
C GLU G 121 -6.18 -64.78 -37.55
N ILE G 122 -7.00 -65.32 -36.65
CA ILE G 122 -8.42 -64.97 -36.65
C ILE G 122 -8.84 -64.16 -35.43
N TYR G 123 -9.52 -63.04 -35.69
CA TYR G 123 -9.89 -62.09 -34.64
C TYR G 123 -11.28 -61.49 -34.85
N LYS G 124 -11.81 -60.89 -33.79
CA LYS G 124 -13.17 -60.34 -33.80
C LYS G 124 -13.33 -59.16 -34.77
N HIS G 125 -14.50 -59.12 -35.40
CA HIS G 125 -14.84 -58.06 -36.34
C HIS G 125 -15.79 -57.08 -35.67
N PRO G 126 -15.27 -55.97 -35.13
CA PRO G 126 -16.11 -54.99 -34.42
C PRO G 126 -16.73 -54.01 -35.43
N LYS G 127 -17.82 -54.45 -36.06
CA LYS G 127 -18.45 -53.72 -37.16
C LYS G 127 -18.74 -52.22 -36.92
N GLU G 128 -19.41 -51.88 -35.82
CA GLU G 128 -19.79 -50.49 -35.58
C GLU G 128 -18.57 -49.60 -35.46
N GLU G 129 -17.62 -50.04 -34.63
CA GLU G 129 -16.42 -49.26 -34.41
C GLU G 129 -15.63 -49.08 -35.68
N ARG G 130 -15.53 -50.14 -36.47
CA ARG G 130 -14.83 -50.09 -37.73
C ARG G 130 -15.42 -49.02 -38.64
N ILE G 131 -16.73 -49.05 -38.80
CA ILE G 131 -17.45 -48.07 -39.62
C ILE G 131 -17.29 -46.64 -39.09
N ALA G 132 -17.45 -46.47 -37.79
CA ALA G 132 -17.36 -45.15 -37.17
C ALA G 132 -16.00 -44.55 -37.39
N ARG G 133 -14.96 -45.35 -37.22
CA ARG G 133 -13.61 -44.81 -37.32
C ARG G 133 -13.15 -44.62 -38.76
N THR G 134 -13.79 -45.30 -39.71
CA THR G 134 -13.43 -45.13 -41.12
C THR G 134 -14.25 -44.07 -41.83
N TRP G 135 -15.56 -44.05 -41.56
CA TRP G 135 -16.44 -43.13 -42.27
C TRP G 135 -16.83 -41.92 -41.44
N GLY G 136 -16.48 -41.93 -40.16
CA GLY G 136 -16.82 -40.82 -39.28
C GLY G 136 -18.32 -40.65 -39.15
N THR G 137 -19.03 -41.73 -39.42
CA THR G 137 -20.47 -41.77 -39.21
C THR G 137 -20.89 -43.22 -39.09
N ILE G 138 -22.15 -43.43 -38.74
CA ILE G 138 -22.73 -44.77 -38.51
C ILE G 138 -23.97 -45.05 -39.38
N ALA G 139 -24.53 -44.00 -39.97
CA ALA G 139 -25.77 -44.09 -40.77
C ALA G 139 -25.94 -45.30 -41.69
N PRO G 140 -27.16 -45.82 -41.76
CA PRO G 140 -27.55 -46.83 -42.74
C PRO G 140 -27.48 -46.25 -44.14
N GLY G 141 -27.23 -47.09 -45.13
CA GLY G 141 -27.22 -46.63 -46.51
C GLY G 141 -25.88 -46.18 -47.04
N LEU G 142 -24.81 -46.37 -46.28
CA LEU G 142 -23.47 -46.19 -46.82
C LEU G 142 -23.21 -47.37 -47.74
N PRO G 143 -23.08 -47.10 -49.04
CA PRO G 143 -23.07 -48.14 -50.08
C PRO G 143 -22.03 -49.26 -49.89
N TYR G 144 -20.77 -48.88 -49.67
CA TYR G 144 -19.72 -49.87 -49.44
C TYR G 144 -20.00 -50.65 -48.15
N VAL G 145 -20.38 -49.92 -47.11
CA VAL G 145 -20.70 -50.53 -45.83
C VAL G 145 -21.77 -51.61 -45.99
N GLU G 146 -22.86 -51.27 -46.68
CA GLU G 146 -23.97 -52.20 -46.85
C GLU G 146 -23.55 -53.41 -47.67
N GLN G 147 -22.63 -53.20 -48.60
CA GLN G 147 -22.22 -54.25 -49.50
C GLN G 147 -21.37 -55.31 -48.85
N THR G 148 -20.44 -54.90 -47.98
CA THR G 148 -19.42 -55.83 -47.55
C THR G 148 -19.12 -55.83 -46.05
N ILE G 149 -19.76 -54.96 -45.29
CA ILE G 149 -19.58 -54.99 -43.83
C ILE G 149 -20.84 -55.43 -43.06
N THR G 150 -21.89 -54.64 -43.15
CA THR G 150 -23.17 -54.89 -42.50
C THR G 150 -23.62 -56.35 -42.42
N ASN G 151 -23.58 -57.05 -43.54
CA ASN G 151 -23.99 -58.46 -43.55
C ASN G 151 -22.83 -59.45 -43.55
N ALA G 152 -21.62 -58.95 -43.35
CA ALA G 152 -20.43 -59.80 -43.31
C ALA G 152 -20.41 -60.62 -42.03
N GLY G 153 -19.50 -61.58 -41.97
CA GLY G 153 -19.31 -62.39 -40.78
C GLY G 153 -18.73 -61.60 -39.62
N ASN G 154 -18.71 -62.23 -38.45
CA ASN G 154 -18.27 -61.56 -37.22
C ASN G 154 -16.79 -61.69 -36.96
N TRP G 155 -16.08 -62.26 -37.91
CA TRP G 155 -14.65 -62.50 -37.72
C TRP G 155 -13.83 -61.95 -38.88
N LEU G 156 -12.61 -61.52 -38.60
CA LEU G 156 -11.71 -61.10 -39.66
C LEU G 156 -10.56 -62.08 -39.70
N ILE G 157 -10.05 -62.39 -40.88
CA ILE G 157 -8.90 -63.31 -40.95
C ILE G 157 -7.76 -62.66 -41.70
N GLY G 158 -6.60 -62.60 -41.05
CA GLY G 158 -5.42 -61.99 -41.65
C GLY G 158 -4.32 -63.00 -41.92
N GLY G 159 -3.29 -62.56 -42.62
CA GLY G 159 -2.16 -63.44 -42.90
C GLY G 159 -1.42 -63.09 -44.17
N ASP G 160 -0.41 -63.89 -44.50
CA ASP G 160 0.44 -63.60 -45.63
C ASP G 160 -0.12 -64.22 -46.90
N LEU G 161 -0.35 -63.37 -47.89
CA LEU G 161 -1.03 -63.77 -49.11
C LEU G 161 -0.05 -64.24 -50.20
N GLU G 162 -0.30 -65.42 -50.74
CA GLU G 162 0.33 -65.86 -51.98
C GLU G 162 -0.75 -65.91 -53.05
N VAL G 163 -0.54 -65.17 -54.13
CA VAL G 163 -1.53 -65.11 -55.19
C VAL G 163 -1.08 -65.99 -56.34
N ILE G 164 -1.96 -66.91 -56.72
CA ILE G 164 -1.60 -67.99 -57.63
C ILE G 164 -1.24 -67.49 -59.03
N GLU G 165 -2.08 -66.63 -59.62
CA GLU G 165 -1.81 -66.04 -60.92
C GLU G 165 -2.42 -64.64 -60.99
N PRO G 166 -1.95 -63.79 -61.93
CA PRO G 166 -2.45 -62.41 -61.98
C PRO G 166 -3.94 -62.38 -62.23
N ILE G 167 -4.63 -61.50 -61.54
CA ILE G 167 -6.07 -61.39 -61.65
C ILE G 167 -6.46 -60.64 -62.94
N GLN G 168 -7.47 -61.17 -63.61
CA GLN G 168 -7.98 -60.61 -64.86
C GLN G 168 -9.48 -60.84 -64.84
N TYR G 169 -10.23 -59.96 -65.49
CA TYR G 169 -11.69 -60.03 -65.44
C TYR G 169 -12.30 -60.42 -66.77
N ASN G 170 -11.50 -60.37 -67.84
CA ASN G 170 -11.95 -60.68 -69.20
C ASN G 170 -13.22 -59.95 -69.60
N ASP G 171 -13.17 -58.62 -69.47
CA ASP G 171 -14.32 -57.76 -69.68
C ASP G 171 -13.99 -56.74 -70.75
N GLY G 172 -12.88 -56.95 -71.44
CA GLY G 172 -12.43 -56.02 -72.46
C GLY G 172 -11.69 -54.80 -71.94
N LEU G 173 -11.36 -54.77 -70.66
CA LEU G 173 -10.63 -53.64 -70.12
C LEU G 173 -9.27 -54.00 -69.50
N ASP G 174 -8.85 -55.25 -69.60
CA ASP G 174 -7.66 -55.70 -68.86
C ASP G 174 -6.38 -54.97 -69.27
N HIS G 175 -6.37 -54.50 -70.51
CA HIS G 175 -5.22 -53.80 -71.07
C HIS G 175 -5.08 -52.39 -70.49
N PHE G 176 -6.08 -51.94 -69.75
CA PHE G 176 -6.00 -50.69 -69.01
C PHE G 176 -5.60 -50.92 -67.54
N ARG G 177 -5.69 -52.16 -67.07
CA ARG G 177 -5.41 -52.46 -65.67
C ARG G 177 -3.92 -52.70 -65.47
N LEU G 178 -3.15 -51.64 -65.49
CA LEU G 178 -1.71 -51.73 -65.37
C LEU G 178 -1.31 -51.81 -63.89
N SER G 179 -0.32 -52.63 -63.58
CA SER G 179 0.21 -52.71 -62.21
C SER G 179 1.10 -51.51 -61.90
N PRO G 180 1.42 -51.29 -60.61
CA PRO G 180 2.44 -50.28 -60.26
C PRO G 180 3.78 -50.51 -60.96
N THR G 181 4.19 -51.76 -61.11
CA THR G 181 5.38 -52.08 -61.88
C THR G 181 5.28 -51.60 -63.33
N GLN G 182 4.23 -52.02 -64.03
CA GLN G 182 4.02 -51.59 -65.41
C GLN G 182 3.89 -50.07 -65.58
N LEU G 183 3.19 -49.41 -64.65
CA LEU G 183 3.08 -47.94 -64.71
C LEU G 183 4.47 -47.28 -64.59
N ARG G 184 5.26 -47.76 -63.63
CA ARG G 184 6.62 -47.27 -63.45
C ARG G 184 7.49 -47.48 -64.70
N ALA G 185 7.36 -48.62 -65.35
CA ALA G 185 8.10 -48.90 -66.58
C ALA G 185 7.64 -47.96 -67.68
N GLU G 186 6.34 -47.64 -67.69
CA GLU G 186 5.79 -46.70 -68.65
C GLU G 186 6.28 -45.26 -68.41
N PHE G 187 6.34 -44.83 -67.16
CA PHE G 187 6.83 -43.48 -66.86
C PHE G 187 8.30 -43.37 -67.22
N THR G 188 9.03 -44.46 -67.02
CA THR G 188 10.45 -44.52 -67.29
C THR G 188 10.73 -44.41 -68.78
N ARG G 189 10.00 -45.20 -69.56
CA ARG G 189 10.07 -45.19 -71.01
C ARG G 189 9.93 -43.80 -71.63
N ARG G 190 9.10 -42.97 -71.01
CA ARG G 190 8.81 -41.62 -71.48
C ARG G 190 9.72 -40.56 -70.91
N ASN G 191 10.70 -40.99 -70.11
CA ASN G 191 11.62 -40.07 -69.44
C ASN G 191 10.88 -38.96 -68.72
N ALA G 192 9.87 -39.34 -67.96
CA ALA G 192 9.11 -38.39 -67.17
C ALA G 192 9.98 -37.91 -66.01
N ASP G 193 10.08 -36.60 -65.83
CA ASP G 193 10.77 -36.04 -64.68
C ASP G 193 9.78 -35.60 -63.60
N ALA G 194 8.49 -35.75 -63.89
CA ALA G 194 7.43 -35.54 -62.91
C ALA G 194 6.16 -36.27 -63.35
N VAL G 195 5.50 -36.93 -62.40
CA VAL G 195 4.28 -37.67 -62.68
C VAL G 195 3.17 -37.17 -61.76
N PHE G 196 2.15 -36.54 -62.35
CA PHE G 196 1.01 -36.10 -61.57
C PHE G 196 -0.20 -37.01 -61.74
N ALA G 197 -0.68 -37.52 -60.61
CA ALA G 197 -1.84 -38.37 -60.56
C ALA G 197 -3.14 -37.54 -60.53
N PHE G 198 -4.13 -38.02 -61.26
CA PHE G 198 -5.49 -37.57 -61.06
C PHE G 198 -6.39 -38.78 -60.80
N GLN G 199 -6.64 -39.05 -59.52
CA GLN G 199 -7.65 -40.03 -59.11
C GLN G 199 -9.03 -39.44 -59.40
N LEU G 200 -9.91 -40.28 -59.94
CA LEU G 200 -11.31 -39.90 -60.16
C LEU G 200 -12.18 -41.17 -60.22
N ARG G 201 -13.48 -40.97 -60.00
CA ARG G 201 -14.47 -42.04 -60.05
C ARG G 201 -15.65 -41.64 -60.94
N ASN G 202 -15.63 -40.39 -61.41
CA ASN G 202 -16.74 -39.80 -62.17
C ASN G 202 -16.30 -39.51 -63.61
N PRO G 203 -17.25 -39.17 -64.48
CA PRO G 203 -16.91 -38.68 -65.82
C PRO G 203 -16.10 -37.40 -65.73
N VAL G 204 -15.21 -37.18 -66.67
CA VAL G 204 -14.40 -35.99 -66.69
C VAL G 204 -15.16 -34.82 -67.31
N HIS G 205 -15.43 -33.79 -66.52
CA HIS G 205 -15.92 -32.52 -67.08
C HIS G 205 -14.76 -31.51 -67.16
N ASN G 206 -15.01 -30.33 -67.73
CA ASN G 206 -13.92 -29.39 -67.96
C ASN G 206 -13.43 -28.69 -66.70
N GLY G 207 -14.14 -28.89 -65.59
CA GLY G 207 -13.64 -28.50 -64.27
C GLY G 207 -12.46 -29.38 -63.89
N HIS G 208 -12.66 -30.70 -63.94
CA HIS G 208 -11.58 -31.66 -63.75
C HIS G 208 -10.40 -31.36 -64.66
N ALA G 209 -10.70 -31.01 -65.91
CA ALA G 209 -9.66 -30.75 -66.90
C ALA G 209 -8.86 -29.51 -66.55
N LEU G 210 -9.53 -28.52 -65.97
CA LEU G 210 -8.84 -27.31 -65.56
C LEU G 210 -7.78 -27.67 -64.52
N LEU G 211 -8.16 -28.46 -63.52
CA LEU G 211 -7.23 -28.97 -62.51
C LEU G 211 -5.99 -29.60 -63.14
N MET G 212 -6.21 -30.44 -64.14
CA MET G 212 -5.09 -31.15 -64.77
C MET G 212 -4.23 -30.27 -65.67
N THR G 213 -4.87 -29.45 -66.51
CA THR G 213 -4.12 -28.59 -67.41
C THR G 213 -3.41 -27.45 -66.69
N ASP G 214 -3.94 -27.04 -65.53
CA ASP G 214 -3.23 -26.06 -64.72
C ASP G 214 -2.04 -26.68 -64.00
N THR G 215 -2.19 -27.93 -63.57
CA THR G 215 -1.09 -28.66 -62.96
C THR G 215 0.10 -28.77 -63.93
N ARG G 216 -0.18 -29.20 -65.16
CA ARG G 216 0.86 -29.30 -66.18
C ARG G 216 1.58 -27.96 -66.40
N LYS G 217 0.80 -26.89 -66.51
CA LYS G 217 1.36 -25.53 -66.58
C LYS G 217 2.28 -25.28 -65.39
N ARG G 218 1.78 -25.54 -64.19
CA ARG G 218 2.54 -25.25 -62.98
C ARG G 218 3.85 -26.01 -62.99
N LEU G 219 3.80 -27.29 -63.35
CA LEU G 219 4.99 -28.13 -63.42
C LEU G 219 5.98 -27.63 -64.47
N LEU G 220 5.45 -27.18 -65.61
CA LEU G 220 6.33 -26.64 -66.66
C LEU G 220 7.10 -25.38 -66.20
N GLU G 221 6.47 -24.54 -65.39
CA GLU G 221 7.15 -23.35 -64.87
C GLU G 221 8.13 -23.70 -63.75
N MET G 222 7.89 -24.81 -63.06
CA MET G 222 8.81 -25.21 -61.99
C MET G 222 10.13 -25.73 -62.55
N GLY G 223 10.19 -25.88 -63.87
CA GLY G 223 11.40 -26.31 -64.53
C GLY G 223 11.33 -27.72 -65.10
N TYR G 224 10.22 -28.42 -64.85
CA TYR G 224 10.07 -29.77 -65.40
C TYR G 224 9.99 -29.73 -66.92
N LYS G 225 10.50 -30.77 -67.56
CA LYS G 225 10.57 -30.78 -69.01
C LYS G 225 9.56 -31.78 -69.57
N ASN G 226 9.28 -32.83 -68.79
CA ASN G 226 8.37 -33.87 -69.24
C ASN G 226 7.39 -34.31 -68.18
N PRO G 227 6.49 -33.42 -67.75
CA PRO G 227 5.46 -33.87 -66.81
C PRO G 227 4.48 -34.83 -67.50
N VAL G 228 4.15 -35.93 -66.84
CA VAL G 228 3.18 -36.87 -67.38
C VAL G 228 1.96 -36.95 -66.47
N LEU G 229 0.78 -36.84 -67.07
CA LEU G 229 -0.49 -37.00 -66.36
C LEU G 229 -0.82 -38.50 -66.22
N LEU G 230 -1.03 -38.94 -64.98
CA LEU G 230 -1.59 -40.27 -64.77
C LEU G 230 -3.10 -40.15 -64.47
N LEU G 231 -3.89 -40.30 -65.53
CA LEU G 231 -5.34 -40.25 -65.42
C LEU G 231 -5.77 -41.63 -64.98
N HIS G 232 -6.26 -41.72 -63.74
CA HIS G 232 -6.34 -43.01 -63.06
C HIS G 232 -7.72 -43.28 -62.44
N PRO G 233 -8.71 -43.58 -63.29
CA PRO G 233 -10.05 -43.88 -62.75
C PRO G 233 -10.07 -45.12 -61.86
N LEU G 234 -10.75 -44.99 -60.73
CA LEU G 234 -11.00 -46.15 -59.88
C LEU G 234 -11.93 -47.14 -60.59
N GLY G 235 -11.64 -48.44 -60.47
CA GLY G 235 -12.37 -49.45 -61.21
C GLY G 235 -12.94 -50.61 -60.43
N GLY G 236 -12.74 -50.64 -59.12
CA GLY G 236 -13.39 -51.64 -58.29
C GLY G 236 -14.81 -51.21 -57.96
N TYR G 237 -15.38 -51.81 -56.92
CA TYR G 237 -16.75 -51.51 -56.48
C TYR G 237 -17.08 -50.02 -56.46
N THR G 238 -18.25 -49.68 -56.98
CA THR G 238 -18.79 -48.33 -56.90
C THR G 238 -20.28 -48.48 -56.72
N LYS G 239 -20.94 -47.47 -56.17
CA LYS G 239 -22.39 -47.58 -55.95
C LYS G 239 -23.16 -47.64 -57.26
N ALA G 240 -24.28 -48.36 -57.26
CA ALA G 240 -25.04 -48.63 -58.47
C ALA G 240 -25.52 -47.34 -59.12
N ASP G 241 -25.76 -46.36 -58.26
CA ASP G 241 -26.11 -44.99 -58.59
C ASP G 241 -25.16 -44.30 -59.59
N ASP G 242 -23.93 -44.79 -59.71
CA ASP G 242 -22.91 -44.09 -60.49
C ASP G 242 -22.82 -44.59 -61.93
N VAL G 243 -22.10 -43.87 -62.78
CA VAL G 243 -21.83 -44.32 -64.13
C VAL G 243 -20.77 -45.40 -64.06
N PRO G 244 -21.04 -46.58 -64.63
CA PRO G 244 -20.12 -47.72 -64.50
C PRO G 244 -18.81 -47.52 -65.26
N LEU G 245 -17.77 -48.21 -64.79
CA LEU G 245 -16.42 -48.11 -65.33
C LEU G 245 -16.34 -48.10 -66.86
N ASP G 246 -17.00 -49.06 -67.50
CA ASP G 246 -16.88 -49.17 -68.95
C ASP G 246 -17.39 -47.93 -69.70
N TRP G 247 -18.53 -47.38 -69.26
CA TRP G 247 -19.01 -46.11 -69.82
C TRP G 247 -18.07 -44.96 -69.50
N ARG G 248 -17.47 -44.98 -68.31
CA ARG G 248 -16.52 -43.94 -67.95
C ARG G 248 -15.26 -43.99 -68.84
N MET G 249 -14.75 -45.19 -69.10
CA MET G 249 -13.59 -45.32 -69.98
C MET G 249 -13.95 -44.80 -71.37
N LYS G 250 -15.13 -45.15 -71.87
CA LYS G 250 -15.60 -44.58 -73.13
C LYS G 250 -15.65 -43.04 -73.06
N GLN G 251 -16.17 -42.51 -71.94
CA GLN G 251 -16.23 -41.06 -71.74
C GLN G 251 -14.83 -40.43 -71.75
N HIS G 252 -13.91 -41.04 -71.00
CA HIS G 252 -12.52 -40.54 -70.93
C HIS G 252 -11.85 -40.56 -72.30
N GLU G 253 -12.08 -41.65 -73.04
CA GLU G 253 -11.53 -41.80 -74.38
C GLU G 253 -11.90 -40.58 -75.25
N LYS G 254 -13.17 -40.19 -75.16
CA LYS G 254 -13.69 -39.09 -75.95
C LYS G 254 -13.11 -37.75 -75.53
N VAL G 255 -12.85 -37.61 -74.23
CA VAL G 255 -12.28 -36.39 -73.66
C VAL G 255 -10.87 -36.18 -74.20
N LEU G 256 -10.12 -37.28 -74.29
CA LEU G 256 -8.79 -37.27 -74.85
C LEU G 256 -8.83 -37.09 -76.36
N GLU G 257 -9.90 -37.59 -76.97
CA GLU G 257 -10.07 -37.48 -78.41
C GLU G 257 -10.42 -36.05 -78.81
N ASP G 258 -11.23 -35.38 -78.01
CA ASP G 258 -11.63 -33.99 -78.28
C ASP G 258 -10.50 -33.02 -77.96
N GLY G 259 -9.44 -33.53 -77.34
CA GLY G 259 -8.26 -32.73 -77.06
C GLY G 259 -8.32 -31.95 -75.75
N VAL G 260 -9.35 -32.20 -74.95
CA VAL G 260 -9.45 -31.58 -73.62
C VAL G 260 -8.25 -31.96 -72.72
N LEU G 261 -7.85 -33.23 -72.79
CA LEU G 261 -6.58 -33.68 -72.23
C LEU G 261 -5.66 -34.09 -73.39
N ASP G 262 -4.36 -34.13 -73.16
CA ASP G 262 -3.42 -34.40 -74.25
C ASP G 262 -2.90 -35.84 -74.20
N PRO G 263 -3.35 -36.69 -75.14
CA PRO G 263 -3.02 -38.12 -75.18
C PRO G 263 -1.51 -38.38 -75.15
N GLU G 264 -0.77 -37.60 -75.95
CA GLU G 264 0.70 -37.65 -76.02
C GLU G 264 1.41 -37.64 -74.67
N THR G 265 0.87 -36.88 -73.72
CA THR G 265 1.54 -36.70 -72.44
C THR G 265 0.68 -37.22 -71.29
N THR G 266 -0.25 -38.12 -71.63
CA THR G 266 -1.16 -38.68 -70.63
C THR G 266 -1.11 -40.20 -70.66
N VAL G 267 -1.00 -40.81 -69.48
CA VAL G 267 -1.10 -42.26 -69.37
C VAL G 267 -2.43 -42.59 -68.71
N VAL G 268 -3.24 -43.39 -69.39
CA VAL G 268 -4.54 -43.73 -68.83
C VAL G 268 -4.53 -45.17 -68.33
N SER G 269 -4.94 -45.39 -67.09
CA SER G 269 -5.10 -46.76 -66.61
C SER G 269 -6.09 -46.84 -65.46
N ILE G 270 -6.53 -48.06 -65.16
CA ILE G 270 -7.54 -48.29 -64.12
C ILE G 270 -6.94 -48.74 -62.79
N PHE G 271 -7.30 -48.00 -61.74
CA PHE G 271 -6.96 -48.31 -60.36
C PHE G 271 -7.97 -49.36 -59.87
N PRO G 272 -7.49 -50.54 -59.46
CA PRO G 272 -8.38 -51.67 -59.19
C PRO G 272 -9.04 -51.63 -57.82
N SER G 273 -8.78 -50.61 -57.02
CA SER G 273 -9.33 -50.57 -55.68
C SER G 273 -10.85 -50.39 -55.67
N PRO G 274 -11.51 -51.03 -54.69
CA PRO G 274 -12.91 -50.71 -54.39
C PRO G 274 -13.00 -49.27 -53.89
N MET G 275 -14.16 -48.63 -54.05
CA MET G 275 -14.42 -47.28 -53.52
C MET G 275 -15.14 -47.36 -52.16
N HIS G 276 -14.58 -46.68 -51.16
CA HIS G 276 -15.17 -46.66 -49.82
C HIS G 276 -16.23 -45.56 -49.66
N TYR G 277 -16.07 -44.47 -50.41
CA TYR G 277 -16.81 -43.23 -50.15
C TYR G 277 -16.57 -42.75 -48.70
N ALA G 278 -15.31 -42.69 -48.28
CA ALA G 278 -14.99 -42.30 -46.91
C ALA G 278 -14.18 -41.01 -46.79
N GLY G 279 -14.27 -40.17 -47.82
CA GLY G 279 -13.78 -38.80 -47.73
C GLY G 279 -12.33 -38.62 -47.29
N PRO G 280 -12.11 -37.78 -46.26
CA PRO G 280 -10.77 -37.45 -45.76
C PRO G 280 -9.97 -38.70 -45.38
N THR G 281 -10.63 -39.69 -44.80
CA THR G 281 -10.00 -40.97 -44.50
C THR G 281 -9.54 -41.69 -45.78
N GLU G 282 -10.47 -41.87 -46.71
CA GLU G 282 -10.17 -42.62 -47.93
C GLU G 282 -9.20 -41.93 -48.89
N VAL G 283 -9.21 -40.59 -48.91
CA VAL G 283 -8.35 -39.87 -49.83
C VAL G 283 -6.85 -40.13 -49.55
N GLN G 284 -6.52 -40.49 -48.29
CA GLN G 284 -5.16 -40.87 -47.95
C GLN G 284 -4.73 -42.13 -48.66
N TRP G 285 -5.66 -43.08 -48.77
CA TRP G 285 -5.44 -44.32 -49.51
C TRP G 285 -5.26 -44.05 -51.00
N HIS G 286 -6.10 -43.19 -51.56
CA HIS G 286 -5.96 -42.83 -52.96
C HIS G 286 -4.57 -42.28 -53.28
N ALA G 287 -4.03 -41.47 -52.37
CA ALA G 287 -2.72 -40.87 -52.58
C ALA G 287 -1.61 -41.88 -52.38
N LYS G 288 -1.70 -42.65 -51.29
CA LYS G 288 -0.68 -43.66 -50.98
C LYS G 288 -0.52 -44.64 -52.13
N ALA G 289 -1.64 -45.04 -52.72
CA ALA G 289 -1.60 -46.04 -53.78
C ALA G 289 -0.88 -45.44 -54.97
N ARG G 290 -1.06 -44.13 -55.16
CA ARG G 290 -0.43 -43.44 -56.27
C ARG G 290 1.07 -43.23 -56.07
N ILE G 291 1.50 -43.13 -54.81
CA ILE G 291 2.94 -43.13 -54.49
C ILE G 291 3.58 -44.44 -54.94
N ASN G 292 2.96 -45.56 -54.57
CA ASN G 292 3.49 -46.86 -54.98
C ASN G 292 3.47 -47.03 -56.49
N ALA G 293 2.54 -46.34 -57.14
CA ALA G 293 2.44 -46.40 -58.59
C ALA G 293 3.47 -45.52 -59.30
N GLY G 294 4.17 -44.67 -58.54
CA GLY G 294 5.22 -43.86 -59.11
C GLY G 294 4.88 -42.39 -59.35
N ALA G 295 3.74 -41.94 -58.83
CA ALA G 295 3.38 -40.55 -58.97
C ALA G 295 3.96 -39.76 -57.81
N ASN G 296 4.72 -38.71 -58.12
CA ASN G 296 5.27 -37.84 -57.08
C ASN G 296 4.51 -36.52 -56.87
N PHE G 297 3.50 -36.29 -57.72
CA PHE G 297 2.53 -35.20 -57.55
C PHE G 297 1.11 -35.77 -57.53
N TYR G 298 0.28 -35.23 -56.66
CA TYR G 298 -1.09 -35.71 -56.51
C TYR G 298 -2.05 -34.53 -56.49
N ILE G 299 -2.96 -34.52 -57.47
CA ILE G 299 -3.95 -33.46 -57.58
C ILE G 299 -5.12 -33.77 -56.65
N VAL G 300 -5.49 -32.81 -55.80
CA VAL G 300 -6.71 -32.94 -55.01
C VAL G 300 -7.60 -31.69 -55.07
N GLY G 301 -8.90 -31.91 -55.20
CA GLY G 301 -9.88 -30.83 -55.21
C GLY G 301 -10.73 -30.79 -53.94
N ARG G 302 -11.93 -30.26 -54.08
CA ARG G 302 -12.89 -30.23 -52.98
C ARG G 302 -13.63 -31.55 -52.84
N ASP G 303 -13.90 -31.90 -51.58
CA ASP G 303 -14.66 -33.09 -51.24
C ASP G 303 -14.19 -34.39 -51.92
N PRO G 304 -12.87 -34.66 -51.95
CA PRO G 304 -12.48 -35.90 -52.63
C PRO G 304 -13.02 -37.11 -51.87
N ALA G 305 -13.44 -38.11 -52.64
CA ALA G 305 -13.95 -39.35 -52.07
C ALA G 305 -15.19 -39.15 -51.20
N GLY G 306 -15.77 -37.95 -51.26
CA GLY G 306 -16.99 -37.64 -50.53
C GLY G 306 -18.28 -38.13 -51.16
N MET G 307 -19.34 -38.14 -50.36
CA MET G 307 -20.69 -38.30 -50.89
C MET G 307 -21.69 -37.67 -49.92
N SER G 308 -22.92 -37.52 -50.37
CA SER G 308 -24.00 -37.00 -49.54
C SER G 308 -24.35 -37.97 -48.42
N HIS G 309 -24.70 -37.43 -47.26
CA HIS G 309 -25.22 -38.24 -46.16
C HIS G 309 -26.47 -38.96 -46.65
N PRO G 310 -26.58 -40.26 -46.33
CA PRO G 310 -27.69 -41.11 -46.80
C PRO G 310 -29.04 -40.56 -46.41
N VAL G 311 -29.11 -40.02 -45.20
CA VAL G 311 -30.38 -39.63 -44.62
C VAL G 311 -30.59 -38.13 -44.68
N GLU G 312 -29.60 -37.38 -44.23
CA GLU G 312 -29.73 -35.93 -44.14
C GLU G 312 -29.38 -35.20 -45.43
N LYS G 313 -29.85 -33.97 -45.55
CA LYS G 313 -29.58 -33.15 -46.72
C LYS G 313 -28.28 -32.38 -46.52
N ARG G 314 -27.18 -33.12 -46.42
CA ARG G 314 -25.87 -32.53 -46.19
C ARG G 314 -24.78 -33.47 -46.66
N ASP G 315 -23.62 -32.90 -46.98
CA ASP G 315 -22.50 -33.72 -47.34
C ASP G 315 -22.03 -34.47 -46.11
N LEU G 316 -21.54 -35.68 -46.32
CA LEU G 316 -20.88 -36.43 -45.25
C LEU G 316 -19.72 -35.62 -44.64
N TYR G 317 -18.95 -34.95 -45.48
CA TYR G 317 -17.72 -34.32 -45.06
C TYR G 317 -17.63 -32.86 -45.48
N ASP G 318 -16.87 -32.10 -44.70
CA ASP G 318 -16.51 -30.73 -45.01
C ASP G 318 -15.61 -30.78 -46.23
N ALA G 319 -16.02 -30.08 -47.29
CA ALA G 319 -15.37 -30.18 -48.59
C ALA G 319 -13.88 -29.80 -48.61
N ASP G 320 -13.42 -29.13 -47.56
CA ASP G 320 -12.02 -28.73 -47.44
C ASP G 320 -11.13 -29.71 -46.68
N HIS G 321 -11.71 -30.74 -46.07
CA HIS G 321 -10.94 -31.59 -45.15
C HIS G 321 -10.00 -32.57 -45.84
N GLY G 322 -10.40 -33.08 -46.99
CA GLY G 322 -9.54 -33.97 -47.75
C GLY G 322 -8.15 -33.38 -48.05
N LYS G 323 -8.15 -32.20 -48.66
CA LYS G 323 -6.95 -31.43 -48.91
C LYS G 323 -6.09 -31.25 -47.65
N LYS G 324 -6.73 -30.83 -46.56
CA LYS G 324 -6.00 -30.52 -45.35
C LYS G 324 -5.42 -31.77 -44.69
N VAL G 325 -6.25 -32.81 -44.58
CA VAL G 325 -5.84 -34.08 -43.97
C VAL G 325 -4.69 -34.69 -44.78
N LEU G 326 -4.82 -34.61 -46.10
CA LEU G 326 -3.79 -35.06 -47.02
C LEU G 326 -2.44 -34.37 -46.79
N SER G 327 -2.48 -33.05 -46.62
CA SER G 327 -1.25 -32.28 -46.41
C SER G 327 -0.58 -32.61 -45.07
N MET G 328 -1.33 -33.21 -44.14
CA MET G 328 -0.80 -33.51 -42.81
C MET G 328 -0.60 -35.00 -42.53
N ALA G 329 -0.92 -35.84 -43.51
CA ALA G 329 -1.02 -37.28 -43.27
C ALA G 329 0.33 -37.95 -43.10
N PRO G 330 0.42 -38.86 -42.12
CA PRO G 330 1.67 -39.59 -41.83
C PRO G 330 2.03 -40.49 -42.99
N GLY G 331 3.30 -40.47 -43.39
CA GLY G 331 3.74 -41.28 -44.51
C GLY G 331 3.51 -40.66 -45.88
N LEU G 332 2.84 -39.50 -45.94
CA LEU G 332 2.57 -38.84 -47.22
C LEU G 332 3.37 -37.57 -47.44
N GLU G 333 4.24 -37.24 -46.49
CA GLU G 333 5.01 -35.99 -46.55
C GLU G 333 5.87 -35.87 -47.80
N ARG G 334 6.40 -37.00 -48.26
CA ARG G 334 7.28 -36.98 -49.42
C ARG G 334 6.55 -36.83 -50.76
N LEU G 335 5.23 -36.97 -50.74
CA LEU G 335 4.44 -36.77 -51.94
C LEU G 335 4.10 -35.28 -52.05
N ASN G 336 4.23 -34.72 -53.25
CA ASN G 336 3.84 -33.32 -53.48
C ASN G 336 2.34 -33.16 -53.67
N ILE G 337 1.67 -32.54 -52.72
CA ILE G 337 0.23 -32.35 -52.87
C ILE G 337 -0.11 -31.11 -53.67
N LEU G 338 -1.01 -31.25 -54.63
CA LEU G 338 -1.50 -30.11 -55.38
C LEU G 338 -2.99 -29.88 -55.13
N PRO G 339 -3.31 -29.00 -54.17
CA PRO G 339 -4.71 -28.76 -53.80
C PRO G 339 -5.32 -27.71 -54.71
N PHE G 340 -6.61 -27.84 -55.01
CA PHE G 340 -7.30 -26.86 -55.85
C PHE G 340 -8.61 -26.43 -55.23
N ARG G 341 -9.05 -25.20 -55.53
CA ARG G 341 -10.36 -24.73 -55.09
C ARG G 341 -11.42 -25.28 -56.03
N VAL G 342 -12.70 -25.05 -55.71
CA VAL G 342 -13.78 -25.55 -56.55
C VAL G 342 -13.79 -24.89 -57.94
N ALA G 343 -14.00 -25.71 -58.95
CA ALA G 343 -14.17 -25.19 -60.29
C ALA G 343 -15.66 -25.33 -60.61
N ALA G 344 -16.23 -24.29 -61.22
CA ALA G 344 -17.61 -24.33 -61.69
C ALA G 344 -17.75 -23.60 -63.04
N TYR G 345 -18.97 -23.54 -63.56
CA TYR G 345 -19.18 -22.86 -64.80
C TYR G 345 -19.34 -21.35 -64.60
N ASP G 346 -18.41 -20.56 -65.13
CA ASP G 346 -18.49 -19.08 -65.11
C ASP G 346 -19.34 -18.61 -66.31
N LYS G 347 -20.57 -18.18 -66.03
CA LYS G 347 -21.46 -17.63 -67.04
C LYS G 347 -20.88 -16.43 -67.80
N THR G 348 -19.99 -15.68 -67.17
CA THR G 348 -19.40 -14.49 -67.80
C THR G 348 -18.24 -14.78 -68.77
N GLN G 349 -17.73 -16.02 -68.76
CA GLN G 349 -16.65 -16.41 -69.65
C GLN G 349 -17.03 -17.59 -70.53
N GLY G 350 -18.21 -18.14 -70.30
CA GLY G 350 -18.66 -19.31 -71.03
C GLY G 350 -17.76 -20.54 -70.89
N LYS G 351 -17.13 -20.71 -69.73
CA LYS G 351 -16.27 -21.87 -69.51
C LYS G 351 -16.07 -22.18 -68.02
N MET G 352 -15.48 -23.34 -67.73
CA MET G 352 -15.23 -23.71 -66.36
C MET G 352 -14.11 -22.85 -65.80
N ALA G 353 -14.25 -22.42 -64.55
CA ALA G 353 -13.24 -21.60 -63.91
C ALA G 353 -13.29 -21.82 -62.41
N PHE G 354 -12.25 -21.37 -61.72
CA PHE G 354 -12.21 -21.45 -60.28
C PHE G 354 -13.21 -20.51 -59.64
N PHE G 355 -14.01 -21.04 -58.72
CA PHE G 355 -15.07 -20.28 -58.08
C PHE G 355 -14.53 -19.04 -57.40
N ASP G 356 -15.21 -17.92 -57.62
CA ASP G 356 -14.81 -16.64 -57.06
C ASP G 356 -15.95 -16.16 -56.15
N PRO G 357 -15.71 -16.22 -54.83
CA PRO G 357 -16.73 -15.87 -53.84
C PRO G 357 -17.20 -14.42 -53.96
N SER G 358 -16.41 -13.56 -54.61
CA SER G 358 -16.81 -12.16 -54.72
C SER G 358 -17.87 -11.96 -55.80
N ARG G 359 -18.21 -13.02 -56.52
CA ARG G 359 -19.24 -12.90 -57.54
C ARG G 359 -19.94 -14.23 -57.79
N PRO G 360 -20.52 -14.81 -56.73
CA PRO G 360 -21.07 -16.16 -56.81
C PRO G 360 -22.21 -16.24 -57.82
N GLN G 361 -22.85 -15.10 -58.08
CA GLN G 361 -23.95 -15.03 -59.03
C GLN G 361 -23.55 -15.38 -60.45
N ASP G 362 -22.25 -15.42 -60.72
CA ASP G 362 -21.78 -15.69 -62.07
C ASP G 362 -21.65 -17.19 -62.34
N PHE G 363 -21.74 -17.99 -61.28
CA PHE G 363 -21.42 -19.42 -61.39
C PHE G 363 -22.63 -20.36 -61.42
N LEU G 364 -22.52 -21.41 -62.22
CA LEU G 364 -23.46 -22.52 -62.20
C LEU G 364 -22.79 -23.78 -61.70
N PHE G 365 -23.52 -24.54 -60.91
CA PHE G 365 -23.04 -25.83 -60.45
C PHE G 365 -23.93 -26.89 -61.05
N ILE G 366 -23.32 -27.91 -61.65
CA ILE G 366 -24.05 -29.02 -62.25
C ILE G 366 -23.71 -30.33 -61.53
N SER G 367 -24.64 -30.87 -60.77
CA SER G 367 -24.39 -32.14 -60.07
C SER G 367 -24.55 -33.32 -61.01
N GLY G 368 -24.13 -34.49 -60.54
CA GLY G 368 -24.34 -35.75 -61.24
C GLY G 368 -25.82 -35.98 -61.45
N THR G 369 -26.61 -35.56 -60.46
CA THR G 369 -28.06 -35.62 -60.52
C THR G 369 -28.66 -34.74 -61.62
N LYS G 370 -28.21 -33.50 -61.71
CA LYS G 370 -28.77 -32.59 -62.70
C LYS G 370 -28.39 -33.11 -64.08
N MET G 371 -27.23 -33.73 -64.18
CA MET G 371 -26.78 -34.28 -65.44
C MET G 371 -27.73 -35.37 -65.91
N ARG G 372 -28.03 -36.32 -65.01
CA ARG G 372 -28.94 -37.41 -65.32
C ARG G 372 -30.29 -36.82 -65.74
N THR G 373 -30.74 -35.84 -64.97
CA THR G 373 -31.97 -35.10 -65.27
C THR G 373 -31.97 -34.43 -66.64
N LEU G 374 -30.87 -33.73 -66.94
CA LEU G 374 -30.75 -33.03 -68.21
C LEU G 374 -30.81 -34.03 -69.37
N ALA G 375 -30.07 -35.12 -69.25
CA ALA G 375 -30.00 -36.08 -70.36
C ALA G 375 -31.31 -36.82 -70.52
N ARG G 376 -31.93 -37.20 -69.40
CA ARG G 376 -33.25 -37.84 -69.46
C ARG G 376 -34.32 -36.89 -70.01
N ASN G 377 -33.92 -35.65 -70.31
CA ASN G 377 -34.78 -34.64 -70.90
C ASN G 377 -34.19 -34.09 -72.18
N LYS G 378 -33.21 -34.81 -72.73
CA LYS G 378 -32.68 -34.48 -74.05
C LYS G 378 -31.99 -33.13 -74.15
N GLU G 379 -31.62 -32.55 -73.01
CA GLU G 379 -30.90 -31.28 -73.01
C GLU G 379 -29.50 -31.49 -72.48
N SER G 380 -28.63 -30.49 -72.67
CA SER G 380 -27.24 -30.60 -72.23
C SER G 380 -26.84 -29.51 -71.23
N PRO G 381 -25.76 -29.75 -70.46
CA PRO G 381 -25.23 -28.66 -69.64
C PRO G 381 -24.76 -27.48 -70.50
N PRO G 382 -24.41 -26.35 -69.87
CA PRO G 382 -24.01 -25.22 -70.73
C PRO G 382 -22.78 -25.56 -71.58
N ASP G 383 -22.63 -24.85 -72.71
CA ASP G 383 -21.51 -25.03 -73.63
C ASP G 383 -20.17 -24.80 -72.95
N GLY G 384 -19.34 -25.83 -72.91
CA GLY G 384 -18.03 -25.71 -72.28
C GLY G 384 -17.93 -26.38 -70.93
N PHE G 385 -19.06 -26.82 -70.39
CA PHE G 385 -19.06 -27.57 -69.13
C PHE G 385 -18.35 -28.92 -69.29
N MET G 386 -18.72 -29.63 -70.36
CA MET G 386 -18.09 -30.91 -70.70
C MET G 386 -17.88 -30.94 -72.21
N CYS G 387 -16.81 -31.58 -72.68
CA CYS G 387 -16.60 -31.68 -74.11
C CYS G 387 -17.75 -32.47 -74.77
N PRO G 388 -18.07 -32.14 -76.03
CA PRO G 388 -19.28 -32.67 -76.68
C PRO G 388 -19.23 -34.19 -76.90
N GLY G 389 -18.06 -34.71 -77.18
CA GLY G 389 -17.91 -36.14 -77.38
C GLY G 389 -18.15 -36.84 -76.05
N GLY G 390 -17.60 -36.27 -74.99
CA GLY G 390 -17.68 -36.88 -73.68
C GLY G 390 -19.10 -36.87 -73.19
N TRP G 391 -19.80 -35.77 -73.47
CA TRP G 391 -21.17 -35.63 -73.04
C TRP G 391 -22.09 -36.61 -73.79
N LYS G 392 -21.81 -36.81 -75.07
CA LYS G 392 -22.55 -37.75 -75.89
C LYS G 392 -22.47 -39.16 -75.34
N VAL G 393 -21.27 -39.58 -74.90
CA VAL G 393 -21.11 -40.91 -74.33
C VAL G 393 -22.08 -41.09 -73.17
N LEU G 394 -22.08 -40.10 -72.28
CA LEU G 394 -22.96 -40.08 -71.12
C LEU G 394 -24.44 -40.20 -71.50
N VAL G 395 -24.88 -39.39 -72.47
CA VAL G 395 -26.29 -39.49 -72.83
C VAL G 395 -26.64 -40.85 -73.47
N ASP G 396 -25.68 -41.47 -74.17
CA ASP G 396 -25.91 -42.86 -74.63
C ASP G 396 -26.07 -43.79 -73.41
N TYR G 397 -25.28 -43.56 -72.36
CA TYR G 397 -25.42 -44.36 -71.16
C TYR G 397 -26.81 -44.21 -70.55
N TYR G 398 -27.20 -42.96 -70.26
CA TYR G 398 -28.51 -42.66 -69.70
C TYR G 398 -29.65 -43.24 -70.54
N ASP G 399 -29.50 -43.16 -71.86
CA ASP G 399 -30.44 -43.78 -72.79
C ASP G 399 -30.59 -45.27 -72.51
N SER G 400 -29.51 -45.90 -72.07
CA SER G 400 -29.53 -47.35 -71.86
C SER G 400 -30.29 -47.76 -70.58
N LEU G 401 -30.56 -46.81 -69.69
CA LEU G 401 -31.29 -47.15 -68.46
C LEU G 401 -32.79 -47.39 -68.66
N VAL G 402 -33.34 -48.35 -67.91
CA VAL G 402 -34.77 -48.62 -67.94
C VAL G 402 -35.45 -48.18 -66.63
N LEU G 403 -36.72 -47.82 -66.70
CA LEU G 403 -37.50 -47.44 -65.53
C LEU G 403 -38.29 -48.63 -65.02
N SER G 404 -38.25 -48.87 -63.71
CA SER G 404 -38.99 -49.97 -63.12
C SER G 404 -39.25 -49.70 -61.63
N LEU H 2 10.68 -35.09 6.56
CA LEU H 2 10.55 -34.42 7.85
C LEU H 2 9.14 -33.83 8.04
N ILE H 3 8.65 -33.84 9.27
CA ILE H 3 7.28 -33.40 9.53
C ILE H 3 7.09 -31.89 9.31
N GLU H 4 6.06 -31.55 8.53
CA GLU H 4 5.79 -30.16 8.19
C GLU H 4 5.20 -29.34 9.34
N PRO H 5 5.55 -28.05 9.41
CA PRO H 5 4.98 -27.11 10.39
C PRO H 5 3.51 -26.90 10.13
N ASP H 6 2.80 -26.32 11.10
CA ASP H 6 1.38 -26.04 10.90
C ASP H 6 1.14 -25.04 9.76
N GLY H 7 0.14 -25.34 8.93
CA GLY H 7 -0.17 -24.53 7.78
C GLY H 7 0.57 -24.92 6.52
N GLY H 8 1.66 -25.65 6.67
CA GLY H 8 2.40 -26.15 5.52
C GLY H 8 3.78 -25.57 5.41
N LYS H 9 3.97 -24.40 6.00
CA LYS H 9 5.26 -23.72 6.01
C LYS H 9 5.48 -23.00 7.33
N LEU H 10 6.74 -22.82 7.69
CA LEU H 10 7.07 -22.00 8.85
C LEU H 10 6.67 -20.57 8.57
N VAL H 11 6.11 -19.90 9.56
CA VAL H 11 5.78 -18.50 9.40
C VAL H 11 6.70 -17.69 10.33
N GLU H 12 7.86 -17.31 9.80
CA GLU H 12 8.79 -16.48 10.56
C GLU H 12 8.48 -15.01 10.36
N LEU H 13 8.70 -14.22 11.41
CA LEU H 13 8.27 -12.83 11.39
C LEU H 13 9.41 -11.82 11.59
N VAL H 14 10.64 -12.22 11.24
CA VAL H 14 11.76 -11.30 11.28
C VAL H 14 12.02 -10.70 9.90
N VAL H 15 12.02 -9.37 9.82
CA VAL H 15 12.16 -8.66 8.53
C VAL H 15 13.45 -9.01 7.81
N THR H 16 13.42 -8.86 6.49
CA THR H 16 14.54 -9.26 5.65
C THR H 16 15.76 -8.37 5.86
N ASP H 17 16.91 -8.89 5.45
CA ASP H 17 18.09 -8.07 5.21
C ASP H 17 18.00 -7.60 3.76
N PHE H 18 17.74 -6.31 3.56
CA PHE H 18 17.61 -5.38 4.66
C PHE H 18 16.41 -4.47 4.56
N GLU H 19 15.48 -4.64 5.49
CA GLU H 19 14.43 -3.68 5.73
C GLU H 19 14.57 -3.28 7.18
N ARG H 20 15.58 -3.86 7.83
CA ARG H 20 15.81 -3.63 9.24
C ARG H 20 16.02 -2.15 9.53
N ASP H 21 16.84 -1.47 8.72
CA ASP H 21 16.99 -0.02 8.80
C ASP H 21 15.69 0.69 8.43
N LEU H 22 15.07 0.28 7.34
CA LEU H 22 13.76 0.80 6.95
C LEU H 22 12.72 0.66 8.07
N LYS H 23 12.71 -0.50 8.73
CA LYS H 23 11.77 -0.75 9.83
C LYS H 23 12.18 -0.07 11.15
N LYS H 24 13.49 0.05 11.37
CA LYS H 24 14.00 0.82 12.52
C LYS H 24 13.54 2.27 12.38
N GLY H 25 13.60 2.78 11.16
CA GLY H 25 13.24 4.17 10.89
C GLY H 25 11.74 4.41 10.91
N GLU H 26 11.00 3.51 10.28
CA GLU H 26 9.54 3.56 10.27
C GLU H 26 9.01 3.57 11.71
N ALA H 27 9.70 2.86 12.60
CA ALA H 27 9.32 2.77 14.00
C ALA H 27 9.40 4.09 14.77
N LEU H 28 10.15 5.05 14.21
CA LEU H 28 10.35 6.33 14.87
C LEU H 28 9.14 7.25 14.75
N SER H 29 8.24 6.91 13.85
CA SER H 29 7.08 7.76 13.57
C SER H 29 5.80 7.26 14.24
N LEU H 30 5.92 6.13 14.92
CA LEU H 30 4.77 5.46 15.53
C LEU H 30 4.86 5.54 17.06
N PRO H 31 3.71 5.39 17.76
CA PRO H 31 3.70 5.41 19.23
C PRO H 31 4.50 4.25 19.81
N ARG H 32 4.91 4.37 21.07
CA ARG H 32 5.78 3.36 21.64
C ARG H 32 5.22 2.61 22.84
N ILE H 33 5.32 1.28 22.78
CA ILE H 33 5.00 0.42 23.90
C ILE H 33 6.30 -0.25 24.34
N LYS H 34 6.61 -0.19 25.64
CA LYS H 34 7.82 -0.82 26.15
C LYS H 34 7.57 -2.26 26.62
N LEU H 35 8.34 -3.19 26.07
CA LEU H 35 8.23 -4.59 26.45
C LEU H 35 8.81 -4.83 27.84
N SER H 36 8.19 -5.74 28.58
CA SER H 36 8.79 -6.25 29.81
C SER H 36 9.56 -7.48 29.40
N ARG H 37 10.20 -8.15 30.36
CA ARG H 37 11.00 -9.34 30.05
C ARG H 37 10.16 -10.44 29.38
N ILE H 38 8.99 -10.72 29.92
CA ILE H 38 8.18 -11.81 29.39
C ILE H 38 7.58 -11.50 28.02
N ASP H 39 7.24 -10.23 27.80
CA ASP H 39 6.70 -9.79 26.51
C ASP H 39 7.71 -10.08 25.39
N LEU H 40 8.96 -9.71 25.64
CA LEU H 40 10.04 -9.89 24.67
C LEU H 40 10.25 -11.37 24.36
N GLU H 41 10.15 -12.21 25.39
CA GLU H 41 10.25 -13.66 25.19
C GLU H 41 9.15 -14.18 24.27
N TRP H 42 7.94 -13.63 24.40
CA TRP H 42 6.86 -13.99 23.48
C TRP H 42 7.15 -13.48 22.07
N VAL H 43 7.73 -12.28 21.99
CA VAL H 43 8.20 -11.75 20.71
C VAL H 43 9.22 -12.70 20.09
N HIS H 44 10.14 -13.15 20.93
CA HIS H 44 11.14 -14.12 20.52
C HIS H 44 10.48 -15.42 20.03
N VAL H 45 9.51 -15.90 20.81
CA VAL H 45 8.73 -17.06 20.42
C VAL H 45 8.08 -16.85 19.06
N LEU H 46 7.44 -15.68 18.90
CA LEU H 46 6.68 -15.39 17.70
C LEU H 46 7.60 -15.22 16.48
N SER H 47 8.73 -14.56 16.70
CA SER H 47 9.67 -14.25 15.64
C SER H 47 10.14 -15.51 14.90
N GLU H 48 10.59 -16.50 15.66
CA GLU H 48 11.19 -17.71 15.08
C GLU H 48 10.14 -18.67 14.55
N GLY H 49 8.89 -18.44 14.93
CA GLY H 49 7.78 -19.23 14.42
C GLY H 49 7.42 -20.44 15.25
N TRP H 50 7.72 -20.39 16.55
CA TRP H 50 7.32 -21.45 17.46
C TRP H 50 5.80 -21.61 17.53
N ALA H 51 5.07 -20.53 17.24
CA ALA H 51 3.61 -20.57 17.23
C ALA H 51 3.06 -20.42 15.82
N THR H 52 3.73 -21.00 14.84
CA THR H 52 3.27 -21.00 13.44
C THR H 52 1.87 -21.60 13.34
N PRO H 53 0.96 -20.96 12.57
CA PRO H 53 1.15 -19.79 11.71
C PRO H 53 0.64 -18.48 12.30
N LEU H 54 0.67 -18.35 13.62
CA LEU H 54 0.25 -17.12 14.29
C LEU H 54 1.02 -15.92 13.76
N LYS H 55 0.30 -14.96 13.20
CA LYS H 55 0.92 -13.82 12.52
C LYS H 55 1.26 -12.64 13.43
N GLY H 56 1.08 -12.82 14.73
CA GLY H 56 1.48 -11.82 15.70
C GLY H 56 0.83 -12.05 17.05
N PHE H 57 0.83 -11.02 17.89
CA PHE H 57 0.07 -11.10 19.13
C PHE H 57 -1.42 -11.25 18.81
N MET H 58 -2.11 -11.95 19.68
CA MET H 58 -3.46 -12.44 19.38
C MET H 58 -4.52 -11.36 19.33
N ARG H 59 -5.27 -11.35 18.23
CA ARG H 59 -6.46 -10.52 18.12
C ARG H 59 -7.58 -11.19 18.93
N GLU H 60 -8.69 -10.48 19.12
CA GLU H 60 -9.73 -10.97 20.02
C GLU H 60 -10.31 -12.32 19.62
N ALA H 61 -10.59 -12.50 18.34
CA ALA H 61 -11.10 -13.76 17.81
C ALA H 61 -10.14 -14.94 18.04
N GLU H 62 -8.84 -14.66 17.96
CA GLU H 62 -7.80 -15.67 18.22
C GLU H 62 -7.66 -16.00 19.70
N PHE H 63 -7.75 -14.97 20.54
CA PHE H 63 -7.73 -15.12 21.99
C PHE H 63 -8.90 -16.00 22.48
N LEU H 64 -10.09 -15.72 21.98
CA LEU H 64 -11.29 -16.46 22.34
C LEU H 64 -11.21 -17.90 21.87
N GLN H 65 -10.73 -18.08 20.63
CA GLN H 65 -10.56 -19.42 20.08
C GLN H 65 -9.63 -20.25 20.97
N THR H 66 -8.54 -19.63 21.40
CA THR H 66 -7.54 -20.26 22.25
C THR H 66 -8.09 -20.68 23.60
N LEU H 67 -8.87 -19.80 24.24
CA LEU H 67 -9.42 -20.09 25.56
C LEU H 67 -10.44 -21.21 25.56
N HIS H 68 -11.37 -21.15 24.61
CA HIS H 68 -12.51 -22.05 24.60
C HIS H 68 -12.21 -23.39 23.95
N PHE H 69 -11.46 -23.35 22.86
CA PHE H 69 -11.29 -24.50 21.99
C PHE H 69 -9.87 -25.08 22.00
N ASN H 70 -8.92 -24.30 22.53
CA ASN H 70 -7.50 -24.64 22.45
C ASN H 70 -7.04 -24.85 21.00
N SER H 71 -7.63 -24.10 20.07
CA SER H 71 -7.21 -24.19 18.66
C SER H 71 -7.39 -22.89 17.89
N LEU H 72 -6.78 -22.83 16.70
CA LEU H 72 -6.98 -21.73 15.75
C LEU H 72 -7.44 -22.24 14.38
N ARG H 73 -8.49 -21.64 13.84
CA ARG H 73 -8.93 -21.93 12.48
C ARG H 73 -8.09 -21.15 11.46
N LEU H 74 -7.99 -21.68 10.24
CA LEU H 74 -7.14 -21.06 9.23
C LEU H 74 -7.96 -20.62 8.02
N ASP H 75 -7.28 -20.26 6.93
CA ASP H 75 -7.97 -19.81 5.72
C ASP H 75 -8.74 -20.89 4.97
N ASP H 76 -8.31 -22.14 5.13
CA ASP H 76 -9.14 -23.28 4.76
C ASP H 76 -9.93 -23.56 6.03
N GLY H 77 -10.71 -24.63 6.05
CA GLY H 77 -11.41 -24.97 7.27
C GLY H 77 -10.45 -25.34 8.40
N SER H 78 -9.17 -25.49 8.03
CA SER H 78 -8.11 -26.02 8.91
C SER H 78 -8.11 -25.54 10.36
N VAL H 79 -7.72 -26.47 11.22
CA VAL H 79 -7.59 -26.24 12.65
C VAL H 79 -6.15 -26.62 13.04
N VAL H 80 -5.45 -25.73 13.73
CA VAL H 80 -4.17 -26.08 14.34
C VAL H 80 -4.32 -25.94 15.85
N ASN H 81 -3.41 -26.57 16.58
CA ASN H 81 -3.42 -26.45 18.02
C ASN H 81 -2.98 -25.08 18.46
N MET H 82 -3.66 -24.53 19.47
CA MET H 82 -3.25 -23.29 20.11
C MET H 82 -3.85 -23.17 21.50
N SER H 83 -3.06 -23.49 22.51
CA SER H 83 -3.62 -23.73 23.84
C SER H 83 -3.26 -22.66 24.86
N VAL H 84 -2.45 -21.69 24.46
CA VAL H 84 -2.11 -20.61 25.36
C VAL H 84 -2.33 -19.23 24.73
N PRO H 85 -2.95 -18.33 25.48
CA PRO H 85 -3.01 -16.95 25.04
C PRO H 85 -1.58 -16.42 24.89
N ILE H 86 -1.22 -15.95 23.70
CA ILE H 86 0.00 -15.19 23.46
C ILE H 86 -0.39 -13.71 23.24
N VAL H 87 -0.40 -12.96 24.34
CA VAL H 87 -1.00 -11.64 24.33
C VAL H 87 -0.08 -10.54 24.86
N LEU H 88 -0.30 -9.33 24.35
CA LEU H 88 0.34 -8.14 24.88
C LEU H 88 -0.71 -7.31 25.64
N ALA H 89 -0.51 -7.19 26.94
CA ALA H 89 -1.41 -6.44 27.82
C ALA H 89 -1.05 -4.97 27.80
N ILE H 90 -2.05 -4.11 28.01
CA ILE H 90 -1.90 -2.68 27.84
C ILE H 90 -2.76 -1.93 28.87
N ASP H 91 -2.19 -0.91 29.50
CA ASP H 91 -2.95 -0.12 30.48
C ASP H 91 -3.70 1.06 29.84
N ASP H 92 -4.41 1.83 30.66
CA ASP H 92 -5.23 2.93 30.12
C ASP H 92 -4.43 4.02 29.41
N ALA H 93 -3.35 4.49 30.01
CA ALA H 93 -2.58 5.60 29.43
C ALA H 93 -2.00 5.22 28.07
N GLN H 94 -1.61 3.97 27.92
CA GLN H 94 -1.01 3.49 26.68
C GLN H 94 -2.03 3.40 25.55
N LYS H 95 -3.25 3.00 25.90
CA LYS H 95 -4.34 2.91 24.92
C LYS H 95 -4.70 4.28 24.34
N HIS H 96 -4.87 5.27 25.20
CA HIS H 96 -5.13 6.63 24.76
C HIS H 96 -3.96 7.12 23.91
N ARG H 97 -2.76 6.92 24.40
CA ARG H 97 -1.55 7.40 23.72
C ARG H 97 -1.42 6.85 22.27
N ILE H 98 -2.00 5.69 22.01
CA ILE H 98 -2.05 5.10 20.67
C ILE H 98 -3.19 5.69 19.83
N GLY H 99 -4.29 6.04 20.50
CA GLY H 99 -5.42 6.68 19.85
C GLY H 99 -5.95 5.94 18.64
N ASP H 100 -5.78 6.53 17.46
CA ASP H 100 -6.30 5.96 16.23
C ASP H 100 -5.21 5.41 15.32
N ASN H 101 -4.01 5.21 15.86
CA ASN H 101 -2.94 4.64 15.06
C ASN H 101 -3.20 3.17 14.72
N LYS H 102 -2.80 2.77 13.52
CA LYS H 102 -2.96 1.40 13.07
C LYS H 102 -1.66 0.63 13.21
N LYS H 103 -0.57 1.36 13.44
CA LYS H 103 0.73 0.75 13.67
C LYS H 103 1.29 1.25 14.99
N VAL H 104 1.74 0.34 15.84
CA VAL H 104 2.47 0.73 17.04
C VAL H 104 3.86 0.15 16.99
N ALA H 105 4.75 0.72 17.77
CA ALA H 105 6.13 0.25 17.82
C ALA H 105 6.41 -0.40 19.16
N LEU H 106 7.13 -1.51 19.13
CA LEU H 106 7.49 -2.22 20.35
C LEU H 106 8.98 -2.04 20.61
N PHE H 107 9.30 -1.46 21.77
CA PHE H 107 10.69 -1.17 22.14
C PHE H 107 11.12 -2.05 23.33
N ASP H 108 12.39 -2.48 23.34
CA ASP H 108 12.94 -3.21 24.49
C ASP H 108 13.32 -2.23 25.61
N SER H 109 13.80 -2.77 26.73
CA SER H 109 14.17 -1.91 27.87
C SER H 109 15.49 -1.14 27.68
N LYS H 110 16.28 -1.51 26.67
CA LYS H 110 17.47 -0.74 26.34
C LYS H 110 17.03 0.56 25.70
N GLY H 111 15.87 0.51 25.04
CA GLY H 111 15.30 1.67 24.38
C GLY H 111 15.37 1.59 22.87
N ASP H 112 15.63 0.39 22.34
CA ASP H 112 15.74 0.20 20.89
C ASP H 112 14.46 -0.40 20.33
N PRO H 113 14.20 -0.16 19.03
CA PRO H 113 13.01 -0.75 18.38
C PRO H 113 13.15 -2.25 18.06
N VAL H 114 12.40 -3.10 18.76
CA VAL H 114 12.47 -4.55 18.50
C VAL H 114 11.53 -5.00 17.39
N ALA H 115 10.36 -4.37 17.30
CA ALA H 115 9.31 -4.84 16.40
C ALA H 115 8.20 -3.83 16.10
N ILE H 116 7.56 -4.02 14.95
CA ILE H 116 6.43 -3.20 14.52
C ILE H 116 5.12 -4.02 14.48
N LEU H 117 4.11 -3.57 15.21
CA LEU H 117 2.82 -4.26 15.23
C LEU H 117 1.84 -3.53 14.31
N ASN H 118 1.44 -4.19 13.23
CA ASN H 118 0.60 -3.57 12.20
C ASN H 118 -0.87 -3.94 12.28
N ASN H 119 -1.72 -3.00 11.87
CA ASN H 119 -3.17 -3.21 11.82
C ASN H 119 -3.73 -3.68 13.16
N ILE H 120 -3.42 -2.93 14.21
CA ILE H 120 -3.75 -3.33 15.57
C ILE H 120 -5.24 -3.27 15.92
N GLU H 121 -5.62 -4.03 16.93
CA GLU H 121 -6.94 -3.92 17.53
C GLU H 121 -6.78 -4.04 19.05
N ILE H 122 -7.44 -3.14 19.77
CA ILE H 122 -7.40 -3.14 21.22
C ILE H 122 -8.71 -3.69 21.77
N TYR H 123 -8.63 -4.57 22.75
CA TYR H 123 -9.83 -5.17 23.33
C TYR H 123 -9.66 -5.42 24.82
N LYS H 124 -10.74 -5.77 25.51
CA LYS H 124 -10.71 -5.93 26.96
C LYS H 124 -9.87 -7.10 27.38
N HIS H 125 -9.34 -7.02 28.59
CA HIS H 125 -8.57 -8.10 29.18
C HIS H 125 -9.36 -8.75 30.31
N PRO H 126 -10.07 -9.85 30.02
CA PRO H 126 -10.96 -10.56 30.95
C PRO H 126 -10.15 -11.46 31.88
N LYS H 127 -9.50 -10.86 32.87
CA LYS H 127 -8.50 -11.55 33.69
C LYS H 127 -8.95 -12.86 34.38
N GLU H 128 -10.04 -12.80 35.15
CA GLU H 128 -10.49 -13.94 35.92
C GLU H 128 -10.80 -15.12 35.00
N GLU H 129 -11.52 -14.82 33.92
CA GLU H 129 -11.96 -15.84 32.96
C GLU H 129 -10.79 -16.42 32.17
N ARG H 130 -9.84 -15.55 31.81
CA ARG H 130 -8.65 -15.97 31.09
C ARG H 130 -7.88 -16.96 31.93
N ILE H 131 -7.76 -16.65 33.22
CA ILE H 131 -7.03 -17.51 34.14
C ILE H 131 -7.75 -18.83 34.42
N ALA H 132 -9.06 -18.74 34.71
CA ALA H 132 -9.86 -19.93 34.97
C ALA H 132 -9.85 -20.90 33.79
N ARG H 133 -9.87 -20.36 32.58
CA ARG H 133 -9.91 -21.22 31.40
C ARG H 133 -8.55 -21.79 31.00
N THR H 134 -7.46 -21.21 31.52
CA THR H 134 -6.13 -21.71 31.18
C THR H 134 -5.55 -22.62 32.26
N TRP H 135 -5.71 -22.24 33.52
CA TRP H 135 -5.16 -23.01 34.64
C TRP H 135 -6.15 -23.95 35.31
N GLY H 136 -7.43 -23.79 34.98
CA GLY H 136 -8.48 -24.63 35.57
C GLY H 136 -8.70 -24.33 37.04
N THR H 137 -8.25 -23.14 37.45
CA THR H 137 -8.40 -22.68 38.82
C THR H 137 -8.20 -21.18 38.88
N ILE H 138 -8.42 -20.58 40.05
CA ILE H 138 -8.32 -19.13 40.20
C ILE H 138 -7.31 -18.71 41.28
N ALA H 139 -7.02 -19.62 42.20
CA ALA H 139 -6.14 -19.37 43.35
C ALA H 139 -4.96 -18.43 43.11
N PRO H 140 -4.68 -17.53 44.06
CA PRO H 140 -3.50 -16.69 43.95
C PRO H 140 -2.26 -17.52 44.21
N GLY H 141 -1.12 -17.09 43.71
CA GLY H 141 0.11 -17.85 43.85
C GLY H 141 0.46 -18.65 42.61
N LEU H 142 -0.28 -18.41 41.52
CA LEU H 142 0.06 -18.97 40.23
C LEU H 142 1.15 -18.11 39.63
N PRO H 143 2.41 -18.59 39.68
CA PRO H 143 3.58 -17.76 39.36
C PRO H 143 3.46 -17.01 38.04
N TYR H 144 3.10 -17.69 36.96
CA TYR H 144 3.00 -17.00 35.68
C TYR H 144 1.89 -15.94 35.69
N VAL H 145 0.79 -16.24 36.37
CA VAL H 145 -0.32 -15.30 36.53
C VAL H 145 0.07 -14.05 37.32
N GLU H 146 0.86 -14.22 38.38
CA GLU H 146 1.31 -13.10 39.20
C GLU H 146 2.18 -12.14 38.40
N GLN H 147 3.14 -12.69 37.68
CA GLN H 147 3.82 -11.94 36.64
C GLN H 147 2.79 -11.70 35.53
N THR H 148 3.02 -10.71 34.67
CA THR H 148 2.23 -10.53 33.44
C THR H 148 0.69 -10.66 33.36
N ILE H 149 0.00 -11.09 34.41
CA ILE H 149 -1.47 -11.03 34.33
C ILE H 149 -2.11 -10.24 35.48
N THR H 150 -1.96 -10.73 36.70
CA THR H 150 -2.63 -10.15 37.87
C THR H 150 -2.49 -8.63 38.00
N ASN H 151 -1.27 -8.13 37.92
CA ASN H 151 -1.04 -6.74 38.29
C ASN H 151 -1.26 -5.72 37.20
N ALA H 152 -1.00 -6.06 35.95
CA ALA H 152 -1.01 -5.03 34.93
C ALA H 152 -1.75 -5.34 33.63
N GLY H 153 -2.68 -4.45 33.30
CA GLY H 153 -3.19 -4.30 31.95
C GLY H 153 -4.62 -4.75 31.73
N ASN H 154 -5.55 -3.80 31.63
CA ASN H 154 -6.96 -4.13 31.43
C ASN H 154 -7.35 -4.24 29.96
N TRP H 155 -6.36 -4.03 29.10
CA TRP H 155 -6.57 -4.17 27.67
C TRP H 155 -5.57 -5.14 27.06
N LEU H 156 -5.93 -5.68 25.89
CA LEU H 156 -4.98 -6.45 25.10
C LEU H 156 -4.87 -5.79 23.73
N ILE H 157 -3.70 -5.88 23.14
CA ILE H 157 -3.50 -5.41 21.78
C ILE H 157 -2.90 -6.51 20.92
N GLY H 158 -3.55 -6.79 19.80
CA GLY H 158 -3.03 -7.77 18.88
C GLY H 158 -2.82 -7.17 17.50
N GLY H 159 -2.16 -7.94 16.63
CA GLY H 159 -2.01 -7.53 15.25
C GLY H 159 -0.85 -8.25 14.59
N ASP H 160 -0.58 -7.89 13.34
CA ASP H 160 0.48 -8.50 12.56
C ASP H 160 1.84 -7.93 12.99
N LEU H 161 2.77 -8.81 13.32
CA LEU H 161 4.06 -8.40 13.87
C LEU H 161 5.24 -8.59 12.92
N GLU H 162 6.01 -7.51 12.73
CA GLU H 162 7.29 -7.58 12.05
C GLU H 162 8.38 -7.41 13.08
N VAL H 163 9.28 -8.38 13.19
CA VAL H 163 10.33 -8.30 14.20
C VAL H 163 11.64 -7.86 13.54
N ILE H 164 12.21 -6.78 14.05
CA ILE H 164 13.35 -6.13 13.41
C ILE H 164 14.64 -6.98 13.45
N GLU H 165 15.07 -7.34 14.67
CA GLU H 165 16.32 -8.07 14.85
C GLU H 165 16.08 -9.34 15.65
N PRO H 166 16.76 -10.45 15.27
CA PRO H 166 16.76 -11.66 16.11
C PRO H 166 17.09 -11.33 17.55
N ILE H 167 16.34 -11.91 18.48
CA ILE H 167 16.50 -11.61 19.89
C ILE H 167 17.72 -12.33 20.46
N GLN H 168 18.55 -11.57 21.17
CA GLN H 168 19.72 -12.13 21.82
C GLN H 168 19.74 -11.63 23.26
N TYR H 169 19.87 -12.55 24.20
CA TYR H 169 19.80 -12.23 25.62
C TYR H 169 21.16 -11.84 26.19
N ASN H 170 22.23 -12.27 25.52
CA ASN H 170 23.61 -11.99 25.95
C ASN H 170 23.91 -12.44 27.38
N ASP H 171 23.34 -13.57 27.77
CA ASP H 171 23.56 -14.15 29.08
C ASP H 171 24.67 -15.18 28.98
N GLY H 172 25.13 -15.42 27.75
CA GLY H 172 26.18 -16.38 27.51
C GLY H 172 25.64 -17.70 27.01
N LEU H 173 24.33 -17.76 26.79
CA LEU H 173 23.70 -19.01 26.37
C LEU H 173 23.04 -18.94 24.99
N ASP H 174 23.20 -17.82 24.28
CA ASP H 174 22.53 -17.61 22.99
C ASP H 174 22.88 -18.67 21.93
N HIS H 175 23.99 -19.37 22.15
CA HIS H 175 24.42 -20.42 21.24
C HIS H 175 23.61 -21.70 21.39
N PHE H 176 22.76 -21.74 22.41
CA PHE H 176 21.87 -22.86 22.66
C PHE H 176 20.46 -22.63 22.10
N ARG H 177 20.13 -21.36 21.86
CA ARG H 177 18.79 -20.98 21.42
C ARG H 177 18.58 -21.13 19.92
N LEU H 178 18.51 -22.37 19.45
CA LEU H 178 18.30 -22.62 18.03
C LEU H 178 16.85 -22.39 17.58
N SER H 179 16.71 -21.66 16.48
CA SER H 179 15.42 -21.48 15.85
C SER H 179 14.89 -22.83 15.37
N PRO H 180 13.56 -22.92 15.14
CA PRO H 180 12.92 -24.08 14.50
C PRO H 180 13.54 -24.46 13.16
N THR H 181 13.94 -23.47 12.37
CA THR H 181 14.50 -23.71 11.05
C THR H 181 15.99 -24.09 11.12
N GLN H 182 16.66 -23.69 12.20
CA GLN H 182 18.02 -24.12 12.49
C GLN H 182 18.01 -25.57 12.96
N LEU H 183 17.04 -25.90 13.80
CA LEU H 183 16.85 -27.28 14.26
C LEU H 183 16.52 -28.20 13.09
N ARG H 184 15.63 -27.75 12.21
CA ARG H 184 15.34 -28.47 10.97
C ARG H 184 16.57 -28.56 10.07
N ALA H 185 17.45 -27.55 10.14
CA ALA H 185 18.71 -27.60 9.42
C ALA H 185 19.65 -28.62 10.06
N GLU H 186 19.53 -28.76 11.38
CA GLU H 186 20.39 -29.64 12.16
C GLU H 186 19.93 -31.12 12.18
N PHE H 187 18.62 -31.35 12.05
CA PHE H 187 18.11 -32.72 11.96
C PHE H 187 18.31 -33.29 10.58
N THR H 188 18.10 -32.46 9.56
CA THR H 188 18.35 -32.84 8.19
C THR H 188 19.87 -32.99 7.99
N ARG H 189 20.64 -32.38 8.88
CA ARG H 189 22.10 -32.46 8.87
C ARG H 189 22.58 -33.87 9.22
N ARG H 190 21.77 -34.57 10.01
CA ARG H 190 22.13 -35.88 10.54
C ARG H 190 21.37 -37.01 9.84
N ASN H 191 20.72 -36.67 8.74
CA ASN H 191 19.90 -37.62 8.00
C ASN H 191 18.93 -38.34 8.91
N ALA H 192 18.39 -37.61 9.88
CA ALA H 192 17.49 -38.18 10.87
C ALA H 192 16.19 -38.63 10.24
N ASP H 193 15.87 -39.92 10.39
CA ASP H 193 14.59 -40.43 9.90
C ASP H 193 13.48 -40.29 10.93
N ALA H 194 13.84 -39.78 12.12
CA ALA H 194 12.87 -39.55 13.19
C ALA H 194 13.45 -38.65 14.30
N VAL H 195 12.65 -37.69 14.76
CA VAL H 195 13.07 -36.77 15.81
C VAL H 195 12.12 -36.89 17.01
N PHE H 196 12.64 -37.36 18.14
CA PHE H 196 11.83 -37.40 19.36
C PHE H 196 12.26 -36.33 20.37
N ALA H 197 11.31 -35.46 20.69
CA ALA H 197 11.55 -34.34 21.59
C ALA H 197 11.34 -34.74 23.05
N PHE H 198 12.04 -34.05 23.93
CA PHE H 198 11.81 -34.20 25.36
C PHE H 198 11.76 -32.85 26.03
N GLN H 199 10.55 -32.39 26.32
CA GLN H 199 10.30 -31.14 27.02
C GLN H 199 10.63 -31.36 28.50
N LEU H 200 11.25 -30.37 29.12
CA LEU H 200 11.59 -30.44 30.53
C LEU H 200 11.86 -29.05 31.10
N ARG H 201 11.54 -28.90 32.38
CA ARG H 201 11.77 -27.64 33.07
C ARG H 201 12.70 -27.87 34.27
N ASN H 202 13.11 -29.12 34.43
CA ASN H 202 13.87 -29.54 35.61
C ASN H 202 15.19 -30.21 35.26
N PRO H 203 16.06 -30.44 36.25
CA PRO H 203 17.27 -31.22 35.98
C PRO H 203 16.94 -32.68 35.72
N VAL H 204 17.62 -33.27 34.74
CA VAL H 204 17.40 -34.65 34.35
C VAL H 204 17.90 -35.64 35.41
N HIS H 205 16.99 -36.51 35.86
CA HIS H 205 17.39 -37.67 36.66
C HIS H 205 17.25 -38.95 35.81
N ASN H 206 17.55 -40.10 36.40
CA ASN H 206 17.58 -41.34 35.62
C ASN H 206 16.19 -41.86 35.22
N GLY H 207 15.16 -41.33 35.85
CA GLY H 207 13.80 -41.60 35.42
C GLY H 207 13.54 -40.97 34.06
N HIS H 208 13.88 -39.69 33.93
CA HIS H 208 13.74 -38.97 32.67
C HIS H 208 14.59 -39.65 31.60
N ALA H 209 15.78 -40.10 32.00
CA ALA H 209 16.65 -40.83 31.12
C ALA H 209 15.98 -42.12 30.66
N LEU H 210 15.35 -42.83 31.59
CA LEU H 210 14.72 -44.09 31.26
C LEU H 210 13.75 -43.90 30.11
N LEU H 211 12.90 -42.90 30.23
CA LEU H 211 11.93 -42.58 29.20
C LEU H 211 12.59 -42.31 27.84
N MET H 212 13.67 -41.54 27.87
CA MET H 212 14.42 -41.25 26.64
C MET H 212 15.13 -42.48 26.08
N THR H 213 15.83 -43.23 26.94
CA THR H 213 16.57 -44.42 26.48
C THR H 213 15.63 -45.50 25.96
N ASP H 214 14.45 -45.60 26.57
CA ASP H 214 13.44 -46.57 26.18
C ASP H 214 12.83 -46.22 24.83
N THR H 215 12.72 -44.92 24.57
CA THR H 215 12.15 -44.39 23.33
C THR H 215 13.02 -44.75 22.13
N ARG H 216 14.33 -44.61 22.31
CA ARG H 216 15.33 -45.00 21.31
C ARG H 216 15.08 -46.39 20.79
N LYS H 217 15.12 -47.37 21.68
CA LYS H 217 14.97 -48.77 21.30
C LYS H 217 13.66 -48.97 20.58
N ARG H 218 12.60 -48.30 21.04
CA ARG H 218 11.31 -48.46 20.41
C ARG H 218 11.34 -47.99 18.96
N LEU H 219 12.13 -46.97 18.69
CA LEU H 219 12.24 -46.44 17.34
C LEU H 219 13.17 -47.28 16.47
N LEU H 220 14.24 -47.78 17.05
CA LEU H 220 15.13 -48.72 16.35
C LEU H 220 14.38 -50.02 16.06
N GLU H 221 13.66 -50.53 17.06
CA GLU H 221 12.81 -51.70 16.90
C GLU H 221 11.66 -51.46 15.93
N MET H 222 11.33 -50.19 15.71
CA MET H 222 10.26 -49.81 14.79
C MET H 222 10.77 -49.72 13.36
N GLY H 223 12.10 -49.73 13.20
CA GLY H 223 12.73 -49.74 11.88
C GLY H 223 13.63 -48.56 11.58
N TYR H 224 13.61 -47.55 12.45
CA TYR H 224 14.35 -46.31 12.23
C TYR H 224 15.86 -46.47 12.38
N LYS H 225 16.60 -45.95 11.40
CA LYS H 225 18.05 -46.09 11.37
C LYS H 225 18.72 -44.99 12.17
N ASN H 226 18.12 -43.80 12.13
CA ASN H 226 18.76 -42.62 12.69
C ASN H 226 17.83 -41.79 13.57
N PRO H 227 17.39 -42.36 14.71
CA PRO H 227 16.53 -41.60 15.61
C PRO H 227 17.34 -40.51 16.29
N VAL H 228 16.78 -39.32 16.43
CA VAL H 228 17.49 -38.25 17.10
C VAL H 228 16.70 -37.70 18.28
N LEU H 229 17.36 -37.68 19.45
CA LEU H 229 16.78 -37.09 20.64
C LEU H 229 16.94 -35.59 20.61
N LEU H 230 15.82 -34.88 20.65
CA LEU H 230 15.84 -33.42 20.82
C LEU H 230 15.59 -33.07 22.28
N LEU H 231 16.67 -32.84 23.02
CA LEU H 231 16.57 -32.48 24.42
C LEU H 231 16.32 -30.97 24.53
N HIS H 232 15.25 -30.58 25.20
CA HIS H 232 14.77 -29.21 25.12
C HIS H 232 14.42 -28.60 26.46
N PRO H 233 15.41 -28.09 27.21
CA PRO H 233 15.08 -27.37 28.44
C PRO H 233 14.34 -26.10 28.08
N LEU H 234 13.30 -25.78 28.85
CA LEU H 234 12.55 -24.57 28.63
C LEU H 234 13.29 -23.42 29.30
N GLY H 235 13.55 -22.36 28.54
CA GLY H 235 14.43 -21.30 29.00
C GLY H 235 13.80 -19.93 29.15
N GLY H 236 12.50 -19.85 28.93
CA GLY H 236 11.75 -18.62 29.18
C GLY H 236 11.52 -18.47 30.68
N TYR H 237 10.66 -17.52 31.07
CA TYR H 237 10.33 -17.36 32.49
C TYR H 237 9.98 -18.70 33.14
N THR H 238 10.51 -18.90 34.34
CA THR H 238 10.14 -20.03 35.19
C THR H 238 10.07 -19.46 36.60
N LYS H 239 9.33 -20.12 37.49
CA LYS H 239 9.16 -19.59 38.84
C LYS H 239 10.49 -19.45 39.58
N ALA H 240 10.56 -18.49 40.49
CA ALA H 240 11.80 -18.18 41.20
C ALA H 240 12.30 -19.35 42.06
N ASP H 241 11.35 -20.11 42.59
CA ASP H 241 11.63 -21.32 43.35
C ASP H 241 12.60 -22.24 42.60
N ASP H 242 12.15 -22.77 41.46
CA ASP H 242 12.87 -23.79 40.71
C ASP H 242 14.31 -23.45 40.33
N VAL H 243 15.05 -24.44 39.86
CA VAL H 243 16.43 -24.28 39.47
C VAL H 243 16.58 -23.54 38.15
N PRO H 244 17.23 -22.37 38.15
CA PRO H 244 17.47 -21.50 36.99
C PRO H 244 18.12 -22.18 35.79
N LEU H 245 17.83 -21.66 34.60
CA LEU H 245 18.27 -22.24 33.34
C LEU H 245 19.77 -22.49 33.25
N ASP H 246 20.57 -21.54 33.70
CA ASP H 246 22.03 -21.67 33.58
C ASP H 246 22.59 -22.87 34.35
N TRP H 247 22.03 -23.15 35.53
CA TRP H 247 22.43 -24.32 36.30
C TRP H 247 21.94 -25.61 35.66
N ARG H 248 20.69 -25.61 35.19
CA ARG H 248 20.15 -26.77 34.52
C ARG H 248 20.96 -27.16 33.28
N MET H 249 21.37 -26.17 32.49
CA MET H 249 22.18 -26.43 31.30
C MET H 249 23.52 -27.07 31.64
N LYS H 250 24.07 -26.70 32.80
CA LYS H 250 25.28 -27.34 33.30
C LYS H 250 24.98 -28.78 33.71
N GLN H 251 23.85 -28.97 34.38
CA GLN H 251 23.45 -30.29 34.88
C GLN H 251 23.26 -31.24 33.71
N HIS H 252 22.55 -30.77 32.68
CA HIS H 252 22.35 -31.56 31.47
C HIS H 252 23.69 -31.87 30.79
N GLU H 253 24.63 -30.93 30.85
CA GLU H 253 25.95 -31.11 30.27
C GLU H 253 26.66 -32.28 30.94
N LYS H 254 26.40 -32.44 32.23
CA LYS H 254 26.99 -33.52 32.99
C LYS H 254 26.27 -34.85 32.73
N VAL H 255 24.96 -34.78 32.52
CA VAL H 255 24.18 -35.97 32.18
C VAL H 255 24.64 -36.56 30.84
N LEU H 256 24.82 -35.67 29.86
CA LEU H 256 25.28 -36.07 28.54
C LEU H 256 26.73 -36.56 28.59
N GLU H 257 27.45 -36.15 29.63
CA GLU H 257 28.86 -36.51 29.83
C GLU H 257 29.06 -37.91 30.40
N ASP H 258 28.17 -38.30 31.29
CA ASP H 258 28.26 -39.59 31.98
C ASP H 258 27.65 -40.72 31.15
N GLY H 259 27.36 -40.43 29.89
CA GLY H 259 26.90 -41.44 28.98
C GLY H 259 25.47 -41.89 29.18
N VAL H 260 24.79 -41.32 30.18
CA VAL H 260 23.38 -41.65 30.41
C VAL H 260 22.55 -41.22 29.21
N LEU H 261 22.96 -40.15 28.55
CA LEU H 261 22.40 -39.77 27.25
C LEU H 261 23.50 -39.69 26.21
N ASP H 262 23.24 -40.21 25.02
CA ASP H 262 24.23 -40.29 23.95
C ASP H 262 24.34 -38.98 23.16
N PRO H 263 25.47 -38.27 23.31
CA PRO H 263 25.69 -36.98 22.64
C PRO H 263 25.72 -37.11 21.12
N GLU H 264 26.15 -38.27 20.63
CA GLU H 264 26.24 -38.54 19.19
C GLU H 264 24.86 -38.52 18.51
N THR H 265 23.80 -38.72 19.29
CA THR H 265 22.46 -38.78 18.73
C THR H 265 21.48 -37.91 19.50
N THR H 266 22.02 -36.92 20.22
CA THR H 266 21.21 -35.96 20.95
C THR H 266 21.55 -34.52 20.56
N VAL H 267 20.53 -33.75 20.25
CA VAL H 267 20.68 -32.32 20.04
C VAL H 267 20.20 -31.63 21.30
N VAL H 268 21.04 -30.80 21.89
CA VAL H 268 20.60 -29.96 23.01
C VAL H 268 20.32 -28.56 22.52
N SER H 269 19.15 -28.02 22.86
CA SER H 269 18.74 -26.70 22.42
C SER H 269 17.83 -26.11 23.49
N ILE H 270 17.64 -24.80 23.47
CA ILE H 270 16.81 -24.16 24.49
C ILE H 270 15.52 -23.59 23.90
N PHE H 271 14.39 -23.99 24.50
CA PHE H 271 13.05 -23.53 24.15
C PHE H 271 12.75 -22.18 24.82
N PRO H 272 12.52 -21.12 24.02
CA PRO H 272 12.48 -19.73 24.47
C PRO H 272 11.23 -19.34 25.25
N SER H 273 10.18 -20.15 25.15
CA SER H 273 8.88 -19.82 25.73
C SER H 273 8.88 -19.74 27.26
N PRO H 274 8.17 -18.74 27.81
CA PRO H 274 7.92 -18.74 29.25
C PRO H 274 7.16 -19.99 29.66
N MET H 275 7.21 -20.35 30.94
CA MET H 275 6.47 -21.50 31.46
C MET H 275 5.16 -21.06 32.11
N HIS H 276 4.05 -21.70 31.71
CA HIS H 276 2.73 -21.32 32.22
C HIS H 276 2.40 -22.01 33.52
N TYR H 277 2.94 -23.22 33.68
CA TYR H 277 2.54 -24.16 34.73
C TYR H 277 1.04 -24.41 34.69
N ALA H 278 0.53 -24.77 33.53
CA ALA H 278 -0.91 -24.91 33.33
C ALA H 278 -1.30 -26.32 32.90
N GLY H 279 -0.49 -27.30 33.29
CA GLY H 279 -0.81 -28.70 33.12
C GLY H 279 -1.20 -29.14 31.72
N PRO H 280 -2.36 -29.83 31.61
CA PRO H 280 -2.84 -30.41 30.36
C PRO H 280 -3.07 -29.35 29.30
N THR H 281 -3.46 -28.15 29.72
CA THR H 281 -3.61 -27.03 28.82
C THR H 281 -2.25 -26.65 28.24
N GLU H 282 -1.24 -26.52 29.10
CA GLU H 282 0.07 -26.10 28.63
C GLU H 282 0.77 -27.16 27.78
N VAL H 283 0.59 -28.44 28.11
CA VAL H 283 1.36 -29.48 27.46
C VAL H 283 1.07 -29.53 25.96
N GLN H 284 -0.14 -29.14 25.56
CA GLN H 284 -0.49 -29.05 24.15
C GLN H 284 0.41 -28.06 23.42
N TRP H 285 0.79 -26.99 24.13
CA TRP H 285 1.64 -25.95 23.57
C TRP H 285 3.11 -26.40 23.55
N HIS H 286 3.52 -27.13 24.58
CA HIS H 286 4.84 -27.73 24.57
C HIS H 286 4.99 -28.65 23.37
N ALA H 287 3.88 -29.26 22.94
CA ALA H 287 3.93 -30.22 21.83
C ALA H 287 3.82 -29.52 20.48
N LYS H 288 2.95 -28.52 20.44
CA LYS H 288 2.71 -27.69 19.26
C LYS H 288 4.02 -27.11 18.73
N ALA H 289 4.82 -26.59 19.64
CA ALA H 289 6.08 -25.95 19.27
C ALA H 289 7.05 -26.98 18.74
N ARG H 290 7.10 -28.14 19.40
CA ARG H 290 8.05 -29.17 19.05
C ARG H 290 7.78 -29.73 17.66
N ILE H 291 6.52 -29.68 17.26
CA ILE H 291 6.14 -30.00 15.88
C ILE H 291 6.80 -29.00 14.94
N ASN H 292 6.62 -27.72 15.22
CA ASN H 292 7.16 -26.67 14.38
C ASN H 292 8.68 -26.72 14.36
N ALA H 293 9.27 -27.19 15.45
CA ALA H 293 10.71 -27.39 15.53
C ALA H 293 11.15 -28.63 14.74
N GLY H 294 10.19 -29.43 14.29
CA GLY H 294 10.48 -30.56 13.42
C GLY H 294 10.55 -31.93 14.08
N ALA H 295 10.16 -32.02 15.35
CA ALA H 295 10.09 -33.30 16.04
C ALA H 295 8.77 -34.01 15.73
N ASN H 296 8.84 -35.25 15.27
CA ASN H 296 7.63 -35.99 14.94
C ASN H 296 7.20 -37.00 16.00
N PHE H 297 8.04 -37.19 17.02
CA PHE H 297 7.68 -37.99 18.19
C PHE H 297 7.81 -37.13 19.44
N TYR H 298 6.81 -37.17 20.31
CA TYR H 298 6.83 -36.36 21.52
C TYR H 298 6.70 -37.25 22.76
N ILE H 299 7.65 -37.13 23.67
CA ILE H 299 7.61 -37.90 24.91
C ILE H 299 6.81 -37.16 25.96
N VAL H 300 5.87 -37.86 26.58
CA VAL H 300 5.14 -37.27 27.69
C VAL H 300 5.04 -38.28 28.82
N GLY H 301 5.32 -37.83 30.03
CA GLY H 301 5.28 -38.68 31.19
C GLY H 301 4.06 -38.40 32.03
N ARG H 302 4.25 -38.29 33.34
CA ARG H 302 3.14 -38.01 34.23
C ARG H 302 3.13 -36.54 34.67
N ASP H 303 1.92 -36.04 34.92
CA ASP H 303 1.69 -34.65 35.34
C ASP H 303 2.51 -33.58 34.59
N PRO H 304 2.60 -33.69 33.25
CA PRO H 304 3.47 -32.72 32.58
C PRO H 304 2.98 -31.28 32.76
N ALA H 305 3.94 -30.36 32.90
CA ALA H 305 3.64 -28.95 33.17
C ALA H 305 2.79 -28.73 34.42
N GLY H 306 2.71 -29.74 35.27
CA GLY H 306 1.97 -29.64 36.51
C GLY H 306 2.76 -28.91 37.60
N MET H 307 2.08 -28.60 38.69
CA MET H 307 2.71 -28.12 39.92
C MET H 307 1.72 -28.26 41.07
N SER H 308 2.17 -28.06 42.30
CA SER H 308 1.27 -28.16 43.44
C SER H 308 0.37 -26.94 43.54
N HIS H 309 -0.85 -27.16 44.02
CA HIS H 309 -1.79 -26.07 44.24
C HIS H 309 -1.22 -25.07 45.25
N PRO H 310 -1.19 -23.79 44.87
CA PRO H 310 -0.60 -22.71 45.70
C PRO H 310 -1.21 -22.65 47.09
N VAL H 311 -2.38 -23.23 47.26
CA VAL H 311 -3.08 -23.20 48.55
C VAL H 311 -3.30 -24.58 49.14
N GLU H 312 -3.98 -25.45 48.41
CA GLU H 312 -4.43 -26.73 48.96
C GLU H 312 -3.41 -27.87 48.91
N LYS H 313 -3.78 -28.98 49.56
CA LYS H 313 -2.88 -30.10 49.77
C LYS H 313 -2.87 -31.09 48.60
N ARG H 314 -2.82 -30.57 47.38
CA ARG H 314 -2.83 -31.46 46.23
C ARG H 314 -2.20 -30.85 44.97
N ASP H 315 -2.18 -31.66 43.91
CA ASP H 315 -1.70 -31.19 42.62
C ASP H 315 -2.83 -30.47 41.92
N LEU H 316 -2.49 -29.40 41.19
CA LEU H 316 -3.48 -28.70 40.41
C LEU H 316 -4.25 -29.66 39.52
N TYR H 317 -3.54 -30.63 38.95
CA TYR H 317 -4.10 -31.49 37.93
C TYR H 317 -4.00 -32.99 38.22
N ASP H 318 -4.87 -33.77 37.58
CA ASP H 318 -4.77 -35.22 37.56
C ASP H 318 -3.56 -35.58 36.69
N ALA H 319 -2.74 -36.51 37.18
CA ALA H 319 -1.45 -36.82 36.55
C ALA H 319 -1.55 -37.49 35.18
N ASP H 320 -2.67 -38.14 34.92
CA ASP H 320 -2.88 -38.86 33.66
C ASP H 320 -3.51 -38.01 32.56
N HIS H 321 -3.96 -36.81 32.91
CA HIS H 321 -4.71 -35.99 31.97
C HIS H 321 -3.83 -35.40 30.86
N GLY H 322 -2.61 -35.00 31.21
CA GLY H 322 -1.68 -34.48 30.22
C GLY H 322 -1.53 -35.42 29.04
N LYS H 323 -1.21 -36.67 29.34
CA LYS H 323 -1.14 -37.76 28.37
C LYS H 323 -2.42 -37.84 27.55
N LYS H 324 -3.54 -38.05 28.24
CA LYS H 324 -4.83 -38.21 27.60
C LYS H 324 -5.22 -37.03 26.72
N VAL H 325 -5.09 -35.81 27.25
CA VAL H 325 -5.53 -34.62 26.54
C VAL H 325 -4.70 -34.45 25.28
N LEU H 326 -3.41 -34.74 25.41
CA LEU H 326 -2.47 -34.64 24.31
C LEU H 326 -2.81 -35.61 23.18
N SER H 327 -3.29 -36.79 23.54
CA SER H 327 -3.53 -37.83 22.54
C SER H 327 -4.84 -37.58 21.77
N MET H 328 -5.62 -36.60 22.22
CA MET H 328 -6.81 -36.21 21.45
C MET H 328 -6.88 -34.73 21.09
N ALA H 329 -5.82 -33.98 21.38
CA ALA H 329 -5.82 -32.54 21.14
C ALA H 329 -5.91 -32.18 19.65
N PRO H 330 -6.73 -31.18 19.30
CA PRO H 330 -6.93 -30.69 17.93
C PRO H 330 -5.62 -30.18 17.30
N GLY H 331 -5.37 -30.57 16.05
CA GLY H 331 -4.15 -30.19 15.38
C GLY H 331 -2.89 -30.93 15.79
N LEU H 332 -3.00 -31.82 16.78
CA LEU H 332 -1.85 -32.59 17.25
C LEU H 332 -1.92 -34.08 16.85
N GLU H 333 -2.85 -34.40 15.95
CA GLU H 333 -3.10 -35.79 15.56
C GLU H 333 -1.92 -36.37 14.79
N ARG H 334 -1.37 -35.57 13.89
CA ARG H 334 -0.26 -35.98 13.03
C ARG H 334 1.05 -36.17 13.80
N LEU H 335 1.08 -35.71 15.04
CA LEU H 335 2.22 -35.89 15.92
C LEU H 335 2.13 -37.26 16.58
N ASN H 336 3.26 -37.96 16.64
CA ASN H 336 3.29 -39.25 17.31
C ASN H 336 3.57 -39.07 18.80
N ILE H 337 2.55 -39.34 19.61
CA ILE H 337 2.67 -39.20 21.06
C ILE H 337 3.27 -40.46 21.67
N LEU H 338 4.22 -40.28 22.57
CA LEU H 338 4.81 -41.41 23.28
C LEU H 338 4.56 -41.30 24.78
N PRO H 339 3.39 -41.78 25.23
CA PRO H 339 2.98 -41.69 26.64
C PRO H 339 3.76 -42.64 27.54
N PHE H 340 4.12 -42.19 28.75
CA PHE H 340 4.79 -43.08 29.71
C PHE H 340 4.16 -43.04 31.09
N ARG H 341 4.33 -44.12 31.83
CA ARG H 341 3.91 -44.17 33.22
C ARG H 341 5.00 -43.62 34.14
N VAL H 342 4.74 -43.66 35.44
CA VAL H 342 5.65 -43.08 36.43
C VAL H 342 6.92 -43.89 36.64
N ALA H 343 8.05 -43.22 36.57
CA ALA H 343 9.34 -43.81 36.92
C ALA H 343 9.74 -43.35 38.31
N ALA H 344 10.08 -44.30 39.16
CA ALA H 344 10.62 -44.03 40.48
C ALA H 344 11.79 -44.97 40.75
N TYR H 345 12.46 -44.81 41.88
CA TYR H 345 13.59 -45.68 42.20
C TYR H 345 13.11 -47.02 42.71
N ASP H 346 13.49 -48.08 41.99
CA ASP H 346 13.17 -49.45 42.38
C ASP H 346 14.20 -49.92 43.40
N LYS H 347 13.72 -50.39 44.55
CA LYS H 347 14.62 -50.81 45.62
C LYS H 347 15.14 -52.23 45.42
N THR H 348 14.33 -53.09 44.82
CA THR H 348 14.75 -54.46 44.50
C THR H 348 15.90 -54.44 43.51
N GLN H 349 15.66 -53.81 42.36
CA GLN H 349 16.73 -53.52 41.42
C GLN H 349 17.49 -52.34 42.01
N GLY H 350 18.51 -51.85 41.32
CA GLY H 350 19.28 -50.75 41.86
C GLY H 350 19.07 -49.47 41.07
N LYS H 351 18.03 -49.46 40.25
CA LYS H 351 17.87 -48.41 39.25
C LYS H 351 16.45 -47.84 39.16
N MET H 352 16.30 -46.83 38.33
CA MET H 352 14.97 -46.32 38.02
C MET H 352 14.26 -47.33 37.14
N ALA H 353 12.98 -47.50 37.40
CA ALA H 353 12.14 -48.42 36.65
C ALA H 353 10.69 -47.96 36.82
N PHE H 354 9.82 -48.34 35.89
CA PHE H 354 8.41 -47.95 35.96
C PHE H 354 7.71 -48.49 37.19
N PHE H 355 6.90 -47.64 37.82
CA PHE H 355 6.21 -47.97 39.06
C PHE H 355 5.31 -49.18 38.89
N ASP H 356 5.41 -50.11 39.83
CA ASP H 356 4.64 -51.33 39.77
C ASP H 356 3.64 -51.35 40.91
N PRO H 357 2.36 -51.14 40.58
CA PRO H 357 1.31 -50.99 41.60
C PRO H 357 1.12 -52.29 42.36
N SER H 358 1.66 -53.38 41.83
CA SER H 358 1.55 -54.69 42.47
C SER H 358 2.53 -54.82 43.62
N ARG H 359 3.55 -53.96 43.64
CA ARG H 359 4.55 -53.97 44.70
C ARG H 359 5.01 -52.54 45.09
N PRO H 360 4.08 -51.70 45.58
CA PRO H 360 4.38 -50.32 45.95
C PRO H 360 5.55 -50.21 46.95
N GLN H 361 5.64 -51.16 47.87
CA GLN H 361 6.69 -51.20 48.88
C GLN H 361 8.11 -51.18 48.31
N ASP H 362 8.24 -51.36 47.00
CA ASP H 362 9.54 -51.43 46.36
C ASP H 362 10.10 -50.08 45.89
N PHE H 363 9.28 -49.03 45.90
CA PHE H 363 9.69 -47.77 45.27
C PHE H 363 9.89 -46.60 46.22
N LEU H 364 10.96 -45.85 46.00
CA LEU H 364 11.19 -44.59 46.70
C LEU H 364 10.98 -43.44 45.70
N PHE H 365 10.39 -42.34 46.17
CA PHE H 365 10.13 -41.19 45.29
C PHE H 365 11.04 -40.00 45.58
N PRO H 382 20.39 -42.15 47.32
CA PRO H 382 19.73 -42.86 46.22
C PRO H 382 20.70 -43.09 45.07
N ASP H 383 21.24 -44.31 45.00
CA ASP H 383 22.33 -44.62 44.09
C ASP H 383 21.85 -45.14 42.74
N GLY H 384 21.91 -44.29 41.73
CA GLY H 384 21.41 -44.63 40.41
C GLY H 384 20.18 -43.81 40.07
N PHE H 385 19.80 -42.90 40.97
CA PHE H 385 18.65 -42.03 40.77
C PHE H 385 19.00 -40.88 39.84
N MET H 386 20.18 -40.31 40.05
CA MET H 386 20.75 -39.32 39.13
C MET H 386 22.22 -39.67 38.94
N CYS H 387 22.73 -39.50 37.72
CA CYS H 387 24.15 -39.70 37.50
C CYS H 387 24.94 -38.72 38.36
N PRO H 388 25.92 -39.25 39.12
CA PRO H 388 26.66 -38.48 40.13
C PRO H 388 27.34 -37.23 39.58
N GLY H 389 27.65 -37.21 38.28
CA GLY H 389 28.19 -36.02 37.65
C GLY H 389 27.13 -34.92 37.64
N GLY H 390 25.94 -35.26 37.18
CA GLY H 390 24.82 -34.33 37.18
C GLY H 390 24.45 -33.90 38.58
N TRP H 391 24.71 -34.75 39.56
CA TRP H 391 24.43 -34.42 40.96
C TRP H 391 25.45 -33.42 41.52
N LYS H 392 26.62 -33.34 40.89
CA LYS H 392 27.64 -32.39 41.30
C LYS H 392 27.16 -30.96 41.05
N VAL H 393 26.72 -30.70 39.81
CA VAL H 393 26.20 -29.39 39.41
C VAL H 393 25.13 -28.94 40.38
N LEU H 394 24.29 -29.89 40.75
CA LEU H 394 23.09 -29.64 41.54
C LEU H 394 23.44 -29.42 43.00
N VAL H 395 24.44 -30.15 43.50
CA VAL H 395 24.85 -30.00 44.89
C VAL H 395 25.75 -28.75 45.04
N ASP H 396 26.48 -28.42 43.98
CA ASP H 396 27.21 -27.16 43.90
C ASP H 396 26.23 -26.01 44.00
N TYR H 397 25.49 -25.81 42.90
CA TYR H 397 24.45 -24.79 42.76
C TYR H 397 23.73 -24.53 44.08
N TYR H 398 23.24 -25.60 44.69
CA TYR H 398 22.59 -25.50 45.98
C TYR H 398 23.60 -25.18 47.07
SB ADX I . -30.85 -17.00 27.83
O1B ADX I . -29.78 -16.41 26.91
O2B ADX I . -31.79 -17.81 27.05
O3B ADX I . -30.17 -17.88 28.84
PA ADX I . -32.67 -14.89 27.92
O1A ADX I . -34.02 -15.55 27.86
O2A ADX I . -32.73 -13.68 28.83
O3A ADX I . -31.58 -15.91 28.54
O5' ADX I . -32.25 -14.43 26.44
C5' ADX I . -32.52 -15.18 25.28
C4' ADX I . -31.95 -14.66 24.09
O4' ADX I . -32.25 -13.25 23.96
C3' ADX I . -30.47 -14.70 24.10
O3' ADX I . -30.02 -14.79 22.80
C2' ADX I . -30.05 -13.38 24.62
O2' ADX I . -28.80 -13.10 24.18
C1' ADX I . -31.06 -12.50 24.00
N9 ADX I . -31.36 -11.34 24.73
C8 ADX I . -31.90 -11.26 25.96
N7 ADX I . -32.16 -9.97 26.21
C5 ADX I . -31.78 -9.23 25.14
C6 ADX I . -31.78 -7.86 24.85
N6 ADX I . -32.30 -6.90 25.78
N1 ADX I . -31.31 -7.43 23.66
C2 ADX I . -30.83 -8.31 22.76
N3 ADX I . -30.80 -9.62 23.01
C4 ADX I . -31.26 -10.11 24.19
SB ADX J . -26.51 34.21 -11.17
O1B ADX J . -25.68 35.12 -10.26
O2B ADX J . -25.65 33.66 -12.22
O3B ADX J . -27.02 33.07 -10.36
PA ADX J . -27.65 35.84 -13.08
O1A ADX J . -27.46 34.90 -14.23
O2A ADX J . -28.99 36.50 -13.17
O3A ADX J . -27.65 34.99 -11.72
O5' ADX J . -26.54 36.96 -13.17
C5' ADX J . -25.18 36.69 -13.30
C4' ADX J . -24.28 37.73 -12.90
O4' ADX J . -24.77 39.03 -13.36
C3' ADX J . -24.17 37.87 -11.43
O3' ADX J . -22.89 38.36 -11.16
C2' ADX J . -25.16 38.90 -11.08
O2' ADX J . -24.84 39.52 -9.90
C1' ADX J . -25.03 39.82 -12.23
N9 ADX J . -26.19 40.53 -12.57
C8 ADX J . -27.34 40.00 -13.07
N7 ADX J . -28.14 41.03 -13.41
C5 ADX J . -27.49 42.20 -13.16
C6 ADX J . -27.82 43.55 -13.31
N6 ADX J . -29.08 43.95 -13.87
N1 ADX J . -26.93 44.50 -12.94
C2 ADX J . -25.74 44.15 -12.43
N3 ADX J . -25.39 42.86 -12.26
C4 ADX J . -26.24 41.87 -12.62
SB ADX K . -22.30 24.51 28.61
O1B ADX K . -21.63 23.80 27.45
O2B ADX K . -21.25 25.17 29.39
O3B ADX K . -23.20 25.53 28.06
PA ADX K . -22.66 22.75 30.72
O1A ADX K . -22.46 23.70 31.87
O2A ADX K . -23.75 21.77 31.10
O3A ADX K . -23.13 23.60 29.44
O5' ADX K . -21.35 21.93 30.34
C5' ADX K . -20.02 22.26 30.64
C4' ADX K . -19.01 21.48 29.99
O4' ADX K . -19.10 20.08 30.41
C3' ADX K . -19.14 21.42 28.52
O3' ADX K . -17.88 21.26 27.97
C2' ADX K . -19.92 20.20 28.27
O2' ADX K . -19.70 19.70 27.03
C1' ADX K . -19.41 19.28 29.31
N9 ADX K . -20.33 18.32 29.79
C8 ADX K . -21.51 18.55 30.41
N7 ADX K . -21.97 17.37 30.84
C5 ADX K . -21.11 16.37 30.49
C6 ADX K . -21.10 14.98 30.65
N6 ADX K . -22.17 14.32 31.34
N1 ADX K . -20.07 14.26 30.18
C2 ADX K . -19.06 14.86 29.55
N3 ADX K . -19.04 16.20 29.36
C4 ADX K . -20.06 16.98 29.82
SB ADX L . 22.46 43.96 5.22
O1B ADX L . 23.36 44.50 4.10
O2B ADX L . 21.49 43.08 4.62
O3B ADX L . 23.25 43.14 6.18
PA ADX L . 20.63 46.04 5.55
O1A ADX L . 19.34 45.24 5.56
O2A ADX L . 20.47 47.19 6.51
O3A ADX L . 21.85 45.10 6.00
O5' ADX L . 20.87 46.60 4.08
C5' ADX L . 20.42 46.03 2.87
C4' ADX L . 20.98 46.60 1.67
O4' ADX L . 20.73 48.02 1.53
C3' ADX L . 22.44 46.48 1.61
O3' ADX L . 22.79 46.34 0.28
C2' ADX L . 22.96 47.75 2.13
O2' ADX L . 24.18 47.99 1.58
C1' ADX L . 21.95 48.73 1.66
N9 ADX L . 21.69 49.85 2.48
C8 ADX L . 21.17 49.87 3.73
N7 ADX L . 20.88 51.14 4.06
C5 ADX L . 21.19 51.93 3.02
C6 ADX L . 21.11 53.32 2.78
N6 ADX L . 20.56 54.24 3.74
N1 ADX L . 21.52 53.81 1.58
C2 ADX L . 22.00 52.98 0.64
N3 ADX L . 22.10 51.65 0.82
C4 ADX L . 21.70 51.11 2.00
SB ADX M . 61.23 30.45 6.25
O1B ADX M . 60.12 29.51 5.79
O2B ADX M . 62.08 30.74 5.11
O3B ADX M . 60.64 31.72 6.74
PA ADX M . 63.20 28.78 7.29
O1A ADX M . 64.48 29.40 6.80
O2A ADX M . 63.38 28.23 8.67
O3A ADX M . 62.02 29.86 7.36
O5' ADX M . 62.81 27.56 6.35
C5' ADX M . 63.13 27.39 5.01
C4' ADX M . 62.43 26.35 4.31
O4' ADX M . 62.75 25.03 4.85
C3' ADX M . 60.96 26.48 4.42
O3' ADX M . 60.39 25.96 3.25
C2' ADX M . 60.61 25.63 5.58
O2' ADX M . 59.33 25.23 5.52
C1' ADX M . 61.58 24.51 5.43
N9 ADX M . 61.97 23.93 6.64
C8 ADX M . 62.57 24.51 7.69
N7 ADX M . 62.92 23.55 8.58
C5 ADX M . 62.54 22.34 8.08
C6 ADX M . 62.62 21.02 8.53
N6 ADX M . 63.24 20.68 9.79
N1 ADX M . 62.13 20.05 7.76
C2 ADX M . 61.56 20.32 6.58
N3 ADX M . 61.47 21.57 6.10
C4 ADX M . 61.94 22.59 6.83
SB ADX N . -10.26 -46.26 -16.02
O1B ADX N . -9.41 -47.16 -16.92
O2B ADX N . -9.34 -45.43 -15.25
O3B ADX N . -11.11 -45.36 -16.84
PA ADX N . -10.61 -47.93 -13.87
O1A ADX N . -10.36 -46.97 -12.73
O2A ADX N . -11.62 -48.98 -13.46
O3A ADX N . -11.12 -47.09 -15.12
O5' ADX N . -9.28 -48.69 -14.24
C5' ADX N . -7.99 -48.36 -13.81
C4' ADX N . -6.96 -49.17 -14.35
O4' ADX N . -7.11 -50.53 -13.86
C3' ADX N . -7.02 -49.29 -15.81
O3' ADX N . -5.73 -49.46 -16.25
C2' ADX N . -7.79 -50.52 -16.07
O2' ADX N . -7.51 -51.07 -17.26
C1' ADX N . -7.33 -51.39 -14.96
N9 ADX N . -8.28 -52.33 -14.51
C8 ADX N . -9.44 -52.06 -13.92
N7 ADX N . -9.95 -53.22 -13.46
C5 ADX N . -9.09 -54.21 -13.75
C6 ADX N . -9.09 -55.59 -13.53
N6 ADX N . -10.16 -56.21 -12.79
N1 ADX N . -8.05 -56.32 -13.97
C2 ADX N . -7.02 -55.74 -14.60
N3 ADX N . -6.99 -54.40 -14.83
C4 ADX N . -8.01 -53.63 -14.42
SB ADX O . -13.43 -38.79 -56.20
O1B ADX O . -12.67 -37.71 -55.44
O2B ADX O . -12.48 -39.46 -57.10
O3B ADX O . -13.97 -39.83 -55.27
PA ADX O . -14.46 -37.30 -58.25
O1A ADX O . -14.19 -38.24 -59.40
O2A ADX O . -15.76 -36.57 -58.45
O3A ADX O . -14.57 -38.17 -56.93
O5' ADX O . -13.31 -36.19 -58.17
C5' ADX O . -11.97 -36.31 -58.55
C4' ADX O . -11.12 -35.26 -58.09
O4' ADX O . -11.58 -33.94 -58.57
C3' ADX O . -11.11 -35.10 -56.62
O3' ADX O . -9.84 -34.69 -56.24
C2' ADX O . -12.10 -34.05 -56.34
O2' ADX O . -11.86 -33.37 -55.18
C1' ADX O . -11.90 -33.13 -57.48
N9 ADX O . -13.06 -32.46 -57.84
C8 ADX O . -14.18 -33.02 -58.29
N7 ADX O . -14.98 -32.04 -58.73
C5 ADX O . -14.36 -30.86 -58.56
C6 ADX O . -14.71 -29.54 -58.85
N6 ADX O . -15.99 -29.26 -59.45
N1 ADX O . -13.85 -28.55 -58.57
C2 ADX O . -12.66 -28.84 -58.01
N3 ADX O . -12.28 -30.10 -57.72
C4 ADX O . -13.11 -31.12 -58.00
SB ADX P . 7.62 -30.32 32.87
O1B ADX P . 6.49 -31.31 32.58
O2B ADX P . 8.45 -30.17 31.68
O3B ADX P . 6.95 -29.03 33.22
PA ADX P . 9.45 -31.96 34.01
O1A ADX P . 10.73 -31.43 33.45
O2A ADX P . 9.62 -32.53 35.40
O3A ADX P . 8.43 -30.75 34.03
O5' ADX P . 8.85 -33.06 33.05
C5' ADX P . 9.49 -33.56 31.92
C4' ADX P . 8.87 -34.69 31.31
O4' ADX P . 9.10 -35.85 32.15
C3' ADX P . 7.41 -34.56 31.26
O3' ADX P . 6.97 -35.23 30.14
C2' ADX P . 6.90 -35.26 32.44
O2' ADX P . 5.67 -35.75 32.17
C1' ADX P . 7.88 -36.34 32.62
N9 ADX P . 8.10 -36.73 33.96
C8 ADX P . 8.61 -35.99 34.95
N7 ADX P . 8.78 -36.78 36.02
C5 ADX P . 8.41 -38.04 35.69
C6 ADX P . 8.37 -39.27 36.39
N6 ADX P . 8.81 -39.37 37.76
N1 ADX P . 7.93 -40.38 35.76
C2 ADX P . 7.52 -40.31 34.48
N3 ADX P . 7.54 -39.16 33.79
C4 ADX P . 7.98 -38.01 34.37
#